data_5ZIA
#
_entry.id   5ZIA
#
_cell.length_a   86.353
_cell.length_b   107.811
_cell.length_c   107.931
_cell.angle_alpha   62.16
_cell.angle_beta   71.02
_cell.angle_gamma   90.77
#
_symmetry.space_group_name_H-M   'P 1'
#
loop_
_entity.id
_entity.type
_entity.pdbx_description
1 polymer 'Heavy chain of CBTAU-24.1 antibody'
2 polymer 'Light chain (kappa) of CBTAU-24.1 antibody'
3 polymer 'phosphorylated tau peptide'
4 water water
#
loop_
_entity_poly.entity_id
_entity_poly.type
_entity_poly.pdbx_seq_one_letter_code
_entity_poly.pdbx_strand_id
1 'polypeptide(L)'
;QVQLVQSGAEVKKPGASVKVSCTASGYTFTGYYLHWVRQAPGQGLEWMGWVNPRSGGTSYPPKFQGRVTMTRDTSINTAY
MDLTWLTSDDTAVYYCAVGRIPDVTAFDIWGQGTPVTVSSASTKGPSVFPLAPSSKSTSGGTAALGCLVKDYFPEPVTVS
WNSGALTSGVHTFPAVLQSSGLYSLSSVVTVPSSSLGTQTYICNVNHKPSNTKVDKRVGSHHHHHH
;
G,A,D,H,K,O
2 'polypeptide(L)'
;DIQMTQSPDSLAVSLGERATINCKSSESLLYDSNNKNYLAWYQQKPGQPPKLLIYWASTRESGVPDRFSGSGSETDFTLT
ISSLQAEDVAVYHCQQYFSTPWTFGQGTKLEIKRTVAAPSVFIFPPSDEQLKSGTASVVCLLNNFYPREAKVQWKVDNAL
QSGNSQESVTEQDSKDSTYSLSSTLTLSKADYEKHKVYACEVTHQGLSSPVTKSFNRGEC
;
L,B,E,I,M,P
3 'polypeptide(L)' SPS(SEP)AKSRL R,C,F,J,N,Q
#
# COMPACT_ATOMS: atom_id res chain seq x y z
N GLN A 1 20.54 -51.47 3.46
CA GLN A 1 20.93 -50.26 2.76
C GLN A 1 19.79 -49.26 2.69
N VAL A 2 18.80 -49.45 3.56
CA VAL A 2 17.63 -48.57 3.59
C VAL A 2 18.06 -47.11 3.77
N GLN A 3 17.54 -46.25 2.91
CA GLN A 3 17.86 -44.83 2.97
C GLN A 3 16.93 -44.03 2.06
N LEU A 4 16.72 -42.78 2.45
CA LEU A 4 16.01 -41.78 1.67
C LEU A 4 16.97 -40.67 1.30
N VAL A 5 17.13 -40.42 0.00
CA VAL A 5 18.13 -39.48 -0.52
C VAL A 5 17.40 -38.32 -1.18
N GLN A 6 17.53 -37.13 -0.58
CA GLN A 6 16.81 -35.94 -1.02
C GLN A 6 17.65 -35.12 -2.00
N SER A 7 17.03 -34.11 -2.59
CA SER A 7 17.68 -33.24 -3.56
C SER A 7 18.43 -32.12 -2.84
N GLY A 8 19.22 -31.37 -3.62
CA GLY A 8 20.10 -30.36 -3.07
C GLY A 8 19.40 -29.10 -2.59
N ALA A 9 20.19 -28.24 -1.96
CA ALA A 9 19.66 -27.06 -1.29
C ALA A 9 19.06 -26.09 -2.30
N GLU A 10 18.12 -25.28 -1.82
CA GLU A 10 17.34 -24.38 -2.65
C GLU A 10 17.38 -22.99 -2.06
N VAL A 11 17.48 -21.98 -2.93
CA VAL A 11 17.32 -20.58 -2.55
C VAL A 11 16.22 -20.01 -3.42
N LYS A 12 15.30 -19.28 -2.79
CA LYS A 12 14.10 -18.79 -3.45
C LYS A 12 13.74 -17.42 -2.91
N LYS A 13 12.91 -16.68 -3.69
CA LYS A 13 12.40 -15.36 -3.36
C LYS A 13 10.94 -15.45 -2.92
N PRO A 14 10.49 -14.54 -2.06
CA PRO A 14 9.10 -14.58 -1.60
C PRO A 14 8.16 -14.59 -2.79
N GLY A 15 7.11 -15.42 -2.70
CA GLY A 15 6.15 -15.59 -3.76
C GLY A 15 6.43 -16.78 -4.65
N ALA A 16 7.71 -17.12 -4.85
CA ALA A 16 8.08 -18.25 -5.68
C ALA A 16 7.63 -19.57 -5.04
N SER A 17 7.86 -20.66 -5.75
CA SER A 17 7.60 -22.01 -5.27
C SER A 17 8.91 -22.75 -5.13
N VAL A 18 8.85 -23.90 -4.45
CA VAL A 18 10.00 -24.79 -4.30
C VAL A 18 9.49 -26.22 -4.34
N LYS A 19 10.29 -27.11 -4.91
CA LYS A 19 9.94 -28.52 -5.09
C LYS A 19 11.15 -29.36 -4.73
N VAL A 20 10.99 -30.24 -3.75
CA VAL A 20 12.07 -31.08 -3.26
C VAL A 20 11.71 -32.52 -3.53
N SER A 21 12.68 -33.31 -3.99
CA SER A 21 12.45 -34.72 -4.24
C SER A 21 13.05 -35.58 -3.14
N CYS A 22 12.59 -36.82 -3.08
CA CYS A 22 13.06 -37.80 -2.10
C CYS A 22 13.05 -39.17 -2.76
N THR A 23 14.21 -39.82 -2.79
CA THR A 23 14.36 -41.07 -3.52
C THR A 23 14.62 -42.22 -2.55
N ALA A 24 13.71 -43.18 -2.55
CA ALA A 24 13.75 -44.28 -1.59
C ALA A 24 14.52 -45.48 -2.15
N SER A 25 15.17 -46.21 -1.25
CA SER A 25 15.86 -47.44 -1.62
C SER A 25 15.97 -48.30 -0.38
N GLY A 26 16.17 -49.60 -0.58
CA GLY A 26 16.35 -50.51 0.53
C GLY A 26 15.08 -51.01 1.19
N TYR A 27 13.92 -50.58 0.72
CA TYR A 27 12.66 -51.11 1.22
C TYR A 27 11.61 -50.95 0.14
N THR A 28 10.41 -51.43 0.41
CA THR A 28 9.34 -51.35 -0.58
C THR A 28 8.73 -49.96 -0.52
N PHE A 29 9.04 -49.14 -1.51
CA PHE A 29 8.52 -47.77 -1.55
C PHE A 29 7.01 -47.74 -1.47
N THR A 30 6.33 -48.66 -2.17
CA THR A 30 4.88 -48.68 -2.16
C THR A 30 4.30 -49.39 -0.94
N GLY A 31 5.09 -49.59 0.11
CA GLY A 31 4.57 -50.27 1.28
C GLY A 31 4.24 -49.35 2.44
N TYR A 32 4.72 -48.11 2.40
CA TYR A 32 4.64 -47.23 3.56
C TYR A 32 4.32 -45.81 3.14
N TYR A 33 3.57 -45.12 4.00
CA TYR A 33 3.34 -43.69 3.78
C TYR A 33 4.65 -42.92 3.73
N LEU A 34 4.70 -41.90 2.91
CA LEU A 34 5.85 -41.01 2.80
C LEU A 34 5.43 -39.65 3.34
N HIS A 35 6.08 -39.21 4.41
CA HIS A 35 5.78 -37.96 5.08
C HIS A 35 6.83 -36.90 4.78
N TRP A 36 6.45 -35.66 5.06
CA TRP A 36 7.35 -34.52 4.97
C TRP A 36 7.28 -33.74 6.27
N VAL A 37 8.46 -33.39 6.79
CA VAL A 37 8.60 -32.67 8.05
C VAL A 37 9.69 -31.64 7.87
N ARG A 38 9.41 -30.42 8.32
CA ARG A 38 10.35 -29.32 8.20
C ARG A 38 10.84 -28.87 9.57
N GLN A 39 11.93 -28.12 9.58
CA GLN A 39 12.52 -27.63 10.82
C GLN A 39 13.05 -26.22 10.58
N ALA A 40 12.34 -25.24 11.05
CA ALA A 40 12.78 -23.86 10.96
C ALA A 40 13.71 -23.54 12.13
N PRO A 41 14.60 -22.55 11.94
CA PRO A 41 15.52 -22.16 13.02
C PRO A 41 14.78 -21.72 14.27
N GLY A 42 15.09 -22.36 15.39
CA GLY A 42 14.44 -22.08 16.66
C GLY A 42 12.94 -22.28 16.62
N GLN A 43 12.49 -23.40 16.05
CA GLN A 43 11.06 -23.62 15.91
C GLN A 43 10.63 -25.00 16.38
N GLY A 44 11.37 -26.03 15.99
CA GLY A 44 10.88 -27.35 16.33
C GLY A 44 10.20 -28.04 15.16
N LEU A 45 10.36 -29.35 15.10
CA LEU A 45 9.89 -30.12 13.96
C LEU A 45 8.41 -29.91 13.71
N GLU A 46 8.03 -29.95 12.44
CA GLU A 46 6.68 -29.60 12.01
C GLU A 46 6.29 -30.52 10.87
N TRP A 47 5.21 -31.25 11.06
CA TRP A 47 4.73 -32.18 10.05
C TRP A 47 3.90 -31.45 9.00
N MET A 48 4.16 -31.75 7.72
CA MET A 48 3.49 -31.07 6.61
C MET A 48 2.45 -31.92 5.90
N GLY A 49 2.49 -33.24 6.08
CA GLY A 49 1.53 -34.10 5.41
C GLY A 49 2.20 -35.33 4.85
N TRP A 50 1.42 -36.22 4.26
CA TRP A 50 1.95 -37.43 3.66
C TRP A 50 1.39 -37.65 2.27
N VAL A 51 2.02 -38.58 1.55
CA VAL A 51 1.53 -39.06 0.27
C VAL A 51 1.53 -40.58 0.34
N ASN A 52 0.48 -41.18 -0.21
CA ASN A 52 0.36 -42.63 -0.28
C ASN A 52 1.06 -43.09 -1.55
N PRO A 53 2.23 -43.70 -1.48
CA PRO A 53 2.95 -44.08 -2.70
C PRO A 53 2.23 -45.11 -3.55
N ARG A 54 1.20 -45.75 -3.02
CA ARG A 54 0.47 -46.72 -3.84
C ARG A 54 -0.67 -46.04 -4.59
N SER A 55 -1.60 -45.40 -3.86
CA SER A 55 -2.75 -44.75 -4.47
C SER A 55 -2.43 -43.37 -5.04
N GLY A 56 -1.38 -42.72 -4.55
CA GLY A 56 -1.14 -41.34 -4.89
C GLY A 56 -1.97 -40.34 -4.11
N GLY A 57 -2.65 -40.79 -3.06
CA GLY A 57 -3.44 -39.90 -2.25
C GLY A 57 -2.59 -39.16 -1.24
N THR A 58 -3.13 -38.06 -0.73
CA THR A 58 -2.40 -37.20 0.18
C THR A 58 -3.33 -36.75 1.31
N SER A 59 -2.72 -36.18 2.35
CA SER A 59 -3.46 -35.52 3.43
C SER A 59 -2.56 -34.44 4.00
N TYR A 60 -3.10 -33.23 4.14
CA TYR A 60 -2.31 -32.15 4.69
C TYR A 60 -3.03 -31.52 5.87
N PRO A 61 -2.31 -31.09 6.91
CA PRO A 61 -2.95 -30.38 8.02
C PRO A 61 -3.42 -29.01 7.57
N PRO A 62 -4.40 -28.43 8.25
CA PRO A 62 -4.93 -27.12 7.83
C PRO A 62 -3.87 -26.08 7.49
N LYS A 63 -2.81 -25.98 8.29
CA LYS A 63 -1.81 -24.94 8.09
C LYS A 63 -1.26 -24.95 6.67
N PHE A 64 -1.08 -26.13 6.09
CA PHE A 64 -0.48 -26.25 4.77
C PHE A 64 -1.48 -26.60 3.68
N GLN A 65 -2.74 -26.76 4.02
CA GLN A 65 -3.77 -26.95 2.99
C GLN A 65 -3.87 -25.68 2.14
N GLY A 66 -3.70 -25.84 0.84
CA GLY A 66 -3.72 -24.74 -0.10
C GLY A 66 -2.36 -24.33 -0.60
N ARG A 67 -1.29 -24.75 0.08
CA ARG A 67 0.06 -24.39 -0.32
C ARG A 67 0.91 -25.56 -0.77
N VAL A 68 0.62 -26.78 -0.33
CA VAL A 68 1.51 -27.90 -0.53
C VAL A 68 0.87 -28.90 -1.47
N THR A 69 1.69 -29.53 -2.30
CA THR A 69 1.29 -30.60 -3.20
C THR A 69 2.32 -31.71 -3.06
N MET A 70 1.87 -32.89 -2.67
CA MET A 70 2.74 -34.06 -2.54
C MET A 70 2.39 -35.05 -3.63
N THR A 71 3.41 -35.64 -4.25
CA THR A 71 3.25 -36.55 -5.36
C THR A 71 4.36 -37.59 -5.31
N ARG A 72 4.17 -38.66 -6.05
CA ARG A 72 5.09 -39.78 -6.08
C ARG A 72 5.43 -40.11 -7.53
N ASP A 73 6.44 -40.95 -7.72
CA ASP A 73 6.67 -41.56 -9.03
C ASP A 73 7.29 -42.93 -8.81
N THR A 74 6.43 -43.96 -8.80
CA THR A 74 6.84 -45.29 -8.40
C THR A 74 7.79 -45.94 -9.41
N SER A 75 7.85 -45.44 -10.64
CA SER A 75 8.80 -46.01 -11.59
C SER A 75 10.23 -45.83 -11.12
N ILE A 76 10.50 -44.78 -10.35
CA ILE A 76 11.86 -44.51 -9.90
C ILE A 76 11.97 -44.41 -8.37
N ASN A 77 10.96 -44.88 -7.62
CA ASN A 77 10.94 -44.82 -6.15
C ASN A 77 11.22 -43.40 -5.65
N THR A 78 10.43 -42.43 -6.09
CA THR A 78 10.73 -41.06 -5.76
C THR A 78 9.47 -40.28 -5.42
N ALA A 79 9.53 -39.53 -4.33
CA ALA A 79 8.46 -38.68 -3.86
C ALA A 79 8.84 -37.21 -4.05
N TYR A 80 7.82 -36.38 -4.17
CA TYR A 80 8.04 -34.96 -4.35
C TYR A 80 7.11 -34.17 -3.43
N MET A 81 7.68 -33.14 -2.81
CA MET A 81 6.95 -32.16 -2.02
C MET A 81 7.10 -30.82 -2.72
N ASP A 82 5.98 -30.12 -2.91
CA ASP A 82 6.01 -28.85 -3.61
C ASP A 82 5.29 -27.81 -2.76
N LEU A 83 5.96 -26.69 -2.52
CA LEU A 83 5.45 -25.65 -1.64
C LEU A 83 5.37 -24.35 -2.41
N THR A 84 4.25 -23.64 -2.26
CA THR A 84 3.98 -22.41 -3.00
C THR A 84 3.80 -21.24 -2.05
N TRP A 85 3.91 -20.04 -2.62
CA TRP A 85 3.71 -18.79 -1.88
C TRP A 85 4.69 -18.67 -0.72
N LEU A 86 5.98 -18.83 -1.04
CA LEU A 86 7.00 -18.90 -0.02
C LEU A 86 7.20 -17.56 0.67
N THR A 87 7.43 -17.62 1.98
CA THR A 87 7.72 -16.45 2.79
C THR A 87 8.96 -16.74 3.62
N SER A 88 9.35 -15.81 4.48
CA SER A 88 10.51 -16.06 5.33
C SER A 88 10.26 -17.22 6.29
N ASP A 89 9.02 -17.37 6.79
CA ASP A 89 8.70 -18.47 7.71
C ASP A 89 8.84 -19.85 7.07
N ASP A 90 8.98 -19.94 5.75
CA ASP A 90 9.19 -21.22 5.08
C ASP A 90 10.66 -21.59 4.96
N THR A 91 11.55 -20.76 5.49
CA THR A 91 12.98 -21.08 5.57
C THR A 91 13.20 -22.15 6.62
N ALA A 92 13.74 -23.29 6.20
CA ALA A 92 13.85 -24.44 7.09
C ALA A 92 14.61 -25.54 6.36
N VAL A 93 14.92 -26.59 7.10
CA VAL A 93 15.37 -27.84 6.52
C VAL A 93 14.17 -28.75 6.33
N TYR A 94 13.97 -29.21 5.10
CA TYR A 94 12.85 -30.06 4.73
C TYR A 94 13.31 -31.50 4.71
N TYR A 95 12.64 -32.34 5.48
CA TYR A 95 12.93 -33.78 5.56
C TYR A 95 11.78 -34.58 4.98
N CYS A 96 12.10 -35.69 4.19
CA CYS A 96 11.13 -36.76 3.97
C CYS A 96 11.37 -37.84 5.03
N ALA A 97 10.30 -38.50 5.48
CA ALA A 97 10.42 -39.46 6.55
C ALA A 97 9.40 -40.56 6.38
N VAL A 98 9.81 -41.77 6.73
CA VAL A 98 8.98 -42.96 6.64
C VAL A 98 8.89 -43.62 8.01
N GLY A 99 7.68 -44.04 8.37
CA GLY A 99 7.47 -44.90 9.52
C GLY A 99 7.09 -46.30 9.07
N ARG A 100 7.77 -47.29 9.64
CA ARG A 100 7.54 -48.70 9.32
C ARG A 100 6.84 -49.48 10.43
N ILE A 101 6.63 -48.87 11.59
CA ILE A 101 6.12 -49.59 12.77
C ILE A 101 4.58 -49.55 12.71
N PRO A 102 3.92 -50.70 12.77
CA PRO A 102 2.43 -50.70 12.76
C PRO A 102 1.83 -49.92 13.92
N ASP A 103 0.80 -49.13 13.59
CA ASP A 103 -0.02 -48.27 14.46
C ASP A 103 0.78 -47.14 15.14
N VAL A 104 2.04 -47.01 14.82
CA VAL A 104 2.90 -46.00 15.42
C VAL A 104 3.24 -44.98 14.34
N THR A 105 2.67 -43.78 14.43
CA THR A 105 2.99 -42.76 13.44
C THR A 105 4.19 -41.96 13.90
N ALA A 106 5.32 -42.66 13.94
CA ALA A 106 6.61 -42.10 14.25
C ALA A 106 7.62 -42.68 13.28
N PHE A 107 8.60 -41.88 12.92
CA PHE A 107 9.41 -42.11 11.73
C PHE A 107 10.78 -42.65 12.11
N ASP A 108 11.13 -43.80 11.53
CA ASP A 108 12.45 -44.39 11.75
C ASP A 108 13.36 -44.26 10.56
N ILE A 109 12.89 -43.72 9.43
CA ILE A 109 13.70 -43.47 8.25
C ILE A 109 13.57 -41.99 7.88
N TRP A 110 14.71 -41.32 7.72
CA TRP A 110 14.71 -39.91 7.41
C TRP A 110 15.67 -39.64 6.27
N GLY A 111 15.33 -38.65 5.44
CA GLY A 111 16.29 -38.13 4.49
C GLY A 111 17.29 -37.19 5.14
N GLN A 112 18.42 -37.01 4.45
CA GLN A 112 19.50 -36.17 4.97
C GLN A 112 19.08 -34.73 5.17
N GLY A 113 17.94 -34.31 4.61
CA GLY A 113 17.50 -32.94 4.76
C GLY A 113 17.80 -32.08 3.54
N THR A 114 16.91 -31.13 3.27
CA THR A 114 17.07 -30.18 2.17
C THR A 114 16.86 -28.79 2.75
N PRO A 115 17.90 -27.97 2.84
CA PRO A 115 17.73 -26.61 3.33
C PRO A 115 17.13 -25.71 2.25
N VAL A 116 16.15 -24.91 2.66
CA VAL A 116 15.42 -24.03 1.76
C VAL A 116 15.49 -22.62 2.33
N THR A 117 16.16 -21.71 1.61
CA THR A 117 16.25 -20.32 2.05
C THR A 117 15.26 -19.48 1.26
N VAL A 118 14.52 -18.63 1.94
CA VAL A 118 13.56 -17.75 1.27
C VAL A 118 13.87 -16.32 1.66
N SER A 119 14.28 -15.52 0.67
CA SER A 119 14.68 -14.16 0.95
C SER A 119 14.55 -13.32 -0.31
N SER A 120 14.29 -12.03 -0.11
CA SER A 120 14.24 -11.10 -1.22
C SER A 120 15.64 -10.68 -1.69
N ALA A 121 16.69 -11.05 -0.96
CA ALA A 121 18.05 -10.64 -1.31
C ALA A 121 18.51 -11.37 -2.57
N SER A 122 19.58 -10.85 -3.18
CA SER A 122 20.12 -11.42 -4.41
C SER A 122 21.56 -11.85 -4.20
N THR A 123 22.00 -12.77 -5.07
CA THR A 123 23.34 -13.34 -4.97
C THR A 123 24.40 -12.25 -4.91
N LYS A 124 25.23 -12.30 -3.88
CA LYS A 124 26.28 -11.31 -3.68
C LYS A 124 27.52 -12.00 -3.12
N GLY A 125 28.67 -11.70 -3.71
CA GLY A 125 29.92 -12.21 -3.20
C GLY A 125 30.40 -11.45 -1.99
N PRO A 126 31.14 -12.12 -1.11
CA PRO A 126 31.62 -11.46 0.10
C PRO A 126 32.88 -10.64 -0.16
N SER A 127 33.08 -9.66 0.70
CA SER A 127 34.37 -9.01 0.87
C SER A 127 35.11 -9.69 2.02
N VAL A 128 36.39 -9.96 1.81
CA VAL A 128 37.20 -10.69 2.79
C VAL A 128 38.23 -9.72 3.37
N PHE A 129 38.20 -9.56 4.70
CA PHE A 129 39.08 -8.63 5.38
C PHE A 129 39.91 -9.34 6.45
N PRO A 130 41.19 -9.03 6.55
CA PRO A 130 42.03 -9.70 7.55
C PRO A 130 41.75 -9.18 8.96
N LEU A 131 41.95 -10.08 9.93
CA LEU A 131 41.96 -9.76 11.36
C LEU A 131 43.39 -10.00 11.84
N ALA A 132 44.26 -9.03 11.60
CA ALA A 132 45.70 -9.27 11.73
C ALA A 132 46.10 -9.46 13.19
N PRO A 133 47.10 -10.32 13.45
CA PRO A 133 47.59 -10.48 14.84
C PRO A 133 48.00 -9.14 15.39
N SER A 134 47.23 -8.65 16.37
CA SER A 134 47.20 -7.24 16.67
C SER A 134 48.54 -6.74 17.22
N SER A 135 48.67 -5.42 17.20
CA SER A 135 49.91 -4.65 17.40
C SER A 135 50.92 -5.27 18.35
N LYS A 136 50.47 -6.03 19.36
CA LYS A 136 51.39 -6.56 20.35
C LYS A 136 51.20 -8.06 20.52
N SER A 137 52.31 -8.78 20.44
CA SER A 137 52.46 -10.21 20.74
C SER A 137 51.55 -10.76 21.82
N THR A 138 51.46 -10.05 22.94
CA THR A 138 50.71 -10.53 24.07
C THR A 138 49.27 -10.86 23.75
N SER A 139 49.08 -12.11 23.38
CA SER A 139 47.73 -12.57 23.14
C SER A 139 47.75 -13.80 24.05
N GLY A 140 48.79 -13.94 24.86
CA GLY A 140 48.96 -15.04 25.80
C GLY A 140 50.27 -15.79 25.69
N GLY A 141 51.24 -15.26 24.94
CA GLY A 141 52.29 -16.09 24.37
C GLY A 141 51.80 -16.93 23.21
N THR A 142 50.49 -17.07 23.06
CA THR A 142 49.84 -17.56 21.87
C THR A 142 49.21 -16.36 21.17
N ALA A 143 48.95 -16.47 19.86
CA ALA A 143 48.41 -15.35 19.11
C ALA A 143 47.10 -15.76 18.42
N ALA A 144 46.22 -14.78 18.24
CA ALA A 144 44.96 -14.98 17.52
C ALA A 144 44.91 -14.08 16.29
N LEU A 145 44.53 -14.65 15.16
CA LEU A 145 44.35 -13.90 13.92
C LEU A 145 43.23 -14.56 13.13
N GLY A 146 42.65 -13.82 12.19
CA GLY A 146 41.56 -14.39 11.43
C GLY A 146 41.21 -13.62 10.17
N CYS A 147 40.06 -13.96 9.61
CA CYS A 147 39.55 -13.34 8.39
C CYS A 147 38.05 -13.08 8.51
N LEU A 148 37.66 -11.84 8.22
CA LEU A 148 36.27 -11.41 8.30
C LEU A 148 35.63 -11.51 6.92
N VAL A 149 34.62 -12.35 6.79
CA VAL A 149 33.95 -12.62 5.52
C VAL A 149 32.59 -11.94 5.57
N LYS A 150 32.45 -10.80 4.90
CA LYS A 150 31.31 -9.91 5.14
C LYS A 150 30.45 -9.74 3.89
N ASP A 151 29.13 -9.68 4.11
CA ASP A 151 28.15 -9.21 3.12
C ASP A 151 28.08 -10.13 1.90
N TYR A 152 27.55 -11.33 2.15
CA TYR A 152 27.39 -12.30 1.08
C TYR A 152 26.00 -12.92 1.17
N PHE A 153 25.56 -13.44 0.03
CA PHE A 153 24.31 -14.17 -0.09
C PHE A 153 24.37 -15.09 -1.31
N PRO A 154 23.91 -16.34 -1.16
CA PRO A 154 23.41 -16.89 0.10
C PRO A 154 24.46 -17.75 0.80
N GLU A 155 24.06 -18.46 1.85
CA GLU A 155 24.88 -19.53 2.43
C GLU A 155 25.05 -20.66 1.40
N PRO A 156 26.14 -21.46 1.52
CA PRO A 156 27.21 -21.37 2.50
C PRO A 156 28.47 -20.72 1.94
N VAL A 157 29.39 -20.38 2.83
CA VAL A 157 30.74 -20.00 2.44
C VAL A 157 31.69 -21.01 3.06
N THR A 158 32.87 -21.16 2.45
CA THR A 158 33.84 -22.15 2.88
C THR A 158 35.15 -21.45 3.20
N VAL A 159 35.61 -21.61 4.44
CA VAL A 159 36.86 -21.01 4.88
C VAL A 159 37.80 -22.11 5.35
N SER A 160 38.99 -22.12 4.78
CA SER A 160 40.07 -22.97 5.22
C SER A 160 41.30 -22.10 5.44
N TRP A 161 42.31 -22.66 6.09
CA TRP A 161 43.52 -21.91 6.41
C TRP A 161 44.72 -22.64 5.82
N ASN A 162 45.50 -21.92 5.01
CA ASN A 162 46.63 -22.52 4.31
C ASN A 162 46.21 -23.82 3.60
N SER A 163 45.19 -23.70 2.74
CA SER A 163 44.71 -24.78 1.88
C SER A 163 44.32 -26.03 2.68
N GLY A 164 43.85 -25.83 3.91
CA GLY A 164 43.39 -26.93 4.75
C GLY A 164 44.43 -27.51 5.68
N ALA A 165 45.67 -27.04 5.62
CA ALA A 165 46.74 -27.58 6.46
C ALA A 165 46.51 -27.24 7.93
N LEU A 166 46.12 -26.01 8.21
CA LEU A 166 45.94 -25.53 9.57
C LEU A 166 44.48 -25.71 9.95
N THR A 167 44.20 -26.70 10.78
CA THR A 167 42.87 -26.91 11.31
C THR A 167 42.80 -26.80 12.83
N SER A 168 43.89 -27.05 13.54
CA SER A 168 43.83 -27.09 14.99
C SER A 168 43.83 -25.66 15.55
N GLY A 169 42.84 -25.38 16.40
CA GLY A 169 42.63 -24.04 16.91
C GLY A 169 41.68 -23.18 16.09
N VAL A 170 41.42 -23.53 14.82
CA VAL A 170 40.60 -22.65 14.00
C VAL A 170 39.14 -22.76 14.41
N HIS A 171 38.51 -21.59 14.54
CA HIS A 171 37.07 -21.51 14.86
C HIS A 171 36.39 -20.72 13.75
N THR A 172 35.60 -21.39 12.92
CA THR A 172 34.81 -20.76 11.88
C THR A 172 33.43 -20.50 12.44
N PHE A 173 33.10 -19.23 12.71
CA PHE A 173 31.86 -18.95 13.42
C PHE A 173 30.65 -19.07 12.49
N PRO A 174 29.49 -19.40 13.06
CA PRO A 174 28.27 -19.45 12.24
C PRO A 174 27.94 -18.07 11.68
N ALA A 175 27.52 -18.04 10.43
CA ALA A 175 27.14 -16.79 9.81
C ALA A 175 25.95 -16.18 10.56
N VAL A 176 25.89 -14.85 10.52
CA VAL A 176 24.81 -14.09 11.16
C VAL A 176 24.14 -13.24 10.09
N LEU A 177 22.81 -13.21 10.12
CA LEU A 177 22.04 -12.46 9.14
C LEU A 177 21.97 -10.98 9.54
N GLN A 178 22.59 -10.12 8.74
CA GLN A 178 22.54 -8.70 9.00
C GLN A 178 21.21 -8.10 8.53
N SER A 179 20.99 -6.83 8.90
CA SER A 179 19.77 -6.11 8.54
C SER A 179 19.69 -5.77 7.06
N SER A 180 20.81 -5.88 6.33
CA SER A 180 20.78 -5.73 4.88
C SER A 180 20.29 -6.97 4.15
N GLY A 181 19.94 -8.03 4.87
CA GLY A 181 19.66 -9.30 4.24
C GLY A 181 20.87 -10.10 3.84
N LEU A 182 22.07 -9.65 4.24
CA LEU A 182 23.31 -10.29 3.86
C LEU A 182 23.92 -11.00 5.05
N TYR A 183 24.56 -12.12 4.81
CA TYR A 183 25.20 -12.85 5.89
C TYR A 183 26.63 -12.37 6.07
N SER A 184 27.19 -12.69 7.23
CA SER A 184 28.54 -12.29 7.57
C SER A 184 29.06 -13.27 8.60
N LEU A 185 30.37 -13.53 8.56
CA LEU A 185 30.98 -14.34 9.60
C LEU A 185 32.46 -14.02 9.72
N SER A 186 33.05 -14.51 10.80
CA SER A 186 34.48 -14.45 11.04
C SER A 186 35.03 -15.86 11.21
N SER A 187 36.29 -16.03 10.81
CA SER A 187 37.04 -17.24 11.08
C SER A 187 38.36 -16.83 11.74
N VAL A 188 38.63 -17.40 12.91
CA VAL A 188 39.81 -17.07 13.70
C VAL A 188 40.63 -18.33 13.92
N VAL A 189 41.91 -18.14 14.23
CA VAL A 189 42.81 -19.25 14.52
C VAL A 189 43.82 -18.78 15.56
N THR A 190 44.13 -19.66 16.51
CA THR A 190 45.15 -19.42 17.52
C THR A 190 46.46 -20.04 17.07
N VAL A 191 47.55 -19.28 17.19
CA VAL A 191 48.85 -19.70 16.64
C VAL A 191 49.94 -19.40 17.64
N PRO A 192 51.05 -20.13 17.56
CA PRO A 192 52.25 -19.73 18.31
C PRO A 192 52.70 -18.35 17.86
N SER A 193 52.94 -17.46 18.84
CA SER A 193 53.27 -16.07 18.51
C SER A 193 54.71 -15.92 18.02
N SER A 194 55.57 -16.88 18.36
CA SER A 194 56.95 -16.87 17.86
C SER A 194 57.00 -16.95 16.34
N SER A 195 55.98 -17.55 15.73
CA SER A 195 55.99 -17.81 14.31
C SER A 195 55.30 -16.75 13.46
N LEU A 196 55.03 -15.57 14.03
CA LEU A 196 54.43 -14.56 13.20
C LEU A 196 55.41 -13.98 12.21
N GLY A 197 56.69 -14.10 12.48
CA GLY A 197 57.68 -13.65 11.53
C GLY A 197 58.11 -14.79 10.63
N THR A 198 57.88 -16.01 11.12
CA THR A 198 58.29 -17.23 10.44
C THR A 198 57.24 -17.76 9.48
N GLN A 199 55.98 -17.81 9.93
CA GLN A 199 54.89 -18.44 9.19
C GLN A 199 54.11 -17.41 8.37
N THR A 200 53.52 -17.89 7.27
CA THR A 200 52.63 -17.08 6.45
C THR A 200 51.21 -17.68 6.57
N TYR A 201 50.27 -16.86 7.02
CA TYR A 201 48.90 -17.32 7.28
C TYR A 201 47.99 -16.83 6.17
N ILE A 202 47.34 -17.76 5.47
CA ILE A 202 46.41 -17.39 4.42
C ILE A 202 45.09 -18.12 4.66
N CYS A 203 44.00 -17.29 4.50
CA CYS A 203 42.69 -17.91 4.54
C CYS A 203 42.12 -17.94 3.14
N ASN A 204 41.48 -19.18 2.88
CA ASN A 204 40.93 -19.46 1.55
C ASN A 204 39.42 -19.40 1.66
N VAL A 205 38.84 -18.33 1.13
CA VAL A 205 37.40 -18.11 1.17
C VAL A 205 36.81 -18.55 -0.16
N ASN A 206 35.72 -19.31 -0.10
CA ASN A 206 35.08 -19.83 -1.30
C ASN A 206 33.57 -19.67 -1.15
N HIS A 207 32.98 -18.87 -2.03
CA HIS A 207 31.54 -18.67 -2.10
C HIS A 207 31.09 -19.14 -3.48
N LYS A 208 30.59 -20.37 -3.55
CA LYS A 208 30.25 -20.95 -4.85
C LYS A 208 29.11 -20.21 -5.57
N PRO A 209 28.01 -19.81 -4.92
CA PRO A 209 26.93 -19.18 -5.69
C PRO A 209 27.38 -18.00 -6.54
N SER A 210 28.45 -17.32 -6.16
CA SER A 210 28.94 -16.19 -6.94
C SER A 210 30.29 -16.48 -7.61
N ASN A 211 30.80 -17.72 -7.46
CA ASN A 211 32.13 -18.08 -7.94
C ASN A 211 33.18 -17.11 -7.41
N THR A 212 33.15 -16.89 -6.10
CA THR A 212 34.14 -16.07 -5.41
C THR A 212 35.17 -16.99 -4.80
N LYS A 213 36.43 -16.80 -5.20
CA LYS A 213 37.56 -17.54 -4.65
C LYS A 213 38.62 -16.53 -4.27
N VAL A 214 38.75 -16.26 -2.98
CA VAL A 214 39.71 -15.26 -2.51
C VAL A 214 40.63 -15.90 -1.49
N ASP A 215 41.90 -15.61 -1.66
CA ASP A 215 42.87 -15.97 -0.64
C ASP A 215 43.49 -14.66 -0.14
N LYS A 216 43.19 -14.40 1.13
CA LYS A 216 43.60 -13.21 1.85
C LYS A 216 44.80 -13.59 2.71
N ARG A 217 45.91 -12.90 2.58
CA ARG A 217 47.05 -13.17 3.45
C ARG A 217 46.95 -12.30 4.65
N VAL A 218 47.18 -12.86 5.82
CA VAL A 218 46.99 -12.14 7.07
C VAL A 218 48.34 -11.88 7.72
N GLY A 219 48.85 -10.66 7.53
CA GLY A 219 50.13 -10.27 8.08
C GLY A 219 49.96 -9.26 9.19
N SER A 220 50.95 -9.24 10.08
CA SER A 220 50.92 -8.35 11.23
C SER A 220 51.09 -6.89 10.82
N ASP B 1 -3.48 -29.23 17.18
CA ASP B 1 -4.38 -29.46 18.31
C ASP B 1 -3.63 -29.70 19.61
N ILE B 2 -2.71 -30.66 19.58
CA ILE B 2 -1.94 -31.05 20.76
C ILE B 2 -0.59 -30.35 20.69
N GLN B 3 -0.29 -29.54 21.70
CA GLN B 3 0.99 -28.88 21.82
C GLN B 3 1.91 -29.71 22.71
N MET B 4 3.21 -29.66 22.41
CA MET B 4 4.22 -30.42 23.14
C MET B 4 5.29 -29.46 23.64
N THR B 5 5.54 -29.49 24.95
CA THR B 5 6.45 -28.57 25.59
C THR B 5 7.50 -29.35 26.35
N GLN B 6 8.77 -29.12 26.01
CA GLN B 6 9.87 -29.81 26.63
C GLN B 6 10.58 -28.91 27.62
N SER B 7 11.17 -29.52 28.64
CA SER B 7 11.92 -28.78 29.65
C SER B 7 13.09 -29.60 30.15
N PRO B 8 14.26 -28.96 30.27
CA PRO B 8 14.49 -27.56 29.90
C PRO B 8 14.72 -27.37 28.41
N ASP B 9 14.99 -26.13 28.00
CA ASP B 9 15.40 -25.87 26.62
C ASP B 9 16.83 -26.30 26.38
N SER B 10 17.68 -26.15 27.39
CA SER B 10 19.10 -26.46 27.27
C SER B 10 19.55 -27.18 28.52
N LEU B 11 20.43 -28.18 28.36
CA LEU B 11 20.80 -28.99 29.51
C LEU B 11 22.27 -29.40 29.42
N ALA B 12 22.99 -29.21 30.52
CA ALA B 12 24.39 -29.58 30.60
C ALA B 12 24.56 -30.64 31.69
N VAL B 13 25.19 -31.76 31.35
CA VAL B 13 25.36 -32.89 32.24
C VAL B 13 26.80 -33.38 32.14
N SER B 14 27.40 -33.72 33.27
CA SER B 14 28.78 -34.20 33.27
C SER B 14 28.85 -35.57 32.61
N LEU B 15 30.02 -35.91 32.11
CA LEU B 15 30.22 -37.26 31.59
C LEU B 15 30.02 -38.26 32.72
N GLY B 16 29.42 -39.40 32.39
CA GLY B 16 29.17 -40.43 33.37
C GLY B 16 27.94 -40.24 34.21
N GLU B 17 27.36 -39.04 34.22
CA GLU B 17 26.24 -38.72 35.11
C GLU B 17 24.90 -38.81 34.37
N ARG B 18 23.83 -38.44 35.07
CA ARG B 18 22.45 -38.75 34.68
C ARG B 18 21.78 -37.54 34.05
N ALA B 19 21.16 -37.74 32.88
CA ALA B 19 20.46 -36.69 32.16
C ALA B 19 18.95 -36.97 32.13
N THR B 20 18.16 -35.94 32.43
CA THR B 20 16.71 -36.06 32.52
C THR B 20 16.04 -34.94 31.71
N ILE B 21 15.18 -35.34 30.77
CA ILE B 21 14.46 -34.41 29.89
C ILE B 21 12.96 -34.71 29.99
N ASN B 22 12.18 -33.69 30.29
CA ASN B 22 10.74 -33.88 30.41
C ASN B 22 10.01 -33.33 29.19
N CYS B 23 8.78 -33.84 29.04
CA CYS B 23 7.92 -33.44 27.93
C CYS B 23 6.48 -33.44 28.43
N LYS B 24 5.80 -32.32 28.21
CA LYS B 24 4.40 -32.19 28.62
C LYS B 24 3.49 -32.10 27.40
N SER B 25 2.45 -32.94 27.37
CA SER B 25 1.45 -32.88 26.33
C SER B 25 0.24 -32.10 26.83
N SER B 26 -0.41 -31.39 25.91
CA SER B 26 -1.55 -30.58 26.28
C SER B 26 -2.84 -31.38 26.45
N GLU B 27 -2.86 -32.68 26.15
CA GLU B 27 -4.15 -33.34 26.19
C GLU B 27 -4.17 -34.65 26.95
N SER B 28 -3.23 -35.56 26.67
CA SER B 28 -3.10 -36.91 27.23
C SER B 28 -2.99 -37.91 26.11
N LEU B 29 -1.88 -38.65 26.11
CA LEU B 29 -1.55 -39.58 25.05
C LEU B 29 -1.91 -41.02 25.41
N LEU B 30 -2.50 -41.23 26.57
CA LEU B 30 -2.94 -42.54 27.01
C LEU B 30 -4.31 -42.91 26.56
N TYR B 31 -4.40 -44.04 25.91
CA TYR B 31 -5.64 -44.55 25.44
C TYR B 31 -6.11 -45.57 26.45
N ASP B 32 -7.29 -45.38 27.03
CA ASP B 32 -7.68 -46.18 28.16
C ASP B 32 -8.07 -47.56 27.75
N SER B 33 -8.20 -47.80 26.46
CA SER B 33 -8.68 -49.09 25.98
C SER B 33 -7.56 -50.03 25.56
N ASN B 34 -6.30 -49.60 25.64
CA ASN B 34 -5.18 -50.51 25.41
C ASN B 34 -4.05 -50.23 26.39
N ASN B 35 -4.21 -49.18 27.20
CA ASN B 35 -3.24 -48.79 28.21
C ASN B 35 -1.87 -48.46 27.59
N LYS B 36 -1.89 -47.79 26.43
CA LYS B 36 -0.68 -47.39 25.73
C LYS B 36 -0.55 -45.86 25.68
N ASN B 37 0.67 -45.37 25.86
CA ASN B 37 0.97 -43.95 25.74
C ASN B 37 1.57 -43.67 24.36
N TYR B 38 0.91 -42.80 23.59
CA TYR B 38 1.23 -42.57 22.18
C TYR B 38 2.26 -41.45 22.06
N LEU B 39 3.51 -41.78 22.41
CA LEU B 39 4.55 -40.79 22.58
C LEU B 39 5.88 -41.37 22.09
N ALA B 40 6.63 -40.58 21.32
CA ALA B 40 7.91 -40.99 20.77
C ALA B 40 9.00 -40.00 21.17
N TRP B 41 10.26 -40.47 21.21
CA TRP B 41 11.42 -39.62 21.43
C TRP B 41 12.41 -39.75 20.28
N TYR B 42 13.08 -38.64 19.95
CA TYR B 42 14.06 -38.62 18.87
C TYR B 42 15.38 -38.03 19.36
N GLN B 43 16.47 -38.51 18.77
CA GLN B 43 17.80 -37.95 18.97
C GLN B 43 18.27 -37.28 17.68
N GLN B 44 18.68 -36.02 17.75
CA GLN B 44 19.18 -35.31 16.57
C GLN B 44 20.58 -34.74 16.83
N LYS B 45 21.60 -35.43 16.32
CA LYS B 45 22.98 -34.95 16.36
C LYS B 45 23.19 -33.86 15.30
N PRO B 46 24.20 -33.00 15.50
CA PRO B 46 24.35 -31.82 14.62
C PRO B 46 24.49 -32.17 13.14
N GLY B 47 23.79 -31.39 12.31
CA GLY B 47 23.82 -31.57 10.87
C GLY B 47 23.32 -32.91 10.37
N GLN B 48 22.38 -33.53 11.06
CA GLN B 48 21.82 -34.80 10.64
C GLN B 48 20.33 -34.85 10.94
N PRO B 49 19.60 -35.74 10.28
CA PRO B 49 18.17 -35.85 10.54
C PRO B 49 17.90 -36.43 11.91
N PRO B 50 16.70 -36.23 12.46
CA PRO B 50 16.30 -36.96 13.66
C PRO B 50 16.47 -38.47 13.50
N LYS B 51 16.67 -39.16 14.63
CA LYS B 51 16.75 -40.60 14.68
C LYS B 51 15.78 -41.09 15.74
N LEU B 52 14.87 -42.00 15.36
CA LEU B 52 13.88 -42.51 16.30
C LEU B 52 14.57 -43.26 17.43
N LEU B 53 14.26 -42.87 18.66
CA LEU B 53 14.96 -43.32 19.85
C LEU B 53 14.09 -44.18 20.74
N ILE B 54 12.83 -43.80 20.93
CA ILE B 54 11.91 -44.50 21.82
C ILE B 54 10.49 -44.28 21.30
N TYR B 55 9.66 -45.32 21.35
CA TYR B 55 8.25 -45.18 21.02
C TYR B 55 7.41 -45.94 22.04
N TRP B 56 6.09 -45.78 21.93
CA TRP B 56 5.15 -46.19 22.98
C TRP B 56 5.64 -45.76 24.37
N ALA B 57 6.24 -44.56 24.43
CA ALA B 57 6.65 -43.91 25.68
C ALA B 57 7.91 -44.59 26.21
N SER B 58 7.91 -45.91 26.38
CA SER B 58 9.07 -46.55 26.96
C SER B 58 9.74 -47.68 26.20
N THR B 59 9.30 -48.01 24.99
CA THR B 59 9.94 -49.05 24.19
C THR B 59 11.08 -48.44 23.38
N ARG B 60 12.28 -49.02 23.50
CA ARG B 60 13.44 -48.54 22.77
C ARG B 60 13.42 -49.07 21.35
N GLU B 61 13.54 -48.16 20.38
CA GLU B 61 13.73 -48.57 19.00
C GLU B 61 14.95 -49.48 18.91
N SER B 62 14.91 -50.42 17.97
CA SER B 62 16.03 -51.35 17.82
C SER B 62 17.32 -50.60 17.54
N GLY B 63 18.37 -50.97 18.26
CA GLY B 63 19.67 -50.35 18.14
C GLY B 63 19.99 -49.32 19.19
N VAL B 64 19.01 -48.94 20.01
CA VAL B 64 19.22 -47.92 21.03
C VAL B 64 19.78 -48.57 22.29
N PRO B 65 20.93 -48.09 22.74
CA PRO B 65 21.60 -48.66 23.92
C PRO B 65 20.69 -48.70 25.14
N ASP B 66 21.10 -49.42 26.18
CA ASP B 66 20.35 -49.50 27.41
C ASP B 66 20.26 -48.29 28.27
N ARG B 67 21.21 -47.39 28.16
CA ARG B 67 21.24 -46.20 29.00
C ARG B 67 20.15 -45.19 28.66
N PHE B 68 19.50 -45.33 27.49
CA PHE B 68 18.36 -44.51 27.14
C PHE B 68 17.09 -45.16 27.68
N SER B 69 16.27 -44.37 28.39
CA SER B 69 15.09 -44.88 29.04
C SER B 69 13.97 -43.85 28.95
N GLY B 70 12.76 -44.33 28.66
CA GLY B 70 11.60 -43.47 28.58
C GLY B 70 10.56 -43.90 29.61
N SER B 71 9.88 -42.92 30.20
CA SER B 71 8.93 -43.18 31.26
C SER B 71 7.88 -42.08 31.26
N GLY B 72 6.87 -42.23 32.12
CA GLY B 72 5.79 -41.27 32.25
C GLY B 72 4.50 -41.80 31.66
N SER B 73 3.46 -40.97 31.77
CA SER B 73 2.11 -41.38 31.37
C SER B 73 1.25 -40.15 31.12
N GLU B 74 0.19 -40.35 30.32
CA GLU B 74 -0.85 -39.35 30.10
C GLU B 74 -0.13 -38.11 29.57
N THR B 75 -0.13 -37.02 30.36
CA THR B 75 0.43 -35.75 29.91
C THR B 75 1.87 -35.42 30.27
N ASP B 76 2.57 -36.30 30.97
CA ASP B 76 3.87 -36.00 31.55
C ASP B 76 4.83 -37.15 31.24
N PHE B 77 5.90 -36.85 30.52
CA PHE B 77 6.84 -37.89 30.09
C PHE B 77 8.25 -37.44 30.40
N THR B 78 9.19 -38.37 30.24
CA THR B 78 10.58 -38.17 30.64
C THR B 78 11.49 -39.10 29.83
N LEU B 79 12.53 -38.53 29.26
CA LEU B 79 13.63 -39.31 28.69
C LEU B 79 14.84 -39.21 29.62
N THR B 80 15.51 -40.32 29.86
CA THR B 80 16.58 -40.39 30.83
C THR B 80 17.77 -41.05 30.17
N ILE B 81 18.94 -40.42 30.29
CA ILE B 81 20.21 -41.05 29.95
C ILE B 81 20.93 -41.26 31.27
N SER B 82 21.16 -42.51 31.63
CA SER B 82 21.62 -42.84 32.98
C SER B 82 23.11 -42.60 33.15
N SER B 83 23.91 -42.91 32.14
CA SER B 83 25.35 -42.70 32.16
C SER B 83 25.73 -42.00 30.85
N LEU B 84 25.85 -40.67 30.90
CA LEU B 84 25.98 -39.87 29.68
C LEU B 84 27.31 -40.13 28.98
N GLN B 85 27.24 -40.56 27.71
CA GLN B 85 28.43 -40.71 26.88
C GLN B 85 28.64 -39.46 26.04
N ALA B 86 29.81 -39.39 25.39
CA ALA B 86 30.13 -38.22 24.57
C ALA B 86 29.28 -38.17 23.31
N GLU B 87 29.06 -39.32 22.67
CA GLU B 87 28.24 -39.36 21.46
C GLU B 87 26.77 -39.08 21.72
N ASP B 88 26.35 -38.84 22.96
CA ASP B 88 24.96 -38.56 23.26
C ASP B 88 24.64 -37.07 23.19
N VAL B 89 25.62 -36.22 22.90
CA VAL B 89 25.39 -34.78 22.75
C VAL B 89 24.55 -34.53 21.51
N ALA B 90 23.37 -33.95 21.70
CA ALA B 90 22.43 -33.75 20.60
C ALA B 90 21.22 -32.99 21.10
N VAL B 91 20.29 -32.76 20.19
CA VAL B 91 18.98 -32.20 20.48
C VAL B 91 17.99 -33.36 20.54
N TYR B 92 17.20 -33.43 21.62
CA TYR B 92 16.21 -34.49 21.82
C TYR B 92 14.81 -33.93 21.68
N HIS B 93 13.96 -34.61 20.91
CA HIS B 93 12.61 -34.15 20.62
C HIS B 93 11.60 -35.19 21.07
N CYS B 94 10.48 -34.75 21.63
CA CYS B 94 9.36 -35.64 21.93
C CYS B 94 8.24 -35.43 20.91
N GLN B 95 7.61 -36.51 20.45
CA GLN B 95 6.56 -36.41 19.45
C GLN B 95 5.38 -37.26 19.88
N GLN B 96 4.20 -36.65 19.84
CA GLN B 96 2.93 -37.31 20.09
C GLN B 96 2.39 -37.86 18.77
N TYR B 97 1.81 -39.08 18.82
CA TYR B 97 1.09 -39.63 17.68
C TYR B 97 -0.27 -40.18 18.11
N PHE B 98 -0.89 -39.53 19.08
CA PHE B 98 -2.26 -39.89 19.44
C PHE B 98 -3.24 -39.37 18.39
N SER B 99 -3.14 -38.08 18.09
CA SER B 99 -4.01 -37.35 17.18
C SER B 99 -3.21 -36.77 16.01
N THR B 100 -3.90 -36.53 14.92
CA THR B 100 -3.28 -35.81 13.83
C THR B 100 -3.82 -34.39 13.85
N PRO B 101 -3.00 -33.39 13.45
CA PRO B 101 -1.61 -33.41 12.95
C PRO B 101 -0.59 -33.90 13.98
N TRP B 102 0.35 -34.73 13.56
CA TRP B 102 1.38 -35.21 14.46
C TRP B 102 2.32 -34.07 14.81
N THR B 103 2.45 -33.78 16.10
CA THR B 103 3.13 -32.58 16.56
C THR B 103 4.32 -32.92 17.44
N PHE B 104 5.34 -32.08 17.35
CA PHE B 104 6.60 -32.27 18.05
C PHE B 104 6.75 -31.20 19.14
N GLY B 105 7.64 -31.49 20.08
CA GLY B 105 8.11 -30.47 20.99
C GLY B 105 9.17 -29.59 20.35
N GLN B 106 9.57 -28.56 21.07
CA GLN B 106 10.51 -27.59 20.53
C GLN B 106 11.95 -28.07 20.56
N GLY B 107 12.24 -29.20 21.21
CA GLY B 107 13.60 -29.71 21.30
C GLY B 107 14.30 -29.28 22.57
N THR B 108 15.25 -30.11 23.02
CA THR B 108 16.06 -29.85 24.20
C THR B 108 17.50 -30.20 23.85
N LYS B 109 18.39 -29.22 23.95
CA LYS B 109 19.80 -29.42 23.62
C LYS B 109 20.55 -29.99 24.82
N LEU B 110 21.29 -31.06 24.59
CA LEU B 110 22.04 -31.73 25.65
C LEU B 110 23.53 -31.57 25.38
N GLU B 111 24.26 -31.00 26.33
CA GLU B 111 25.68 -30.72 26.15
C GLU B 111 26.47 -31.17 27.37
N ILE B 112 27.77 -31.37 27.16
CA ILE B 112 28.63 -31.88 28.23
C ILE B 112 28.91 -30.78 29.24
N LYS B 113 28.69 -31.08 30.52
CA LYS B 113 29.05 -30.17 31.59
C LYS B 113 30.49 -30.44 32.01
N ARG B 114 31.25 -29.36 32.19
CA ARG B 114 32.66 -29.47 32.56
C ARG B 114 32.95 -28.37 33.57
N THR B 115 34.21 -28.29 34.00
CA THR B 115 34.55 -27.28 34.99
C THR B 115 34.63 -25.92 34.33
N VAL B 116 34.25 -24.89 35.09
CA VAL B 116 34.12 -23.54 34.55
C VAL B 116 35.48 -23.01 34.13
N ALA B 117 35.55 -22.44 32.93
CA ALA B 117 36.79 -21.89 32.40
C ALA B 117 36.52 -20.52 31.80
N ALA B 118 37.19 -19.49 32.32
CA ALA B 118 37.00 -18.14 31.81
C ALA B 118 37.55 -18.02 30.39
N PRO B 119 37.05 -17.06 29.60
CA PRO B 119 37.54 -16.89 28.23
C PRO B 119 38.85 -16.12 28.15
N SER B 120 39.66 -16.46 27.15
CA SER B 120 40.72 -15.58 26.69
C SER B 120 40.10 -14.54 25.77
N VAL B 121 40.40 -13.27 25.98
CA VAL B 121 39.77 -12.19 25.22
C VAL B 121 40.79 -11.57 24.27
N PHE B 122 40.36 -11.32 23.04
CA PHE B 122 41.16 -10.70 21.99
C PHE B 122 40.31 -9.66 21.27
N ILE B 123 40.98 -8.66 20.71
CA ILE B 123 40.30 -7.55 20.04
C ILE B 123 41.03 -7.23 18.76
N PHE B 124 40.27 -6.94 17.71
CA PHE B 124 40.83 -6.66 16.39
C PHE B 124 40.32 -5.31 15.89
N PRO B 125 41.18 -4.38 15.57
CA PRO B 125 40.66 -3.15 14.99
C PRO B 125 40.40 -3.37 13.55
N PRO B 126 39.61 -2.51 12.96
CA PRO B 126 39.22 -2.72 11.56
C PRO B 126 40.44 -2.77 10.66
N SER B 127 40.44 -3.59 9.65
CA SER B 127 41.47 -3.41 8.64
C SER B 127 41.34 -2.12 7.82
N ASP B 128 42.42 -1.76 7.15
CA ASP B 128 42.44 -0.58 6.30
C ASP B 128 41.72 -0.89 5.04
N GLU B 129 41.96 -2.07 4.54
CA GLU B 129 41.23 -2.51 3.38
C GLU B 129 39.78 -2.19 3.56
N GLN B 130 39.20 -2.60 4.64
CA GLN B 130 37.85 -2.13 4.95
C GLN B 130 37.73 -0.61 5.06
N LEU B 131 38.81 0.15 4.99
CA LEU B 131 38.72 1.61 5.06
C LEU B 131 37.96 2.28 3.91
N LYS B 132 38.14 1.74 2.72
CA LYS B 132 37.62 2.36 1.52
C LYS B 132 36.13 2.13 1.31
N SER B 133 35.63 1.01 1.80
CA SER B 133 34.23 0.69 1.69
C SER B 133 33.32 1.54 2.51
N GLY B 134 33.85 2.29 3.43
CA GLY B 134 33.10 3.19 4.28
C GLY B 134 32.47 2.54 5.49
N THR B 135 32.90 1.34 5.84
CA THR B 135 32.36 0.58 6.95
C THR B 135 33.52 0.06 7.79
N ALA B 136 33.37 0.09 9.10
CA ALA B 136 34.40 -0.37 10.02
C ALA B 136 33.81 -1.43 10.95
N SER B 137 34.45 -2.60 11.01
CA SER B 137 34.02 -3.69 11.87
C SER B 137 35.09 -3.94 12.93
N VAL B 138 34.70 -3.85 14.20
CA VAL B 138 35.58 -4.17 15.32
C VAL B 138 35.14 -5.51 15.89
N VAL B 139 36.07 -6.46 15.95
CA VAL B 139 35.77 -7.84 16.30
C VAL B 139 36.42 -8.18 17.64
N CYS B 140 35.58 -8.63 18.55
CA CYS B 140 36.02 -9.13 19.84
C CYS B 140 35.88 -10.65 19.86
N LEU B 141 36.93 -11.27 20.37
CA LEU B 141 36.98 -12.73 20.38
C LEU B 141 37.05 -13.27 21.81
N LEU B 142 36.12 -14.16 22.16
CA LEU B 142 36.12 -14.88 23.43
C LEU B 142 36.48 -16.34 23.14
N ASN B 143 37.63 -16.80 23.63
CA ASN B 143 38.19 -18.08 23.20
C ASN B 143 38.16 -19.11 24.33
N ASN B 144 37.66 -20.30 24.00
CA ASN B 144 37.77 -21.49 24.85
C ASN B 144 37.24 -21.38 26.28
N PHE B 145 35.97 -21.02 26.39
CA PHE B 145 35.35 -20.86 27.70
C PHE B 145 34.16 -21.77 27.95
N TYR B 146 33.85 -21.96 29.23
CA TYR B 146 32.68 -22.72 29.66
C TYR B 146 32.13 -22.09 30.93
N PRO B 147 30.78 -21.95 31.03
CA PRO B 147 29.74 -22.36 30.08
C PRO B 147 29.54 -21.37 28.93
N ARG B 148 28.48 -21.58 28.12
CA ARG B 148 28.24 -20.75 26.95
C ARG B 148 27.81 -19.33 27.33
N GLU B 149 27.24 -19.16 28.53
CA GLU B 149 26.66 -17.87 28.90
C GLU B 149 27.75 -16.84 29.11
N ALA B 150 27.70 -15.77 28.33
CA ALA B 150 28.65 -14.68 28.47
C ALA B 150 27.96 -13.40 28.09
N LYS B 151 28.58 -12.28 28.46
CA LYS B 151 28.04 -10.96 28.16
C LYS B 151 29.18 -10.10 27.65
N VAL B 152 29.00 -9.51 26.47
CA VAL B 152 30.02 -8.69 25.84
C VAL B 152 29.44 -7.29 25.67
N GLN B 153 30.08 -6.30 26.29
CA GLN B 153 29.69 -4.91 26.19
C GLN B 153 30.74 -4.15 25.41
N TRP B 154 30.30 -3.24 24.54
CA TRP B 154 31.20 -2.38 23.79
C TRP B 154 31.19 -0.97 24.38
N LYS B 155 32.37 -0.34 24.40
CA LYS B 155 32.51 1.03 24.89
C LYS B 155 33.47 1.78 23.96
N VAL B 156 32.96 2.78 23.25
CA VAL B 156 33.82 3.73 22.54
C VAL B 156 33.90 4.99 23.40
N ASP B 157 35.11 5.39 23.78
CA ASP B 157 35.29 6.54 24.68
C ASP B 157 34.41 6.42 25.93
N ASN B 158 34.39 5.23 26.51
CA ASN B 158 33.56 4.90 27.67
C ASN B 158 32.09 5.16 27.45
N ALA B 159 31.63 5.19 26.21
CA ALA B 159 30.19 5.27 25.92
C ALA B 159 29.69 3.86 25.59
N LEU B 160 28.78 3.33 26.36
CA LEU B 160 28.27 2.03 26.06
C LEU B 160 27.48 2.13 24.79
N GLN B 161 27.55 1.09 23.97
CA GLN B 161 26.88 1.00 22.70
C GLN B 161 25.72 0.08 22.82
N SER B 162 24.73 0.24 21.98
CA SER B 162 23.53 -0.58 22.00
C SER B 162 22.90 -0.50 20.60
N GLY B 163 22.87 -1.63 19.89
CA GLY B 163 22.21 -1.72 18.60
C GLY B 163 23.14 -1.95 17.43
N ASN B 164 24.45 -1.72 17.61
CA ASN B 164 25.41 -1.79 16.51
C ASN B 164 26.33 -3.00 16.61
N SER B 165 25.91 -4.06 17.31
CA SER B 165 26.76 -5.22 17.50
C SER B 165 25.96 -6.51 17.34
N GLN B 166 26.62 -7.53 16.80
CA GLN B 166 26.07 -8.87 16.68
C GLN B 166 27.08 -9.89 17.20
N GLU B 167 26.59 -11.07 17.55
CA GLU B 167 27.30 -12.16 18.24
C GLU B 167 27.21 -13.45 17.44
N SER B 168 28.17 -14.35 17.63
CA SER B 168 28.12 -15.67 17.02
C SER B 168 28.86 -16.67 17.91
N VAL B 169 28.19 -17.77 18.25
CA VAL B 169 28.75 -18.77 19.15
C VAL B 169 29.05 -20.03 18.36
N THR B 170 30.19 -20.66 18.66
CA THR B 170 30.44 -21.97 18.09
C THR B 170 29.66 -23.03 18.85
N GLU B 171 29.58 -24.21 18.27
CA GLU B 171 29.04 -25.31 19.05
C GLU B 171 30.13 -25.85 19.97
N GLN B 172 29.70 -26.53 21.03
CA GLN B 172 30.63 -27.04 22.04
C GLN B 172 31.69 -27.91 21.38
N ASP B 173 32.96 -27.58 21.63
CA ASP B 173 34.08 -28.30 21.02
C ASP B 173 34.15 -29.72 21.53
N SER B 174 34.54 -30.64 20.64
CA SER B 174 34.54 -32.07 20.95
C SER B 174 35.81 -32.55 21.63
N LYS B 175 36.87 -31.74 21.71
CA LYS B 175 38.08 -32.18 22.40
C LYS B 175 38.24 -31.59 23.79
N ASP B 176 37.63 -30.44 24.07
CA ASP B 176 37.78 -29.82 25.39
C ASP B 176 36.48 -29.27 25.95
N SER B 177 35.36 -29.43 25.24
CA SER B 177 34.03 -29.10 25.73
C SER B 177 33.85 -27.59 25.96
N THR B 178 34.65 -26.76 25.30
CA THR B 178 34.57 -25.31 25.45
C THR B 178 33.74 -24.69 24.33
N TYR B 179 33.50 -23.41 24.49
CA TYR B 179 32.85 -22.57 23.50
C TYR B 179 33.77 -21.43 23.10
N SER B 180 33.48 -20.85 21.94
CA SER B 180 34.12 -19.62 21.49
C SER B 180 33.05 -18.70 20.93
N LEU B 181 33.22 -17.41 21.16
CA LEU B 181 32.25 -16.41 20.76
C LEU B 181 32.97 -15.29 20.03
N SER B 182 32.31 -14.71 19.03
CA SER B 182 32.81 -13.52 18.38
C SER B 182 31.75 -12.43 18.53
N SER B 183 32.21 -11.22 18.88
CA SER B 183 31.35 -10.05 18.94
C SER B 183 31.91 -9.03 17.95
N THR B 184 31.11 -8.66 16.97
CA THR B 184 31.49 -7.69 15.96
C THR B 184 30.72 -6.41 16.19
N LEU B 185 31.45 -5.31 16.32
CA LEU B 185 30.88 -3.97 16.38
C LEU B 185 30.99 -3.34 14.98
N THR B 186 29.87 -2.89 14.44
CA THR B 186 29.82 -2.33 13.08
C THR B 186 29.57 -0.83 13.16
N LEU B 187 30.51 -0.05 12.64
CA LEU B 187 30.40 1.39 12.55
C LEU B 187 30.65 1.78 11.10
N SER B 188 29.88 2.73 10.59
CA SER B 188 30.39 3.38 9.39
C SER B 188 31.77 3.93 9.72
N LYS B 189 32.58 4.15 8.68
CA LYS B 189 33.84 4.86 8.85
C LYS B 189 33.65 6.31 9.29
N ALA B 190 32.50 6.86 8.95
CA ALA B 190 32.19 8.24 9.30
C ALA B 190 31.89 8.25 10.80
N ASP B 191 32.70 7.53 11.56
CA ASP B 191 32.49 7.45 13.00
C ASP B 191 33.64 6.74 13.72
N TYR B 192 34.49 6.04 12.98
CA TYR B 192 35.60 5.31 13.60
C TYR B 192 36.87 6.13 13.84
N GLU B 193 37.09 7.15 13.05
CA GLU B 193 38.25 7.95 13.29
C GLU B 193 38.00 9.12 14.17
N LYS B 194 36.98 9.03 15.00
CA LYS B 194 36.58 10.13 15.86
C LYS B 194 36.86 9.90 17.35
N HIS B 195 36.91 8.65 17.71
CA HIS B 195 37.04 8.18 19.08
C HIS B 195 38.34 7.40 19.17
N LYS B 196 39.18 7.76 20.15
CA LYS B 196 40.49 7.14 20.25
C LYS B 196 40.38 5.67 20.66
N VAL B 197 39.62 5.38 21.70
CA VAL B 197 39.67 4.09 22.39
C VAL B 197 38.43 3.28 22.08
N TYR B 198 38.63 1.99 21.85
CA TYR B 198 37.55 1.03 21.62
C TYR B 198 37.75 -0.12 22.58
N ALA B 199 36.68 -0.56 23.24
CA ALA B 199 36.83 -1.60 24.26
C ALA B 199 35.65 -2.54 24.24
N CYS B 200 36.02 -3.88 24.34
CA CYS B 200 34.98 -4.82 24.69
C CYS B 200 35.25 -5.33 26.09
N GLU B 201 34.08 -5.38 26.84
CA GLU B 201 34.14 -5.70 28.25
C GLU B 201 33.38 -7.00 28.45
N VAL B 202 34.08 -8.02 28.93
CA VAL B 202 33.57 -9.38 28.94
C VAL B 202 33.13 -9.75 30.35
N THR B 203 31.91 -10.28 30.45
CA THR B 203 31.30 -10.83 31.63
C THR B 203 31.21 -12.33 31.49
N HIS B 204 31.59 -13.08 32.52
CA HIS B 204 31.50 -14.53 32.48
C HIS B 204 31.58 -15.05 33.91
N GLN B 205 31.03 -16.25 34.11
CA GLN B 205 30.94 -16.79 35.45
C GLN B 205 32.32 -17.14 36.01
N GLY B 206 33.28 -17.46 35.14
CA GLY B 206 34.64 -17.71 35.54
C GLY B 206 35.46 -16.47 35.85
N LEU B 207 34.84 -15.31 35.79
CA LEU B 207 35.48 -14.03 36.10
C LEU B 207 34.64 -13.33 37.16
N SER B 208 35.26 -13.01 38.30
CA SER B 208 34.50 -12.32 39.33
C SER B 208 34.34 -10.84 39.02
N SER B 209 35.14 -10.31 38.11
CA SER B 209 35.01 -8.96 37.60
C SER B 209 35.23 -8.99 36.09
N PRO B 210 34.79 -7.98 35.37
CA PRO B 210 34.95 -7.98 33.91
C PRO B 210 36.40 -7.93 33.46
N VAL B 211 36.64 -8.54 32.31
CA VAL B 211 37.89 -8.37 31.57
C VAL B 211 37.64 -7.36 30.46
N THR B 212 38.62 -6.47 30.25
CA THR B 212 38.53 -5.44 29.24
C THR B 212 39.75 -5.55 28.33
N LYS B 213 39.49 -5.45 27.03
CA LYS B 213 40.53 -5.33 26.02
C LYS B 213 40.23 -4.06 25.23
N SER B 214 41.30 -3.38 24.78
CA SER B 214 41.15 -2.11 24.08
C SER B 214 42.34 -1.85 23.17
N PHE B 215 42.16 -0.87 22.31
CA PHE B 215 43.18 -0.33 21.43
C PHE B 215 42.83 1.13 21.18
N ASN B 216 43.75 1.87 20.56
CA ASN B 216 43.50 3.27 20.24
C ASN B 216 43.67 3.50 18.75
N ARG B 217 42.82 4.41 18.22
CA ARG B 217 42.76 4.98 16.84
C ARG B 217 41.44 4.63 16.16
N SER C 1 -10.19 -41.25 21.43
CA SER C 1 -9.54 -42.33 20.68
C SER C 1 -8.54 -41.78 19.65
N PRO C 2 -7.47 -42.53 19.40
CA PRO C 2 -6.42 -42.03 18.50
C PRO C 2 -6.86 -41.94 17.05
N SER C 3 -6.26 -40.98 16.33
CA SER C 3 -6.35 -40.92 14.88
C SER C 3 -5.74 -42.18 14.28
N ALA C 5 -3.39 -44.57 12.31
CA ALA C 5 -1.96 -44.49 12.03
C ALA C 5 -1.64 -44.29 10.56
N LYS C 6 -0.46 -43.73 10.28
CA LYS C 6 0.00 -43.51 8.91
C LYS C 6 1.45 -43.98 8.78
N SER C 7 1.67 -45.26 9.08
CA SER C 7 2.97 -45.88 8.92
C SER C 7 3.12 -47.02 7.90
N ARG C 8 2.13 -47.86 7.76
CA ARG C 8 2.23 -48.88 6.77
C ARG C 8 0.87 -48.84 6.14
N LEU C 9 0.83 -48.95 4.82
CA LEU C 9 -0.36 -48.73 4.00
C LEU C 9 -1.45 -49.76 4.31
N GLN D 1 46.09 -8.39 -30.75
CA GLN D 1 46.97 -7.44 -30.08
C GLN D 1 46.70 -7.37 -28.58
N VAL D 2 46.56 -6.16 -28.03
CA VAL D 2 46.30 -5.95 -26.63
C VAL D 2 44.91 -5.46 -26.50
N GLN D 3 44.03 -6.26 -25.95
CA GLN D 3 42.63 -5.86 -26.00
C GLN D 3 41.85 -6.51 -24.87
N LEU D 4 40.78 -5.83 -24.47
CA LEU D 4 39.77 -6.36 -23.58
C LEU D 4 38.50 -6.56 -24.42
N VAL D 5 37.89 -7.73 -24.30
CA VAL D 5 36.69 -8.06 -25.08
C VAL D 5 35.58 -8.42 -24.11
N GLN D 6 34.49 -7.66 -24.15
CA GLN D 6 33.38 -7.86 -23.23
C GLN D 6 32.29 -8.70 -23.86
N SER D 7 31.39 -9.16 -23.00
CA SER D 7 30.22 -9.90 -23.43
C SER D 7 29.20 -8.95 -24.04
N GLY D 8 28.19 -9.53 -24.69
CA GLY D 8 27.22 -8.75 -25.43
C GLY D 8 26.20 -8.05 -24.56
N ALA D 9 25.24 -7.42 -25.24
CA ALA D 9 24.27 -6.56 -24.59
C ALA D 9 23.32 -7.35 -23.68
N GLU D 10 22.73 -6.62 -22.72
CA GLU D 10 21.88 -7.17 -21.70
C GLU D 10 20.66 -6.27 -21.50
N VAL D 11 19.48 -6.89 -21.44
CA VAL D 11 18.24 -6.20 -21.11
C VAL D 11 17.64 -6.89 -19.89
N LYS D 12 17.31 -6.09 -18.86
CA LYS D 12 16.86 -6.62 -17.58
C LYS D 12 15.69 -5.80 -17.07
N LYS D 13 14.94 -6.40 -16.15
CA LYS D 13 13.85 -5.73 -15.47
C LYS D 13 14.29 -5.26 -14.09
N PRO D 14 13.64 -4.22 -13.55
CA PRO D 14 14.07 -3.68 -12.25
C PRO D 14 14.06 -4.77 -11.20
N GLY D 15 14.97 -4.63 -10.23
CA GLY D 15 15.20 -5.65 -9.23
C GLY D 15 16.13 -6.76 -9.65
N ALA D 16 16.27 -7.03 -10.95
CA ALA D 16 17.08 -8.15 -11.37
C ALA D 16 18.58 -7.81 -11.25
N SER D 17 19.41 -8.76 -11.66
CA SER D 17 20.85 -8.60 -11.66
C SER D 17 21.38 -8.70 -13.08
N VAL D 18 22.61 -8.25 -13.25
CA VAL D 18 23.29 -8.39 -14.53
C VAL D 18 24.74 -8.78 -14.27
N LYS D 19 25.26 -9.66 -15.11
CA LYS D 19 26.64 -10.14 -14.99
C LYS D 19 27.32 -10.00 -16.35
N VAL D 20 28.30 -9.10 -16.41
CA VAL D 20 29.10 -8.83 -17.60
C VAL D 20 30.47 -9.48 -17.43
N SER D 21 31.01 -10.01 -18.52
CA SER D 21 32.37 -10.54 -18.50
C SER D 21 33.30 -9.63 -19.29
N CYS D 22 34.58 -9.94 -19.16
CA CYS D 22 35.61 -9.16 -19.83
C CYS D 22 36.86 -10.03 -19.94
N THR D 23 37.28 -10.28 -21.14
CA THR D 23 38.36 -11.24 -21.37
C THR D 23 39.59 -10.49 -21.88
N ALA D 24 40.70 -10.65 -21.17
CA ALA D 24 41.93 -9.94 -21.52
C ALA D 24 42.82 -10.81 -22.37
N SER D 25 43.67 -10.15 -23.17
CA SER D 25 44.63 -10.83 -24.03
C SER D 25 45.72 -9.84 -24.44
N GLY D 26 46.85 -10.39 -24.88
CA GLY D 26 47.94 -9.58 -25.36
C GLY D 26 48.79 -8.92 -24.29
N TYR D 27 48.41 -9.04 -23.02
CA TYR D 27 49.22 -8.52 -21.92
C TYR D 27 49.01 -9.45 -20.73
N THR D 28 49.77 -9.22 -19.67
CA THR D 28 49.77 -10.14 -18.53
C THR D 28 48.58 -9.85 -17.63
N PHE D 29 47.55 -10.70 -17.71
CA PHE D 29 46.30 -10.40 -17.03
C PHE D 29 46.52 -10.24 -15.53
N THR D 30 47.37 -11.08 -14.93
CA THR D 30 47.65 -10.99 -13.49
C THR D 30 48.65 -9.89 -13.13
N GLY D 31 48.97 -8.99 -14.06
CA GLY D 31 49.95 -7.96 -13.81
C GLY D 31 49.38 -6.61 -13.46
N TYR D 32 48.09 -6.40 -13.70
CA TYR D 32 47.50 -5.08 -13.55
C TYR D 32 46.12 -5.21 -12.91
N TYR D 33 45.68 -4.15 -12.25
CA TYR D 33 44.32 -4.09 -11.73
C TYR D 33 43.32 -4.06 -12.88
N LEU D 34 42.16 -4.69 -12.66
CA LEU D 34 41.06 -4.66 -13.61
C LEU D 34 39.96 -3.78 -13.02
N HIS D 35 39.60 -2.70 -13.72
CA HIS D 35 38.58 -1.77 -13.27
C HIS D 35 37.30 -1.93 -14.07
N TRP D 36 36.21 -1.37 -13.55
CA TRP D 36 34.93 -1.27 -14.23
C TRP D 36 34.43 0.16 -14.17
N VAL D 37 34.05 0.69 -15.33
CA VAL D 37 33.57 2.06 -15.45
C VAL D 37 32.30 2.03 -16.29
N ARG D 38 31.32 2.86 -15.93
CA ARG D 38 30.04 2.87 -16.62
C ARG D 38 29.71 4.26 -17.13
N GLN D 39 28.87 4.31 -18.16
CA GLN D 39 28.53 5.56 -18.85
C GLN D 39 27.02 5.58 -19.09
N ALA D 40 26.32 6.32 -18.27
CA ALA D 40 24.89 6.48 -18.45
C ALA D 40 24.60 7.62 -19.42
N PRO D 41 23.45 7.60 -20.09
CA PRO D 41 23.12 8.69 -21.03
C PRO D 41 23.11 10.04 -20.32
N GLY D 42 23.88 10.98 -20.85
CA GLY D 42 24.01 12.32 -20.28
C GLY D 42 24.39 12.40 -18.81
N GLN D 43 25.48 11.75 -18.40
CA GLN D 43 25.93 11.81 -17.01
C GLN D 43 27.44 11.96 -17.13
N GLY D 44 28.16 10.90 -17.45
CA GLY D 44 29.59 11.09 -17.63
C GLY D 44 30.19 9.95 -16.81
N LEU D 45 31.41 9.57 -17.19
CA LEU D 45 32.01 8.32 -16.75
C LEU D 45 32.03 8.19 -15.23
N GLU D 46 31.80 6.97 -14.76
CA GLU D 46 31.67 6.73 -13.33
C GLU D 46 32.44 5.46 -13.00
N TRP D 47 33.36 5.57 -12.05
CA TRP D 47 34.19 4.44 -11.67
C TRP D 47 33.40 3.58 -10.67
N MET D 48 33.43 2.27 -10.89
CA MET D 48 32.63 1.34 -10.10
C MET D 48 33.46 0.42 -9.22
N GLY D 49 34.78 0.47 -9.33
CA GLY D 49 35.63 -0.36 -8.52
C GLY D 49 36.57 -1.16 -9.38
N TRP D 50 37.43 -1.92 -8.69
CA TRP D 50 38.42 -2.75 -9.35
C TRP D 50 38.45 -4.13 -8.70
N VAL D 51 39.10 -5.06 -9.38
CA VAL D 51 39.39 -6.39 -8.86
C VAL D 51 40.87 -6.67 -9.08
N ASN D 52 41.49 -7.33 -8.10
CA ASN D 52 42.89 -7.70 -8.20
C ASN D 52 42.99 -9.08 -8.83
N PRO D 53 43.39 -9.21 -10.10
CA PRO D 53 43.36 -10.53 -10.76
C PRO D 53 44.29 -11.55 -10.14
N ARG D 54 45.17 -11.14 -9.21
CA ARG D 54 46.04 -12.09 -8.53
C ARG D 54 45.40 -12.58 -7.23
N SER D 55 45.10 -11.67 -6.32
CA SER D 55 44.61 -12.08 -5.00
C SER D 55 43.11 -12.34 -5.01
N GLY D 56 42.39 -11.72 -5.94
CA GLY D 56 40.94 -11.73 -5.89
C GLY D 56 40.35 -10.67 -4.98
N GLY D 57 41.19 -9.90 -4.30
CA GLY D 57 40.69 -8.77 -3.54
C GLY D 57 40.01 -7.75 -4.44
N THR D 58 39.15 -6.95 -3.83
CA THR D 58 38.40 -5.95 -4.57
C THR D 58 38.39 -4.67 -3.76
N SER D 59 37.94 -3.59 -4.40
CA SER D 59 37.62 -2.37 -3.68
C SER D 59 36.50 -1.66 -4.43
N TYR D 60 35.50 -1.19 -3.70
CA TYR D 60 34.38 -0.54 -4.39
C TYR D 60 34.13 0.86 -3.84
N PRO D 61 33.72 1.81 -4.65
CA PRO D 61 33.42 3.12 -4.12
C PRO D 61 32.24 3.07 -3.16
N PRO D 62 31.82 4.19 -2.60
CA PRO D 62 30.75 4.18 -1.59
C PRO D 62 29.35 3.90 -2.17
N LYS D 63 29.16 4.29 -3.42
CA LYS D 63 27.90 4.19 -4.13
C LYS D 63 27.58 2.75 -4.55
N PHE D 64 28.60 1.94 -4.84
CA PHE D 64 28.40 0.58 -5.30
C PHE D 64 28.65 -0.47 -4.23
N GLN D 65 29.11 -0.05 -3.06
CA GLN D 65 29.34 -0.99 -1.97
C GLN D 65 28.02 -1.63 -1.56
N GLY D 66 27.96 -2.95 -1.64
CA GLY D 66 26.78 -3.71 -1.33
C GLY D 66 25.96 -4.13 -2.54
N ARG D 67 26.17 -3.50 -3.69
CA ARG D 67 25.44 -3.88 -4.89
C ARG D 67 26.29 -4.63 -5.91
N VAL D 68 27.60 -4.39 -5.94
CA VAL D 68 28.46 -4.89 -7.00
C VAL D 68 29.39 -5.95 -6.45
N THR D 69 29.54 -7.05 -7.22
CA THR D 69 30.54 -8.08 -6.94
C THR D 69 31.41 -8.22 -8.17
N MET D 70 32.73 -8.03 -7.99
CA MET D 70 33.71 -8.23 -9.05
C MET D 70 34.58 -9.43 -8.72
N THR D 71 34.80 -10.28 -9.71
CA THR D 71 35.55 -11.51 -9.55
C THR D 71 36.42 -11.72 -10.78
N ARG D 72 37.33 -12.68 -10.72
CA ARG D 72 38.15 -13.01 -11.87
C ARG D 72 38.21 -14.53 -12.01
N ASP D 73 38.68 -14.96 -13.17
CA ASP D 73 38.92 -16.38 -13.46
C ASP D 73 40.23 -16.45 -14.26
N THR D 74 41.35 -16.55 -13.54
CA THR D 74 42.67 -16.50 -14.16
C THR D 74 42.93 -17.69 -15.07
N SER D 75 42.17 -18.77 -14.92
CA SER D 75 42.28 -19.89 -15.86
C SER D 75 42.02 -19.45 -17.29
N ILE D 76 41.15 -18.46 -17.50
CA ILE D 76 40.74 -18.03 -18.83
C ILE D 76 40.85 -16.53 -18.98
N ASN D 77 41.66 -15.90 -18.14
CA ASN D 77 41.97 -14.47 -18.23
C ASN D 77 40.72 -13.63 -18.36
N THR D 78 39.74 -13.89 -17.49
CA THR D 78 38.45 -13.24 -17.59
C THR D 78 38.06 -12.66 -16.24
N ALA D 79 37.56 -11.43 -16.25
CA ALA D 79 37.00 -10.77 -15.07
C ALA D 79 35.48 -10.63 -15.21
N TYR D 80 34.81 -10.52 -14.08
CA TYR D 80 33.35 -10.43 -14.06
C TYR D 80 32.91 -9.28 -13.16
N MET D 81 31.84 -8.63 -13.57
CA MET D 81 31.18 -7.59 -12.79
C MET D 81 29.72 -7.98 -12.65
N ASP D 82 29.22 -8.06 -11.41
CA ASP D 82 27.85 -8.47 -11.13
C ASP D 82 27.15 -7.38 -10.33
N LEU D 83 26.03 -6.88 -10.85
CA LEU D 83 25.31 -5.78 -10.23
C LEU D 83 23.89 -6.23 -9.90
N THR D 84 23.45 -5.96 -8.67
CA THR D 84 22.14 -6.38 -8.20
C THR D 84 21.25 -5.17 -7.99
N TRP D 85 19.96 -5.45 -7.80
CA TRP D 85 18.94 -4.44 -7.56
C TRP D 85 18.99 -3.34 -8.61
N LEU D 86 18.79 -3.75 -9.87
CA LEU D 86 18.87 -2.78 -10.96
C LEU D 86 17.67 -1.85 -10.96
N THR D 87 17.89 -0.63 -11.44
CA THR D 87 16.87 0.39 -11.64
C THR D 87 17.20 1.12 -12.94
N SER D 88 16.41 2.16 -13.24
CA SER D 88 16.66 2.97 -14.43
C SER D 88 18.04 3.62 -14.39
N ASP D 89 18.45 4.11 -13.22
CA ASP D 89 19.75 4.78 -13.11
C ASP D 89 20.91 3.86 -13.42
N ASP D 90 20.70 2.56 -13.51
CA ASP D 90 21.77 1.65 -13.90
C ASP D 90 21.80 1.40 -15.40
N THR D 91 20.92 2.04 -16.17
CA THR D 91 20.97 1.94 -17.62
C THR D 91 22.18 2.72 -18.13
N ALA D 92 23.13 2.01 -18.73
CA ALA D 92 24.38 2.64 -19.10
C ALA D 92 25.19 1.65 -19.92
N VAL D 93 26.23 2.15 -20.56
CA VAL D 93 27.26 1.31 -21.15
C VAL D 93 28.30 1.02 -20.08
N TYR D 94 28.64 -0.26 -19.93
CA TYR D 94 29.55 -0.73 -18.90
C TYR D 94 30.87 -1.11 -19.54
N TYR D 95 31.95 -0.47 -19.12
CA TYR D 95 33.28 -0.75 -19.63
C TYR D 95 34.14 -1.37 -18.54
N CYS D 96 34.94 -2.43 -18.96
CA CYS D 96 36.09 -2.81 -18.16
C CYS D 96 37.30 -2.07 -18.70
N ALA D 97 38.27 -1.72 -17.78
CA ALA D 97 39.40 -0.89 -18.16
C ALA D 97 40.65 -1.29 -17.37
N VAL D 98 41.81 -1.06 -17.97
CA VAL D 98 43.09 -1.38 -17.36
C VAL D 98 44.02 -0.17 -17.50
N GLY D 99 44.79 0.09 -16.44
CA GLY D 99 45.84 1.09 -16.46
C GLY D 99 47.21 0.42 -16.34
N ARG D 100 48.10 0.76 -17.26
CA ARG D 100 49.42 0.14 -17.33
C ARG D 100 50.55 1.07 -16.94
N ILE D 101 50.28 2.36 -16.69
CA ILE D 101 51.33 3.32 -16.40
C ILE D 101 51.53 3.41 -14.90
N PRO D 102 52.75 3.19 -14.40
CA PRO D 102 52.98 3.22 -12.95
C PRO D 102 52.60 4.57 -12.36
N ASP D 103 51.96 4.51 -11.19
CA ASP D 103 51.54 5.68 -10.39
C ASP D 103 50.34 6.41 -11.01
N VAL D 104 49.89 6.02 -12.19
CA VAL D 104 48.84 6.73 -12.89
C VAL D 104 47.62 5.84 -12.95
N THR D 105 46.63 6.11 -12.09
CA THR D 105 45.35 5.41 -12.16
C THR D 105 44.45 6.06 -13.22
N ALA D 106 44.89 5.91 -14.46
CA ALA D 106 44.15 6.28 -15.64
C ALA D 106 44.37 5.18 -16.68
N PHE D 107 43.32 4.88 -17.44
CA PHE D 107 43.22 3.61 -18.12
C PHE D 107 43.50 3.79 -19.61
N ASP D 108 44.52 3.08 -20.11
CA ASP D 108 44.86 3.12 -21.52
C ASP D 108 44.33 1.92 -22.31
N ILE D 109 43.80 0.89 -21.64
CA ILE D 109 43.11 -0.20 -22.33
C ILE D 109 41.66 -0.25 -21.88
N TRP D 110 40.75 -0.33 -22.86
CA TRP D 110 39.32 -0.34 -22.62
C TRP D 110 38.66 -1.48 -23.37
N GLY D 111 37.68 -2.11 -22.75
CA GLY D 111 36.82 -3.02 -23.47
C GLY D 111 35.90 -2.28 -24.41
N GLN D 112 35.31 -3.02 -25.36
CA GLN D 112 34.42 -2.40 -26.33
C GLN D 112 33.21 -1.79 -25.66
N GLY D 113 32.89 -2.19 -24.45
CA GLY D 113 31.71 -1.69 -23.79
C GLY D 113 30.53 -2.63 -23.95
N THR D 114 29.67 -2.65 -22.94
CA THR D 114 28.50 -3.52 -22.93
C THR D 114 27.30 -2.67 -22.52
N PRO D 115 26.31 -2.51 -23.39
CA PRO D 115 25.10 -1.78 -23.01
C PRO D 115 24.18 -2.62 -22.14
N VAL D 116 23.63 -1.98 -21.11
CA VAL D 116 22.72 -2.62 -20.17
C VAL D 116 21.46 -1.77 -20.11
N THR D 117 20.33 -2.35 -20.51
CA THR D 117 19.07 -1.65 -20.46
C THR D 117 18.24 -2.19 -19.30
N VAL D 118 17.78 -1.29 -18.43
CA VAL D 118 16.94 -1.65 -17.30
C VAL D 118 15.58 -1.00 -17.50
N SER D 119 14.54 -1.82 -17.63
CA SER D 119 13.22 -1.31 -17.93
C SER D 119 12.18 -2.34 -17.50
N SER D 120 11.03 -1.86 -17.04
CA SER D 120 9.90 -2.75 -16.81
C SER D 120 9.22 -3.20 -18.10
N ALA D 121 9.57 -2.60 -19.25
CA ALA D 121 8.94 -2.96 -20.50
C ALA D 121 9.41 -4.34 -20.95
N SER D 122 8.63 -4.95 -21.85
CA SER D 122 8.90 -6.31 -22.31
C SER D 122 9.08 -6.32 -23.82
N THR D 123 9.81 -7.33 -24.28
CA THR D 123 10.13 -7.45 -25.68
C THR D 123 8.88 -7.29 -26.55
N LYS D 124 8.98 -6.40 -27.54
CA LYS D 124 7.88 -6.09 -28.43
C LYS D 124 8.45 -5.62 -29.76
N GLY D 125 8.00 -6.24 -30.84
CA GLY D 125 8.40 -5.87 -32.17
C GLY D 125 7.74 -4.57 -32.61
N PRO D 126 8.34 -3.91 -33.58
CA PRO D 126 7.81 -2.63 -34.06
C PRO D 126 6.72 -2.80 -35.10
N SER D 127 5.82 -1.82 -35.14
CA SER D 127 5.00 -1.56 -36.31
C SER D 127 5.78 -0.68 -37.28
N VAL D 128 5.61 -0.92 -38.58
CA VAL D 128 6.34 -0.20 -39.62
C VAL D 128 5.35 0.58 -40.48
N PHE D 129 5.38 1.91 -40.38
CA PHE D 129 4.35 2.64 -41.13
C PHE D 129 4.96 3.47 -42.27
N PRO D 130 4.26 3.68 -43.37
CA PRO D 130 4.88 4.40 -44.46
C PRO D 130 4.84 5.90 -44.24
N LEU D 131 5.92 6.55 -44.69
CA LEU D 131 5.98 8.01 -44.77
C LEU D 131 5.97 8.32 -46.26
N ALA D 132 4.77 8.41 -46.82
CA ALA D 132 4.62 8.45 -48.28
C ALA D 132 5.03 9.82 -48.82
N PRO D 133 5.78 9.86 -49.94
CA PRO D 133 6.11 11.15 -50.54
C PRO D 133 4.83 11.90 -50.83
N SER D 134 4.58 12.95 -50.05
CA SER D 134 3.26 13.53 -50.01
C SER D 134 2.94 14.23 -51.32
N SER D 135 1.64 14.39 -51.57
CA SER D 135 1.05 14.92 -52.80
C SER D 135 1.81 16.05 -53.48
N LYS D 136 2.72 16.71 -52.75
CA LYS D 136 3.59 17.73 -53.30
C LYS D 136 4.65 17.01 -54.12
N SER D 137 4.59 17.18 -55.44
CA SER D 137 5.52 16.52 -56.36
C SER D 137 7.02 16.80 -56.35
N THR D 138 7.37 18.09 -56.37
CA THR D 138 8.75 18.54 -56.58
C THR D 138 9.01 19.38 -55.33
N SER D 139 9.37 18.71 -54.24
CA SER D 139 9.64 19.35 -52.94
C SER D 139 11.02 19.99 -52.87
N GLY D 140 11.63 20.32 -54.01
CA GLY D 140 12.95 20.93 -54.04
C GLY D 140 13.80 20.38 -55.17
N GLY D 141 13.14 19.86 -56.22
CA GLY D 141 13.76 18.97 -57.17
C GLY D 141 13.83 17.54 -56.71
N THR D 142 13.90 17.32 -55.40
CA THR D 142 13.95 16.01 -54.79
C THR D 142 12.70 15.81 -53.94
N ALA D 143 12.32 14.55 -53.74
CA ALA D 143 11.21 14.21 -52.87
C ALA D 143 11.71 13.44 -51.65
N ALA D 144 11.05 13.63 -50.52
CA ALA D 144 11.40 12.94 -49.28
C ALA D 144 10.34 11.89 -48.95
N LEU D 145 10.79 10.66 -48.65
CA LEU D 145 9.93 9.59 -48.20
C LEU D 145 10.67 8.79 -47.14
N GLY D 146 9.91 8.04 -46.33
CA GLY D 146 10.55 7.26 -45.29
C GLY D 146 9.63 6.23 -44.66
N CYS D 147 10.07 5.75 -43.49
CA CYS D 147 9.33 4.74 -42.74
C CYS D 147 9.43 4.99 -41.24
N LEU D 148 8.26 5.05 -40.59
CA LEU D 148 8.14 5.26 -39.16
C LEU D 148 8.11 3.91 -38.43
N VAL D 149 9.12 3.67 -37.60
CA VAL D 149 9.29 2.39 -36.91
C VAL D 149 8.87 2.63 -35.47
N LYS D 150 7.68 2.19 -35.09
CA LYS D 150 7.02 2.64 -33.88
C LYS D 150 6.74 1.49 -32.94
N ASP D 151 6.92 1.74 -31.64
CA ASP D 151 6.45 0.91 -30.53
C ASP D 151 7.19 -0.42 -30.43
N TYR D 152 8.49 -0.38 -30.20
CA TYR D 152 9.28 -1.59 -30.05
C TYR D 152 10.13 -1.53 -28.79
N PHE D 153 10.64 -2.70 -28.43
CA PHE D 153 11.52 -2.88 -27.27
C PHE D 153 12.16 -4.26 -27.32
N PRO D 154 13.47 -4.33 -27.08
CA PRO D 154 14.34 -3.20 -26.77
C PRO D 154 15.07 -2.76 -28.01
N GLU D 155 16.00 -1.83 -27.87
CA GLU D 155 16.97 -1.52 -28.92
C GLU D 155 17.92 -2.72 -29.15
N PRO D 156 18.55 -2.80 -30.34
CA PRO D 156 18.39 -1.91 -31.50
C PRO D 156 17.45 -2.42 -32.56
N VAL D 157 17.11 -1.53 -33.48
CA VAL D 157 16.40 -1.86 -34.70
C VAL D 157 17.27 -1.47 -35.90
N THR D 158 17.16 -2.25 -36.97
CA THR D 158 17.97 -2.07 -38.17
C THR D 158 17.08 -1.68 -39.35
N VAL D 159 17.46 -0.61 -40.03
CA VAL D 159 16.67 -0.10 -41.15
C VAL D 159 17.58 0.07 -42.36
N SER D 160 17.28 -0.66 -43.43
CA SER D 160 17.94 -0.51 -44.71
C SER D 160 16.90 -0.12 -45.76
N TRP D 161 17.38 0.29 -46.92
CA TRP D 161 16.50 0.69 -48.02
C TRP D 161 16.87 -0.09 -49.26
N ASN D 162 15.86 -0.70 -49.90
CA ASN D 162 16.06 -1.55 -51.07
C ASN D 162 17.20 -2.53 -50.83
N SER D 163 17.14 -3.21 -49.68
CA SER D 163 18.10 -4.24 -49.32
C SER D 163 19.53 -3.70 -49.32
N GLY D 164 19.70 -2.42 -48.98
CA GLY D 164 21.00 -1.82 -48.87
C GLY D 164 21.51 -1.15 -50.14
N ALA D 165 20.74 -1.21 -51.23
CA ALA D 165 21.14 -0.57 -52.48
C ALA D 165 21.03 0.96 -52.40
N LEU D 166 20.07 1.48 -51.62
CA LEU D 166 19.91 2.92 -51.47
C LEU D 166 20.48 3.35 -50.13
N THR D 167 21.61 4.06 -50.15
CA THR D 167 22.26 4.53 -48.94
C THR D 167 22.50 6.03 -48.94
N SER D 168 22.57 6.68 -50.09
CA SER D 168 22.76 8.11 -50.17
C SER D 168 21.46 8.84 -49.83
N GLY D 169 21.58 9.90 -49.04
CA GLY D 169 20.43 10.66 -48.60
C GLY D 169 19.71 10.11 -47.39
N VAL D 170 20.07 8.91 -46.93
CA VAL D 170 19.31 8.28 -45.84
C VAL D 170 19.70 8.88 -44.50
N HIS D 171 18.68 9.25 -43.72
CA HIS D 171 18.84 9.65 -42.33
C HIS D 171 17.95 8.74 -41.48
N THR D 172 18.57 7.91 -40.65
CA THR D 172 17.77 7.12 -39.71
C THR D 172 18.01 7.70 -38.32
N PHE D 173 16.95 8.26 -37.79
CA PHE D 173 17.04 9.06 -36.59
C PHE D 173 17.28 8.18 -35.37
N PRO D 174 17.91 8.73 -34.32
CA PRO D 174 18.05 7.98 -33.07
C PRO D 174 16.68 7.68 -32.47
N ALA D 175 16.55 6.48 -31.92
CA ALA D 175 15.30 6.09 -31.28
C ALA D 175 14.99 7.02 -30.11
N VAL D 176 13.72 7.31 -29.91
CA VAL D 176 13.25 8.11 -28.79
C VAL D 176 12.31 7.26 -27.96
N LEU D 177 12.49 7.29 -26.64
CA LEU D 177 11.68 6.52 -25.72
C LEU D 177 10.34 7.23 -25.48
N GLN D 178 9.24 6.54 -25.78
CA GLN D 178 7.91 7.09 -25.57
C GLN D 178 7.46 6.84 -24.14
N SER D 179 6.36 7.52 -23.75
CA SER D 179 5.82 7.36 -22.41
C SER D 179 5.30 5.95 -22.13
N SER D 180 5.13 5.12 -23.15
CA SER D 180 4.73 3.74 -22.90
C SER D 180 5.89 2.88 -22.43
N GLY D 181 7.12 3.36 -22.52
CA GLY D 181 8.29 2.51 -22.38
C GLY D 181 8.77 1.89 -23.67
N LEU D 182 8.11 2.18 -24.79
CA LEU D 182 8.48 1.62 -26.08
C LEU D 182 9.29 2.64 -26.88
N TYR D 183 10.18 2.15 -27.72
CA TYR D 183 11.00 3.00 -28.56
C TYR D 183 10.32 3.28 -29.89
N SER D 184 10.78 4.34 -30.56
CA SER D 184 10.23 4.71 -31.86
C SER D 184 11.25 5.54 -32.62
N LEU D 185 11.29 5.37 -33.94
CA LEU D 185 12.17 6.17 -34.79
C LEU D 185 11.63 6.23 -36.20
N SER D 186 12.15 7.18 -36.97
CA SER D 186 11.86 7.30 -38.39
C SER D 186 13.16 7.20 -39.19
N SER D 187 13.04 6.70 -40.41
CA SER D 187 14.13 6.70 -41.37
C SER D 187 13.63 7.40 -42.63
N VAL D 188 14.34 8.42 -43.08
CA VAL D 188 13.91 9.17 -44.25
C VAL D 188 15.00 9.12 -45.30
N VAL D 189 14.58 9.25 -46.56
CA VAL D 189 15.51 9.26 -47.68
C VAL D 189 15.04 10.30 -48.69
N THR D 190 15.99 11.05 -49.23
CA THR D 190 15.74 12.02 -50.28
C THR D 190 15.99 11.36 -51.62
N VAL D 191 15.04 11.46 -52.54
CA VAL D 191 15.14 10.78 -53.83
C VAL D 191 14.65 11.70 -54.93
N PRO D 192 15.05 11.42 -56.17
CA PRO D 192 14.55 12.22 -57.29
C PRO D 192 13.04 12.14 -57.41
N SER D 193 12.40 13.31 -57.41
CA SER D 193 10.95 13.37 -57.47
C SER D 193 10.41 12.66 -58.70
N SER D 194 11.15 12.70 -59.82
CA SER D 194 10.73 12.01 -61.02
C SER D 194 10.73 10.49 -60.87
N SER D 195 11.46 9.96 -59.88
CA SER D 195 11.55 8.52 -59.72
C SER D 195 10.37 7.93 -58.97
N LEU D 196 9.45 8.77 -58.49
CA LEU D 196 8.35 8.26 -57.68
C LEU D 196 7.39 7.38 -58.48
N GLY D 197 7.42 7.45 -59.80
CA GLY D 197 6.53 6.66 -60.62
C GLY D 197 7.18 5.41 -61.19
N THR D 198 8.50 5.41 -61.31
CA THR D 198 9.23 4.29 -61.89
C THR D 198 9.92 3.40 -60.85
N GLN D 199 10.49 4.00 -59.81
CA GLN D 199 11.26 3.25 -58.83
C GLN D 199 10.37 2.87 -57.65
N THR D 200 10.52 1.64 -57.16
CA THR D 200 9.79 1.22 -55.98
C THR D 200 10.73 1.24 -54.79
N TYR D 201 10.34 1.97 -53.75
CA TYR D 201 11.17 2.12 -52.58
C TYR D 201 10.63 1.23 -51.47
N ILE D 202 11.52 0.46 -50.86
CA ILE D 202 11.17 -0.49 -49.82
C ILE D 202 12.15 -0.32 -48.66
N CYS D 203 11.58 -0.04 -47.41
CA CYS D 203 12.42 -0.02 -46.22
C CYS D 203 12.35 -1.39 -45.55
N ASN D 204 13.55 -1.96 -45.15
CA ASN D 204 13.67 -3.27 -44.54
C ASN D 204 13.97 -3.08 -43.07
N VAL D 205 13.01 -3.42 -42.22
CA VAL D 205 13.15 -3.23 -40.78
C VAL D 205 13.42 -4.57 -40.12
N ASN D 206 14.47 -4.62 -39.33
CA ASN D 206 14.91 -5.84 -38.68
C ASN D 206 15.05 -5.58 -37.18
N HIS D 207 14.34 -6.34 -36.36
CA HIS D 207 14.38 -6.23 -34.91
C HIS D 207 14.66 -7.64 -34.40
N LYS D 208 15.94 -7.94 -34.19
CA LYS D 208 16.33 -9.30 -33.83
C LYS D 208 15.71 -9.79 -32.52
N PRO D 209 15.63 -8.99 -31.44
CA PRO D 209 15.08 -9.54 -30.18
C PRO D 209 13.68 -10.13 -30.29
N SER D 210 12.85 -9.65 -31.20
CA SER D 210 11.52 -10.20 -31.39
C SER D 210 11.43 -11.00 -32.67
N ASN D 211 12.57 -11.21 -33.34
CA ASN D 211 12.69 -11.70 -34.71
C ASN D 211 11.56 -11.17 -35.60
N THR D 212 11.49 -9.85 -35.70
CA THR D 212 10.61 -9.12 -36.62
C THR D 212 11.41 -8.75 -37.86
N LYS D 213 11.07 -9.25 -39.05
CA LYS D 213 11.66 -8.83 -40.33
C LYS D 213 10.55 -8.27 -41.19
N VAL D 214 10.52 -6.96 -41.45
CA VAL D 214 9.47 -6.34 -42.24
C VAL D 214 10.09 -5.68 -43.46
N ASP D 215 9.41 -5.79 -44.59
CA ASP D 215 9.73 -5.06 -45.82
C ASP D 215 8.50 -4.28 -46.22
N LYS D 216 8.54 -2.98 -45.97
CA LYS D 216 7.45 -2.10 -46.30
C LYS D 216 7.68 -1.26 -47.54
N ARG D 217 6.88 -1.50 -48.54
CA ARG D 217 6.93 -0.71 -49.70
C ARG D 217 6.33 0.62 -49.39
N VAL D 218 6.94 1.67 -49.86
CA VAL D 218 6.43 3.00 -49.66
C VAL D 218 5.98 3.61 -50.98
N GLY D 219 4.69 3.55 -51.28
CA GLY D 219 4.15 4.08 -52.52
C GLY D 219 3.57 5.47 -52.34
N SER D 220 3.40 6.18 -53.45
CA SER D 220 2.81 7.50 -53.38
C SER D 220 1.30 7.42 -53.14
N ILE E 2 35.98 14.34 -4.72
CA ILE E 2 36.36 15.42 -5.63
C ILE E 2 35.47 15.51 -6.85
N GLN E 3 34.89 16.68 -7.09
CA GLN E 3 34.07 16.90 -8.26
C GLN E 3 34.89 17.59 -9.35
N MET E 4 34.64 17.17 -10.59
CA MET E 4 35.30 17.69 -11.78
C MET E 4 34.24 18.31 -12.67
N THR E 5 34.46 19.56 -13.09
CA THR E 5 33.51 20.26 -13.94
C THR E 5 34.22 20.77 -15.18
N GLN E 6 33.65 20.49 -16.34
CA GLN E 6 34.21 20.92 -17.60
C GLN E 6 33.41 22.08 -18.16
N SER E 7 34.04 22.85 -19.06
CA SER E 7 33.42 23.99 -19.74
C SER E 7 34.08 24.21 -21.08
N PRO E 8 33.27 24.35 -22.13
CA PRO E 8 31.80 24.23 -22.05
C PRO E 8 31.33 22.78 -22.05
N ASP E 9 30.02 22.57 -22.05
CA ASP E 9 29.49 21.23 -22.26
C ASP E 9 29.48 20.88 -23.75
N SER E 10 29.34 21.87 -24.61
CA SER E 10 29.34 21.65 -26.05
C SER E 10 30.11 22.79 -26.70
N LEU E 11 30.83 22.46 -27.77
CA LEU E 11 31.75 23.42 -28.37
C LEU E 11 31.81 23.17 -29.87
N ALA E 12 31.73 24.24 -30.66
CA ALA E 12 31.80 24.16 -32.11
C ALA E 12 32.95 25.02 -32.60
N VAL E 13 33.83 24.42 -33.40
CA VAL E 13 35.09 25.04 -33.80
C VAL E 13 35.33 24.75 -35.27
N SER E 14 35.71 25.77 -36.02
CA SER E 14 35.93 25.62 -37.46
C SER E 14 37.13 24.75 -37.73
N LEU E 15 37.13 24.14 -38.91
CA LEU E 15 38.28 23.35 -39.33
C LEU E 15 39.53 24.21 -39.36
N GLY E 16 40.61 23.71 -38.79
CA GLY E 16 41.81 24.49 -38.74
C GLY E 16 41.95 25.44 -37.61
N GLU E 17 40.87 25.90 -36.99
CA GLU E 17 41.01 26.81 -35.88
C GLU E 17 41.38 26.08 -34.61
N ARG E 18 41.27 26.74 -33.48
CA ARG E 18 41.73 26.16 -32.24
C ARG E 18 40.64 25.95 -31.23
N ALA E 19 40.67 24.81 -30.57
CA ALA E 19 39.62 24.41 -29.63
C ALA E 19 40.15 24.35 -28.20
N THR E 20 39.37 24.89 -27.26
CA THR E 20 39.77 24.92 -25.86
C THR E 20 38.69 24.32 -24.99
N ILE E 21 39.08 23.33 -24.17
CA ILE E 21 38.20 22.67 -23.22
C ILE E 21 38.78 22.86 -21.83
N ASN E 22 37.95 23.34 -20.90
CA ASN E 22 38.38 23.68 -19.55
C ASN E 22 38.00 22.55 -18.59
N CYS E 23 38.75 22.38 -17.50
CA CYS E 23 38.47 21.34 -16.52
C CYS E 23 38.78 21.90 -15.15
N LYS E 24 37.81 21.88 -14.23
CA LYS E 24 37.95 22.39 -12.89
C LYS E 24 37.93 21.23 -11.91
N SER E 25 38.92 21.21 -11.01
CA SER E 25 38.91 20.33 -9.86
C SER E 25 38.35 21.08 -8.66
N SER E 26 37.66 20.35 -7.78
CA SER E 26 37.14 20.98 -6.57
C SER E 26 38.17 21.05 -5.45
N GLU E 27 39.35 20.47 -5.63
CA GLU E 27 40.27 20.39 -4.49
C GLU E 27 41.68 20.86 -4.79
N SER E 28 42.24 20.49 -5.96
CA SER E 28 43.63 20.70 -6.40
C SER E 28 44.33 19.37 -6.61
N LEU E 29 44.91 19.19 -7.79
CA LEU E 29 45.54 17.94 -8.17
C LEU E 29 47.05 18.02 -8.12
N LEU E 30 47.59 19.15 -7.65
CA LEU E 30 49.02 19.36 -7.57
C LEU E 30 49.56 18.79 -6.26
N TYR E 31 50.58 17.95 -6.36
CA TYR E 31 51.24 17.35 -5.21
C TYR E 31 52.56 18.07 -4.96
N ASP E 32 52.74 18.53 -3.72
CA ASP E 32 53.89 19.38 -3.40
C ASP E 32 55.22 18.63 -3.44
N SER E 33 55.21 17.30 -3.30
CA SER E 33 56.43 16.51 -3.19
C SER E 33 56.97 16.03 -4.53
N ASN E 34 56.43 16.51 -5.64
CA ASN E 34 56.92 16.15 -6.97
C ASN E 34 56.43 17.18 -7.99
N ASN E 35 55.66 18.16 -7.51
CA ASN E 35 55.13 19.23 -8.35
C ASN E 35 54.32 18.67 -9.52
N LYS E 36 53.55 17.62 -9.25
CA LYS E 36 52.83 16.90 -10.29
C LYS E 36 51.33 17.14 -10.17
N ASN E 37 50.69 17.36 -11.32
CA ASN E 37 49.24 17.42 -11.41
C ASN E 37 48.69 16.06 -11.81
N TYR E 38 47.78 15.53 -10.99
CA TYR E 38 47.24 14.19 -11.16
C TYR E 38 45.96 14.25 -12.00
N LEU E 39 46.15 14.53 -13.28
CA LEU E 39 45.09 14.89 -14.21
C LEU E 39 45.22 14.11 -15.52
N ALA E 40 44.11 13.59 -16.02
CA ALA E 40 44.11 12.89 -17.30
C ALA E 40 43.04 13.49 -18.21
N TRP E 41 43.24 13.28 -19.52
CA TRP E 41 42.28 13.64 -20.56
C TRP E 41 42.01 12.43 -21.43
N TYR E 42 40.77 12.29 -21.87
CA TYR E 42 40.35 11.18 -22.69
C TYR E 42 39.64 11.70 -23.92
N GLN E 43 39.78 10.97 -25.01
CA GLN E 43 39.02 11.24 -26.22
C GLN E 43 38.09 10.06 -26.46
N GLN E 44 36.80 10.35 -26.70
CA GLN E 44 35.81 9.31 -26.96
C GLN E 44 35.05 9.68 -28.23
N LYS E 45 35.34 8.92 -29.30
CA LYS E 45 34.65 9.06 -30.56
C LYS E 45 33.35 8.26 -30.53
N PRO E 46 32.37 8.63 -31.36
CA PRO E 46 31.04 8.02 -31.23
C PRO E 46 31.07 6.50 -31.33
N GLY E 47 30.31 5.87 -30.43
CA GLY E 47 30.24 4.43 -30.36
C GLY E 47 31.53 3.73 -30.00
N GLN E 48 32.45 4.40 -29.33
CA GLN E 48 33.71 3.79 -28.97
C GLN E 48 33.99 4.02 -27.49
N PRO E 49 34.85 3.20 -26.88
CA PRO E 49 35.29 3.48 -25.52
C PRO E 49 36.22 4.67 -25.48
N PRO E 50 36.42 5.25 -24.30
CA PRO E 50 37.39 6.35 -24.20
C PRO E 50 38.79 5.90 -24.58
N LYS E 51 39.62 6.88 -24.94
CA LYS E 51 41.00 6.64 -25.29
C LYS E 51 41.86 7.64 -24.51
N LEU E 52 42.86 7.10 -23.83
CA LEU E 52 43.71 7.93 -22.99
C LEU E 52 44.54 8.87 -23.86
N LEU E 53 44.36 10.17 -23.66
CA LEU E 53 44.99 11.19 -24.46
C LEU E 53 46.21 11.80 -23.77
N ILE E 54 46.06 12.17 -22.50
CA ILE E 54 47.05 12.95 -21.77
C ILE E 54 46.97 12.55 -20.30
N TYR E 55 48.11 12.52 -19.62
CA TYR E 55 48.17 12.33 -18.19
C TYR E 55 49.33 13.15 -17.63
N TRP E 56 49.38 13.24 -16.29
CA TRP E 56 50.21 14.24 -15.62
C TRP E 56 49.97 15.63 -16.21
N ALA E 57 48.71 15.90 -16.56
CA ALA E 57 48.18 17.19 -17.00
C ALA E 57 48.67 17.46 -18.42
N SER E 58 49.99 17.43 -18.65
CA SER E 58 50.57 17.85 -19.92
C SER E 58 51.27 16.79 -20.78
N THR E 59 51.51 15.60 -20.27
CA THR E 59 52.19 14.55 -21.01
C THR E 59 51.24 13.89 -22.01
N ARG E 60 51.65 13.86 -23.29
CA ARG E 60 50.85 13.17 -24.29
C ARG E 60 51.08 11.67 -24.21
N GLU E 61 50.00 10.92 -24.39
CA GLU E 61 50.09 9.46 -24.46
C GLU E 61 50.67 9.07 -25.81
N SER E 62 51.44 8.00 -25.85
CA SER E 62 52.10 7.59 -27.08
C SER E 62 51.08 7.54 -28.23
N GLY E 63 51.48 8.10 -29.37
CA GLY E 63 50.64 8.13 -30.55
C GLY E 63 49.85 9.41 -30.74
N VAL E 64 49.76 10.25 -29.71
CA VAL E 64 48.88 11.43 -29.78
C VAL E 64 49.58 12.52 -30.59
N PRO E 65 48.89 13.10 -31.58
CA PRO E 65 49.54 14.05 -32.48
C PRO E 65 49.88 15.37 -31.80
N ASP E 66 50.69 16.17 -32.53
CA ASP E 66 51.22 17.44 -32.03
C ASP E 66 50.13 18.36 -31.50
N ARG E 67 48.98 18.39 -32.17
CA ARG E 67 48.01 19.45 -31.96
C ARG E 67 47.28 19.32 -30.63
N PHE E 68 47.35 18.15 -29.99
CA PHE E 68 46.73 17.94 -28.69
C PHE E 68 47.72 18.33 -27.60
N SER E 69 47.31 19.23 -26.71
CA SER E 69 48.18 19.69 -25.64
C SER E 69 47.37 19.96 -24.39
N GLY E 70 47.95 19.65 -23.24
CA GLY E 70 47.33 19.89 -21.97
C GLY E 70 48.14 20.86 -21.13
N SER E 71 47.45 21.64 -20.31
CA SER E 71 48.09 22.67 -19.50
C SER E 71 47.19 22.97 -18.32
N GLY E 72 47.66 23.85 -17.46
CA GLY E 72 46.99 24.20 -16.22
C GLY E 72 47.64 23.56 -15.02
N SER E 73 47.21 23.96 -13.85
CA SER E 73 47.79 23.50 -12.64
C SER E 73 46.81 23.68 -11.54
N GLU E 74 46.99 22.99 -10.43
CA GLU E 74 46.14 23.23 -9.28
C GLU E 74 44.76 22.63 -9.47
N THR E 75 43.78 23.52 -9.59
CA THR E 75 42.37 23.23 -9.81
C THR E 75 41.85 23.60 -11.19
N ASP E 76 42.67 24.20 -12.05
CA ASP E 76 42.22 24.64 -13.37
C ASP E 76 43.14 24.02 -14.42
N PHE E 77 42.55 23.27 -15.34
CA PHE E 77 43.32 22.62 -16.39
C PHE E 77 42.64 22.88 -17.73
N THR E 78 43.40 22.72 -18.80
CA THR E 78 42.90 23.05 -20.12
C THR E 78 43.49 22.08 -21.14
N LEU E 79 42.63 21.53 -21.99
CA LEU E 79 43.04 20.78 -23.17
C LEU E 79 42.90 21.69 -24.37
N THR E 80 43.91 21.72 -25.23
CA THR E 80 43.95 22.64 -26.36
C THR E 80 44.24 21.85 -27.63
N ILE E 81 43.31 21.89 -28.58
CA ILE E 81 43.50 21.34 -29.92
C ILE E 81 43.81 22.52 -30.82
N SER E 82 45.02 22.61 -31.36
CA SER E 82 45.44 23.88 -31.95
C SER E 82 45.02 23.98 -33.42
N SER E 83 45.00 22.88 -34.16
CA SER E 83 44.58 22.90 -35.57
C SER E 83 43.56 21.78 -35.78
N LEU E 84 42.27 22.12 -35.70
CA LEU E 84 41.24 21.11 -35.64
C LEU E 84 41.18 20.33 -36.96
N GLN E 85 41.28 19.02 -36.86
CA GLN E 85 41.04 18.09 -37.95
C GLN E 85 39.61 17.53 -37.84
N ALA E 86 39.11 17.00 -38.96
CA ALA E 86 37.81 16.35 -38.91
C ALA E 86 37.81 15.14 -37.98
N GLU E 87 38.94 14.42 -37.90
CA GLU E 87 39.01 13.25 -37.03
C GLU E 87 38.90 13.60 -35.55
N ASP E 88 39.00 14.88 -35.17
CA ASP E 88 39.04 15.27 -33.76
C ASP E 88 37.67 15.55 -33.17
N VAL E 89 36.62 15.53 -33.98
CA VAL E 89 35.26 15.51 -33.45
C VAL E 89 35.10 14.30 -32.55
N ALA E 90 34.80 14.55 -31.28
CA ALA E 90 34.62 13.50 -30.27
C ALA E 90 34.08 14.17 -29.02
N VAL E 91 33.93 13.37 -27.97
CA VAL E 91 33.65 13.86 -26.62
C VAL E 91 34.95 13.73 -25.82
N TYR E 92 35.32 14.78 -25.10
CA TYR E 92 36.54 14.77 -24.31
C TYR E 92 36.18 14.79 -22.83
N HIS E 93 36.85 13.93 -22.06
CA HIS E 93 36.63 13.81 -20.62
C HIS E 93 37.93 14.01 -19.86
N CYS E 94 37.88 14.78 -18.78
CA CYS E 94 39.01 14.90 -17.86
C CYS E 94 38.78 14.03 -16.63
N GLN E 95 39.86 13.46 -16.09
CA GLN E 95 39.76 12.56 -14.94
C GLN E 95 40.87 12.90 -13.95
N GLN E 96 40.47 13.16 -12.71
CA GLN E 96 41.43 13.26 -11.61
C GLN E 96 41.80 11.87 -11.09
N TYR E 97 43.08 11.63 -10.88
CA TYR E 97 43.53 10.41 -10.20
C TYR E 97 44.42 10.75 -9.02
N PHE E 98 44.09 11.85 -8.32
CA PHE E 98 44.78 12.22 -7.09
C PHE E 98 44.26 11.41 -5.91
N SER E 99 42.94 11.41 -5.70
CA SER E 99 42.25 10.79 -4.59
C SER E 99 41.28 9.72 -5.07
N THR E 100 41.12 8.66 -4.29
CA THR E 100 40.07 7.69 -4.55
C THR E 100 38.83 8.12 -3.75
N PRO E 101 37.61 7.88 -4.29
CA PRO E 101 37.25 7.27 -5.59
C PRO E 101 37.68 8.10 -6.79
N TRP E 102 38.03 7.42 -7.88
CA TRP E 102 38.50 8.12 -9.07
C TRP E 102 37.31 8.74 -9.80
N THR E 103 37.40 10.03 -10.07
CA THR E 103 36.32 10.86 -10.60
C THR E 103 36.61 11.31 -12.01
N PHE E 104 35.57 11.40 -12.85
CA PHE E 104 35.67 12.00 -14.17
C PHE E 104 34.85 13.27 -14.22
N GLY E 105 35.10 14.06 -15.25
CA GLY E 105 34.24 15.17 -15.60
C GLY E 105 33.00 14.72 -16.38
N GLN E 106 32.10 15.67 -16.62
CA GLN E 106 30.84 15.34 -17.28
C GLN E 106 30.95 15.24 -18.80
N GLY E 107 32.13 15.43 -19.37
CA GLY E 107 32.32 15.33 -20.80
C GLY E 107 32.04 16.63 -21.53
N THR E 108 32.78 16.85 -22.62
CA THR E 108 32.58 17.99 -23.50
C THR E 108 32.53 17.47 -24.93
N LYS E 109 31.45 17.76 -25.64
CA LYS E 109 31.33 17.33 -27.03
C LYS E 109 31.87 18.43 -27.95
N LEU E 110 32.82 18.06 -28.81
CA LEU E 110 33.43 18.98 -29.76
C LEU E 110 32.93 18.66 -31.18
N GLU E 111 32.46 19.69 -31.89
CA GLU E 111 31.92 19.52 -33.23
C GLU E 111 32.47 20.58 -34.18
N ILE E 112 32.24 20.36 -35.47
CA ILE E 112 32.75 21.25 -36.51
C ILE E 112 31.78 22.40 -36.72
N LYS E 113 32.26 23.62 -36.50
CA LYS E 113 31.52 24.81 -36.87
C LYS E 113 31.60 25.03 -38.38
N ARG E 114 30.48 25.47 -38.95
CA ARG E 114 30.40 25.80 -40.37
C ARG E 114 29.44 26.96 -40.52
N THR E 115 29.13 27.30 -41.77
CA THR E 115 28.25 28.42 -42.02
C THR E 115 26.80 28.03 -41.76
N VAL E 116 26.00 29.04 -41.40
CA VAL E 116 24.61 28.82 -41.03
C VAL E 116 23.82 28.37 -42.25
N ALA E 117 22.98 27.36 -42.06
CA ALA E 117 22.17 26.80 -43.14
C ALA E 117 20.75 26.58 -42.66
N ALA E 118 19.78 27.17 -43.36
CA ALA E 118 18.38 26.96 -43.01
C ALA E 118 17.92 25.56 -43.40
N PRO E 119 16.96 24.99 -42.69
CA PRO E 119 16.52 23.63 -43.00
C PRO E 119 15.58 23.59 -44.20
N SER E 120 15.63 22.47 -44.92
CA SER E 120 14.51 22.08 -45.77
C SER E 120 13.47 21.45 -44.87
N VAL E 121 12.20 21.77 -45.13
CA VAL E 121 11.15 21.22 -44.27
C VAL E 121 10.14 20.46 -45.12
N PHE E 122 9.84 19.26 -44.62
CA PHE E 122 8.86 18.37 -45.21
C PHE E 122 7.88 17.93 -44.12
N ILE E 123 6.69 17.53 -44.52
CA ILE E 123 5.67 17.10 -43.57
C ILE E 123 4.98 15.86 -44.12
N PHE E 124 4.67 14.93 -43.23
CA PHE E 124 4.04 13.67 -43.59
C PHE E 124 2.77 13.47 -42.77
N PRO E 125 1.60 13.39 -43.37
CA PRO E 125 0.40 12.99 -42.63
C PRO E 125 0.47 11.54 -42.18
N PRO E 126 -0.34 11.13 -41.22
CA PRO E 126 -0.38 9.72 -40.83
C PRO E 126 -0.83 8.85 -41.98
N SER E 127 -0.25 7.65 -42.07
CA SER E 127 -0.68 6.68 -43.06
C SER E 127 -2.07 6.14 -42.69
N ASP E 128 -2.76 5.57 -43.68
CA ASP E 128 -4.02 4.90 -43.40
C ASP E 128 -3.82 3.60 -42.62
N GLU E 129 -2.64 3.04 -42.70
CA GLU E 129 -2.31 1.87 -41.95
C GLU E 129 -2.33 2.10 -40.47
N GLN E 130 -1.77 3.21 -40.05
CA GLN E 130 -1.64 3.47 -38.63
C GLN E 130 -2.97 3.94 -38.04
N LEU E 131 -3.79 4.60 -38.86
CA LEU E 131 -5.11 5.02 -38.39
C LEU E 131 -5.95 3.82 -37.98
N LYS E 132 -5.79 2.69 -38.67
CA LYS E 132 -6.50 1.49 -38.25
C LYS E 132 -6.06 1.05 -36.86
N SER E 133 -4.84 1.39 -36.46
CA SER E 133 -4.38 1.05 -35.13
C SER E 133 -4.91 2.01 -34.05
N GLY E 134 -5.59 3.07 -34.44
CA GLY E 134 -6.19 3.98 -33.49
C GLY E 134 -5.29 5.12 -33.06
N THR E 135 -4.10 5.24 -33.63
CA THR E 135 -3.19 6.33 -33.35
C THR E 135 -2.85 7.03 -34.66
N ALA E 136 -2.45 8.29 -34.58
CA ALA E 136 -2.10 9.07 -35.76
C ALA E 136 -0.83 9.85 -35.49
N SER E 137 0.22 9.57 -36.25
CA SER E 137 1.52 10.21 -36.09
C SER E 137 1.78 11.12 -37.28
N VAL E 138 1.98 12.40 -37.02
CA VAL E 138 2.36 13.37 -38.03
C VAL E 138 3.85 13.64 -37.84
N VAL E 139 4.62 13.48 -38.91
CA VAL E 139 6.06 13.63 -38.83
C VAL E 139 6.46 14.87 -39.62
N CYS E 140 7.22 15.74 -38.97
CA CYS E 140 7.76 16.94 -39.58
C CYS E 140 9.27 16.81 -39.65
N LEU E 141 9.81 16.89 -40.87
CA LEU E 141 11.22 16.64 -41.10
C LEU E 141 11.93 17.95 -41.41
N LEU E 142 13.04 18.21 -40.69
CA LEU E 142 13.94 19.34 -40.93
C LEU E 142 15.27 18.79 -41.42
N ASN E 143 15.67 19.20 -42.63
CA ASN E 143 16.80 18.56 -43.31
C ASN E 143 17.94 19.55 -43.54
N ASN E 144 19.16 19.10 -43.22
CA ASN E 144 20.43 19.71 -43.62
C ASN E 144 20.72 21.14 -43.15
N PHE E 145 20.47 21.37 -41.86
CA PHE E 145 20.69 22.70 -41.31
C PHE E 145 21.83 22.83 -40.30
N TYR E 146 22.27 24.07 -40.12
CA TYR E 146 23.27 24.43 -39.10
C TYR E 146 23.00 25.85 -38.60
N PRO E 147 23.09 26.09 -37.29
CA PRO E 147 23.49 25.19 -36.21
C PRO E 147 22.36 24.32 -35.70
N ARG E 148 22.64 23.51 -34.69
CA ARG E 148 21.74 22.47 -34.23
C ARG E 148 20.44 22.96 -33.59
N GLU E 149 20.47 24.17 -33.03
CA GLU E 149 19.31 24.69 -32.32
C GLU E 149 18.18 25.05 -33.28
N ALA E 150 16.98 24.54 -33.01
CA ALA E 150 15.82 24.85 -33.84
C ALA E 150 14.58 24.69 -32.97
N LYS E 151 13.50 25.33 -33.41
CA LYS E 151 12.24 25.36 -32.68
C LYS E 151 11.17 24.80 -33.58
N VAL E 152 10.45 23.77 -33.13
CA VAL E 152 9.38 23.18 -33.93
C VAL E 152 8.09 23.25 -33.15
N GLN E 153 7.14 24.04 -33.64
CA GLN E 153 5.84 24.19 -33.00
C GLN E 153 4.76 23.60 -33.90
N TRP E 154 3.88 22.80 -33.30
CA TRP E 154 2.78 22.17 -34.00
C TRP E 154 1.51 22.99 -33.82
N LYS E 155 0.76 23.15 -34.90
CA LYS E 155 -0.50 23.86 -34.86
C LYS E 155 -1.54 23.02 -35.59
N VAL E 156 -2.53 22.55 -34.85
CA VAL E 156 -3.70 21.84 -35.36
C VAL E 156 -4.84 22.85 -35.42
N ASP E 157 -5.30 23.19 -36.61
CA ASP E 157 -6.31 24.24 -36.82
C ASP E 157 -5.88 25.58 -36.19
N ASN E 158 -4.60 25.91 -36.35
CA ASN E 158 -3.99 27.07 -35.70
C ASN E 158 -4.16 27.07 -34.18
N ALA E 159 -4.23 25.88 -33.58
CA ALA E 159 -4.19 25.74 -32.12
C ALA E 159 -2.85 25.11 -31.74
N LEU E 160 -2.01 25.87 -31.05
CA LEU E 160 -0.68 25.39 -30.73
C LEU E 160 -0.76 24.17 -29.82
N GLN E 161 0.06 23.17 -30.11
CA GLN E 161 0.08 21.94 -29.31
C GLN E 161 1.16 22.00 -28.23
N SER E 162 1.00 21.18 -27.21
CA SER E 162 1.95 21.17 -26.10
C SER E 162 1.85 19.83 -25.36
N GLY E 163 2.96 19.09 -25.30
CA GLY E 163 3.05 17.87 -24.55
C GLY E 163 2.81 16.61 -25.35
N ASN E 164 2.44 16.73 -26.63
CA ASN E 164 2.12 15.58 -27.47
C ASN E 164 3.07 15.42 -28.66
N SER E 165 4.30 15.92 -28.55
CA SER E 165 5.28 15.75 -29.60
C SER E 165 6.64 15.44 -29.00
N GLN E 166 7.44 14.71 -29.77
CA GLN E 166 8.81 14.39 -29.39
C GLN E 166 9.71 14.66 -30.59
N GLU E 167 11.00 14.87 -30.31
CA GLU E 167 11.97 15.18 -31.36
C GLU E 167 13.15 14.24 -31.31
N SER E 168 13.85 14.16 -32.43
CA SER E 168 15.09 13.39 -32.54
C SER E 168 16.03 14.08 -33.53
N VAL E 169 17.31 14.17 -33.16
CA VAL E 169 18.31 14.87 -33.97
C VAL E 169 19.42 13.90 -34.34
N THR E 170 19.82 13.94 -35.61
CA THR E 170 20.98 13.17 -36.04
C THR E 170 22.27 13.76 -35.50
N GLU E 171 23.33 12.97 -35.57
CA GLU E 171 24.64 13.52 -35.28
C GLU E 171 25.12 14.33 -36.49
N GLN E 172 26.09 15.20 -36.23
CA GLN E 172 26.59 16.06 -37.28
C GLN E 172 27.14 15.22 -38.44
N ASP E 173 26.56 15.42 -39.62
CA ASP E 173 26.96 14.68 -40.81
C ASP E 173 28.44 14.90 -41.11
N SER E 174 29.11 13.84 -41.57
CA SER E 174 30.55 13.93 -41.74
C SER E 174 30.98 14.55 -43.07
N LYS E 175 30.08 14.75 -44.03
CA LYS E 175 30.44 15.31 -45.32
C LYS E 175 30.03 16.77 -45.52
N ASP E 176 28.95 17.24 -44.90
CA ASP E 176 28.55 18.63 -45.02
C ASP E 176 28.34 19.30 -43.67
N SER E 177 28.58 18.60 -42.57
CA SER E 177 28.61 19.14 -41.22
C SER E 177 27.26 19.65 -40.74
N THR E 178 26.16 19.22 -41.36
CA THR E 178 24.85 19.69 -40.98
C THR E 178 24.15 18.71 -40.03
N TYR E 179 22.99 19.14 -39.54
CA TYR E 179 22.13 18.31 -38.71
C TYR E 179 20.82 18.05 -39.43
N SER E 180 20.13 17.00 -39.00
CA SER E 180 18.75 16.78 -39.40
C SER E 180 17.92 16.46 -38.17
N LEU E 181 16.67 16.90 -38.18
CA LEU E 181 15.77 16.74 -37.06
C LEU E 181 14.44 16.15 -37.53
N SER E 182 13.82 15.35 -36.67
CA SER E 182 12.47 14.84 -36.86
C SER E 182 11.63 15.19 -35.64
N SER E 183 10.45 15.74 -35.87
CA SER E 183 9.49 16.05 -34.81
C SER E 183 8.20 15.29 -35.11
N THR E 184 7.80 14.44 -34.19
CA THR E 184 6.66 13.55 -34.36
C THR E 184 5.55 14.00 -33.41
N LEU E 185 4.41 14.37 -33.99
CA LEU E 185 3.21 14.70 -33.22
C LEU E 185 2.32 13.46 -33.16
N THR E 186 1.94 13.06 -31.96
CA THR E 186 1.12 11.87 -31.95
C THR E 186 -0.21 12.24 -31.28
N LEU E 187 -1.23 11.80 -31.99
CA LEU E 187 -2.61 12.09 -31.66
C LEU E 187 -3.39 10.78 -31.70
N SER E 188 -4.47 10.70 -30.94
CA SER E 188 -5.33 9.56 -31.15
C SER E 188 -6.14 9.76 -32.43
N LYS E 189 -6.63 8.65 -32.98
CA LYS E 189 -7.40 8.74 -34.23
C LYS E 189 -8.62 9.64 -34.05
N ALA E 190 -9.29 9.55 -32.90
CA ALA E 190 -10.49 10.31 -32.60
C ALA E 190 -10.24 11.80 -32.33
N ASP E 191 -9.03 12.29 -32.57
CA ASP E 191 -8.74 13.69 -32.54
C ASP E 191 -8.23 14.13 -33.87
N TYR E 192 -7.56 13.25 -34.59
CA TYR E 192 -7.11 13.54 -35.94
C TYR E 192 -8.30 13.73 -36.90
N GLU E 193 -9.45 13.12 -36.59
CA GLU E 193 -10.65 13.18 -37.43
C GLU E 193 -11.62 14.28 -36.98
N LYS E 194 -11.10 15.34 -36.37
CA LYS E 194 -11.90 16.50 -36.04
C LYS E 194 -11.35 17.79 -36.58
N HIS E 195 -10.09 17.83 -36.99
CA HIS E 195 -9.46 19.05 -37.45
C HIS E 195 -8.98 18.86 -38.87
N LYS E 196 -9.10 19.92 -39.66
CA LYS E 196 -8.74 19.84 -41.07
C LYS E 196 -7.24 20.06 -41.26
N VAL E 197 -6.68 21.10 -40.63
CA VAL E 197 -5.38 21.64 -41.01
C VAL E 197 -4.32 21.30 -39.96
N TYR E 198 -3.19 20.79 -40.41
CA TYR E 198 -2.07 20.40 -39.57
C TYR E 198 -0.83 21.09 -40.10
N ALA E 199 -0.05 21.69 -39.19
CA ALA E 199 1.10 22.47 -39.61
C ALA E 199 2.20 22.37 -38.56
N CYS E 200 3.48 22.16 -39.01
CA CYS E 200 4.63 22.39 -38.16
C CYS E 200 5.28 23.69 -38.58
N GLU E 201 5.59 24.57 -37.60
CA GLU E 201 6.23 25.85 -37.82
C GLU E 201 7.65 25.75 -37.31
N VAL E 202 8.61 26.04 -38.16
CA VAL E 202 10.04 25.88 -37.87
C VAL E 202 10.70 27.24 -37.74
N THR E 203 11.40 27.43 -36.62
CA THR E 203 12.16 28.64 -36.33
C THR E 203 13.63 28.29 -36.21
N HIS E 204 14.47 29.03 -36.92
CA HIS E 204 15.90 28.78 -36.99
C HIS E 204 16.58 30.11 -37.27
N GLN E 205 17.86 30.21 -36.86
CA GLN E 205 18.57 31.46 -36.99
C GLN E 205 18.88 31.79 -38.44
N GLY E 206 18.89 30.79 -39.30
CA GLY E 206 19.06 30.97 -40.71
C GLY E 206 17.86 31.52 -41.46
N LEU E 207 16.73 31.73 -40.77
CA LEU E 207 15.50 32.16 -41.41
C LEU E 207 15.09 33.52 -40.85
N SER E 208 14.73 34.44 -41.74
CA SER E 208 14.20 35.73 -41.29
C SER E 208 12.86 35.58 -40.61
N SER E 209 12.04 34.64 -41.06
CA SER E 209 10.73 34.39 -40.46
C SER E 209 10.50 32.89 -40.45
N PRO E 210 9.60 32.42 -39.60
CA PRO E 210 9.38 30.97 -39.49
C PRO E 210 8.84 30.36 -40.77
N VAL E 211 9.37 29.18 -41.09
CA VAL E 211 8.88 28.39 -42.21
C VAL E 211 7.79 27.46 -41.71
N THR E 212 6.70 27.34 -42.47
CA THR E 212 5.58 26.50 -42.08
C THR E 212 5.18 25.59 -43.23
N LYS E 213 4.99 24.32 -42.92
CA LYS E 213 4.46 23.33 -43.85
C LYS E 213 3.13 22.82 -43.31
N SER E 214 2.18 22.56 -44.20
CA SER E 214 0.86 22.10 -43.79
C SER E 214 0.30 21.12 -44.79
N PHE E 215 -0.81 20.50 -44.40
CA PHE E 215 -1.63 19.68 -45.28
C PHE E 215 -3.05 19.69 -44.76
N ASN E 216 -4.01 19.46 -45.66
CA ASN E 216 -5.40 19.25 -45.29
C ASN E 216 -5.74 17.77 -45.39
N ARG E 217 -6.45 17.26 -44.39
CA ARG E 217 -7.06 15.94 -44.31
C ARG E 217 -7.22 15.60 -42.83
N GLY E 218 -8.03 14.59 -42.52
CA GLY E 218 -8.29 14.22 -41.15
C GLY E 218 -9.60 14.69 -40.57
N SER F 1 47.92 14.48 0.44
CA SER F 1 48.70 13.49 -0.32
C SER F 1 47.83 12.52 -1.13
N PRO F 2 48.29 12.16 -2.32
CA PRO F 2 47.48 11.34 -3.22
C PRO F 2 47.24 9.94 -2.69
N SER F 3 46.20 9.30 -3.20
CA SER F 3 45.88 7.91 -2.95
C SER F 3 46.80 6.97 -3.69
N ALA F 5 48.08 4.34 -6.10
CA ALA F 5 47.68 4.13 -7.45
C ALA F 5 47.26 2.72 -7.70
N LYS F 6 46.25 2.57 -8.52
CA LYS F 6 45.75 1.24 -8.80
C LYS F 6 45.87 0.92 -10.28
N SER F 7 47.09 0.87 -10.79
CA SER F 7 47.30 0.49 -12.18
C SER F 7 47.98 -0.88 -12.24
N ARG F 8 49.26 -0.92 -12.03
CA ARG F 8 49.96 -2.16 -12.06
C ARG F 8 50.12 -2.64 -10.66
N LEU F 9 50.14 -3.94 -10.51
CA LEU F 9 50.27 -4.56 -9.19
C LEU F 9 51.71 -4.48 -8.73
N VAL G 2 -5.31 -29.70 -45.48
CA VAL G 2 -5.25 -28.29 -45.15
C VAL G 2 -5.62 -28.12 -43.68
N GLN G 3 -4.66 -27.51 -42.98
CA GLN G 3 -4.83 -27.39 -41.54
C GLN G 3 -3.83 -26.38 -41.00
N LEU G 4 -4.19 -25.79 -39.85
CA LEU G 4 -3.30 -24.99 -39.03
C LEU G 4 -3.16 -25.70 -37.69
N VAL G 5 -1.94 -25.97 -37.26
CA VAL G 5 -1.70 -26.69 -36.02
C VAL G 5 -0.93 -25.78 -35.07
N GLN G 6 -1.55 -25.50 -33.93
CA GLN G 6 -1.02 -24.56 -32.96
C GLN G 6 -0.27 -25.29 -31.86
N SER G 7 0.41 -24.51 -31.03
CA SER G 7 1.22 -25.03 -29.95
C SER G 7 0.35 -25.23 -28.69
N GLY G 8 0.90 -25.96 -27.73
CA GLY G 8 0.13 -26.40 -26.57
C GLY G 8 -0.26 -25.28 -25.61
N ALA G 9 -1.05 -25.67 -24.61
CA ALA G 9 -1.59 -24.72 -23.65
C ALA G 9 -0.48 -24.00 -22.89
N GLU G 10 -0.82 -22.83 -22.35
CA GLU G 10 0.11 -21.93 -21.68
C GLU G 10 -0.53 -21.43 -20.39
N VAL G 11 0.30 -21.25 -19.36
CA VAL G 11 -0.16 -20.74 -18.06
C VAL G 11 0.84 -19.69 -17.57
N LYS G 12 0.36 -18.47 -17.35
CA LYS G 12 1.24 -17.36 -17.06
C LYS G 12 0.70 -16.56 -15.88
N LYS G 13 1.59 -15.74 -15.30
CA LYS G 13 1.25 -14.81 -14.23
C LYS G 13 1.04 -13.41 -14.79
N PRO G 14 0.30 -12.56 -14.08
CA PRO G 14 0.07 -11.19 -14.58
C PRO G 14 1.39 -10.48 -14.78
N GLY G 15 1.50 -9.77 -15.92
CA GLY G 15 2.71 -9.10 -16.30
C GLY G 15 3.64 -9.91 -17.19
N ALA G 16 3.54 -11.23 -17.18
CA ALA G 16 4.36 -12.03 -18.08
C ALA G 16 3.84 -11.91 -19.51
N SER G 17 4.55 -12.54 -20.43
CA SER G 17 4.20 -12.60 -21.85
C SER G 17 3.93 -14.04 -22.26
N VAL G 18 3.28 -14.19 -23.41
CA VAL G 18 2.97 -15.52 -23.93
C VAL G 18 3.21 -15.51 -25.43
N LYS G 19 3.77 -16.61 -25.94
CA LYS G 19 4.06 -16.76 -27.36
C LYS G 19 3.40 -18.04 -27.86
N VAL G 20 2.46 -17.91 -28.79
CA VAL G 20 1.81 -19.06 -29.41
C VAL G 20 2.30 -19.18 -30.83
N SER G 21 2.53 -20.41 -31.28
CA SER G 21 2.90 -20.64 -32.67
C SER G 21 1.75 -21.29 -33.43
N CYS G 22 1.88 -21.30 -34.76
CA CYS G 22 0.85 -21.83 -35.63
C CYS G 22 1.47 -22.26 -36.94
N THR G 23 1.37 -23.55 -37.24
CA THR G 23 2.03 -24.12 -38.40
C THR G 23 1.01 -24.51 -39.47
N ALA G 24 1.22 -24.03 -40.69
CA ALA G 24 0.29 -24.23 -41.78
C ALA G 24 0.72 -25.39 -42.69
N SER G 25 -0.26 -26.04 -43.30
CA SER G 25 0.02 -27.11 -44.23
C SER G 25 -1.20 -27.35 -45.11
N GLY G 26 -0.95 -27.93 -46.28
CA GLY G 26 -2.01 -28.25 -47.21
C GLY G 26 -2.46 -27.10 -48.08
N TYR G 27 -1.90 -25.91 -47.87
CA TYR G 27 -2.19 -24.74 -48.71
C TYR G 27 -0.98 -23.82 -48.69
N THR G 28 -1.00 -22.84 -49.59
CA THR G 28 0.12 -21.92 -49.78
C THR G 28 0.16 -20.90 -48.65
N PHE G 29 1.10 -21.09 -47.71
CA PHE G 29 1.18 -20.26 -46.52
C PHE G 29 1.38 -18.79 -46.85
N THR G 30 2.20 -18.50 -47.87
CA THR G 30 2.53 -17.13 -48.24
C THR G 30 1.52 -16.50 -49.20
N GLY G 31 0.37 -17.13 -49.39
CA GLY G 31 -0.64 -16.61 -50.30
C GLY G 31 -1.83 -15.98 -49.62
N TYR G 32 -1.92 -16.07 -48.29
CA TYR G 32 -3.07 -15.54 -47.57
C TYR G 32 -2.59 -14.91 -46.26
N TYR G 33 -3.31 -13.87 -45.83
CA TYR G 33 -3.04 -13.27 -44.54
C TYR G 33 -3.26 -14.29 -43.44
N LEU G 34 -2.48 -14.18 -42.37
CA LEU G 34 -2.60 -15.04 -41.21
C LEU G 34 -3.13 -14.19 -40.06
N HIS G 35 -4.32 -14.54 -39.56
CA HIS G 35 -4.97 -13.80 -38.50
C HIS G 35 -4.86 -14.53 -37.17
N TRP G 36 -5.14 -13.80 -36.10
CA TRP G 36 -5.29 -14.34 -34.76
C TRP G 36 -6.59 -13.82 -34.18
N VAL G 37 -7.39 -14.72 -33.64
CA VAL G 37 -8.66 -14.40 -32.98
C VAL G 37 -8.71 -15.17 -31.68
N ARG G 38 -9.14 -14.52 -30.61
CA ARG G 38 -9.26 -15.21 -29.33
C ARG G 38 -10.70 -15.27 -28.89
N GLN G 39 -10.96 -16.18 -27.95
CA GLN G 39 -12.31 -16.43 -27.43
C GLN G 39 -12.22 -16.51 -25.91
N ALA G 40 -12.71 -15.47 -25.24
CA ALA G 40 -12.72 -15.46 -23.78
C ALA G 40 -13.98 -16.10 -23.23
N PRO G 41 -13.92 -16.63 -22.01
CA PRO G 41 -15.12 -17.17 -21.35
C PRO G 41 -16.23 -16.14 -21.28
N GLY G 42 -17.37 -16.47 -21.89
CA GLY G 42 -18.54 -15.60 -21.88
C GLY G 42 -18.39 -14.23 -22.53
N GLN G 43 -17.56 -14.13 -23.59
CA GLN G 43 -17.40 -12.78 -24.13
C GLN G 43 -17.52 -12.68 -25.66
N GLY G 44 -17.20 -13.70 -26.46
CA GLY G 44 -17.43 -13.56 -27.88
C GLY G 44 -16.18 -13.23 -28.69
N LEU G 45 -16.04 -13.85 -29.86
CA LEU G 45 -14.77 -13.87 -30.58
C LEU G 45 -14.23 -12.46 -30.80
N GLU G 46 -12.91 -12.34 -30.77
CA GLU G 46 -12.29 -11.03 -30.89
C GLU G 46 -11.06 -11.12 -31.78
N TRP G 47 -11.04 -10.32 -32.83
CA TRP G 47 -9.93 -10.32 -33.76
C TRP G 47 -8.76 -9.54 -33.14
N MET G 48 -7.57 -10.11 -33.23
CA MET G 48 -6.38 -9.52 -32.64
C MET G 48 -5.43 -8.89 -33.65
N GLY G 49 -5.62 -9.15 -34.94
CA GLY G 49 -4.73 -8.62 -35.94
C GLY G 49 -4.27 -9.66 -36.94
N TRP G 50 -3.50 -9.24 -37.95
CA TRP G 50 -2.97 -10.16 -38.96
C TRP G 50 -1.50 -9.88 -39.19
N VAL G 51 -0.84 -10.88 -39.76
CA VAL G 51 0.52 -10.78 -40.28
C VAL G 51 0.48 -11.11 -41.76
N ASN G 52 1.32 -10.42 -42.54
CA ASN G 52 1.48 -10.74 -43.96
C ASN G 52 2.66 -11.70 -44.04
N PRO G 53 2.44 -12.98 -44.39
CA PRO G 53 3.55 -13.94 -44.36
C PRO G 53 4.59 -13.70 -45.42
N ARG G 54 4.29 -12.85 -46.40
CA ARG G 54 5.21 -12.53 -47.49
C ARG G 54 6.12 -11.36 -47.13
N SER G 55 5.53 -10.23 -46.73
CA SER G 55 6.33 -9.05 -46.40
C SER G 55 6.66 -8.94 -44.92
N GLY G 56 5.99 -9.70 -44.05
CA GLY G 56 6.19 -9.57 -42.62
C GLY G 56 5.41 -8.43 -42.00
N GLY G 57 4.68 -7.66 -42.80
CA GLY G 57 3.87 -6.59 -42.25
C GLY G 57 2.75 -7.12 -41.39
N THR G 58 2.33 -6.28 -40.46
CA THR G 58 1.28 -6.61 -39.53
C THR G 58 0.27 -5.47 -39.51
N SER G 59 -0.83 -5.72 -38.80
CA SER G 59 -1.80 -4.67 -38.51
C SER G 59 -2.62 -5.15 -37.34
N TYR G 60 -2.76 -4.29 -36.33
CA TYR G 60 -3.46 -4.63 -35.11
C TYR G 60 -4.54 -3.58 -34.83
N PRO G 61 -5.64 -3.99 -34.21
CA PRO G 61 -6.68 -3.02 -33.83
C PRO G 61 -6.24 -2.21 -32.62
N PRO G 62 -6.91 -1.11 -32.31
CA PRO G 62 -6.47 -0.26 -31.18
C PRO G 62 -6.28 -0.98 -29.85
N LYS G 63 -7.00 -2.03 -29.57
CA LYS G 63 -6.91 -2.64 -28.28
C LYS G 63 -5.71 -3.50 -28.13
N PHE G 64 -5.10 -3.86 -29.22
CA PHE G 64 -3.91 -4.69 -29.19
C PHE G 64 -2.69 -4.02 -29.78
N GLN G 65 -2.83 -2.84 -30.39
CA GLN G 65 -1.66 -2.04 -30.73
C GLN G 65 -0.90 -1.74 -29.45
N GLY G 66 0.39 -2.07 -29.42
CA GLY G 66 1.19 -1.84 -28.24
C GLY G 66 1.37 -3.05 -27.34
N ARG G 67 0.56 -4.10 -27.51
CA ARG G 67 0.69 -5.29 -26.69
C ARG G 67 1.09 -6.53 -27.47
N VAL G 68 0.73 -6.62 -28.75
CA VAL G 68 0.90 -7.87 -29.49
C VAL G 68 1.96 -7.67 -30.56
N THR G 69 2.69 -8.76 -30.84
CA THR G 69 3.68 -8.81 -31.90
C THR G 69 3.42 -10.08 -32.69
N MET G 70 3.24 -9.96 -34.00
CA MET G 70 2.99 -11.10 -34.87
C MET G 70 4.13 -11.26 -35.85
N THR G 71 4.63 -12.50 -35.98
CA THR G 71 5.78 -12.78 -36.83
C THR G 71 5.55 -14.05 -37.61
N ARG G 72 6.41 -14.27 -38.61
CA ARG G 72 6.33 -15.43 -39.49
C ARG G 72 7.71 -16.07 -39.60
N ASP G 73 7.73 -17.32 -40.02
CA ASP G 73 8.97 -17.99 -40.42
C ASP G 73 8.64 -18.92 -41.60
N THR G 74 8.76 -18.39 -42.82
CA THR G 74 8.27 -19.12 -43.99
C THR G 74 9.09 -20.37 -44.29
N SER G 75 10.32 -20.45 -43.78
CA SER G 75 11.11 -21.66 -43.97
C SER G 75 10.42 -22.89 -43.39
N ILE G 76 9.56 -22.69 -42.39
CA ILE G 76 8.88 -23.79 -41.69
C ILE G 76 7.39 -23.50 -41.60
N ASN G 77 6.92 -22.59 -42.48
CA ASN G 77 5.51 -22.20 -42.59
C ASN G 77 4.85 -22.01 -41.22
N THR G 78 5.48 -21.22 -40.36
CA THR G 78 4.96 -21.03 -39.01
C THR G 78 4.79 -19.55 -38.72
N ALA G 79 3.68 -19.22 -38.07
CA ALA G 79 3.39 -17.87 -37.61
C ALA G 79 3.40 -17.86 -36.09
N TYR G 80 3.65 -16.70 -35.53
CA TYR G 80 3.71 -16.55 -34.09
C TYR G 80 2.90 -15.33 -33.68
N MET G 81 2.28 -15.43 -32.50
CA MET G 81 1.58 -14.34 -31.85
C MET G 81 2.16 -14.23 -30.46
N ASP G 82 2.57 -13.01 -30.07
CA ASP G 82 3.22 -12.79 -28.77
C ASP G 82 2.51 -11.66 -28.04
N LEU G 83 1.95 -11.95 -26.88
CA LEU G 83 1.15 -10.99 -26.14
C LEU G 83 1.88 -10.62 -24.85
N THR G 84 1.90 -9.33 -24.53
CA THR G 84 2.65 -8.84 -23.38
C THR G 84 1.71 -8.16 -22.40
N TRP G 85 2.19 -8.04 -21.16
CA TRP G 85 1.44 -7.42 -20.06
C TRP G 85 0.11 -8.12 -19.81
N LEU G 86 0.22 -9.44 -19.65
CA LEU G 86 -0.98 -10.26 -19.49
C LEU G 86 -1.71 -9.92 -18.20
N THR G 87 -3.05 -10.00 -18.25
CA THR G 87 -3.93 -9.89 -17.09
C THR G 87 -5.01 -10.96 -17.23
N SER G 88 -5.96 -10.96 -16.29
CA SER G 88 -6.95 -12.04 -16.37
C SER G 88 -7.83 -11.91 -17.62
N ASP G 89 -8.13 -10.71 -18.12
CA ASP G 89 -8.91 -10.58 -19.34
C ASP G 89 -8.25 -11.24 -20.54
N ASP G 90 -6.99 -11.66 -20.43
CA ASP G 90 -6.32 -12.36 -21.53
C ASP G 90 -6.49 -13.86 -21.44
N THR G 91 -7.18 -14.33 -20.41
CA THR G 91 -7.49 -15.74 -20.25
C THR G 91 -8.51 -16.13 -21.31
N ALA G 92 -8.10 -16.96 -22.25
CA ALA G 92 -8.90 -17.19 -23.44
C ALA G 92 -8.24 -18.29 -24.25
N VAL G 93 -9.03 -18.88 -25.15
CA VAL G 93 -8.45 -19.73 -26.18
C VAL G 93 -8.11 -18.86 -27.39
N TYR G 94 -6.89 -19.05 -27.88
CA TYR G 94 -6.33 -18.24 -28.96
C TYR G 94 -6.27 -19.05 -30.24
N TYR G 95 -6.86 -18.52 -31.31
CA TYR G 95 -6.91 -19.22 -32.59
C TYR G 95 -6.11 -18.45 -33.63
N CYS G 96 -5.35 -19.18 -34.44
CA CYS G 96 -5.04 -18.56 -35.72
C CYS G 96 -6.12 -18.96 -36.70
N ALA G 97 -6.25 -18.11 -37.74
CA ALA G 97 -7.28 -18.34 -38.75
C ALA G 97 -6.80 -17.83 -40.11
N VAL G 98 -7.45 -18.31 -41.17
CA VAL G 98 -7.13 -17.92 -42.54
C VAL G 98 -8.41 -17.81 -43.35
N GLY G 99 -8.56 -16.73 -44.10
CA GLY G 99 -9.62 -16.59 -45.09
C GLY G 99 -9.05 -16.67 -46.49
N ARG G 100 -9.66 -17.53 -47.32
CA ARG G 100 -9.20 -17.77 -48.69
C ARG G 100 -10.13 -17.21 -49.76
N ILE G 101 -11.26 -16.62 -49.38
CA ILE G 101 -12.26 -16.14 -50.33
C ILE G 101 -11.90 -14.73 -50.73
N PRO G 102 -11.77 -14.42 -52.02
CA PRO G 102 -11.46 -13.04 -52.42
C PRO G 102 -12.51 -12.06 -51.92
N ASP G 103 -12.03 -10.90 -51.45
CA ASP G 103 -12.84 -9.78 -50.96
C ASP G 103 -13.53 -10.04 -49.62
N VAL G 104 -13.39 -11.24 -49.06
CA VAL G 104 -14.17 -11.65 -47.90
C VAL G 104 -13.23 -11.91 -46.73
N THR G 105 -13.19 -10.98 -45.77
CA THR G 105 -12.37 -11.15 -44.56
C THR G 105 -13.13 -11.95 -43.50
N ALA G 106 -13.49 -13.16 -43.88
CA ALA G 106 -14.03 -14.18 -43.00
C ALA G 106 -13.12 -15.40 -43.12
N PHE G 107 -13.12 -16.27 -42.13
CA PHE G 107 -12.09 -17.28 -42.03
C PHE G 107 -12.70 -18.67 -42.21
N ASP G 108 -12.17 -19.44 -43.16
CA ASP G 108 -12.63 -20.80 -43.37
C ASP G 108 -11.63 -21.85 -42.93
N ILE G 109 -10.43 -21.46 -42.55
CA ILE G 109 -9.43 -22.35 -41.95
C ILE G 109 -9.11 -21.82 -40.55
N TRP G 110 -9.06 -22.72 -39.58
CA TRP G 110 -8.80 -22.38 -38.19
C TRP G 110 -7.88 -23.40 -37.56
N GLY G 111 -6.95 -22.93 -36.73
CA GLY G 111 -6.19 -23.82 -35.87
C GLY G 111 -7.05 -24.42 -34.78
N GLN G 112 -6.53 -25.47 -34.11
CA GLN G 112 -7.32 -26.19 -33.13
C GLN G 112 -7.62 -25.38 -31.89
N GLY G 113 -6.86 -24.31 -31.65
CA GLY G 113 -7.07 -23.50 -30.46
C GLY G 113 -5.98 -23.74 -29.44
N THR G 114 -5.60 -22.67 -28.73
CA THR G 114 -4.56 -22.74 -27.71
C THR G 114 -5.12 -22.08 -26.46
N PRO G 115 -5.37 -22.82 -25.38
CA PRO G 115 -5.81 -22.17 -24.15
C PRO G 115 -4.65 -21.49 -23.45
N VAL G 116 -4.92 -20.28 -22.94
CA VAL G 116 -3.92 -19.52 -22.20
C VAL G 116 -4.59 -19.05 -20.91
N THR G 117 -4.00 -19.42 -19.77
CA THR G 117 -4.52 -19.06 -18.46
C THR G 117 -3.59 -18.05 -17.81
N VAL G 118 -4.14 -16.89 -17.46
CA VAL G 118 -3.39 -15.85 -16.77
C VAL G 118 -3.96 -15.74 -15.35
N SER G 119 -3.09 -15.89 -14.36
CA SER G 119 -3.53 -15.93 -12.97
C SER G 119 -2.34 -15.74 -12.05
N SER G 120 -2.58 -15.10 -10.90
CA SER G 120 -1.53 -14.96 -9.90
C SER G 120 -1.27 -16.26 -9.12
N ALA G 121 -2.15 -17.25 -9.25
CA ALA G 121 -2.00 -18.53 -8.59
C ALA G 121 -0.83 -19.32 -9.18
N SER G 122 -0.32 -20.26 -8.38
CA SER G 122 0.77 -21.13 -8.75
C SER G 122 0.27 -22.57 -8.84
N THR G 123 1.09 -23.41 -9.47
CA THR G 123 0.69 -24.79 -9.78
C THR G 123 0.44 -25.59 -8.51
N LYS G 124 -0.76 -26.14 -8.40
CA LYS G 124 -1.17 -26.89 -7.22
C LYS G 124 -1.96 -28.11 -7.62
N GLY G 125 -1.53 -29.28 -7.15
CA GLY G 125 -2.27 -30.50 -7.36
C GLY G 125 -3.56 -30.48 -6.55
N PRO G 126 -4.53 -31.30 -6.94
CA PRO G 126 -5.80 -31.34 -6.22
C PRO G 126 -5.78 -32.33 -5.07
N SER G 127 -6.60 -32.04 -4.06
CA SER G 127 -6.99 -33.04 -3.09
C SER G 127 -8.25 -33.73 -3.59
N VAL G 128 -8.25 -35.06 -3.60
CA VAL G 128 -9.38 -35.84 -4.11
C VAL G 128 -10.12 -36.46 -2.93
N PHE G 129 -11.40 -36.10 -2.77
CA PHE G 129 -12.23 -36.60 -1.70
C PHE G 129 -13.40 -37.42 -2.25
N PRO G 130 -13.77 -38.50 -1.56
CA PRO G 130 -14.87 -39.33 -2.06
C PRO G 130 -16.24 -38.73 -1.74
N LEU G 131 -17.17 -39.03 -2.63
CA LEU G 131 -18.59 -38.75 -2.45
C LEU G 131 -19.25 -40.12 -2.35
N ALA G 132 -19.22 -40.69 -1.15
CA ALA G 132 -19.62 -42.07 -0.96
C ALA G 132 -21.13 -42.22 -1.12
N PRO G 133 -21.58 -43.34 -1.70
CA PRO G 133 -23.03 -43.56 -1.84
C PRO G 133 -23.71 -43.50 -0.48
N SER G 134 -24.30 -42.34 -0.19
CA SER G 134 -24.77 -42.02 1.15
C SER G 134 -26.12 -42.70 1.40
N SER G 135 -26.69 -42.45 2.58
CA SER G 135 -27.94 -43.05 3.04
C SER G 135 -27.74 -44.57 3.09
N LYS G 136 -28.81 -45.34 2.96
CA LYS G 136 -28.71 -46.80 2.82
C LYS G 136 -29.81 -47.27 1.88
N SER G 137 -29.40 -47.95 0.81
CA SER G 137 -30.23 -48.73 -0.11
C SER G 137 -30.87 -47.91 -1.23
N THR G 138 -32.11 -47.44 -1.02
CA THR G 138 -32.97 -46.98 -2.12
C THR G 138 -32.92 -45.46 -2.25
N SER G 139 -31.96 -44.97 -3.03
CA SER G 139 -31.99 -43.60 -3.55
C SER G 139 -32.63 -43.55 -4.93
N GLY G 140 -33.33 -44.62 -5.32
CA GLY G 140 -33.90 -44.73 -6.65
C GLY G 140 -33.80 -46.14 -7.19
N GLY G 141 -33.36 -47.08 -6.35
CA GLY G 141 -32.86 -48.33 -6.84
C GLY G 141 -31.54 -48.23 -7.56
N THR G 142 -31.15 -47.03 -7.97
CA THR G 142 -29.81 -46.72 -8.45
C THR G 142 -29.16 -45.75 -7.47
N ALA G 143 -27.86 -45.96 -7.20
CA ALA G 143 -27.13 -45.10 -6.29
C ALA G 143 -26.21 -44.17 -7.06
N ALA G 144 -25.90 -43.03 -6.45
CA ALA G 144 -24.92 -42.09 -6.98
C ALA G 144 -23.70 -42.09 -6.08
N LEU G 145 -22.51 -42.08 -6.69
CA LEU G 145 -21.27 -41.89 -5.96
C LEU G 145 -20.34 -41.11 -6.86
N GLY G 146 -19.28 -40.54 -6.25
CA GLY G 146 -18.35 -39.80 -7.08
C GLY G 146 -17.14 -39.33 -6.31
N CYS G 147 -16.41 -38.39 -6.92
CA CYS G 147 -15.17 -37.88 -6.35
C CYS G 147 -15.03 -36.37 -6.50
N LEU G 148 -14.87 -35.69 -5.37
CA LEU G 148 -14.65 -34.25 -5.32
C LEU G 148 -13.16 -34.00 -5.55
N VAL G 149 -12.83 -33.29 -6.63
CA VAL G 149 -11.45 -32.96 -6.99
C VAL G 149 -11.27 -31.48 -6.69
N LYS G 150 -10.68 -31.15 -5.55
CA LYS G 150 -10.75 -29.80 -4.99
C LYS G 150 -9.40 -29.13 -4.96
N ASP G 151 -9.40 -27.82 -5.25
CA ASP G 151 -8.26 -26.93 -5.01
C ASP G 151 -7.05 -27.33 -5.86
N TYR G 152 -7.15 -27.06 -7.16
CA TYR G 152 -6.06 -27.36 -8.08
C TYR G 152 -5.89 -26.24 -9.09
N PHE G 153 -4.70 -26.20 -9.68
CA PHE G 153 -4.33 -25.20 -10.67
C PHE G 153 -3.10 -25.66 -11.45
N PRO G 154 -3.11 -25.46 -12.78
CA PRO G 154 -4.23 -24.96 -13.56
C PRO G 154 -5.10 -26.08 -14.11
N GLU G 155 -6.05 -25.73 -14.94
CA GLU G 155 -6.77 -26.70 -15.77
C GLU G 155 -5.78 -27.34 -16.73
N PRO G 156 -6.10 -28.53 -17.26
CA PRO G 156 -7.28 -29.36 -16.98
C PRO G 156 -6.94 -30.52 -16.06
N VAL G 157 -7.95 -31.26 -15.62
CA VAL G 157 -8.02 -32.43 -14.77
C VAL G 157 -8.67 -33.53 -15.59
N THR G 158 -8.24 -34.79 -15.55
CA THR G 158 -8.85 -35.94 -16.22
C THR G 158 -9.47 -36.84 -15.16
N VAL G 159 -10.71 -37.28 -15.34
CA VAL G 159 -11.36 -38.21 -14.41
C VAL G 159 -11.93 -39.37 -15.19
N SER G 160 -11.45 -40.57 -14.92
CA SER G 160 -12.07 -41.79 -15.39
C SER G 160 -12.49 -42.65 -14.20
N TRP G 161 -13.32 -43.65 -14.47
CA TRP G 161 -13.83 -44.56 -13.45
C TRP G 161 -13.44 -46.00 -13.79
N ASN G 162 -12.82 -46.68 -12.83
CA ASN G 162 -12.38 -48.07 -13.00
C ASN G 162 -11.48 -48.21 -14.22
N SER G 163 -10.52 -47.29 -14.33
CA SER G 163 -9.55 -47.28 -15.42
C SER G 163 -10.25 -47.17 -16.78
N GLY G 164 -11.36 -46.44 -16.82
CA GLY G 164 -12.13 -46.29 -18.04
C GLY G 164 -13.14 -47.39 -18.32
N ALA G 165 -13.26 -48.40 -17.44
CA ALA G 165 -14.21 -49.48 -17.72
C ALA G 165 -15.64 -49.03 -17.49
N LEU G 166 -15.85 -48.03 -16.64
CA LEU G 166 -17.18 -47.50 -16.37
C LEU G 166 -17.29 -46.14 -17.05
N THR G 167 -18.12 -46.07 -18.09
CA THR G 167 -18.41 -44.81 -18.76
C THR G 167 -19.88 -44.44 -18.74
N SER G 168 -20.78 -45.41 -18.73
CA SER G 168 -22.20 -45.13 -18.75
C SER G 168 -22.65 -44.63 -17.38
N GLY G 169 -23.34 -43.49 -17.36
CA GLY G 169 -23.74 -42.87 -16.12
C GLY G 169 -22.77 -41.86 -15.56
N VAL G 170 -21.57 -41.74 -16.14
CA VAL G 170 -20.58 -40.80 -15.61
C VAL G 170 -20.90 -39.39 -16.08
N HIS G 171 -20.82 -38.44 -15.16
CA HIS G 171 -20.95 -37.02 -15.46
C HIS G 171 -19.81 -36.29 -14.76
N THR G 172 -18.89 -35.73 -15.55
CA THR G 172 -17.79 -34.97 -14.96
C THR G 172 -18.06 -33.49 -15.21
N PHE G 173 -18.27 -32.77 -14.11
CA PHE G 173 -18.78 -31.40 -14.21
C PHE G 173 -17.69 -30.43 -14.61
N PRO G 174 -18.06 -29.35 -15.31
CA PRO G 174 -17.08 -28.31 -15.62
C PRO G 174 -16.49 -27.71 -14.35
N ALA G 175 -15.20 -27.40 -14.40
CA ALA G 175 -14.55 -26.82 -13.24
C ALA G 175 -15.11 -25.43 -12.94
N VAL G 176 -15.13 -25.07 -11.67
CA VAL G 176 -15.55 -23.75 -11.23
C VAL G 176 -14.38 -23.11 -10.48
N LEU G 177 -14.13 -21.83 -10.76
CA LEU G 177 -13.02 -21.10 -10.16
C LEU G 177 -13.48 -20.51 -8.84
N GLN G 178 -12.87 -20.97 -7.74
CA GLN G 178 -13.27 -20.46 -6.44
C GLN G 178 -12.48 -19.20 -6.09
N SER G 179 -12.95 -18.50 -5.05
CA SER G 179 -12.39 -17.23 -4.63
C SER G 179 -10.91 -17.28 -4.28
N SER G 180 -10.35 -18.47 -4.05
CA SER G 180 -8.92 -18.58 -3.80
C SER G 180 -8.10 -18.56 -5.08
N GLY G 181 -8.74 -18.56 -6.26
CA GLY G 181 -8.03 -18.72 -7.51
C GLY G 181 -7.72 -20.15 -7.87
N LEU G 182 -8.24 -21.12 -7.14
CA LEU G 182 -8.08 -22.53 -7.47
C LEU G 182 -9.36 -23.09 -8.04
N TYR G 183 -9.21 -24.11 -8.88
CA TYR G 183 -10.36 -24.74 -9.52
C TYR G 183 -10.84 -25.93 -8.70
N SER G 184 -12.07 -26.35 -8.99
CA SER G 184 -12.66 -27.46 -8.27
C SER G 184 -13.74 -28.06 -9.15
N LEU G 185 -13.81 -29.39 -9.18
CA LEU G 185 -14.89 -30.05 -9.91
C LEU G 185 -15.26 -31.34 -9.20
N SER G 186 -16.43 -31.85 -9.56
CA SER G 186 -16.86 -33.17 -9.12
C SER G 186 -17.12 -34.04 -10.33
N SER G 187 -16.89 -35.34 -10.16
CA SER G 187 -17.33 -36.35 -11.10
C SER G 187 -18.25 -37.30 -10.36
N VAL G 188 -19.40 -37.60 -10.95
CA VAL G 188 -20.38 -38.48 -10.31
C VAL G 188 -20.72 -39.60 -11.28
N VAL G 189 -21.24 -40.68 -10.74
CA VAL G 189 -21.67 -41.80 -11.55
C VAL G 189 -22.85 -42.47 -10.84
N THR G 190 -23.85 -42.84 -11.63
CA THR G 190 -24.97 -43.60 -11.11
C THR G 190 -24.73 -45.06 -11.41
N VAL G 191 -25.04 -45.92 -10.45
CA VAL G 191 -24.85 -47.36 -10.60
C VAL G 191 -26.01 -48.09 -9.93
N PRO G 192 -26.22 -49.36 -10.30
CA PRO G 192 -27.21 -50.19 -9.59
C PRO G 192 -26.91 -50.28 -8.10
N SER G 193 -27.94 -50.04 -7.28
CA SER G 193 -27.75 -50.01 -5.84
C SER G 193 -27.32 -51.37 -5.30
N SER G 194 -27.81 -52.45 -5.90
CA SER G 194 -27.42 -53.78 -5.45
C SER G 194 -25.92 -54.02 -5.59
N SER G 195 -25.28 -53.37 -6.58
CA SER G 195 -23.87 -53.61 -6.86
C SER G 195 -22.92 -52.87 -5.93
N LEU G 196 -23.44 -52.07 -4.99
CA LEU G 196 -22.55 -51.39 -4.06
C LEU G 196 -21.79 -52.36 -3.18
N GLY G 197 -22.25 -53.61 -3.06
CA GLY G 197 -21.60 -54.55 -2.19
C GLY G 197 -20.72 -55.52 -2.94
N THR G 198 -21.02 -55.70 -4.24
CA THR G 198 -20.29 -56.66 -5.06
C THR G 198 -19.14 -56.02 -5.85
N GLN G 199 -19.36 -54.87 -6.48
CA GLN G 199 -18.36 -54.28 -7.39
C GLN G 199 -17.55 -53.21 -6.68
N THR G 200 -16.30 -53.03 -7.11
CA THR G 200 -15.47 -51.96 -6.57
C THR G 200 -15.41 -50.80 -7.54
N TYR G 201 -15.63 -49.59 -7.01
CA TYR G 201 -15.71 -48.35 -7.77
C TYR G 201 -14.56 -47.43 -7.39
N ILE G 202 -13.68 -47.15 -8.33
CA ILE G 202 -12.48 -46.34 -8.12
C ILE G 202 -12.44 -45.23 -9.17
N CYS G 203 -12.29 -43.98 -8.73
CA CYS G 203 -12.11 -42.90 -9.67
C CYS G 203 -10.62 -42.61 -9.82
N ASN G 204 -10.17 -42.43 -11.06
CA ASN G 204 -8.77 -42.15 -11.38
C ASN G 204 -8.66 -40.69 -11.79
N VAL G 205 -8.04 -39.88 -10.93
CA VAL G 205 -7.84 -38.46 -11.18
C VAL G 205 -6.40 -38.23 -11.59
N ASN G 206 -6.20 -37.53 -12.69
CA ASN G 206 -4.84 -37.19 -13.13
C ASN G 206 -4.81 -35.70 -13.48
N HIS G 207 -3.87 -35.00 -12.86
CA HIS G 207 -3.62 -33.58 -13.09
C HIS G 207 -2.16 -33.42 -13.51
N LYS G 208 -1.92 -33.39 -14.82
CA LYS G 208 -0.55 -33.44 -15.34
C LYS G 208 0.31 -32.22 -15.01
N PRO G 209 -0.21 -31.00 -14.89
CA PRO G 209 0.68 -29.88 -14.53
C PRO G 209 1.41 -30.09 -13.21
N SER G 210 0.87 -30.93 -12.32
CA SER G 210 1.52 -31.18 -11.03
C SER G 210 1.97 -32.64 -10.84
N ASN G 211 1.93 -33.46 -11.88
CA ASN G 211 2.22 -34.90 -11.77
C ASN G 211 1.42 -35.55 -10.64
N THR G 212 0.12 -35.28 -10.62
CA THR G 212 -0.79 -35.91 -9.67
C THR G 212 -1.53 -37.06 -10.35
N LYS G 213 -1.34 -38.27 -9.82
CA LYS G 213 -2.07 -39.45 -10.27
C LYS G 213 -2.65 -40.13 -9.04
N VAL G 214 -3.96 -39.97 -8.83
CA VAL G 214 -4.63 -40.48 -7.64
C VAL G 214 -5.66 -41.54 -8.05
N ASP G 215 -5.68 -42.65 -7.31
CA ASP G 215 -6.72 -43.66 -7.44
C ASP G 215 -7.46 -43.71 -6.11
N LYS G 216 -8.65 -43.10 -6.09
CA LYS G 216 -9.47 -43.05 -4.88
C LYS G 216 -10.56 -44.09 -4.98
N ARG G 217 -10.56 -45.01 -4.06
CA ARG G 217 -11.60 -46.01 -3.95
C ARG G 217 -12.77 -45.44 -3.21
N VAL G 218 -13.94 -45.50 -3.79
CA VAL G 218 -15.15 -44.83 -3.25
C VAL G 218 -16.04 -45.91 -2.62
N GLY G 219 -15.90 -46.12 -1.30
CA GLY G 219 -16.63 -47.15 -0.59
C GLY G 219 -17.80 -46.58 0.21
N SER G 220 -18.78 -47.42 0.49
CA SER G 220 -19.95 -46.97 1.24
C SER G 220 -19.65 -46.83 2.73
N ASP H 1 -15.61 0.93 -33.80
CA ASP H 1 -15.89 -0.35 -34.44
C ASP H 1 -17.35 -0.45 -34.86
N ILE H 2 -17.69 -1.53 -35.55
CA ILE H 2 -19.07 -1.92 -35.76
C ILE H 2 -19.43 -2.98 -34.72
N GLN H 3 -20.51 -2.74 -33.98
CA GLN H 3 -20.89 -3.64 -32.90
C GLN H 3 -21.96 -4.60 -33.38
N MET H 4 -21.74 -5.90 -33.17
CA MET H 4 -22.67 -6.95 -33.60
C MET H 4 -23.37 -7.54 -32.40
N THR H 5 -24.70 -7.53 -32.40
CA THR H 5 -25.48 -8.11 -31.31
C THR H 5 -26.36 -9.23 -31.85
N GLN H 6 -26.38 -10.36 -31.16
CA GLN H 6 -27.19 -11.50 -31.55
C GLN H 6 -28.37 -11.64 -30.60
N SER H 7 -29.47 -12.18 -31.11
CA SER H 7 -30.60 -12.59 -30.27
C SER H 7 -31.21 -13.87 -30.80
N PRO H 8 -31.61 -14.76 -29.89
CA PRO H 8 -31.37 -14.57 -28.45
C PRO H 8 -29.97 -15.03 -28.08
N ASP H 9 -29.64 -15.05 -26.79
CA ASP H 9 -28.35 -15.59 -26.38
C ASP H 9 -28.35 -17.11 -26.45
N SER H 10 -29.48 -17.71 -26.14
CA SER H 10 -29.63 -19.16 -26.11
C SER H 10 -30.99 -19.49 -26.72
N LEU H 11 -31.10 -20.69 -27.28
CA LEU H 11 -32.28 -21.05 -28.06
C LEU H 11 -32.43 -22.56 -28.01
N ALA H 12 -33.62 -23.06 -27.65
CA ALA H 12 -33.90 -24.49 -27.67
C ALA H 12 -35.01 -24.78 -28.67
N VAL H 13 -34.79 -25.79 -29.52
CA VAL H 13 -35.69 -26.10 -30.64
C VAL H 13 -35.83 -27.62 -30.72
N SER H 14 -37.05 -28.08 -31.00
CA SER H 14 -37.31 -29.50 -31.22
C SER H 14 -36.59 -29.99 -32.47
N LEU H 15 -36.32 -31.29 -32.51
CA LEU H 15 -35.76 -31.88 -33.73
C LEU H 15 -36.78 -31.78 -34.87
N GLY H 16 -36.28 -31.59 -36.09
CA GLY H 16 -37.13 -31.44 -37.26
C GLY H 16 -37.84 -30.11 -37.36
N GLU H 17 -37.73 -29.27 -36.33
CA GLU H 17 -38.35 -27.96 -36.30
C GLU H 17 -37.33 -26.92 -36.80
N ARG H 18 -37.66 -25.66 -36.61
CA ARG H 18 -36.94 -24.59 -37.30
C ARG H 18 -36.38 -23.60 -36.28
N ALA H 19 -35.10 -23.23 -36.45
CA ALA H 19 -34.40 -22.34 -35.53
C ALA H 19 -34.07 -21.01 -36.20
N THR H 20 -34.20 -19.91 -35.44
CA THR H 20 -33.96 -18.57 -35.96
C THR H 20 -33.01 -17.81 -35.04
N ILE H 21 -31.86 -17.40 -35.59
CA ILE H 21 -30.85 -16.62 -34.88
C ILE H 21 -30.72 -15.28 -35.59
N ASN H 22 -30.93 -14.19 -34.85
CA ASN H 22 -30.85 -12.86 -35.46
C ASN H 22 -29.55 -12.17 -35.06
N CYS H 23 -29.13 -11.26 -35.94
CA CYS H 23 -27.88 -10.55 -35.80
C CYS H 23 -28.15 -9.13 -36.27
N LYS H 24 -27.83 -8.13 -35.44
CA LYS H 24 -28.05 -6.74 -35.80
C LYS H 24 -26.73 -5.99 -35.86
N SER H 25 -26.56 -5.20 -36.90
CA SER H 25 -25.39 -4.37 -37.12
C SER H 25 -25.67 -2.96 -36.60
N SER H 26 -24.63 -2.32 -36.06
CA SER H 26 -24.78 -0.97 -35.58
C SER H 26 -24.60 0.09 -36.66
N GLU H 27 -24.25 -0.31 -37.90
CA GLU H 27 -23.91 0.71 -38.90
C GLU H 27 -24.58 0.52 -40.27
N SER H 28 -24.62 -0.73 -40.75
CA SER H 28 -25.16 -1.16 -42.06
C SER H 28 -24.06 -1.80 -42.89
N LEU H 29 -24.22 -3.08 -43.21
CA LEU H 29 -23.22 -3.86 -43.91
C LEU H 29 -23.45 -3.88 -45.41
N LEU H 30 -24.41 -3.10 -45.90
CA LEU H 30 -24.80 -3.10 -47.31
C LEU H 30 -24.09 -1.99 -48.05
N TYR H 31 -23.22 -2.37 -48.98
CA TYR H 31 -22.53 -1.44 -49.86
C TYR H 31 -23.43 -1.14 -51.04
N ASP H 32 -23.87 0.11 -51.17
CA ASP H 32 -24.84 0.51 -52.19
C ASP H 32 -24.29 0.43 -53.60
N SER H 33 -22.96 0.40 -53.75
CA SER H 33 -22.31 0.39 -55.05
C SER H 33 -22.00 -1.03 -55.54
N ASN H 34 -22.52 -2.03 -54.85
CA ASN H 34 -22.31 -3.42 -55.21
C ASN H 34 -23.51 -4.25 -54.79
N ASN H 35 -24.33 -3.68 -53.91
CA ASN H 35 -25.55 -4.35 -53.46
C ASN H 35 -25.23 -5.60 -52.66
N LYS H 36 -24.10 -5.62 -51.95
CA LYS H 36 -23.67 -6.77 -51.18
C LYS H 36 -23.68 -6.46 -49.69
N ASN H 37 -24.11 -7.43 -48.89
CA ASN H 37 -24.05 -7.34 -47.44
C ASN H 37 -22.80 -8.07 -46.94
N TYR H 38 -21.98 -7.38 -46.16
CA TYR H 38 -20.68 -7.88 -45.73
C TYR H 38 -20.81 -8.57 -44.37
N LEU H 39 -21.51 -9.72 -44.38
CA LEU H 39 -21.87 -10.44 -43.17
C LEU H 39 -21.54 -11.91 -43.37
N ALA H 40 -21.03 -12.56 -42.33
CA ALA H 40 -20.71 -13.98 -42.38
C ALA H 40 -21.25 -14.66 -41.13
N TRP H 41 -21.55 -15.95 -41.24
CA TRP H 41 -22.05 -16.74 -40.14
C TRP H 41 -21.11 -17.91 -39.86
N TYR H 42 -20.95 -18.24 -38.59
CA TYR H 42 -20.10 -19.35 -38.17
C TYR H 42 -20.88 -20.30 -37.28
N GLN H 43 -20.50 -21.57 -37.31
CA GLN H 43 -20.99 -22.59 -36.39
C GLN H 43 -19.81 -23.16 -35.62
N GLN H 44 -19.91 -23.17 -34.29
CA GLN H 44 -18.84 -23.65 -33.43
C GLN H 44 -19.38 -24.75 -32.53
N LYS H 45 -18.98 -25.99 -32.81
CA LYS H 45 -19.36 -27.12 -31.97
C LYS H 45 -18.45 -27.18 -30.73
N PRO H 46 -18.88 -27.85 -29.67
CA PRO H 46 -18.13 -27.78 -28.39
C PRO H 46 -16.70 -28.31 -28.51
N GLY H 47 -15.77 -27.54 -27.97
CA GLY H 47 -14.37 -27.93 -28.04
C GLY H 47 -13.74 -27.91 -29.41
N GLN H 48 -14.26 -27.10 -30.33
CA GLN H 48 -13.71 -27.02 -31.67
C GLN H 48 -13.63 -25.55 -32.09
N PRO H 49 -12.82 -25.24 -33.10
CA PRO H 49 -12.86 -23.90 -33.67
C PRO H 49 -14.16 -23.65 -34.41
N PRO H 50 -14.49 -22.39 -34.68
CA PRO H 50 -15.64 -22.10 -35.53
C PRO H 50 -15.44 -22.66 -36.93
N LYS H 51 -16.55 -22.91 -37.62
CA LYS H 51 -16.53 -23.36 -39.00
C LYS H 51 -17.27 -22.35 -39.86
N LEU H 52 -16.65 -21.90 -40.94
CA LEU H 52 -17.30 -20.92 -41.82
C LEU H 52 -18.53 -21.56 -42.46
N LEU H 53 -19.68 -20.92 -42.28
CA LEU H 53 -20.98 -21.46 -42.68
C LEU H 53 -21.63 -20.71 -43.83
N ILE H 54 -21.66 -19.38 -43.77
CA ILE H 54 -22.32 -18.55 -44.76
C ILE H 54 -21.51 -17.26 -44.89
N TYR H 55 -21.42 -16.73 -46.11
CA TYR H 55 -20.82 -15.42 -46.32
C TYR H 55 -21.63 -14.70 -47.39
N TRP H 56 -21.31 -13.40 -47.58
CA TRP H 56 -22.17 -12.50 -48.35
C TRP H 56 -23.62 -12.58 -47.87
N ALA H 57 -23.79 -12.84 -46.57
CA ALA H 57 -25.05 -12.84 -45.84
C ALA H 57 -25.82 -14.13 -46.14
N SER H 58 -25.99 -14.47 -47.41
CA SER H 58 -26.78 -15.64 -47.77
C SER H 58 -26.13 -16.71 -48.64
N THR H 59 -24.87 -16.57 -49.04
CA THR H 59 -24.18 -17.59 -49.82
C THR H 59 -23.56 -18.64 -48.89
N ARG H 60 -23.84 -19.90 -49.14
CA ARG H 60 -23.30 -20.95 -48.31
C ARG H 60 -21.92 -21.37 -48.70
N GLU H 61 -21.11 -21.72 -47.71
CA GLU H 61 -19.78 -22.26 -47.96
C GLU H 61 -19.92 -23.70 -48.45
N SER H 62 -18.93 -24.17 -49.19
CA SER H 62 -18.96 -25.51 -49.75
C SER H 62 -19.21 -26.55 -48.67
N GLY H 63 -20.13 -27.47 -48.93
CA GLY H 63 -20.44 -28.55 -48.02
C GLY H 63 -21.56 -28.28 -47.04
N VAL H 64 -21.99 -27.04 -46.90
CA VAL H 64 -23.03 -26.71 -45.91
C VAL H 64 -24.39 -27.10 -46.48
N PRO H 65 -25.16 -27.92 -45.78
CA PRO H 65 -26.42 -28.43 -46.33
C PRO H 65 -27.48 -27.36 -46.52
N ASP H 66 -28.43 -27.68 -47.41
CA ASP H 66 -29.46 -26.75 -47.87
C ASP H 66 -30.29 -26.18 -46.73
N ARG H 67 -30.44 -26.93 -45.62
CA ARG H 67 -31.23 -26.48 -44.49
C ARG H 67 -30.68 -25.23 -43.82
N PHE H 68 -29.42 -24.87 -44.01
CA PHE H 68 -28.88 -23.62 -43.48
C PHE H 68 -29.08 -22.53 -44.53
N SER H 69 -29.69 -21.42 -44.12
CA SER H 69 -29.82 -20.28 -45.00
C SER H 69 -29.63 -18.98 -44.23
N GLY H 70 -29.11 -17.98 -44.91
CA GLY H 70 -28.91 -16.67 -44.34
C GLY H 70 -29.76 -15.67 -45.09
N SER H 71 -30.17 -14.60 -44.40
CA SER H 71 -31.04 -13.61 -44.99
C SER H 71 -30.95 -12.33 -44.18
N GLY H 72 -31.66 -11.32 -44.65
CA GLY H 72 -31.60 -9.99 -44.07
C GLY H 72 -30.80 -9.06 -44.97
N SER H 73 -30.68 -7.82 -44.51
CA SER H 73 -30.05 -6.77 -45.30
C SER H 73 -29.70 -5.60 -44.40
N GLU H 74 -28.65 -4.86 -44.78
CA GLU H 74 -28.27 -3.62 -44.12
C GLU H 74 -27.93 -4.00 -42.69
N THR H 75 -28.73 -3.51 -41.73
CA THR H 75 -28.47 -3.76 -40.32
C THR H 75 -29.10 -4.96 -39.65
N ASP H 76 -29.99 -5.69 -40.32
CA ASP H 76 -30.75 -6.77 -39.69
C ASP H 76 -30.58 -8.05 -40.49
N PHE H 77 -30.13 -9.11 -39.83
CA PHE H 77 -29.78 -10.34 -40.51
C PHE H 77 -30.32 -11.51 -39.71
N THR H 78 -30.48 -12.65 -40.39
CA THR H 78 -31.06 -13.81 -39.74
C THR H 78 -30.42 -15.09 -40.27
N LEU H 79 -30.08 -15.99 -39.35
CA LEU H 79 -29.65 -17.34 -39.70
C LEU H 79 -30.80 -18.31 -39.42
N THR H 80 -31.14 -19.13 -40.40
CA THR H 80 -32.29 -20.03 -40.30
C THR H 80 -31.83 -21.46 -40.55
N ILE H 81 -32.14 -22.35 -39.62
CA ILE H 81 -31.94 -23.79 -39.76
C ILE H 81 -33.34 -24.39 -39.85
N SER H 82 -33.69 -24.98 -41.00
CA SER H 82 -35.10 -25.24 -41.27
C SER H 82 -35.56 -26.56 -40.67
N SER H 83 -34.71 -27.59 -40.69
CA SER H 83 -35.09 -28.92 -40.17
C SER H 83 -33.99 -29.39 -39.23
N LEU H 84 -34.10 -29.03 -37.95
CA LEU H 84 -33.03 -29.23 -36.99
C LEU H 84 -32.65 -30.70 -36.86
N GLN H 85 -31.38 -31.01 -37.12
CA GLN H 85 -30.90 -32.34 -36.77
C GLN H 85 -30.01 -32.26 -35.53
N ALA H 86 -29.56 -33.42 -35.07
CA ALA H 86 -28.78 -33.48 -33.85
C ALA H 86 -27.43 -32.76 -34.01
N GLU H 87 -26.75 -32.99 -35.13
CA GLU H 87 -25.43 -32.43 -35.34
C GLU H 87 -25.45 -30.90 -35.49
N ASP H 88 -26.62 -30.28 -35.54
CA ASP H 88 -26.71 -28.82 -35.63
C ASP H 88 -26.60 -28.14 -34.29
N VAL H 89 -26.59 -28.92 -33.21
CA VAL H 89 -26.41 -28.34 -31.89
C VAL H 89 -25.00 -27.78 -31.81
N ALA H 90 -24.90 -26.48 -31.56
CA ALA H 90 -23.63 -25.76 -31.56
C ALA H 90 -23.92 -24.32 -31.16
N VAL H 91 -22.88 -23.51 -31.20
CA VAL H 91 -22.95 -22.08 -31.00
C VAL H 91 -22.79 -21.42 -32.35
N TYR H 92 -23.59 -20.39 -32.62
CA TYR H 92 -23.57 -19.73 -33.91
C TYR H 92 -23.18 -18.27 -33.74
N HIS H 93 -22.17 -17.85 -34.49
CA HIS H 93 -21.64 -16.50 -34.42
C HIS H 93 -21.88 -15.80 -35.75
N CYS H 94 -22.14 -14.50 -35.67
CA CYS H 94 -22.21 -13.65 -36.85
C CYS H 94 -21.00 -12.72 -36.84
N GLN H 95 -20.57 -12.27 -38.01
CA GLN H 95 -19.37 -11.46 -38.10
C GLN H 95 -19.48 -10.49 -39.25
N GLN H 96 -19.24 -9.22 -38.95
CA GLN H 96 -19.21 -8.19 -39.98
C GLN H 96 -17.82 -8.11 -40.59
N TYR H 97 -17.74 -8.04 -41.92
CA TYR H 97 -16.47 -7.74 -42.56
C TYR H 97 -16.60 -6.55 -43.49
N PHE H 98 -17.38 -5.54 -43.08
CA PHE H 98 -17.47 -4.32 -43.86
C PHE H 98 -16.31 -3.38 -43.55
N SER H 99 -16.04 -3.16 -42.27
CA SER H 99 -14.99 -2.28 -41.77
C SER H 99 -14.00 -3.06 -40.91
N THR H 100 -12.78 -2.54 -40.80
CA THR H 100 -11.85 -3.04 -39.79
C THR H 100 -11.98 -2.13 -38.57
N PRO H 101 -11.81 -2.66 -37.34
CA PRO H 101 -11.54 -4.04 -36.93
C PRO H 101 -12.70 -4.96 -37.22
N TRP H 102 -12.40 -6.13 -37.76
CA TRP H 102 -13.42 -7.13 -38.01
C TRP H 102 -13.98 -7.61 -36.69
N THR H 103 -15.28 -7.43 -36.48
CA THR H 103 -15.89 -7.74 -35.21
C THR H 103 -16.95 -8.82 -35.36
N PHE H 104 -17.13 -9.60 -34.29
CA PHE H 104 -18.06 -10.71 -34.21
C PHE H 104 -19.20 -10.37 -33.25
N GLY H 105 -20.26 -11.16 -33.32
CA GLY H 105 -21.31 -11.08 -32.33
C GLY H 105 -20.97 -11.94 -31.13
N GLN H 106 -21.88 -11.93 -30.13
CA GLN H 106 -21.63 -12.61 -28.86
C GLN H 106 -21.71 -14.12 -28.95
N GLY H 107 -22.25 -14.67 -30.03
CA GLY H 107 -22.57 -16.09 -30.16
C GLY H 107 -23.93 -16.40 -29.59
N THR H 108 -24.58 -17.41 -30.20
CA THR H 108 -25.89 -17.89 -29.75
C THR H 108 -25.84 -19.41 -29.67
N LYS H 109 -26.15 -19.96 -28.50
CA LYS H 109 -26.07 -21.40 -28.29
C LYS H 109 -27.41 -22.03 -28.65
N LEU H 110 -27.37 -23.07 -29.47
CA LEU H 110 -28.56 -23.71 -29.98
C LEU H 110 -28.65 -25.13 -29.43
N GLU H 111 -29.72 -25.43 -28.69
CA GLU H 111 -29.88 -26.70 -27.99
C GLU H 111 -31.15 -27.41 -28.44
N ILE H 112 -31.15 -28.74 -28.29
CA ILE H 112 -32.32 -29.56 -28.55
C ILE H 112 -33.37 -29.34 -27.48
N LYS H 113 -34.62 -29.14 -27.90
CA LYS H 113 -35.73 -29.07 -26.97
C LYS H 113 -36.35 -30.45 -26.80
N ARG H 114 -36.56 -30.88 -25.57
CA ARG H 114 -37.24 -32.15 -25.32
C ARG H 114 -38.32 -31.95 -24.26
N THR H 115 -38.98 -33.05 -23.89
CA THR H 115 -40.06 -32.93 -22.90
C THR H 115 -39.45 -32.73 -21.52
N VAL H 116 -40.17 -31.96 -20.69
CA VAL H 116 -39.70 -31.63 -19.35
C VAL H 116 -39.48 -32.91 -18.54
N ALA H 117 -38.43 -32.90 -17.72
CA ALA H 117 -38.10 -34.03 -16.87
C ALA H 117 -37.43 -33.50 -15.61
N ALA H 118 -37.96 -33.88 -14.48
CA ALA H 118 -37.47 -33.42 -13.20
C ALA H 118 -36.18 -34.15 -12.85
N PRO H 119 -35.30 -33.51 -12.07
CA PRO H 119 -34.06 -34.17 -11.65
C PRO H 119 -34.25 -35.17 -10.53
N SER H 120 -33.53 -36.28 -10.62
CA SER H 120 -33.23 -37.11 -9.46
C SER H 120 -32.18 -36.40 -8.62
N VAL H 121 -32.40 -36.31 -7.31
CA VAL H 121 -31.56 -35.52 -6.42
C VAL H 121 -30.82 -36.43 -5.45
N PHE H 122 -29.53 -36.14 -5.25
CA PHE H 122 -28.71 -36.87 -4.30
C PHE H 122 -27.86 -35.88 -3.50
N ILE H 123 -27.59 -36.22 -2.25
CA ILE H 123 -26.84 -35.34 -1.36
C ILE H 123 -25.71 -36.14 -0.75
N PHE H 124 -24.55 -35.50 -0.60
CA PHE H 124 -23.34 -36.17 -0.14
C PHE H 124 -22.77 -35.37 1.03
N PRO H 125 -22.68 -35.96 2.21
CA PRO H 125 -21.99 -35.30 3.32
C PRO H 125 -20.49 -35.24 3.06
N PRO H 126 -19.79 -34.32 3.74
CA PRO H 126 -18.32 -34.29 3.63
C PRO H 126 -17.72 -35.62 4.08
N SER H 127 -16.64 -36.01 3.42
CA SER H 127 -15.85 -37.13 3.87
C SER H 127 -15.01 -36.73 5.08
N ASP H 128 -14.55 -37.74 5.81
CA ASP H 128 -13.67 -37.47 6.94
C ASP H 128 -12.26 -37.08 6.49
N GLU H 129 -11.83 -37.57 5.32
CA GLU H 129 -10.57 -37.10 4.74
C GLU H 129 -10.57 -35.59 4.58
N GLN H 130 -11.69 -35.02 4.14
CA GLN H 130 -11.72 -33.58 3.87
C GLN H 130 -11.81 -32.76 5.14
N LEU H 131 -12.40 -33.34 6.19
CA LEU H 131 -12.52 -32.63 7.46
C LEU H 131 -11.16 -32.40 8.11
N LYS H 132 -10.22 -33.34 7.92
CA LYS H 132 -8.89 -33.19 8.50
C LYS H 132 -8.19 -31.95 7.99
N SER H 133 -8.58 -31.48 6.79
CA SER H 133 -7.97 -30.29 6.19
C SER H 133 -8.53 -29.00 6.77
N GLY H 134 -9.61 -29.09 7.55
CA GLY H 134 -10.25 -27.93 8.13
C GLY H 134 -11.40 -27.35 7.34
N THR H 135 -11.79 -28.01 6.26
CA THR H 135 -12.84 -27.53 5.38
C THR H 135 -13.82 -28.66 5.12
N ALA H 136 -15.09 -28.31 4.94
CA ALA H 136 -16.13 -29.30 4.66
C ALA H 136 -16.93 -28.86 3.45
N SER H 137 -17.06 -29.75 2.46
CA SER H 137 -17.84 -29.49 1.26
C SER H 137 -19.04 -30.43 1.23
N VAL H 138 -20.23 -29.87 1.22
CA VAL H 138 -21.46 -30.64 1.02
C VAL H 138 -21.87 -30.51 -0.45
N VAL H 139 -22.10 -31.64 -1.11
CA VAL H 139 -22.39 -31.67 -2.53
C VAL H 139 -23.81 -32.16 -2.75
N CYS H 140 -24.58 -31.38 -3.50
CA CYS H 140 -25.92 -31.76 -3.92
C CYS H 140 -25.92 -32.00 -5.43
N LEU H 141 -26.50 -33.11 -5.85
CA LEU H 141 -26.46 -33.52 -7.25
C LEU H 141 -27.88 -33.57 -7.83
N LEU H 142 -28.08 -32.89 -8.96
CA LEU H 142 -29.33 -32.93 -9.71
C LEU H 142 -29.05 -33.66 -11.03
N ASN H 143 -29.62 -34.85 -11.19
CA ASN H 143 -29.25 -35.74 -12.29
C ASN H 143 -30.35 -35.86 -13.33
N ASN H 144 -29.98 -35.62 -14.59
CA ASN H 144 -30.79 -35.89 -15.78
C ASN H 144 -32.14 -35.21 -16.01
N PHE H 145 -32.13 -33.89 -15.83
CA PHE H 145 -33.33 -33.08 -16.00
C PHE H 145 -33.36 -32.19 -17.25
N TYR H 146 -34.53 -31.60 -17.50
CA TYR H 146 -34.74 -30.67 -18.61
C TYR H 146 -35.98 -29.81 -18.28
N PRO H 147 -35.90 -28.49 -18.51
CA PRO H 147 -34.79 -27.70 -19.08
C PRO H 147 -33.68 -27.38 -18.08
N ARG H 148 -32.71 -26.57 -18.51
CA ARG H 148 -31.52 -26.32 -17.70
C ARG H 148 -31.86 -25.58 -16.41
N GLU H 149 -32.84 -24.68 -16.47
CA GLU H 149 -33.17 -23.85 -15.32
C GLU H 149 -33.54 -24.69 -14.11
N ALA H 150 -32.83 -24.48 -13.00
CA ALA H 150 -33.15 -25.12 -11.74
C ALA H 150 -32.73 -24.19 -10.62
N LYS H 151 -33.27 -24.42 -9.43
CA LYS H 151 -32.91 -23.64 -8.26
C LYS H 151 -32.53 -24.59 -7.13
N VAL H 152 -31.37 -24.36 -6.52
CA VAL H 152 -30.88 -25.13 -5.40
C VAL H 152 -30.70 -24.20 -4.21
N GLN H 153 -31.48 -24.42 -3.16
CA GLN H 153 -31.38 -23.65 -1.92
C GLN H 153 -30.78 -24.53 -0.82
N TRP H 154 -29.71 -24.05 -0.19
CA TRP H 154 -29.10 -24.78 0.92
C TRP H 154 -29.70 -24.31 2.25
N LYS H 155 -29.93 -25.27 3.13
CA LYS H 155 -30.51 -25.00 4.45
C LYS H 155 -29.67 -25.72 5.48
N VAL H 156 -28.97 -24.95 6.32
CA VAL H 156 -28.25 -25.49 7.46
C VAL H 156 -29.12 -25.24 8.69
N ASP H 157 -29.62 -26.32 9.29
CA ASP H 157 -30.59 -26.23 10.38
C ASP H 157 -31.77 -25.34 10.01
N ASN H 158 -32.28 -25.52 8.79
CA ASN H 158 -33.42 -24.80 8.24
C ASN H 158 -33.18 -23.31 8.09
N ALA H 159 -31.93 -22.87 8.16
CA ALA H 159 -31.54 -21.51 7.84
C ALA H 159 -31.11 -21.46 6.37
N LEU H 160 -31.68 -20.53 5.61
CA LEU H 160 -31.30 -20.36 4.21
C LEU H 160 -29.87 -19.85 4.13
N GLN H 161 -29.07 -20.52 3.31
CA GLN H 161 -27.69 -20.11 3.06
C GLN H 161 -27.61 -19.12 1.91
N SER H 162 -26.53 -18.34 1.89
CA SER H 162 -26.32 -17.32 0.87
C SER H 162 -24.83 -16.99 0.83
N GLY H 163 -24.21 -17.18 -0.32
CA GLY H 163 -22.84 -16.76 -0.54
C GLY H 163 -21.80 -17.84 -0.42
N ASN H 164 -22.16 -19.04 0.04
CA ASN H 164 -21.18 -20.08 0.33
C ASN H 164 -21.35 -21.32 -0.55
N SER H 165 -21.95 -21.16 -1.73
CA SER H 165 -22.18 -22.28 -2.62
C SER H 165 -21.87 -21.88 -4.06
N GLN H 166 -21.48 -22.89 -4.84
CA GLN H 166 -21.14 -22.73 -6.25
C GLN H 166 -21.71 -23.92 -7.02
N GLU H 167 -22.02 -23.70 -8.29
CA GLU H 167 -22.62 -24.74 -9.10
C GLU H 167 -21.94 -24.86 -10.46
N SER H 168 -22.17 -26.00 -11.08
CA SER H 168 -21.58 -26.37 -12.35
C SER H 168 -22.61 -27.22 -13.09
N VAL H 169 -22.88 -26.87 -14.36
CA VAL H 169 -23.86 -27.57 -15.17
C VAL H 169 -23.14 -28.23 -16.33
N THR H 170 -23.46 -29.51 -16.57
CA THR H 170 -22.95 -30.18 -17.75
C THR H 170 -23.61 -29.64 -19.00
N GLU H 171 -22.99 -29.90 -20.14
CA GLU H 171 -23.65 -29.50 -21.36
C GLU H 171 -24.72 -30.53 -21.71
N GLN H 172 -25.53 -30.18 -22.72
CA GLN H 172 -26.69 -31.00 -23.01
C GLN H 172 -26.25 -32.37 -23.48
N ASP H 173 -26.68 -33.39 -22.74
CA ASP H 173 -26.27 -34.77 -23.00
C ASP H 173 -26.70 -35.18 -24.40
N SER H 174 -25.91 -36.06 -25.03
CA SER H 174 -26.14 -36.38 -26.42
C SER H 174 -27.00 -37.62 -26.63
N LYS H 175 -27.30 -38.37 -25.57
CA LYS H 175 -28.20 -39.50 -25.70
C LYS H 175 -29.63 -39.13 -25.34
N ASP H 176 -29.84 -38.31 -24.31
CA ASP H 176 -31.17 -38.00 -23.83
C ASP H 176 -31.42 -36.51 -23.70
N SER H 177 -30.47 -35.68 -24.12
CA SER H 177 -30.69 -34.24 -24.24
C SER H 177 -31.00 -33.58 -22.90
N THR H 178 -30.57 -34.21 -21.82
CA THR H 178 -30.80 -33.71 -20.48
C THR H 178 -29.56 -33.00 -19.93
N TYR H 179 -29.73 -32.37 -18.77
CA TYR H 179 -28.64 -31.73 -18.05
C TYR H 179 -28.43 -32.43 -16.72
N SER H 180 -27.24 -32.22 -16.15
CA SER H 180 -26.99 -32.54 -14.75
C SER H 180 -26.27 -31.35 -14.11
N LEU H 181 -26.44 -31.22 -12.80
CA LEU H 181 -25.98 -30.04 -12.08
C LEU H 181 -25.48 -30.46 -10.72
N SER H 182 -24.37 -29.87 -10.29
CA SER H 182 -23.80 -30.11 -8.97
C SER H 182 -23.75 -28.81 -8.19
N SER H 183 -24.18 -28.84 -6.94
CA SER H 183 -24.08 -27.69 -6.06
C SER H 183 -23.21 -28.06 -4.87
N THR H 184 -22.11 -27.33 -4.69
CA THR H 184 -21.18 -27.58 -3.61
C THR H 184 -21.30 -26.44 -2.59
N LEU H 185 -21.67 -26.80 -1.37
CA LEU H 185 -21.70 -25.88 -0.24
C LEU H 185 -20.39 -26.01 0.52
N THR H 186 -19.69 -24.89 0.72
CA THR H 186 -18.37 -24.91 1.35
C THR H 186 -18.42 -24.23 2.71
N LEU H 187 -18.01 -24.96 3.75
CA LEU H 187 -18.00 -24.46 5.12
C LEU H 187 -16.66 -24.78 5.77
N SER H 188 -16.30 -24.00 6.77
CA SER H 188 -15.23 -24.31 7.71
C SER H 188 -15.59 -25.58 8.50
N LYS H 189 -14.58 -26.31 9.00
CA LYS H 189 -14.88 -27.43 9.88
C LYS H 189 -15.52 -26.95 11.18
N ALA H 190 -15.08 -25.81 11.68
CA ALA H 190 -15.57 -25.27 12.94
C ALA H 190 -16.97 -24.69 12.85
N ASP H 191 -17.67 -24.96 11.75
CA ASP H 191 -19.09 -24.64 11.59
C ASP H 191 -19.91 -25.82 11.09
N TYR H 192 -19.27 -26.80 10.46
CA TYR H 192 -19.91 -28.07 10.18
C TYR H 192 -20.19 -28.85 11.46
N GLU H 193 -19.33 -28.72 12.49
CA GLU H 193 -19.54 -29.41 13.77
C GLU H 193 -20.36 -28.58 14.76
N LYS H 194 -21.28 -27.75 14.28
CA LYS H 194 -22.16 -26.97 15.15
C LYS H 194 -23.61 -27.30 14.82
N HIS H 195 -23.86 -27.70 13.58
CA HIS H 195 -25.19 -27.98 13.10
C HIS H 195 -25.29 -29.45 12.71
N LYS H 196 -26.52 -29.97 12.76
CA LYS H 196 -26.72 -31.39 12.47
C LYS H 196 -27.43 -31.64 11.14
N VAL H 197 -28.42 -30.85 10.73
CA VAL H 197 -29.17 -31.11 9.50
C VAL H 197 -28.65 -30.22 8.37
N TYR H 198 -28.31 -30.85 7.25
CA TYR H 198 -27.92 -30.13 6.03
C TYR H 198 -28.88 -30.51 4.92
N ALA H 199 -29.41 -29.51 4.22
CA ALA H 199 -30.41 -29.78 3.22
C ALA H 199 -30.21 -28.90 2.00
N CYS H 200 -30.31 -29.61 0.77
CA CYS H 200 -30.51 -28.82 -0.43
C CYS H 200 -31.94 -29.03 -0.90
N GLU H 201 -32.65 -27.83 -1.19
CA GLU H 201 -34.02 -27.90 -1.65
C GLU H 201 -34.06 -27.44 -3.10
N VAL H 202 -34.54 -28.34 -3.94
CA VAL H 202 -34.53 -28.22 -5.40
C VAL H 202 -35.89 -27.70 -5.87
N THR H 203 -35.89 -26.71 -6.75
CA THR H 203 -37.10 -26.34 -7.48
C THR H 203 -36.83 -26.42 -8.99
N HIS H 204 -37.83 -26.86 -9.74
CA HIS H 204 -37.67 -27.14 -11.16
C HIS H 204 -39.05 -27.16 -11.80
N GLN H 205 -39.07 -26.96 -13.11
CA GLN H 205 -40.35 -26.92 -13.82
C GLN H 205 -41.09 -28.26 -13.71
N GLY H 206 -40.35 -29.35 -13.65
CA GLY H 206 -40.97 -30.67 -13.55
C GLY H 206 -41.43 -31.04 -12.16
N LEU H 207 -41.37 -30.10 -11.22
CA LEU H 207 -41.76 -30.32 -9.83
C LEU H 207 -42.81 -29.29 -9.46
N SER H 208 -43.98 -29.74 -9.02
CA SER H 208 -44.99 -28.79 -8.56
C SER H 208 -44.68 -28.23 -7.18
N SER H 209 -43.85 -28.92 -6.40
CA SER H 209 -43.41 -28.46 -5.10
C SER H 209 -41.95 -28.85 -4.96
N PRO H 210 -41.19 -28.13 -4.13
CA PRO H 210 -39.76 -28.42 -4.02
C PRO H 210 -39.51 -29.85 -3.53
N VAL H 211 -38.38 -30.40 -3.96
CA VAL H 211 -37.82 -31.62 -3.39
C VAL H 211 -36.67 -31.22 -2.47
N THR H 212 -36.63 -31.81 -1.28
CA THR H 212 -35.56 -31.58 -0.31
C THR H 212 -34.85 -32.90 -0.02
N LYS H 213 -33.52 -32.87 0.03
CA LYS H 213 -32.72 -34.01 0.45
C LYS H 213 -31.84 -33.59 1.62
N SER H 214 -31.77 -34.43 2.65
CA SER H 214 -31.07 -34.06 3.87
C SER H 214 -30.29 -35.26 4.44
N PHE H 215 -29.45 -34.93 5.42
CA PHE H 215 -28.79 -35.89 6.29
C PHE H 215 -28.52 -35.24 7.64
N ASN H 216 -28.26 -36.09 8.63
CA ASN H 216 -27.97 -35.71 10.00
C ASN H 216 -26.52 -36.07 10.33
N ARG H 217 -25.71 -35.05 10.65
CA ARG H 217 -24.43 -35.26 11.35
C ARG H 217 -23.67 -33.93 11.39
N GLY H 218 -22.68 -33.88 12.26
CA GLY H 218 -21.80 -32.72 12.35
C GLY H 218 -22.07 -31.85 13.54
N SER I 1 -17.78 3.06 -47.57
CA SER I 1 -17.19 2.00 -48.39
C SER I 1 -16.40 0.98 -47.53
N PRO I 2 -16.32 -0.27 -47.99
CA PRO I 2 -15.64 -1.31 -47.20
C PRO I 2 -14.14 -1.08 -47.09
N SER I 3 -13.56 -1.58 -46.01
CA SER I 3 -12.12 -1.50 -45.81
C SER I 3 -11.42 -2.61 -46.58
N ALA I 5 -10.10 -5.61 -47.76
CA ALA I 5 -10.18 -6.96 -47.20
C ALA I 5 -8.78 -7.45 -46.83
N LYS I 6 -8.72 -8.62 -46.19
CA LYS I 6 -7.44 -9.17 -45.77
C LYS I 6 -7.52 -10.70 -45.78
N SER I 7 -7.93 -11.25 -46.91
CA SER I 7 -7.92 -12.69 -47.07
C SER I 7 -6.74 -13.12 -47.93
N ARG I 8 -6.84 -12.98 -49.22
CA ARG I 8 -5.74 -13.31 -50.07
C ARG I 8 -4.84 -12.14 -50.32
N LEU I 9 -3.55 -12.36 -50.43
CA LEU I 9 -2.58 -11.26 -50.56
C LEU I 9 -2.70 -10.57 -51.91
N VAL J 2 -15.45 50.80 -3.00
CA VAL J 2 -15.61 49.51 -3.67
C VAL J 2 -14.49 48.57 -3.26
N GLN J 3 -14.86 47.42 -2.71
CA GLN J 3 -13.86 46.48 -2.25
C GLN J 3 -14.51 45.14 -1.91
N LEU J 4 -13.72 44.07 -2.02
CA LEU J 4 -14.06 42.75 -1.53
C LEU J 4 -13.12 42.43 -0.36
N VAL J 5 -13.69 42.03 0.77
CA VAL J 5 -12.91 41.71 1.97
C VAL J 5 -13.09 40.23 2.29
N GLN J 6 -11.98 39.49 2.37
CA GLN J 6 -11.98 38.05 2.54
C GLN J 6 -11.64 37.66 3.98
N SER J 7 -11.92 36.40 4.31
CA SER J 7 -11.63 35.88 5.64
C SER J 7 -10.14 35.57 5.79
N GLY J 8 -9.73 35.26 7.01
CA GLY J 8 -8.33 35.13 7.34
C GLY J 8 -7.69 33.83 6.88
N ALA J 9 -6.40 33.72 7.18
CA ALA J 9 -5.60 32.57 6.76
C ALA J 9 -6.11 31.27 7.37
N GLU J 10 -5.78 30.17 6.70
CA GLU J 10 -6.27 28.85 7.03
C GLU J 10 -5.13 27.85 6.91
N VAL J 11 -5.00 26.98 7.90
CA VAL J 11 -4.06 25.86 7.88
C VAL J 11 -4.85 24.58 8.07
N LYS J 12 -4.69 23.64 7.13
CA LYS J 12 -5.48 22.42 7.07
C LYS J 12 -4.56 21.22 6.82
N LYS J 13 -5.09 20.00 7.17
CA LYS J 13 -4.47 18.71 6.93
C LYS J 13 -5.00 18.08 5.65
N PRO J 14 -4.23 17.23 4.98
CA PRO J 14 -4.70 16.62 3.74
C PRO J 14 -6.02 15.91 3.96
N GLY J 15 -6.93 16.04 3.00
CA GLY J 15 -8.24 15.43 3.07
C GLY J 15 -9.31 16.28 3.72
N ALA J 16 -8.94 17.30 4.49
CA ALA J 16 -9.94 18.19 5.08
C ALA J 16 -10.56 19.09 4.00
N SER J 17 -11.52 19.91 4.42
CA SER J 17 -12.08 20.94 3.57
C SER J 17 -11.68 22.32 4.09
N VAL J 18 -11.84 23.32 3.23
CA VAL J 18 -11.62 24.72 3.60
C VAL J 18 -12.76 25.53 3.04
N LYS J 19 -13.20 26.53 3.79
CA LYS J 19 -14.25 27.44 3.35
C LYS J 19 -13.81 28.87 3.58
N VAL J 20 -13.71 29.64 2.49
CA VAL J 20 -13.30 31.04 2.54
C VAL J 20 -14.49 31.92 2.20
N SER J 21 -14.66 33.01 2.91
CA SER J 21 -15.72 33.96 2.63
C SER J 21 -15.17 35.20 1.92
N CYS J 22 -16.07 35.98 1.36
CA CYS J 22 -15.75 37.23 0.66
C CYS J 22 -16.94 38.16 0.72
N THR J 23 -16.75 39.33 1.32
CA THR J 23 -17.82 40.29 1.53
C THR J 23 -17.65 41.50 0.62
N ALA J 24 -18.69 41.80 -0.16
CA ALA J 24 -18.65 42.91 -1.11
C ALA J 24 -19.23 44.18 -0.52
N SER J 25 -18.69 45.32 -0.95
CA SER J 25 -19.22 46.61 -0.57
C SER J 25 -18.81 47.65 -1.60
N GLY J 26 -19.59 48.72 -1.69
CA GLY J 26 -19.29 49.80 -2.61
C GLY J 26 -19.96 49.68 -3.96
N TYR J 27 -20.54 48.53 -4.27
CA TYR J 27 -21.22 48.33 -5.54
C TYR J 27 -22.37 47.35 -5.30
N THR J 28 -23.18 47.13 -6.33
CA THR J 28 -24.32 46.27 -6.06
C THR J 28 -23.90 44.83 -6.34
N PHE J 29 -23.91 44.11 -5.22
CA PHE J 29 -23.41 42.74 -5.15
C PHE J 29 -24.13 41.82 -6.13
N THR J 30 -25.44 42.00 -6.29
CA THR J 30 -26.24 41.16 -7.18
C THR J 30 -26.23 41.64 -8.63
N GLY J 31 -25.29 42.50 -8.98
CA GLY J 31 -25.25 43.02 -10.33
C GLY J 31 -24.18 42.36 -11.18
N TYR J 32 -23.27 41.64 -10.54
CA TYR J 32 -22.12 41.08 -11.24
C TYR J 32 -21.83 39.68 -10.72
N TYR J 33 -21.21 38.88 -11.58
CA TYR J 33 -20.71 37.57 -11.17
C TYR J 33 -19.58 37.71 -10.17
N LEU J 34 -19.49 36.76 -9.25
CA LEU J 34 -18.42 36.68 -8.26
C LEU J 34 -17.55 35.47 -8.62
N HIS J 35 -16.30 35.72 -8.93
CA HIS J 35 -15.35 34.67 -9.32
C HIS J 35 -14.40 34.34 -8.17
N TRP J 36 -13.78 33.16 -8.27
CA TRP J 36 -12.69 32.78 -7.39
C TRP J 36 -11.50 32.36 -8.24
N VAL J 37 -10.31 32.81 -7.84
CA VAL J 37 -9.07 32.57 -8.54
C VAL J 37 -8.01 32.33 -7.46
N ARG J 38 -7.17 31.31 -7.65
CA ARG J 38 -6.12 31.02 -6.68
C ARG J 38 -4.75 31.11 -7.34
N GLN J 39 -3.73 31.22 -6.51
CA GLN J 39 -2.35 31.39 -6.96
C GLN J 39 -1.47 30.50 -6.09
N ALA J 40 -1.02 29.40 -6.64
CA ALA J 40 -0.14 28.51 -5.89
C ALA J 40 1.32 28.92 -6.09
N PRO J 41 2.19 28.64 -5.11
CA PRO J 41 3.61 29.02 -5.23
C PRO J 41 4.29 28.51 -6.50
N GLY J 42 4.82 29.43 -7.30
CA GLY J 42 5.41 29.11 -8.59
C GLY J 42 4.46 28.40 -9.53
N GLN J 43 3.28 28.96 -9.75
CA GLN J 43 2.28 28.25 -10.55
C GLN J 43 1.54 29.19 -11.50
N GLY J 44 1.11 30.35 -11.02
CA GLY J 44 0.36 31.20 -11.93
C GLY J 44 -1.14 31.12 -11.70
N LEU J 45 -1.81 32.26 -11.90
CA LEU J 45 -3.20 32.41 -11.45
C LEU J 45 -4.11 31.42 -12.17
N GLU J 46 -5.11 30.92 -11.44
CA GLU J 46 -5.95 29.84 -11.92
C GLU J 46 -7.38 30.10 -11.53
N TRP J 47 -8.25 30.23 -12.52
CA TRP J 47 -9.65 30.53 -12.29
C TRP J 47 -10.37 29.26 -11.82
N MET J 48 -11.15 29.38 -10.75
CA MET J 48 -11.82 28.22 -10.15
C MET J 48 -13.32 28.18 -10.37
N GLY J 49 -13.91 29.17 -11.02
CA GLY J 49 -15.34 29.19 -11.22
C GLY J 49 -15.95 30.48 -10.70
N TRP J 50 -17.27 30.59 -10.88
CA TRP J 50 -18.01 31.77 -10.46
C TRP J 50 -19.34 31.37 -9.83
N VAL J 51 -19.93 32.32 -9.10
CA VAL J 51 -21.28 32.18 -8.56
C VAL J 51 -22.10 33.37 -9.02
N ASN J 52 -23.36 33.11 -9.37
CA ASN J 52 -24.30 34.17 -9.71
C ASN J 52 -25.00 34.63 -8.44
N PRO J 53 -24.68 35.81 -7.91
CA PRO J 53 -25.21 36.22 -6.60
C PRO J 53 -26.72 36.40 -6.60
N ARG J 54 -27.36 36.47 -7.76
CA ARG J 54 -28.79 36.66 -7.86
C ARG J 54 -29.55 35.34 -7.93
N SER J 55 -29.17 34.46 -8.85
CA SER J 55 -29.86 33.20 -9.04
C SER J 55 -29.36 32.10 -8.13
N GLY J 56 -28.13 32.19 -7.63
CA GLY J 56 -27.49 31.07 -6.98
C GLY J 56 -26.74 30.13 -7.90
N GLY J 57 -26.81 30.33 -9.21
CA GLY J 57 -26.14 29.45 -10.14
C GLY J 57 -24.63 29.52 -10.02
N THR J 58 -23.98 28.44 -10.45
CA THR J 58 -22.53 28.36 -10.42
C THR J 58 -22.05 27.77 -11.73
N SER J 59 -20.74 27.85 -11.95
CA SER J 59 -20.11 27.15 -13.06
C SER J 59 -18.65 26.93 -12.72
N TYR J 60 -18.18 25.70 -12.84
CA TYR J 60 -16.81 25.37 -12.54
C TYR J 60 -16.14 24.73 -13.74
N PRO J 61 -14.83 24.91 -13.88
CA PRO J 61 -14.09 24.23 -14.93
C PRO J 61 -13.85 22.77 -14.56
N PRO J 62 -13.55 21.92 -15.55
CA PRO J 62 -13.34 20.49 -15.26
C PRO J 62 -12.38 20.20 -14.11
N LYS J 63 -11.33 21.00 -13.97
CA LYS J 63 -10.33 20.69 -12.94
C LYS J 63 -10.94 20.76 -11.54
N PHE J 64 -11.88 21.67 -11.31
CA PHE J 64 -12.46 21.85 -10.00
C PHE J 64 -13.90 21.37 -9.88
N GLN J 65 -14.52 20.95 -10.98
CA GLN J 65 -15.82 20.29 -10.87
C GLN J 65 -15.69 19.06 -9.98
N GLY J 66 -16.51 18.98 -8.95
CA GLY J 66 -16.51 17.83 -8.08
C GLY J 66 -15.79 18.03 -6.76
N ARG J 67 -15.06 19.12 -6.61
CA ARG J 67 -14.37 19.47 -5.39
C ARG J 67 -14.77 20.84 -4.84
N VAL J 68 -15.23 21.76 -5.68
CA VAL J 68 -15.49 23.13 -5.26
C VAL J 68 -16.99 23.34 -5.16
N THR J 69 -17.40 24.14 -4.18
CA THR J 69 -18.79 24.54 -4.00
C THR J 69 -18.81 26.03 -3.72
N MET J 70 -19.51 26.80 -4.56
CA MET J 70 -19.57 28.24 -4.40
C MET J 70 -21.02 28.63 -4.11
N THR J 71 -21.21 29.54 -3.15
CA THR J 71 -22.53 29.86 -2.67
C THR J 71 -22.61 31.34 -2.31
N ARG J 72 -23.83 31.83 -2.13
CA ARG J 72 -24.11 33.24 -1.96
C ARG J 72 -24.82 33.45 -0.64
N ASP J 73 -24.93 34.71 -0.25
CA ASP J 73 -25.78 35.09 0.88
C ASP J 73 -26.04 36.59 0.73
N THR J 74 -27.12 36.94 0.02
CA THR J 74 -27.38 38.33 -0.29
C THR J 74 -27.73 39.17 0.94
N SER J 75 -28.16 38.54 2.03
CA SER J 75 -28.49 39.31 3.23
C SER J 75 -27.29 40.05 3.78
N ILE J 76 -26.08 39.57 3.48
CA ILE J 76 -24.87 40.22 3.97
C ILE J 76 -23.84 40.41 2.86
N ASN J 77 -24.29 40.31 1.60
CA ASN J 77 -23.44 40.57 0.44
C ASN J 77 -22.14 39.78 0.53
N THR J 78 -22.27 38.48 0.76
CA THR J 78 -21.10 37.65 1.00
C THR J 78 -21.21 36.39 0.16
N ALA J 79 -20.12 36.05 -0.50
CA ALA J 79 -20.00 34.81 -1.24
C ALA J 79 -19.06 33.86 -0.49
N TYR J 80 -19.12 32.60 -0.85
CA TYR J 80 -18.29 31.61 -0.19
C TYR J 80 -17.73 30.67 -1.23
N MET J 81 -16.52 30.20 -0.99
CA MET J 81 -15.89 29.15 -1.78
C MET J 81 -15.52 28.02 -0.83
N ASP J 82 -15.88 26.79 -1.19
CA ASP J 82 -15.63 25.64 -0.34
C ASP J 82 -14.87 24.60 -1.13
N LEU J 83 -13.69 24.19 -0.65
CA LEU J 83 -12.86 23.24 -1.37
C LEU J 83 -12.65 22.00 -0.51
N THR J 84 -12.85 20.83 -1.10
CA THR J 84 -12.74 19.56 -0.41
C THR J 84 -11.55 18.76 -0.91
N TRP J 85 -11.20 17.73 -0.15
CA TRP J 85 -10.11 16.81 -0.49
C TRP J 85 -8.79 17.54 -0.69
N LEU J 86 -8.40 18.34 0.30
CA LEU J 86 -7.23 19.18 0.15
C LEU J 86 -5.96 18.32 0.10
N THR J 87 -5.08 18.70 -0.82
CA THR J 87 -3.71 18.19 -0.89
C THR J 87 -2.76 19.39 -0.88
N SER J 88 -1.46 19.16 -1.09
CA SER J 88 -0.49 20.25 -1.09
C SER J 88 -0.62 21.11 -2.36
N ASP J 89 -1.05 20.52 -3.49
CA ASP J 89 -1.33 21.31 -4.69
C ASP J 89 -2.40 22.37 -4.46
N ASP J 90 -3.17 22.28 -3.38
CA ASP J 90 -4.19 23.27 -3.08
C ASP J 90 -3.68 24.36 -2.16
N THR J 91 -2.43 24.26 -1.71
CA THR J 91 -1.80 25.34 -0.97
C THR J 91 -1.56 26.52 -1.90
N ALA J 92 -2.22 27.63 -1.62
CA ALA J 92 -2.26 28.76 -2.53
C ALA J 92 -2.84 29.94 -1.78
N VAL J 93 -2.84 31.09 -2.44
CA VAL J 93 -3.61 32.25 -2.00
C VAL J 93 -4.87 32.31 -2.83
N TYR J 94 -6.03 32.40 -2.18
CA TYR J 94 -7.33 32.34 -2.84
C TYR J 94 -7.92 33.73 -2.88
N TYR J 95 -8.29 34.17 -4.08
CA TYR J 95 -8.85 35.49 -4.30
C TYR J 95 -10.29 35.37 -4.76
N CYS J 96 -11.14 36.28 -4.33
CA CYS J 96 -12.39 36.54 -5.02
C CYS J 96 -12.24 37.78 -5.89
N ALA J 97 -13.04 37.87 -6.95
CA ALA J 97 -12.80 38.89 -7.95
C ALA J 97 -14.05 39.15 -8.77
N VAL J 98 -14.25 40.40 -9.13
CA VAL J 98 -15.42 40.84 -9.88
C VAL J 98 -14.94 41.60 -11.09
N GLY J 99 -15.59 41.34 -12.23
CA GLY J 99 -15.45 42.16 -13.41
C GLY J 99 -16.73 42.96 -13.62
N ARG J 100 -16.56 44.26 -13.85
CA ARG J 100 -17.68 45.16 -14.07
C ARG J 100 -17.76 45.66 -15.51
N ILE J 101 -16.78 45.32 -16.34
CA ILE J 101 -16.72 45.82 -17.72
C ILE J 101 -17.60 44.91 -18.59
N PRO J 102 -18.57 45.46 -19.31
CA PRO J 102 -19.40 44.63 -20.20
C PRO J 102 -18.57 43.91 -21.26
N ASP J 103 -18.89 42.63 -21.46
CA ASP J 103 -18.28 41.76 -22.48
C ASP J 103 -16.87 41.30 -22.13
N VAL J 104 -16.27 41.87 -21.10
CA VAL J 104 -14.88 41.62 -20.75
C VAL J 104 -14.88 40.78 -19.49
N THR J 105 -14.40 39.54 -19.59
CA THR J 105 -14.29 38.70 -18.39
C THR J 105 -12.83 38.84 -17.91
N ALA J 106 -12.57 40.04 -17.42
CA ALA J 106 -11.36 40.37 -16.70
C ALA J 106 -11.84 41.10 -15.46
N PHE J 107 -11.10 40.96 -14.37
CA PHE J 107 -11.57 41.38 -13.06
C PHE J 107 -10.83 42.65 -12.66
N ASP J 108 -11.61 43.70 -12.36
CA ASP J 108 -11.06 44.94 -11.85
C ASP J 108 -11.19 45.07 -10.35
N ILE J 109 -11.96 44.20 -9.70
CA ILE J 109 -12.12 44.20 -8.26
C ILE J 109 -11.59 42.88 -7.71
N TRP J 110 -10.70 42.96 -6.72
CA TRP J 110 -10.10 41.79 -6.12
C TRP J 110 -10.17 41.90 -4.61
N GLY J 111 -10.40 40.77 -3.94
CA GLY J 111 -10.19 40.69 -2.51
C GLY J 111 -8.70 40.70 -2.19
N GLN J 112 -8.41 40.88 -0.89
CA GLN J 112 -7.01 41.00 -0.46
C GLN J 112 -6.27 39.68 -0.54
N GLY J 113 -6.99 38.57 -0.66
CA GLY J 113 -6.40 37.27 -0.68
C GLY J 113 -6.55 36.54 0.65
N THR J 114 -6.65 35.22 0.57
CA THR J 114 -6.70 34.36 1.75
C THR J 114 -5.68 33.24 1.56
N PRO J 115 -4.63 33.19 2.36
CA PRO J 115 -3.66 32.09 2.23
C PRO J 115 -4.18 30.82 2.88
N VAL J 116 -3.94 29.70 2.21
CA VAL J 116 -4.41 28.39 2.64
C VAL J 116 -3.22 27.44 2.56
N THR J 117 -2.80 26.93 3.71
CA THR J 117 -1.70 25.97 3.80
C THR J 117 -2.24 24.58 4.10
N VAL J 118 -1.84 23.61 3.30
CA VAL J 118 -2.25 22.22 3.48
C VAL J 118 -1.01 21.42 3.81
N SER J 119 -1.00 20.81 5.00
CA SER J 119 0.20 20.13 5.44
C SER J 119 -0.21 19.07 6.45
N SER J 120 0.46 17.92 6.40
CA SER J 120 0.24 16.94 7.45
C SER J 120 0.86 17.36 8.78
N ALA J 121 1.66 18.41 8.79
CA ALA J 121 2.38 18.78 10.00
C ALA J 121 1.43 19.36 11.05
N SER J 122 1.94 19.41 12.28
CA SER J 122 1.16 19.86 13.42
C SER J 122 1.80 21.11 14.02
N THR J 123 0.98 21.89 14.72
CA THR J 123 1.43 23.10 15.38
C THR J 123 2.65 22.81 16.24
N LYS J 124 3.72 23.57 16.01
CA LYS J 124 4.98 23.35 16.72
C LYS J 124 5.67 24.69 16.90
N GLY J 125 6.03 25.03 18.14
CA GLY J 125 6.76 26.23 18.42
C GLY J 125 8.21 26.13 17.95
N PRO J 126 8.83 27.28 17.68
CA PRO J 126 10.22 27.28 17.22
C PRO J 126 11.24 27.24 18.35
N SER J 127 12.41 26.73 18.00
CA SER J 127 13.60 26.87 18.82
C SER J 127 14.34 28.12 18.34
N VAL J 128 14.68 29.01 19.28
CA VAL J 128 15.36 30.26 18.96
C VAL J 128 16.81 30.12 19.40
N PHE J 129 17.73 30.23 18.43
CA PHE J 129 19.16 30.13 18.66
C PHE J 129 19.86 31.40 18.19
N PRO J 130 20.94 31.80 18.87
CA PRO J 130 21.63 33.04 18.50
C PRO J 130 22.67 32.87 17.40
N LEU J 131 22.80 33.92 16.60
CA LEU J 131 23.87 34.03 15.61
C LEU J 131 24.81 35.13 16.10
N ALA J 132 25.71 34.75 17.01
CA ALA J 132 26.47 35.74 17.77
C ALA J 132 27.52 36.41 16.90
N PRO J 133 27.74 37.72 17.07
CA PRO J 133 28.81 38.40 16.32
C PRO J 133 30.15 37.73 16.60
N SER J 134 30.66 37.06 15.59
CA SER J 134 31.62 35.97 15.79
C SER J 134 33.04 36.49 15.95
N SER J 135 33.90 35.56 16.41
CA SER J 135 35.32 35.72 16.74
C SER J 135 35.96 37.02 16.27
N LYS J 136 35.81 37.32 14.98
CA LYS J 136 36.35 38.54 14.38
C LYS J 136 35.20 39.50 14.15
N SER J 137 35.17 40.59 14.92
CA SER J 137 34.09 41.57 14.83
C SER J 137 34.30 42.58 13.70
N THR J 138 35.52 43.03 13.47
CA THR J 138 35.75 43.89 12.34
C THR J 138 35.45 43.01 11.15
N SER J 139 34.25 43.16 10.64
CA SER J 139 33.74 42.40 9.51
C SER J 139 33.49 43.45 8.44
N GLY J 140 34.15 44.61 8.55
CA GLY J 140 33.94 45.73 7.67
C GLY J 140 33.97 47.05 8.42
N GLY J 141 34.29 46.99 9.72
CA GLY J 141 33.99 48.07 10.61
C GLY J 141 32.57 48.07 11.13
N THR J 142 31.68 47.30 10.50
CA THR J 142 30.35 47.00 11.00
C THR J 142 30.26 45.50 11.27
N ALA J 143 29.41 45.13 12.23
CA ALA J 143 29.27 43.74 12.65
C ALA J 143 27.89 43.21 12.29
N ALA J 144 27.80 41.90 12.07
CA ALA J 144 26.55 41.22 11.74
C ALA J 144 26.22 40.20 12.83
N LEU J 145 24.99 40.25 13.32
CA LEU J 145 24.51 39.29 14.33
C LEU J 145 23.03 39.02 14.09
N GLY J 146 22.56 37.89 14.61
CA GLY J 146 21.17 37.56 14.40
C GLY J 146 20.67 36.40 15.24
N CYS J 147 19.50 35.90 14.87
CA CYS J 147 18.86 34.80 15.56
C CYS J 147 18.23 33.80 14.58
N LEU J 148 18.55 32.54 14.79
CA LEU J 148 18.06 31.43 13.99
C LEU J 148 16.77 30.89 14.63
N VAL J 149 15.67 30.93 13.87
CA VAL J 149 14.33 30.55 14.36
C VAL J 149 13.95 29.24 13.67
N LYS J 150 14.17 28.12 14.37
CA LYS J 150 14.21 26.81 13.75
C LYS J 150 13.05 25.92 14.16
N ASP J 151 12.53 25.16 13.19
CA ASP J 151 11.60 24.03 13.41
C ASP J 151 10.28 24.49 14.04
N TYR J 152 9.46 25.15 13.21
CA TYR J 152 8.15 25.60 13.66
C TYR J 152 7.11 25.37 12.57
N PHE J 153 5.85 25.39 13.00
CA PHE J 153 4.71 25.27 12.10
C PHE J 153 3.45 25.79 12.77
N PRO J 154 2.61 26.52 12.01
CA PRO J 154 2.85 26.96 10.63
C PRO J 154 3.38 28.38 10.61
N GLU J 155 3.40 29.01 9.44
CA GLU J 155 3.69 30.44 9.34
C GLU J 155 2.51 31.23 9.93
N PRO J 156 2.72 32.50 10.30
CA PRO J 156 3.98 33.25 10.33
C PRO J 156 4.66 33.24 11.67
N VAL J 157 5.88 33.75 11.68
CA VAL J 157 6.58 34.08 12.91
C VAL J 157 6.97 35.55 12.83
N THR J 158 7.05 36.19 13.99
CA THR J 158 7.37 37.62 14.07
C THR J 158 8.68 37.79 14.80
N VAL J 159 9.67 38.37 14.11
CA VAL J 159 10.97 38.65 14.70
C VAL J 159 11.17 40.16 14.67
N SER J 160 11.39 40.75 15.83
CA SER J 160 11.82 42.14 15.96
C SER J 160 13.08 42.18 16.81
N TRP J 161 13.68 43.36 16.89
CA TRP J 161 14.93 43.52 17.62
C TRP J 161 14.78 44.66 18.61
N ASN J 162 15.01 44.38 19.89
CA ASN J 162 14.86 45.36 20.95
C ASN J 162 13.46 45.97 20.92
N SER J 163 12.44 45.10 20.92
CA SER J 163 11.03 45.48 20.98
C SER J 163 10.61 46.40 19.83
N GLY J 164 11.25 46.23 18.66
CA GLY J 164 10.91 47.02 17.49
C GLY J 164 11.70 48.30 17.33
N ALA J 165 12.62 48.59 18.27
CA ALA J 165 13.42 49.80 18.20
C ALA J 165 14.42 49.73 17.06
N LEU J 166 14.99 48.55 16.81
CA LEU J 166 16.02 48.37 15.80
C LEU J 166 15.38 47.86 14.52
N THR J 167 15.32 48.71 13.51
CA THR J 167 14.87 48.32 12.18
C THR J 167 15.94 48.50 11.10
N SER J 168 16.97 49.31 11.36
CA SER J 168 17.99 49.57 10.35
C SER J 168 18.93 48.37 10.26
N GLY J 169 19.21 47.91 9.04
CA GLY J 169 20.10 46.80 8.83
C GLY J 169 19.49 45.42 8.96
N VAL J 170 18.30 45.30 9.56
CA VAL J 170 17.72 43.97 9.81
C VAL J 170 17.18 43.39 8.51
N HIS J 171 17.60 42.17 8.18
CA HIS J 171 16.97 41.37 7.13
C HIS J 171 16.38 40.13 7.79
N THR J 172 15.05 40.00 7.75
CA THR J 172 14.38 38.79 8.17
C THR J 172 14.06 37.99 6.92
N PHE J 173 14.73 36.87 6.75
CA PHE J 173 14.61 36.10 5.53
C PHE J 173 13.29 35.33 5.49
N PRO J 174 12.79 35.05 4.29
CA PRO J 174 11.59 34.22 4.16
C PRO J 174 11.83 32.83 4.73
N ALA J 175 10.82 32.30 5.40
CA ALA J 175 10.89 30.95 5.92
C ALA J 175 11.09 29.95 4.78
N VAL J 176 11.83 28.89 5.05
CA VAL J 176 12.05 27.81 4.10
C VAL J 176 11.43 26.54 4.66
N LEU J 177 10.79 25.76 3.81
CA LEU J 177 10.14 24.53 4.23
C LEU J 177 11.15 23.39 4.26
N GLN J 178 11.37 22.81 5.44
CA GLN J 178 12.37 21.78 5.60
C GLN J 178 11.81 20.40 5.25
N SER J 179 12.71 19.43 5.13
CA SER J 179 12.34 18.05 4.84
C SER J 179 11.35 17.47 5.86
N SER J 180 11.28 18.03 7.08
CA SER J 180 10.45 17.49 8.14
C SER J 180 9.02 18.00 8.11
N GLY J 181 8.69 18.90 7.18
CA GLY J 181 7.42 19.61 7.20
C GLY J 181 7.39 20.85 8.07
N LEU J 182 8.52 21.19 8.70
CA LEU J 182 8.61 22.34 9.58
C LEU J 182 9.30 23.51 8.87
N TYR J 183 9.00 24.72 9.31
CA TYR J 183 9.63 25.89 8.70
C TYR J 183 10.82 26.33 9.54
N SER J 184 11.64 27.19 8.95
CA SER J 184 12.79 27.75 9.63
C SER J 184 13.26 28.98 8.90
N LEU J 185 13.79 29.95 9.65
CA LEU J 185 14.33 31.15 9.04
C LEU J 185 15.36 31.77 9.98
N SER J 186 16.11 32.72 9.44
CA SER J 186 17.10 33.47 10.20
C SER J 186 16.83 34.96 10.04
N SER J 187 17.02 35.70 11.12
CA SER J 187 16.94 37.16 11.10
C SER J 187 18.30 37.72 11.51
N VAL J 188 18.84 38.65 10.71
CA VAL J 188 20.17 39.19 10.93
C VAL J 188 20.11 40.71 10.85
N VAL J 189 21.09 41.34 11.50
CA VAL J 189 21.19 42.80 11.52
C VAL J 189 22.67 43.18 11.44
N THR J 190 22.94 44.23 10.66
CA THR J 190 24.25 44.85 10.61
C THR J 190 24.23 46.10 11.46
N VAL J 191 25.20 46.23 12.36
CA VAL J 191 25.29 47.39 13.25
C VAL J 191 26.75 47.75 13.46
N PRO J 192 26.99 48.99 13.87
CA PRO J 192 28.34 49.45 14.17
C PRO J 192 29.09 48.48 15.01
N SER J 193 30.29 48.08 14.58
CA SER J 193 31.16 47.25 15.41
C SER J 193 31.61 48.00 16.66
N SER J 194 31.61 49.34 16.61
CA SER J 194 31.94 50.15 17.78
C SER J 194 30.98 49.93 18.94
N SER J 195 29.80 49.37 18.67
CA SER J 195 28.82 49.09 19.72
C SER J 195 29.16 47.84 20.53
N LEU J 196 30.32 47.23 20.26
CA LEU J 196 30.89 46.07 20.95
C LEU J 196 30.14 45.64 22.20
N GLY J 197 30.46 46.24 23.35
CA GLY J 197 29.95 45.77 24.63
C GLY J 197 29.01 46.73 25.32
N THR J 198 28.82 47.93 24.75
CA THR J 198 27.97 48.92 25.40
C THR J 198 26.49 48.62 25.20
N GLN J 199 26.08 48.25 23.99
CA GLN J 199 24.67 47.99 23.69
C GLN J 199 24.41 46.48 23.64
N THR J 200 23.29 46.08 24.23
CA THR J 200 22.88 44.69 24.28
C THR J 200 21.79 44.44 23.26
N TYR J 201 21.97 43.40 22.44
CA TYR J 201 21.00 43.18 21.38
C TYR J 201 20.21 41.90 21.64
N ILE J 202 18.90 42.09 21.52
CA ILE J 202 17.89 41.10 21.88
C ILE J 202 16.93 40.94 20.71
N CYS J 203 16.72 39.71 20.25
CA CYS J 203 15.70 39.45 19.26
C CYS J 203 14.45 38.90 19.94
N ASN J 204 13.30 39.44 19.54
CA ASN J 204 12.05 38.97 20.14
C ASN J 204 11.26 38.24 19.06
N VAL J 205 11.23 36.93 19.29
CA VAL J 205 10.50 35.97 18.46
C VAL J 205 9.12 35.74 19.07
N ASN J 206 8.09 35.82 18.24
CA ASN J 206 6.72 35.50 18.68
C ASN J 206 6.02 34.66 17.62
N HIS J 207 5.62 33.44 17.99
CA HIS J 207 4.88 32.52 17.14
C HIS J 207 3.51 32.27 17.80
N LYS J 208 2.50 33.00 17.34
CA LYS J 208 1.18 32.95 17.98
C LYS J 208 0.53 31.57 17.92
N PRO J 209 0.58 30.81 16.81
CA PRO J 209 -0.13 29.51 16.79
C PRO J 209 0.27 28.54 17.90
N SER J 210 1.44 28.71 18.51
CA SER J 210 1.83 27.93 19.68
C SER J 210 1.94 28.80 20.93
N ASN J 211 1.47 30.05 20.85
CA ASN J 211 1.83 31.14 21.75
C ASN J 211 3.24 31.18 22.36
N THR J 212 4.24 30.96 21.50
CA THR J 212 5.65 31.16 21.87
C THR J 212 6.11 32.60 21.75
N LYS J 213 6.58 33.14 22.88
CA LYS J 213 7.23 34.45 22.92
C LYS J 213 8.58 34.28 23.57
N VAL J 214 9.66 34.51 22.81
CA VAL J 214 11.01 34.30 23.31
C VAL J 214 11.84 35.56 23.06
N ASP J 215 12.68 35.89 24.04
CA ASP J 215 13.68 36.96 23.96
C ASP J 215 15.03 36.31 24.17
N LYS J 216 15.85 36.29 23.12
CA LYS J 216 17.14 35.61 23.07
C LYS J 216 18.25 36.65 23.01
N ARG J 217 19.02 36.79 24.07
CA ARG J 217 20.11 37.76 24.06
C ARG J 217 21.25 37.24 23.21
N VAL J 218 21.75 38.10 22.32
CA VAL J 218 22.80 37.69 21.40
C VAL J 218 24.07 38.43 21.77
N GLY J 219 24.92 37.77 22.57
CA GLY J 219 26.20 38.33 22.96
C GLY J 219 27.33 37.57 22.31
N SER J 220 28.50 38.21 22.18
CA SER J 220 29.65 37.57 21.55
C SER J 220 30.24 36.47 22.43
N ASP K 1 -8.28 25.15 -21.67
CA ASP K 1 -8.56 25.23 -23.10
C ASP K 1 -7.42 25.91 -23.87
N ILE K 2 -7.24 27.20 -23.64
CA ILE K 2 -6.18 27.99 -24.26
C ILE K 2 -5.08 28.18 -23.24
N GLN K 3 -3.85 27.82 -23.62
CA GLN K 3 -2.70 28.01 -22.75
C GLN K 3 -2.02 29.34 -23.05
N MET K 4 -1.61 30.03 -22.00
CA MET K 4 -0.94 31.32 -22.10
C MET K 4 0.50 31.19 -21.60
N THR K 5 1.45 31.68 -22.39
CA THR K 5 2.86 31.62 -22.01
C THR K 5 3.47 33.00 -22.07
N GLN K 6 4.20 33.38 -21.03
CA GLN K 6 4.84 34.68 -20.97
C GLN K 6 6.36 34.53 -21.08
N SER K 7 7.00 35.58 -21.59
CA SER K 7 8.44 35.63 -21.76
C SER K 7 8.90 37.04 -21.50
N PRO K 8 9.92 37.21 -20.65
CA PRO K 8 10.61 36.13 -19.93
C PRO K 8 9.89 35.78 -18.64
N ASP K 9 10.46 34.90 -17.83
CA ASP K 9 9.88 34.60 -16.52
C ASP K 9 10.22 35.68 -15.50
N SER K 10 11.44 36.21 -15.56
CA SER K 10 11.84 37.34 -14.74
C SER K 10 12.64 38.31 -15.60
N LEU K 11 12.63 39.59 -15.20
CA LEU K 11 13.18 40.65 -16.03
C LEU K 11 13.63 41.81 -15.14
N ALA K 12 14.86 42.29 -15.35
CA ALA K 12 15.43 43.40 -14.59
C ALA K 12 15.74 44.56 -15.52
N VAL K 13 15.19 45.73 -15.22
CA VAL K 13 15.32 46.90 -16.07
C VAL K 13 15.75 48.07 -15.22
N SER K 14 16.63 48.92 -15.76
CA SER K 14 17.12 50.06 -14.99
C SER K 14 16.06 51.15 -14.93
N LEU K 15 16.15 51.98 -13.89
CA LEU K 15 15.20 53.09 -13.77
C LEU K 15 15.28 53.99 -15.00
N GLY K 16 14.12 54.35 -15.52
CA GLY K 16 14.05 55.20 -16.69
C GLY K 16 14.12 54.48 -18.00
N GLU K 17 14.55 53.22 -18.00
CA GLU K 17 14.65 52.45 -19.24
C GLU K 17 13.36 51.67 -19.50
N ARG K 18 13.40 50.86 -20.55
CA ARG K 18 12.21 50.30 -21.19
C ARG K 18 12.13 48.82 -20.90
N ALA K 19 10.91 48.34 -20.62
CA ALA K 19 10.67 46.95 -20.22
C ALA K 19 9.62 46.33 -21.13
N THR K 20 9.92 45.14 -21.64
CA THR K 20 9.09 44.49 -22.64
C THR K 20 8.74 43.09 -22.17
N ILE K 21 7.44 42.81 -22.05
CA ILE K 21 6.95 41.51 -21.59
C ILE K 21 6.02 40.93 -22.66
N ASN K 22 6.35 39.73 -23.13
CA ASN K 22 5.61 39.04 -24.18
C ASN K 22 4.61 38.03 -23.61
N CYS K 23 3.53 37.81 -24.36
CA CYS K 23 2.48 36.86 -23.98
C CYS K 23 2.02 36.14 -25.23
N LYS K 24 2.11 34.82 -25.21
CA LYS K 24 1.77 34.00 -26.36
C LYS K 24 0.52 33.18 -26.05
N SER K 25 -0.47 33.26 -26.93
CA SER K 25 -1.71 32.50 -26.84
C SER K 25 -1.63 31.28 -27.74
N SER K 26 -2.21 30.17 -27.28
CA SER K 26 -2.19 28.97 -28.11
C SER K 26 -3.30 28.92 -29.16
N GLU K 27 -4.23 29.91 -29.20
CA GLU K 27 -5.30 29.68 -30.17
C GLU K 27 -5.66 30.88 -31.03
N SER K 28 -5.57 32.10 -30.49
CA SER K 28 -5.88 33.38 -31.13
C SER K 28 -7.08 34.05 -30.50
N LEU K 29 -6.88 35.27 -30.03
CA LEU K 29 -7.86 36.02 -29.26
C LEU K 29 -8.57 37.07 -30.08
N LEU K 30 -8.32 37.11 -31.39
CA LEU K 30 -8.92 38.09 -32.26
C LEU K 30 -10.25 37.56 -32.77
N TYR K 31 -11.31 38.34 -32.58
CA TYR K 31 -12.62 37.98 -33.07
C TYR K 31 -12.83 38.62 -34.43
N ASP K 32 -12.90 37.80 -35.46
CA ASP K 32 -12.96 38.33 -36.83
C ASP K 32 -14.20 39.18 -37.07
N SER K 33 -15.26 38.98 -36.30
CA SER K 33 -16.52 39.70 -36.51
C SER K 33 -16.64 40.96 -35.66
N ASN K 34 -15.51 41.55 -35.26
CA ASN K 34 -15.48 42.56 -34.21
C ASN K 34 -14.12 43.25 -34.26
N ASN K 35 -13.11 42.47 -34.63
CA ASN K 35 -11.71 42.88 -34.72
C ASN K 35 -11.18 43.35 -33.36
N LYS K 36 -11.66 42.72 -32.30
CA LYS K 36 -11.14 42.96 -30.94
C LYS K 36 -10.34 41.75 -30.46
N ASN K 37 -9.24 42.02 -29.78
CA ASN K 37 -8.46 40.97 -29.13
C ASN K 37 -8.87 40.85 -27.67
N TYR K 38 -9.24 39.64 -27.26
CA TYR K 38 -9.78 39.37 -25.93
C TYR K 38 -8.65 39.00 -24.96
N LEU K 39 -7.81 40.00 -24.67
CA LEU K 39 -6.59 39.82 -23.89
C LEU K 39 -6.50 40.94 -22.86
N ALA K 40 -6.05 40.59 -21.66
CA ALA K 40 -5.93 41.56 -20.57
C ALA K 40 -4.58 41.42 -19.87
N TRP K 41 -4.19 42.46 -19.14
CA TRP K 41 -2.91 42.48 -18.43
C TRP K 41 -3.14 42.92 -16.99
N TYR K 42 -2.46 42.28 -16.06
CA TYR K 42 -2.60 42.56 -14.63
C TYR K 42 -1.24 42.93 -14.03
N GLN K 43 -1.25 43.81 -13.04
CA GLN K 43 -0.06 44.12 -12.25
C GLN K 43 -0.28 43.69 -10.81
N GLN K 44 0.65 42.88 -10.30
CA GLN K 44 0.58 42.40 -8.92
C GLN K 44 1.81 42.88 -8.16
N LYS K 45 1.65 43.96 -7.39
CA LYS K 45 2.72 44.41 -6.53
C LYS K 45 2.83 43.49 -5.32
N PRO K 46 3.99 43.49 -4.64
CA PRO K 46 4.19 42.53 -3.54
C PRO K 46 3.13 42.63 -2.45
N GLY K 47 2.68 41.48 -1.97
CA GLY K 47 1.68 41.40 -0.92
C GLY K 47 0.30 41.96 -1.28
N GLN K 48 -0.03 42.02 -2.55
CA GLN K 48 -1.31 42.57 -2.98
C GLN K 48 -1.92 41.68 -4.04
N PRO K 49 -3.23 41.81 -4.27
CA PRO K 49 -3.87 41.09 -5.36
C PRO K 49 -3.51 41.70 -6.71
N PRO K 50 -3.74 40.97 -7.80
CA PRO K 50 -3.59 41.57 -9.12
C PRO K 50 -4.48 42.81 -9.26
N LYS K 51 -4.08 43.70 -10.15
CA LYS K 51 -4.83 44.91 -10.45
C LYS K 51 -4.96 45.01 -11.97
N LEU K 52 -6.19 45.13 -12.45
CA LEU K 52 -6.42 45.12 -13.90
C LEU K 52 -5.76 46.33 -14.54
N LEU K 53 -4.76 46.06 -15.37
CA LEU K 53 -3.95 47.10 -15.99
C LEU K 53 -4.44 47.47 -17.38
N ILE K 54 -4.72 46.49 -18.23
CA ILE K 54 -5.12 46.70 -19.61
C ILE K 54 -6.12 45.62 -19.99
N TYR K 55 -7.10 45.98 -20.81
CA TYR K 55 -8.00 45.03 -21.44
C TYR K 55 -8.20 45.41 -22.90
N TRP K 56 -8.85 44.52 -23.66
CA TRP K 56 -8.88 44.60 -25.14
C TRP K 56 -7.47 44.74 -25.71
N ALA K 57 -6.51 44.07 -25.08
CA ALA K 57 -5.11 44.02 -25.52
C ALA K 57 -4.48 45.40 -25.27
N SER K 58 -5.09 46.48 -25.79
CA SER K 58 -4.48 47.80 -25.68
C SER K 58 -5.22 48.89 -24.91
N THR K 59 -6.39 48.65 -24.36
CA THR K 59 -7.16 49.70 -23.72
C THR K 59 -6.79 49.78 -22.25
N ARG K 60 -6.34 50.94 -21.81
CA ARG K 60 -5.86 51.08 -20.45
C ARG K 60 -7.00 51.27 -19.47
N GLU K 61 -6.88 50.66 -18.30
CA GLU K 61 -7.84 50.85 -17.23
C GLU K 61 -7.65 52.26 -16.67
N SER K 62 -8.71 52.85 -16.14
CA SER K 62 -8.63 54.22 -15.68
C SER K 62 -7.69 54.33 -14.49
N GLY K 63 -6.84 55.34 -14.55
CA GLY K 63 -5.81 55.48 -13.56
C GLY K 63 -4.48 54.86 -13.94
N VAL K 64 -4.41 54.13 -15.05
CA VAL K 64 -3.15 53.53 -15.46
C VAL K 64 -2.33 54.56 -16.23
N PRO K 65 -1.11 54.85 -15.81
CA PRO K 65 -0.30 55.86 -16.51
C PRO K 65 0.05 55.43 -17.92
N ASP K 66 0.51 56.40 -18.71
CA ASP K 66 0.77 56.17 -20.13
C ASP K 66 2.06 55.42 -20.40
N ARG K 67 2.95 55.29 -19.41
CA ARG K 67 4.15 54.51 -19.63
C ARG K 67 3.86 53.02 -19.74
N PHE K 68 2.65 52.58 -19.35
CA PHE K 68 2.19 51.21 -19.59
C PHE K 68 1.43 51.18 -20.90
N SER K 69 1.86 50.31 -21.82
CA SER K 69 1.27 50.22 -23.14
C SER K 69 1.12 48.77 -23.54
N GLY K 70 -0.02 48.46 -24.14
CA GLY K 70 -0.32 47.09 -24.55
C GLY K 70 -0.48 47.02 -26.06
N SER K 71 0.08 45.98 -26.66
CA SER K 71 0.04 45.84 -28.11
C SER K 71 0.06 44.35 -28.47
N GLY K 72 -0.07 44.07 -29.75
CA GLY K 72 -0.07 42.72 -30.26
C GLY K 72 -1.43 42.35 -30.81
N SER K 73 -1.53 41.12 -31.33
CA SER K 73 -2.75 40.67 -31.97
C SER K 73 -2.76 39.14 -32.07
N GLU K 74 -3.96 38.57 -32.10
CA GLU K 74 -4.24 37.14 -32.27
C GLU K 74 -3.36 36.42 -31.25
N THR K 75 -2.38 35.62 -31.65
CA THR K 75 -1.59 34.86 -30.71
C THR K 75 -0.39 35.46 -29.98
N ASP K 76 0.01 36.69 -30.29
CA ASP K 76 1.20 37.28 -29.68
C ASP K 76 0.89 38.69 -29.21
N PHE K 77 1.17 38.97 -27.94
CA PHE K 77 0.86 40.25 -27.33
C PHE K 77 2.06 40.72 -26.51
N THR K 78 2.12 42.02 -26.24
CA THR K 78 3.30 42.57 -25.61
C THR K 78 2.87 43.64 -24.62
N LEU K 79 3.44 43.61 -23.43
CA LEU K 79 3.27 44.66 -22.45
C LEU K 79 4.58 45.43 -22.35
N THR K 80 4.52 46.72 -22.62
CA THR K 80 5.70 47.57 -22.64
C THR K 80 5.55 48.64 -21.58
N ILE K 81 6.59 48.80 -20.77
CA ILE K 81 6.75 49.93 -19.87
C ILE K 81 7.84 50.81 -20.49
N SER K 82 7.47 52.01 -20.92
CA SER K 82 8.38 52.80 -21.73
C SER K 82 9.55 53.34 -20.90
N SER K 83 9.25 53.89 -19.73
CA SER K 83 10.23 54.46 -18.82
C SER K 83 9.95 53.87 -17.44
N LEU K 84 10.73 52.87 -17.06
CA LEU K 84 10.47 52.13 -15.83
C LEU K 84 10.66 53.02 -14.61
N GLN K 85 9.62 53.17 -13.80
CA GLN K 85 9.70 53.85 -12.52
C GLN K 85 9.74 52.82 -11.39
N ALA K 86 10.20 53.27 -10.22
CA ALA K 86 10.41 52.33 -9.11
C ALA K 86 9.10 51.73 -8.61
N GLU K 87 8.02 52.49 -8.66
CA GLU K 87 6.73 51.94 -8.26
C GLU K 87 6.21 50.84 -9.19
N ASP K 88 6.89 50.57 -10.30
CA ASP K 88 6.41 49.61 -11.29
C ASP K 88 6.90 48.20 -11.03
N VAL K 89 7.72 48.00 -9.99
CA VAL K 89 8.23 46.68 -9.66
C VAL K 89 7.07 45.78 -9.23
N ALA K 90 6.89 44.68 -9.96
CA ALA K 90 5.75 43.82 -9.71
C ALA K 90 5.85 42.60 -10.61
N VAL K 91 4.89 41.69 -10.44
CA VAL K 91 4.66 40.58 -11.37
C VAL K 91 3.55 41.00 -12.33
N TYR K 92 3.74 40.75 -13.62
CA TYR K 92 2.75 41.06 -14.65
C TYR K 92 2.18 39.76 -15.22
N HIS K 93 0.85 39.68 -15.26
CA HIS K 93 0.16 38.50 -15.78
C HIS K 93 -0.70 38.90 -16.97
N CYS K 94 -0.73 38.03 -17.97
CA CYS K 94 -1.64 38.18 -19.11
C CYS K 94 -2.79 37.18 -18.96
N GLN K 95 -3.98 37.58 -19.39
CA GLN K 95 -5.16 36.72 -19.22
C GLN K 95 -6.00 36.79 -20.47
N GLN K 96 -6.27 35.63 -21.06
CA GLN K 96 -7.22 35.52 -22.15
C GLN K 96 -8.65 35.48 -21.61
N TYR K 97 -9.55 36.18 -22.29
CA TYR K 97 -10.98 36.04 -22.03
C TYR K 97 -11.75 35.85 -23.34
N PHE K 98 -11.17 35.07 -24.24
CA PHE K 98 -11.90 34.67 -25.44
C PHE K 98 -12.79 33.46 -25.16
N SER K 99 -12.23 32.43 -24.55
CA SER K 99 -12.90 31.16 -24.27
C SER K 99 -12.90 30.86 -22.78
N THR K 100 -13.90 30.10 -22.36
CA THR K 100 -13.94 29.55 -21.01
C THR K 100 -13.37 28.13 -21.08
N PRO K 101 -12.58 27.72 -20.07
CA PRO K 101 -12.14 28.37 -18.83
C PRO K 101 -11.24 29.58 -19.07
N TRP K 102 -11.42 30.63 -18.28
CA TRP K 102 -10.53 31.77 -18.36
C TRP K 102 -9.17 31.39 -17.80
N THR K 103 -8.11 31.63 -18.57
CA THR K 103 -6.78 31.17 -18.24
C THR K 103 -5.78 32.31 -18.26
N PHE K 104 -4.81 32.22 -17.35
CA PHE K 104 -3.75 33.21 -17.18
C PHE K 104 -2.43 32.65 -17.70
N GLY K 105 -1.49 33.56 -17.96
CA GLY K 105 -0.12 33.15 -18.13
C GLY K 105 0.53 32.90 -16.78
N GLN K 106 1.77 32.42 -16.82
CA GLN K 106 2.43 32.03 -15.57
C GLN K 106 3.00 33.22 -14.79
N GLY K 107 2.95 34.42 -15.36
CA GLY K 107 3.46 35.62 -14.69
C GLY K 107 4.92 35.88 -14.99
N THR K 108 5.28 37.17 -14.99
CA THR K 108 6.65 37.64 -15.18
C THR K 108 6.98 38.61 -14.04
N LYS K 109 8.09 38.35 -13.33
CA LYS K 109 8.51 39.24 -12.25
C LYS K 109 9.45 40.32 -12.78
N LEU K 110 9.16 41.57 -12.44
CA LEU K 110 9.93 42.72 -12.89
C LEU K 110 10.58 43.41 -11.70
N GLU K 111 11.89 43.64 -11.76
CA GLU K 111 12.66 44.21 -10.67
C GLU K 111 13.71 45.18 -11.20
N ILE K 112 14.16 46.08 -10.38
CA ILE K 112 15.00 47.20 -10.81
C ILE K 112 16.40 46.69 -11.10
N LYS K 113 16.92 47.03 -12.28
CA LYS K 113 18.32 46.78 -12.62
C LYS K 113 19.16 47.95 -12.15
N ARG K 114 20.23 47.65 -11.42
CA ARG K 114 21.14 48.66 -10.94
C ARG K 114 22.57 48.24 -11.25
N THR K 115 23.52 49.04 -10.74
CA THR K 115 24.93 48.69 -10.83
C THR K 115 25.22 47.43 -10.04
N VAL K 116 26.11 46.59 -10.59
CA VAL K 116 26.53 45.40 -9.88
C VAL K 116 27.21 45.76 -8.57
N ALA K 117 26.86 45.02 -7.51
CA ALA K 117 27.48 45.21 -6.20
C ALA K 117 27.75 43.84 -5.60
N ALA K 118 29.00 43.59 -5.22
CA ALA K 118 29.38 42.32 -4.65
C ALA K 118 28.85 42.19 -3.22
N PRO K 119 28.64 40.96 -2.75
CA PRO K 119 28.13 40.76 -1.39
C PRO K 119 29.21 40.94 -0.33
N SER K 120 28.81 41.52 0.80
CA SER K 120 29.61 41.25 1.98
C SER K 120 29.20 39.90 2.53
N VAL K 121 30.22 39.12 2.90
CA VAL K 121 30.00 37.77 3.39
C VAL K 121 30.29 37.73 4.89
N PHE K 122 29.49 36.96 5.61
CA PHE K 122 29.67 36.72 7.03
C PHE K 122 29.36 35.27 7.29
N ILE K 123 29.88 34.73 8.38
CA ILE K 123 29.65 33.33 8.70
C ILE K 123 29.42 33.19 10.20
N PHE K 124 28.56 32.26 10.58
CA PHE K 124 28.17 32.05 11.96
C PHE K 124 28.29 30.57 12.28
N PRO K 125 29.16 30.17 13.22
CA PRO K 125 29.16 28.79 13.69
C PRO K 125 27.91 28.51 14.51
N PRO K 126 27.57 27.23 14.68
CA PRO K 126 26.42 26.89 15.52
C PRO K 126 26.54 27.40 16.94
N SER K 127 25.45 28.01 17.42
CA SER K 127 25.33 28.32 18.84
C SER K 127 25.20 27.04 19.65
N ASP K 128 25.79 27.03 20.84
CA ASP K 128 25.94 25.80 21.60
C ASP K 128 24.65 25.32 22.25
N GLU K 129 23.71 26.21 22.56
CA GLU K 129 22.36 25.78 22.89
C GLU K 129 21.83 24.83 21.82
N GLN K 130 22.11 25.17 20.56
CA GLN K 130 21.57 24.42 19.44
C GLN K 130 22.11 22.98 19.38
N LEU K 131 23.37 22.75 19.78
CA LEU K 131 23.95 21.40 19.62
C LEU K 131 23.50 20.44 20.70
N LYS K 132 23.10 20.95 21.88
CA LYS K 132 22.50 20.08 22.87
C LYS K 132 21.21 19.45 22.37
N SER K 133 20.56 20.07 21.37
CA SER K 133 19.43 19.43 20.74
C SER K 133 19.84 18.31 19.78
N GLY K 134 21.13 18.22 19.46
CA GLY K 134 21.62 17.21 18.54
C GLY K 134 21.70 17.62 17.10
N THR K 135 21.49 18.91 16.80
CA THR K 135 21.49 19.42 15.43
C THR K 135 22.40 20.65 15.37
N ALA K 136 23.12 20.80 14.27
CA ALA K 136 24.03 21.92 14.09
C ALA K 136 23.75 22.60 12.77
N SER K 137 23.54 23.92 12.81
CA SER K 137 23.34 24.73 11.61
C SER K 137 24.44 25.77 11.52
N VAL K 138 25.15 25.78 10.39
CA VAL K 138 26.11 26.83 10.08
C VAL K 138 25.47 27.78 9.08
N VAL K 139 25.51 29.07 9.39
CA VAL K 139 24.77 30.08 8.61
C VAL K 139 25.77 31.00 7.92
N CYS K 140 25.53 31.18 6.63
CA CYS K 140 26.33 32.08 5.83
C CYS K 140 25.45 33.21 5.31
N LEU K 141 25.99 34.40 5.47
CA LEU K 141 25.21 35.58 5.13
C LEU K 141 25.87 36.34 3.99
N LEU K 142 25.13 36.53 2.90
CA LEU K 142 25.53 37.41 1.82
C LEU K 142 24.66 38.66 1.91
N ASN K 143 25.30 39.81 2.13
CA ASN K 143 24.57 41.04 2.44
C ASN K 143 24.75 42.08 1.33
N ASN K 144 23.63 42.67 0.90
CA ASN K 144 23.59 43.83 0.00
C ASN K 144 24.27 43.66 -1.37
N PHE K 145 23.83 42.66 -2.13
CA PHE K 145 24.41 42.43 -3.44
C PHE K 145 23.41 42.51 -4.59
N TYR K 146 23.94 42.77 -5.78
CA TYR K 146 23.18 42.72 -7.02
C TYR K 146 24.07 42.20 -8.16
N PRO K 147 23.52 41.34 -9.03
CA PRO K 147 22.14 40.85 -9.04
C PRO K 147 21.90 39.68 -8.08
N ARG K 148 20.70 39.09 -8.15
CA ARG K 148 20.33 38.02 -7.23
C ARG K 148 21.11 36.74 -7.51
N GLU K 149 21.49 36.52 -8.76
CA GLU K 149 22.16 35.28 -9.11
C GLU K 149 23.47 35.18 -8.35
N ALA K 150 23.59 34.14 -7.53
CA ALA K 150 24.81 33.88 -6.79
C ALA K 150 24.94 32.38 -6.65
N LYS K 151 26.15 31.93 -6.31
CA LYS K 151 26.40 30.53 -6.01
C LYS K 151 27.12 30.47 -4.67
N VAL K 152 26.52 29.79 -3.72
CA VAL K 152 27.11 29.62 -2.39
C VAL K 152 27.42 28.13 -2.23
N GLN K 153 28.69 27.81 -2.24
CA GLN K 153 29.14 26.43 -2.08
C GLN K 153 29.70 26.28 -0.68
N TRP K 154 29.27 25.23 0.01
CA TRP K 154 29.76 24.89 1.33
C TRP K 154 30.90 23.89 1.20
N LYS K 155 32.01 24.14 1.88
CA LYS K 155 33.19 23.29 1.78
C LYS K 155 33.36 22.52 3.09
N VAL K 156 33.11 21.21 3.05
CA VAL K 156 33.37 20.38 4.21
C VAL K 156 34.81 19.91 4.08
N ASP K 157 35.76 20.66 4.65
CA ASP K 157 37.19 20.31 4.58
C ASP K 157 37.72 20.06 3.18
N ASN K 158 37.18 20.84 2.29
CA ASN K 158 37.53 20.94 0.88
C ASN K 158 36.91 19.88 -0.01
N ALA K 159 36.09 18.97 0.53
CA ALA K 159 35.15 18.20 -0.27
C ALA K 159 33.83 18.96 -0.31
N LEU K 160 33.32 19.18 -1.52
CA LEU K 160 32.09 19.95 -1.66
C LEU K 160 30.90 19.12 -1.21
N GLN K 161 29.89 19.82 -0.69
CA GLN K 161 28.68 19.26 -0.09
C GLN K 161 27.51 19.27 -1.07
N SER K 162 26.57 18.35 -0.87
CA SER K 162 25.43 18.23 -1.78
C SER K 162 24.23 17.66 -1.04
N GLY K 163 23.06 18.29 -1.17
CA GLY K 163 21.89 17.87 -0.43
C GLY K 163 21.87 18.35 1.00
N ASN K 164 22.79 19.23 1.35
CA ASN K 164 23.10 19.55 2.73
C ASN K 164 22.58 20.92 3.15
N SER K 165 22.30 21.80 2.19
CA SER K 165 21.98 23.18 2.52
C SER K 165 20.66 23.59 1.89
N GLN K 166 20.01 24.55 2.53
CA GLN K 166 18.85 25.25 2.00
C GLN K 166 19.12 26.73 2.10
N GLU K 167 18.60 27.50 1.16
CA GLU K 167 18.94 28.92 1.19
C GLU K 167 17.67 29.77 1.09
N SER K 168 17.85 31.06 1.35
CA SER K 168 16.73 31.99 1.40
C SER K 168 17.19 33.35 0.91
N VAL K 169 16.45 33.93 -0.01
CA VAL K 169 16.74 35.24 -0.55
C VAL K 169 15.65 36.21 -0.13
N THR K 170 16.05 37.41 0.26
CA THR K 170 15.07 38.47 0.44
C THR K 170 14.63 38.99 -0.92
N GLU K 171 13.55 39.76 -0.89
CA GLU K 171 13.14 40.48 -2.07
C GLU K 171 13.91 41.80 -2.16
N GLN K 172 13.93 42.37 -3.36
CA GLN K 172 14.77 43.53 -3.64
C GLN K 172 14.48 44.65 -2.65
N ASP K 173 15.53 45.13 -1.97
CA ASP K 173 15.38 46.22 -1.01
C ASP K 173 14.97 47.51 -1.72
N SER K 174 14.14 48.29 -1.04
CA SER K 174 13.54 49.46 -1.67
C SER K 174 14.40 50.71 -1.59
N LYS K 175 15.50 50.69 -0.82
CA LYS K 175 16.32 51.88 -0.69
C LYS K 175 17.60 51.84 -1.51
N ASP K 176 18.11 50.65 -1.82
CA ASP K 176 19.30 50.54 -2.66
C ASP K 176 19.18 49.43 -3.69
N SER K 177 18.02 48.82 -3.83
CA SER K 177 17.72 47.82 -4.86
C SER K 177 18.60 46.59 -4.74
N THR K 178 19.09 46.28 -3.55
CA THR K 178 19.96 45.14 -3.34
C THR K 178 19.19 43.93 -2.80
N TYR K 179 19.84 42.78 -2.91
CA TYR K 179 19.40 41.53 -2.34
C TYR K 179 20.32 41.10 -1.21
N SER K 180 19.77 40.27 -0.32
CA SER K 180 20.53 39.59 0.72
C SER K 180 20.10 38.13 0.72
N LEU K 181 21.03 37.25 1.04
CA LEU K 181 20.78 35.82 0.94
C LEU K 181 21.38 35.11 2.15
N SER K 182 20.69 34.09 2.62
CA SER K 182 21.21 33.25 3.68
C SER K 182 21.33 31.83 3.14
N SER K 183 22.44 31.17 3.49
CA SER K 183 22.65 29.77 3.15
C SER K 183 22.94 29.04 4.46
N THR K 184 22.10 28.07 4.79
CA THR K 184 22.16 27.37 6.07
C THR K 184 22.63 25.93 5.85
N LEU K 185 23.69 25.56 6.57
CA LEU K 185 24.28 24.23 6.50
C LEU K 185 23.81 23.45 7.73
N THR K 186 22.96 22.46 7.51
CA THR K 186 22.33 21.75 8.62
C THR K 186 22.90 20.34 8.76
N LEU K 187 23.47 20.05 9.93
CA LEU K 187 24.08 18.76 10.22
C LEU K 187 23.74 18.32 11.64
N SER K 188 23.85 17.03 11.86
CA SER K 188 23.76 16.46 13.19
C SER K 188 24.94 16.89 14.03
N LYS K 189 24.79 16.75 15.34
CA LYS K 189 25.87 17.06 16.26
C LYS K 189 26.95 16.06 15.98
N ALA K 190 26.54 14.82 15.80
CA ALA K 190 27.60 13.86 15.54
C ALA K 190 28.10 13.94 14.11
N ASP K 191 28.78 15.04 13.77
CA ASP K 191 29.22 15.21 12.39
C ASP K 191 29.85 16.55 12.27
N TYR K 192 29.42 17.47 13.10
CA TYR K 192 30.05 18.78 13.05
C TYR K 192 31.28 18.77 13.98
N GLU K 193 31.18 18.01 15.02
CA GLU K 193 32.19 17.99 16.04
C GLU K 193 33.51 17.51 15.45
N LYS K 194 33.52 17.17 14.18
CA LYS K 194 34.78 16.93 13.53
C LYS K 194 34.89 17.88 12.39
N HIS K 195 36.03 17.86 11.76
CA HIS K 195 36.32 18.64 10.58
C HIS K 195 36.92 19.97 10.94
N LYS K 196 38.06 20.27 10.34
CA LYS K 196 38.84 21.44 10.68
C LYS K 196 37.97 22.67 10.82
N VAL K 197 38.11 23.58 9.87
CA VAL K 197 37.33 24.81 9.86
C VAL K 197 36.10 24.58 8.99
N TYR K 198 35.21 25.57 8.91
CA TYR K 198 34.04 25.46 8.04
C TYR K 198 33.96 26.71 7.17
N ALA K 199 33.66 26.50 5.90
CA ALA K 199 33.73 27.58 4.92
C ALA K 199 32.57 27.54 3.94
N CYS K 200 32.10 28.65 3.63
CA CYS K 200 31.25 28.84 2.47
C CYS K 200 32.02 29.68 1.44
N GLU K 201 31.81 29.37 0.20
CA GLU K 201 32.53 30.04 -0.87
C GLU K 201 31.52 30.70 -1.79
N VAL K 202 31.60 32.02 -1.91
CA VAL K 202 30.61 32.80 -2.64
C VAL K 202 31.14 33.07 -4.05
N THR K 203 30.30 32.76 -5.04
CA THR K 203 30.49 33.09 -6.44
C THR K 203 29.49 34.16 -6.83
N HIS K 204 29.91 35.17 -7.61
CA HIS K 204 29.00 36.24 -7.94
C HIS K 204 29.60 37.07 -9.06
N GLN K 205 28.74 37.75 -9.81
CA GLN K 205 29.19 38.51 -10.98
C GLN K 205 30.11 39.65 -10.57
N GLY K 206 29.82 40.27 -9.42
CA GLY K 206 30.63 41.33 -8.86
C GLY K 206 31.97 40.89 -8.32
N LEU K 207 32.28 39.59 -8.38
CA LEU K 207 33.57 39.06 -7.96
C LEU K 207 34.20 38.38 -9.17
N SER K 208 35.45 38.76 -9.48
CA SER K 208 36.16 38.06 -10.56
C SER K 208 36.67 36.71 -10.11
N SER K 209 36.89 36.54 -8.81
CA SER K 209 37.31 35.29 -8.23
C SER K 209 36.46 35.05 -6.99
N PRO K 210 36.28 33.79 -6.58
CA PRO K 210 35.44 33.52 -5.39
C PRO K 210 36.01 34.15 -4.13
N VAL K 211 35.11 34.43 -3.20
CA VAL K 211 35.46 34.89 -1.85
C VAL K 211 35.09 33.78 -0.87
N THR K 212 36.02 33.44 0.01
CA THR K 212 35.83 32.37 0.99
C THR K 212 35.95 32.94 2.39
N LYS K 213 35.01 32.56 3.26
CA LYS K 213 35.02 32.90 4.67
C LYS K 213 34.95 31.62 5.47
N SER K 214 35.75 31.54 6.54
CA SER K 214 35.78 30.34 7.36
C SER K 214 35.93 30.72 8.82
N PHE K 215 35.96 29.70 9.68
CA PHE K 215 36.14 29.85 11.12
C PHE K 215 36.67 28.54 11.69
N ASN K 216 37.47 28.65 12.77
CA ASN K 216 38.14 27.55 13.48
C ASN K 216 37.40 26.35 14.06
N ARG K 217 36.59 26.62 15.08
CA ARG K 217 35.76 25.67 15.85
C ARG K 217 36.11 25.71 17.32
N SER L 1 -16.00 32.12 -32.27
CA SER L 1 -16.63 33.17 -31.47
C SER L 1 -16.32 33.06 -29.97
N PRO L 2 -16.24 34.20 -29.28
CA PRO L 2 -16.00 34.19 -27.85
C PRO L 2 -17.10 33.48 -27.08
N SER L 3 -16.75 33.01 -25.88
CA SER L 3 -17.75 32.52 -24.94
C SER L 3 -18.48 33.72 -24.36
N ALA L 5 -19.77 36.52 -22.01
CA ALA L 5 -19.12 37.21 -20.91
C ALA L 5 -19.69 36.81 -19.56
N LYS L 6 -18.87 36.86 -18.53
CA LYS L 6 -19.32 36.61 -17.16
C LYS L 6 -18.85 37.72 -16.23
N SER L 7 -19.21 38.97 -16.58
CA SER L 7 -18.90 40.12 -15.73
C SER L 7 -20.19 40.71 -15.17
N ARG L 8 -20.92 41.45 -16.02
CA ARG L 8 -22.24 41.96 -15.66
C ARG L 8 -23.28 40.87 -15.81
N LEU L 9 -24.26 40.87 -14.93
CA LEU L 9 -25.35 39.89 -15.03
C LEU L 9 -26.31 40.29 -16.14
N GLN M 1 -49.38 12.51 23.49
CA GLN M 1 -49.60 11.27 24.16
C GLN M 1 -48.26 10.61 24.42
N VAL M 2 -48.21 9.31 24.23
CA VAL M 2 -47.02 8.53 24.27
C VAL M 2 -46.15 8.70 23.02
N GLN M 3 -44.90 9.11 23.19
CA GLN M 3 -44.07 9.27 22.00
C GLN M 3 -42.60 9.27 22.39
N LEU M 4 -41.77 8.78 21.46
CA LEU M 4 -40.32 8.82 21.56
C LEU M 4 -39.82 9.75 20.46
N VAL M 5 -39.11 10.80 20.83
CA VAL M 5 -38.61 11.79 19.88
C VAL M 5 -37.09 11.72 19.88
N GLN M 6 -36.51 11.49 18.71
CA GLN M 6 -35.07 11.31 18.55
C GLN M 6 -34.42 12.59 18.04
N SER M 7 -33.10 12.60 18.06
CA SER M 7 -32.34 13.76 17.62
C SER M 7 -32.19 13.76 16.09
N GLY M 8 -31.65 14.86 15.57
CA GLY M 8 -31.57 15.05 14.13
C GLY M 8 -30.62 14.09 13.43
N ALA M 9 -30.55 14.26 12.11
CA ALA M 9 -29.72 13.40 11.27
C ALA M 9 -28.24 13.65 11.52
N GLU M 10 -27.43 12.65 11.19
CA GLU M 10 -25.99 12.63 11.43
C GLU M 10 -25.25 12.19 10.17
N VAL M 11 -24.11 12.82 9.89
CA VAL M 11 -23.26 12.45 8.75
C VAL M 11 -21.83 12.28 9.23
N LYS M 12 -21.27 11.08 9.04
CA LYS M 12 -19.97 10.75 9.61
C LYS M 12 -19.06 10.13 8.56
N LYS M 13 -17.74 10.16 8.86
CA LYS M 13 -16.70 9.49 8.10
C LYS M 13 -16.33 8.16 8.74
N PRO M 14 -15.81 7.20 7.96
CA PRO M 14 -15.45 5.90 8.53
C PRO M 14 -14.48 6.05 9.70
N GLY M 15 -14.64 5.18 10.70
CA GLY M 15 -13.87 5.23 11.91
C GLY M 15 -14.49 6.08 13.01
N ALA M 16 -15.19 7.16 12.65
CA ALA M 16 -15.78 8.05 13.62
C ALA M 16 -16.86 7.32 14.42
N SER M 17 -17.41 8.02 15.41
CA SER M 17 -18.51 7.52 16.23
C SER M 17 -19.73 8.40 16.03
N VAL M 18 -20.88 7.89 16.47
CA VAL M 18 -22.11 8.64 16.37
C VAL M 18 -22.93 8.39 17.63
N LYS M 19 -23.60 9.43 18.10
CA LYS M 19 -24.39 9.35 19.32
C LYS M 19 -25.77 9.94 19.04
N VAL M 20 -26.78 9.10 19.14
CA VAL M 20 -28.17 9.50 18.94
C VAL M 20 -28.87 9.48 20.29
N SER M 21 -29.72 10.49 20.55
CA SER M 21 -30.52 10.53 21.76
C SER M 21 -31.97 10.20 21.46
N CYS M 22 -32.72 9.90 22.52
CA CYS M 22 -34.12 9.53 22.38
C CYS M 22 -34.85 9.91 23.65
N THR M 23 -35.89 10.70 23.52
CA THR M 23 -36.57 11.23 24.70
C THR M 23 -38.00 10.73 24.74
N ALA M 24 -38.34 10.21 25.92
CA ALA M 24 -39.64 9.58 26.18
C ALA M 24 -40.59 10.54 26.88
N SER M 25 -41.89 10.32 26.64
CA SER M 25 -42.94 11.11 27.26
C SER M 25 -44.26 10.37 27.09
N GLY M 26 -45.21 10.68 27.98
CA GLY M 26 -46.51 10.05 27.91
C GLY M 26 -46.58 8.66 28.50
N TYR M 27 -45.49 8.18 29.08
CA TYR M 27 -45.50 6.91 29.80
C TYR M 27 -44.36 6.94 30.81
N THR M 28 -44.31 5.90 31.65
CA THR M 28 -43.27 5.78 32.68
C THR M 28 -41.98 5.28 32.05
N PHE M 29 -41.02 6.20 31.84
CA PHE M 29 -39.75 5.89 31.19
C PHE M 29 -38.97 4.84 31.97
N THR M 30 -38.98 4.93 33.30
CA THR M 30 -38.29 3.94 34.14
C THR M 30 -39.12 2.70 34.34
N GLY M 31 -40.10 2.43 33.48
CA GLY M 31 -40.96 1.28 33.65
C GLY M 31 -40.71 0.19 32.63
N TYR M 32 -40.02 0.51 31.55
CA TYR M 32 -39.88 -0.40 30.44
C TYR M 32 -38.49 -0.29 29.83
N TYR M 33 -37.98 -1.43 29.34
CA TYR M 33 -36.74 -1.43 28.58
C TYR M 33 -36.81 -0.46 27.41
N LEU M 34 -35.66 0.08 27.04
CA LEU M 34 -35.51 0.95 25.86
C LEU M 34 -34.61 0.25 24.86
N HIS M 35 -35.14 -0.02 23.66
CA HIS M 35 -34.41 -0.74 22.63
C HIS M 35 -33.95 0.20 21.52
N TRP M 36 -33.00 -0.29 20.72
CA TRP M 36 -32.56 0.39 19.51
C TRP M 36 -32.60 -0.59 18.34
N VAL M 37 -33.17 -0.13 17.23
CA VAL M 37 -33.35 -0.92 16.02
C VAL M 37 -32.94 -0.05 14.83
N ARG M 38 -32.13 -0.61 13.94
CA ARG M 38 -31.70 0.13 12.76
C ARG M 38 -32.22 -0.53 11.48
N GLN M 39 -32.21 0.25 10.40
CA GLN M 39 -32.77 -0.20 9.13
C GLN M 39 -31.87 0.28 8.00
N ALA M 40 -31.08 -0.62 7.49
CA ALA M 40 -30.21 -0.28 6.37
C ALA M 40 -30.96 -0.47 5.05
N PRO M 41 -30.59 0.28 4.01
CA PRO M 41 -31.34 0.18 2.73
C PRO M 41 -31.29 -1.24 2.17
N GLY M 42 -32.48 -1.80 1.96
CA GLY M 42 -32.60 -3.18 1.48
C GLY M 42 -32.03 -4.23 2.41
N GLN M 43 -32.22 -4.06 3.71
CA GLN M 43 -31.62 -5.02 4.63
C GLN M 43 -32.63 -5.67 5.59
N GLY M 44 -33.59 -4.92 6.10
CA GLY M 44 -34.49 -5.43 7.12
C GLY M 44 -34.08 -5.04 8.52
N LEU M 45 -35.06 -4.80 9.40
CA LEU M 45 -34.79 -4.24 10.73
C LEU M 45 -33.82 -5.11 11.52
N GLU M 46 -33.00 -4.47 12.33
CA GLU M 46 -31.98 -5.18 13.10
C GLU M 46 -31.97 -4.65 14.53
N TRP M 47 -32.26 -5.53 15.48
CA TRP M 47 -32.17 -5.14 16.88
C TRP M 47 -30.71 -4.97 17.28
N MET M 48 -30.42 -3.86 17.99
CA MET M 48 -29.05 -3.54 18.39
C MET M 48 -28.79 -3.73 19.88
N GLY M 49 -29.82 -3.94 20.69
CA GLY M 49 -29.63 -4.06 22.12
C GLY M 49 -30.59 -3.17 22.87
N TRP M 50 -30.62 -3.31 24.20
CA TRP M 50 -31.49 -2.52 25.04
C TRP M 50 -30.73 -1.97 26.22
N VAL M 51 -31.33 -0.97 26.85
CA VAL M 51 -30.85 -0.47 28.13
C VAL M 51 -32.00 -0.51 29.12
N ASN M 52 -31.66 -0.90 30.36
CA ASN M 52 -32.55 -0.83 31.51
C ASN M 52 -32.51 0.60 32.03
N PRO M 53 -33.59 1.37 31.84
CA PRO M 53 -33.59 2.76 32.34
C PRO M 53 -33.53 2.87 33.85
N ARG M 54 -33.73 1.79 34.57
CA ARG M 54 -33.73 1.88 36.00
C ARG M 54 -32.40 1.45 36.61
N SER M 55 -31.84 0.34 36.19
CA SER M 55 -30.55 -0.11 36.69
C SER M 55 -29.39 0.41 35.85
N GLY M 56 -29.64 0.81 34.61
CA GLY M 56 -28.56 1.22 33.74
C GLY M 56 -27.84 0.08 33.08
N GLY M 57 -28.25 -1.16 33.34
CA GLY M 57 -27.68 -2.29 32.65
C GLY M 57 -28.06 -2.31 31.18
N THR M 58 -27.34 -3.15 30.43
CA THR M 58 -27.53 -3.26 28.99
C THR M 58 -27.34 -4.71 28.57
N SER M 59 -27.58 -4.94 27.28
CA SER M 59 -27.41 -6.24 26.64
C SER M 59 -27.36 -6.03 25.14
N TYR M 60 -26.30 -6.52 24.51
CA TYR M 60 -26.10 -6.32 23.08
C TYR M 60 -25.93 -7.68 22.38
N PRO M 61 -26.48 -7.83 21.18
CA PRO M 61 -26.25 -9.05 20.41
C PRO M 61 -24.83 -9.11 19.90
N PRO M 62 -24.30 -10.33 19.65
CA PRO M 62 -22.92 -10.49 19.20
C PRO M 62 -22.44 -9.48 18.17
N LYS M 63 -23.33 -9.11 17.26
CA LYS M 63 -22.93 -8.22 16.17
C LYS M 63 -22.49 -6.85 16.67
N PHE M 64 -23.07 -6.37 17.77
CA PHE M 64 -22.79 -5.02 18.24
C PHE M 64 -22.02 -4.98 19.55
N GLN M 65 -21.81 -6.12 20.22
CA GLN M 65 -20.95 -6.18 21.39
C GLN M 65 -19.54 -5.76 21.01
N GLY M 66 -19.03 -4.72 21.68
CA GLY M 66 -17.75 -4.13 21.35
C GLY M 66 -17.83 -2.86 20.53
N ARG M 67 -18.97 -2.55 19.92
CA ARG M 67 -19.14 -1.34 19.14
C ARG M 67 -20.19 -0.38 19.68
N VAL M 68 -21.17 -0.85 20.44
CA VAL M 68 -22.31 -0.03 20.83
C VAL M 68 -22.26 0.25 22.33
N THR M 69 -22.64 1.47 22.72
CA THR M 69 -22.80 1.81 24.13
C THR M 69 -24.14 2.50 24.32
N MET M 70 -25.00 1.94 25.16
CA MET M 70 -26.32 2.51 25.43
C MET M 70 -26.39 3.01 26.86
N THR M 71 -26.82 4.26 27.04
CA THR M 71 -26.88 4.87 28.36
C THR M 71 -28.18 5.64 28.49
N ARG M 72 -28.50 6.00 29.73
CA ARG M 72 -29.74 6.71 30.04
C ARG M 72 -29.41 7.97 30.81
N ASP M 73 -30.42 8.84 30.93
CA ASP M 73 -30.35 9.95 31.90
C ASP M 73 -31.78 10.26 32.33
N THR M 74 -32.22 9.57 33.40
CA THR M 74 -33.61 9.65 33.84
C THR M 74 -34.01 11.05 34.25
N SER M 75 -33.03 11.92 34.56
CA SER M 75 -33.33 13.31 34.88
C SER M 75 -34.16 13.98 33.80
N ILE M 76 -33.95 13.61 32.53
CA ILE M 76 -34.60 14.26 31.41
C ILE M 76 -35.27 13.20 30.54
N ASN M 77 -35.42 12.00 31.09
CA ASN M 77 -36.05 10.85 30.44
C ASN M 77 -35.52 10.68 29.01
N THR M 78 -34.21 10.53 28.91
CA THR M 78 -33.49 10.49 27.64
C THR M 78 -32.56 9.28 27.63
N ALA M 79 -32.62 8.51 26.54
CA ALA M 79 -31.72 7.40 26.32
C ALA M 79 -30.75 7.74 25.19
N TYR M 80 -29.61 7.07 25.18
CA TYR M 80 -28.59 7.35 24.19
C TYR M 80 -28.07 6.05 23.61
N MET M 81 -27.70 6.09 22.33
CA MET M 81 -27.08 4.99 21.63
C MET M 81 -25.83 5.54 20.97
N ASP M 82 -24.71 4.87 21.18
CA ASP M 82 -23.43 5.35 20.67
C ASP M 82 -22.75 4.21 19.94
N LEU M 83 -22.42 4.44 18.67
CA LEU M 83 -21.83 3.41 17.85
C LEU M 83 -20.49 3.90 17.36
N THR M 84 -19.47 3.04 17.47
CA THR M 84 -18.11 3.40 17.12
C THR M 84 -17.63 2.54 15.95
N TRP M 85 -16.56 3.01 15.32
CA TRP M 85 -15.93 2.32 14.20
C TRP M 85 -16.91 2.16 13.06
N LEU M 86 -17.48 3.30 12.64
CA LEU M 86 -18.49 3.29 11.60
C LEU M 86 -17.87 2.92 10.25
N THR M 87 -18.64 2.22 9.43
CA THR M 87 -18.30 1.92 8.04
C THR M 87 -19.54 2.18 7.19
N SER M 88 -19.43 1.91 5.89
CA SER M 88 -20.56 2.07 4.98
C SER M 88 -21.76 1.25 5.43
N ASP M 89 -21.52 0.03 5.95
CA ASP M 89 -22.61 -0.84 6.39
C ASP M 89 -23.40 -0.27 7.55
N ASP M 90 -22.94 0.80 8.20
CA ASP M 90 -23.70 1.40 9.27
C ASP M 90 -24.61 2.53 8.80
N THR M 91 -24.60 2.83 7.51
CA THR M 91 -25.56 3.76 6.91
C THR M 91 -26.95 3.16 7.05
N ALA M 92 -27.80 3.82 7.84
CA ALA M 92 -29.07 3.25 8.22
C ALA M 92 -29.90 4.32 8.90
N VAL M 93 -31.19 4.04 9.06
CA VAL M 93 -32.07 4.81 9.93
C VAL M 93 -32.14 4.11 11.27
N TYR M 94 -31.90 4.87 12.34
CA TYR M 94 -31.79 4.31 13.69
C TYR M 94 -33.02 4.69 14.50
N TYR M 95 -33.68 3.68 15.07
CA TYR M 95 -34.92 3.86 15.81
C TYR M 95 -34.73 3.46 17.27
N CYS M 96 -35.29 4.24 18.21
CA CYS M 96 -35.51 3.74 19.55
C CYS M 96 -36.95 3.23 19.63
N ALA M 97 -37.16 2.21 20.41
CA ALA M 97 -38.45 1.54 20.46
C ALA M 97 -38.70 1.03 21.88
N VAL M 98 -39.97 0.94 22.25
CA VAL M 98 -40.38 0.48 23.56
C VAL M 98 -41.51 -0.52 23.39
N GLY M 99 -41.43 -1.64 24.10
CA GLY M 99 -42.51 -2.60 24.16
C GLY M 99 -43.13 -2.58 25.55
N ARG M 100 -44.46 -2.45 25.58
CA ARG M 100 -45.20 -2.38 26.83
C ARG M 100 -45.99 -3.64 27.13
N ILE M 101 -45.98 -4.62 26.24
CA ILE M 101 -46.85 -5.79 26.36
C ILE M 101 -46.09 -6.85 27.16
N PRO M 102 -46.60 -7.28 28.32
CA PRO M 102 -45.92 -8.31 29.12
C PRO M 102 -45.66 -9.59 28.33
N ASP M 103 -44.43 -10.08 28.46
CA ASP M 103 -44.15 -11.38 27.82
C ASP M 103 -43.76 -11.28 26.35
N VAL M 104 -43.94 -10.10 25.78
CA VAL M 104 -43.97 -9.93 24.33
C VAL M 104 -42.89 -8.90 23.99
N THR M 105 -41.73 -9.38 23.55
CA THR M 105 -40.65 -8.50 23.13
C THR M 105 -40.87 -8.05 21.69
N ALA M 106 -41.95 -7.29 21.51
CA ALA M 106 -42.19 -6.56 20.28
C ALA M 106 -42.57 -5.15 20.66
N PHE M 107 -42.28 -4.21 19.78
CA PHE M 107 -42.25 -2.81 20.14
C PHE M 107 -43.48 -2.13 19.55
N ASP M 108 -44.29 -1.53 20.41
CA ASP M 108 -45.47 -0.81 20.00
C ASP M 108 -45.30 0.70 20.03
N ILE M 109 -44.18 1.18 20.57
CA ILE M 109 -43.82 2.58 20.54
C ILE M 109 -42.49 2.69 19.82
N TRP M 110 -42.37 3.65 18.91
CA TRP M 110 -41.18 3.84 18.13
C TRP M 110 -40.87 5.33 18.04
N GLY M 111 -39.58 5.65 18.00
CA GLY M 111 -39.17 6.99 17.62
C GLY M 111 -39.38 7.23 16.13
N GLN M 112 -39.29 8.51 15.73
CA GLN M 112 -39.49 8.86 14.33
C GLN M 112 -38.35 8.37 13.46
N GLY M 113 -37.21 8.05 14.05
CA GLY M 113 -36.06 7.57 13.32
C GLY M 113 -35.01 8.65 13.16
N THR M 114 -33.75 8.23 13.15
CA THR M 114 -32.61 9.12 12.92
C THR M 114 -31.78 8.54 11.80
N PRO M 115 -31.66 9.21 10.65
CA PRO M 115 -30.79 8.72 9.59
C PRO M 115 -29.31 9.01 9.86
N VAL M 116 -28.48 7.99 9.65
CA VAL M 116 -27.04 8.10 9.81
C VAL M 116 -26.40 7.69 8.50
N THR M 117 -25.61 8.60 7.92
CA THR M 117 -24.85 8.35 6.69
C THR M 117 -23.37 8.23 7.05
N VAL M 118 -22.74 7.16 6.57
CA VAL M 118 -21.30 6.96 6.77
C VAL M 118 -20.64 6.92 5.40
N SER M 119 -19.71 7.84 5.18
CA SER M 119 -19.09 7.96 3.87
C SER M 119 -17.78 8.73 3.98
N SER M 120 -16.79 8.30 3.20
CA SER M 120 -15.52 9.00 3.14
C SER M 120 -15.62 10.34 2.42
N ALA M 121 -16.78 10.66 1.85
CA ALA M 121 -16.97 11.90 1.12
C ALA M 121 -17.20 13.06 2.08
N SER M 122 -17.03 14.27 1.55
CA SER M 122 -17.20 15.48 2.32
C SER M 122 -18.32 16.30 1.73
N THR M 123 -18.81 17.25 2.53
CA THR M 123 -19.97 18.04 2.14
C THR M 123 -19.70 18.76 0.83
N LYS M 124 -20.64 18.64 -0.10
CA LYS M 124 -20.46 19.29 -1.38
C LYS M 124 -21.83 19.69 -1.94
N GLY M 125 -21.93 20.94 -2.37
CA GLY M 125 -23.15 21.43 -2.98
C GLY M 125 -23.32 20.88 -4.38
N PRO M 126 -24.55 20.91 -4.87
CA PRO M 126 -24.84 20.37 -6.21
C PRO M 126 -24.70 21.40 -7.32
N SER M 127 -24.43 20.89 -8.52
CA SER M 127 -24.61 21.64 -9.75
C SER M 127 -26.01 21.34 -10.32
N VAL M 128 -26.68 22.38 -10.82
CA VAL M 128 -28.05 22.26 -11.28
C VAL M 128 -28.09 22.57 -12.77
N PHE M 129 -28.49 21.59 -13.57
CA PHE M 129 -28.49 21.74 -15.01
C PHE M 129 -29.90 21.62 -15.56
N PRO M 130 -30.30 22.48 -16.50
CA PRO M 130 -31.65 22.42 -17.04
C PRO M 130 -31.84 21.21 -17.93
N LEU M 131 -33.03 20.61 -17.84
CA LEU M 131 -33.53 19.60 -18.76
C LEU M 131 -34.65 20.26 -19.57
N ALA M 132 -34.25 20.97 -20.62
CA ALA M 132 -35.14 21.82 -21.40
C ALA M 132 -36.05 21.02 -22.31
N PRO M 133 -37.30 21.50 -22.55
CA PRO M 133 -38.18 20.85 -23.51
C PRO M 133 -37.62 20.94 -24.92
N SER M 134 -37.05 19.84 -25.40
CA SER M 134 -36.48 19.79 -26.74
C SER M 134 -37.28 18.89 -27.65
N SER M 135 -36.91 18.87 -28.93
CA SER M 135 -37.60 18.04 -29.91
C SER M 135 -38.91 18.77 -30.21
N LYS M 136 -38.88 19.64 -31.22
CA LYS M 136 -40.08 20.31 -31.69
C LYS M 136 -40.82 21.02 -30.55
N SER M 137 -42.14 20.88 -30.54
CA SER M 137 -42.95 21.52 -29.50
C SER M 137 -44.44 21.25 -29.69
N THR M 138 -44.76 20.02 -30.11
CA THR M 138 -46.14 19.61 -30.30
C THR M 138 -46.47 18.39 -29.44
N SER M 139 -45.61 17.38 -29.51
CA SER M 139 -45.72 16.19 -28.66
C SER M 139 -47.16 15.71 -28.38
N GLY M 140 -47.41 15.40 -27.11
CA GLY M 140 -48.62 14.75 -26.66
C GLY M 140 -49.68 15.76 -26.31
N GLY M 141 -49.41 17.03 -26.62
CA GLY M 141 -50.09 18.14 -26.02
C GLY M 141 -49.57 18.50 -24.65
N THR M 142 -48.87 17.58 -23.99
CA THR M 142 -48.17 17.81 -22.74
C THR M 142 -46.68 17.63 -22.98
N ALA M 143 -45.88 18.58 -22.52
CA ALA M 143 -44.42 18.55 -22.69
C ALA M 143 -43.72 18.24 -21.37
N ALA M 144 -42.46 17.83 -21.48
CA ALA M 144 -41.66 17.43 -20.32
C ALA M 144 -40.42 18.31 -20.22
N LEU M 145 -40.17 18.84 -19.02
CA LEU M 145 -38.97 19.59 -18.73
C LEU M 145 -38.55 19.29 -17.29
N GLY M 146 -37.29 19.60 -16.97
CA GLY M 146 -36.83 19.20 -15.65
C GLY M 146 -35.54 19.87 -15.24
N CYS M 147 -34.99 19.33 -14.15
CA CYS M 147 -33.74 19.84 -13.61
C CYS M 147 -32.88 18.71 -13.03
N LEU M 148 -31.68 18.64 -13.52
CA LEU M 148 -30.71 17.64 -13.11
C LEU M 148 -29.88 18.22 -11.97
N VAL M 149 -30.00 17.65 -10.78
CA VAL M 149 -29.29 18.14 -9.59
C VAL M 149 -28.18 17.15 -9.32
N LYS M 150 -26.96 17.48 -9.75
CA LYS M 150 -25.89 16.51 -9.89
C LYS M 150 -24.76 16.78 -8.89
N ASP M 151 -24.23 15.69 -8.34
CA ASP M 151 -23.00 15.62 -7.55
C ASP M 151 -23.06 16.48 -6.29
N TYR M 152 -23.84 16.01 -5.31
CA TYR M 152 -23.91 16.65 -4.01
C TYR M 152 -23.78 15.61 -2.91
N PHE M 153 -23.48 16.11 -1.70
CA PHE M 153 -23.33 15.28 -0.52
C PHE M 153 -23.44 16.18 0.69
N PRO M 154 -24.24 15.76 1.69
CA PRO M 154 -25.01 14.51 1.70
C PRO M 154 -26.48 14.77 1.39
N GLU M 155 -27.31 13.74 1.51
CA GLU M 155 -28.75 13.92 1.48
C GLU M 155 -29.15 14.75 2.70
N PRO M 156 -30.28 15.51 2.65
CA PRO M 156 -31.32 15.66 1.62
C PRO M 156 -31.09 16.82 0.63
N VAL M 157 -31.89 16.87 -0.43
CA VAL M 157 -31.98 18.04 -1.27
C VAL M 157 -33.47 18.29 -1.54
N THR M 158 -33.83 19.55 -1.72
CA THR M 158 -35.24 19.96 -1.85
C THR M 158 -35.47 20.63 -3.19
N VAL M 159 -36.38 20.08 -4.00
CA VAL M 159 -36.71 20.63 -5.31
C VAL M 159 -38.20 20.97 -5.34
N SER M 160 -38.49 22.23 -5.64
CA SER M 160 -39.83 22.70 -5.94
C SER M 160 -39.82 23.41 -7.29
N TRP M 161 -41.00 23.77 -7.77
CA TRP M 161 -41.14 24.41 -9.06
C TRP M 161 -41.95 25.70 -8.91
N ASN M 162 -41.37 26.80 -9.40
CA ASN M 162 -42.04 28.08 -9.35
C ASN M 162 -42.47 28.42 -7.92
N SER M 163 -41.49 28.33 -7.01
CA SER M 163 -41.66 28.62 -5.59
C SER M 163 -42.73 27.76 -4.92
N GLY M 164 -42.96 26.55 -5.44
CA GLY M 164 -44.01 25.68 -4.97
C GLY M 164 -45.32 25.76 -5.75
N ALA M 165 -45.45 26.73 -6.66
CA ALA M 165 -46.74 26.96 -7.30
C ALA M 165 -47.11 25.82 -8.26
N LEU M 166 -46.12 25.14 -8.83
CA LEU M 166 -46.35 24.08 -9.80
C LEU M 166 -46.04 22.74 -9.14
N THR M 167 -47.08 21.97 -8.86
CA THR M 167 -46.92 20.67 -8.22
C THR M 167 -47.48 19.52 -9.02
N SER M 168 -48.47 19.77 -9.87
CA SER M 168 -49.08 18.71 -10.65
C SER M 168 -48.14 18.33 -11.80
N GLY M 169 -47.97 17.02 -12.01
CA GLY M 169 -47.03 16.54 -12.98
C GLY M 169 -45.59 16.46 -12.51
N VAL M 170 -45.29 16.94 -11.30
CA VAL M 170 -43.93 16.91 -10.80
C VAL M 170 -43.57 15.51 -10.32
N HIS M 171 -42.42 15.01 -10.76
CA HIS M 171 -41.81 13.80 -10.21
C HIS M 171 -40.37 14.13 -9.85
N THR M 172 -40.03 14.07 -8.56
CA THR M 172 -38.65 14.17 -8.13
C THR M 172 -38.13 12.78 -7.78
N PHE M 173 -37.08 12.35 -8.47
CA PHE M 173 -36.67 10.96 -8.34
C PHE M 173 -35.80 10.75 -7.10
N PRO M 174 -35.85 9.57 -6.52
CA PRO M 174 -34.95 9.26 -5.41
C PRO M 174 -33.50 9.46 -5.84
N ALA M 175 -32.69 9.95 -4.91
CA ALA M 175 -31.27 10.12 -5.20
C ALA M 175 -30.63 8.76 -5.47
N VAL M 176 -29.62 8.78 -6.33
CA VAL M 176 -28.80 7.62 -6.63
C VAL M 176 -27.38 7.98 -6.25
N LEU M 177 -26.64 7.01 -5.72
CA LEU M 177 -25.26 7.26 -5.32
C LEU M 177 -24.36 6.95 -6.51
N GLN M 178 -23.58 7.95 -6.92
CA GLN M 178 -22.64 7.73 -8.01
C GLN M 178 -21.35 7.10 -7.48
N SER M 179 -20.48 6.70 -8.41
CA SER M 179 -19.24 6.04 -8.02
C SER M 179 -18.27 7.00 -7.35
N SER M 180 -18.48 8.31 -7.51
CA SER M 180 -17.67 9.32 -6.85
C SER M 180 -18.04 9.51 -5.38
N GLY M 181 -19.04 8.77 -4.88
CA GLY M 181 -19.60 9.05 -3.58
C GLY M 181 -20.55 10.22 -3.53
N LEU M 182 -20.80 10.88 -4.66
CA LEU M 182 -21.72 12.00 -4.73
C LEU M 182 -23.07 11.54 -5.24
N TYR M 183 -24.14 12.13 -4.72
CA TYR M 183 -25.49 11.78 -5.13
C TYR M 183 -25.93 12.62 -6.32
N SER M 184 -27.00 12.17 -6.97
CA SER M 184 -27.52 12.86 -8.14
C SER M 184 -28.99 12.49 -8.29
N LEU M 185 -29.83 13.47 -8.59
CA LEU M 185 -31.21 13.15 -8.96
C LEU M 185 -31.70 14.10 -10.05
N SER M 186 -32.85 13.73 -10.61
CA SER M 186 -33.58 14.58 -11.54
C SER M 186 -34.97 14.86 -10.98
N SER M 187 -35.46 16.07 -11.22
CA SER M 187 -36.85 16.42 -10.98
C SER M 187 -37.44 16.87 -12.31
N VAL M 188 -38.51 16.20 -12.75
CA VAL M 188 -39.17 16.50 -14.02
C VAL M 188 -40.61 16.91 -13.74
N VAL M 189 -41.18 17.65 -14.69
CA VAL M 189 -42.57 18.05 -14.63
C VAL M 189 -43.14 18.03 -16.04
N THR M 190 -44.37 17.53 -16.16
CA THR M 190 -45.09 17.56 -17.42
C THR M 190 -45.99 18.80 -17.46
N VAL M 191 -45.99 19.47 -18.61
CA VAL M 191 -46.68 20.74 -18.82
C VAL M 191 -47.37 20.67 -20.17
N PRO M 192 -48.42 21.46 -20.34
CA PRO M 192 -49.07 21.57 -21.65
C PRO M 192 -48.08 22.13 -22.67
N SER M 193 -47.91 21.47 -23.81
CA SER M 193 -46.82 21.94 -24.66
C SER M 193 -47.11 23.31 -25.27
N SER M 194 -48.37 23.72 -25.43
CA SER M 194 -48.64 25.06 -25.93
C SER M 194 -48.14 26.15 -24.99
N SER M 195 -48.00 25.85 -23.69
CA SER M 195 -47.65 26.86 -22.70
C SER M 195 -46.16 27.20 -22.68
N LEU M 196 -45.33 26.57 -23.50
CA LEU M 196 -43.90 26.84 -23.46
C LEU M 196 -43.53 28.24 -23.90
N GLY M 197 -44.48 29.02 -24.43
CA GLY M 197 -44.17 30.38 -24.83
C GLY M 197 -44.72 31.42 -23.87
N THR M 198 -45.79 31.04 -23.17
CA THR M 198 -46.40 31.91 -22.16
C THR M 198 -45.77 31.74 -20.79
N GLN M 199 -45.47 30.51 -20.40
CA GLN M 199 -45.14 30.20 -19.01
C GLN M 199 -43.63 30.19 -18.79
N THR M 200 -43.23 30.69 -17.62
CA THR M 200 -41.85 30.61 -17.17
C THR M 200 -41.72 29.48 -16.15
N TYR M 201 -40.74 28.61 -16.37
CA TYR M 201 -40.56 27.44 -15.54
C TYR M 201 -39.23 27.53 -14.81
N ILE M 202 -39.28 27.49 -13.48
CA ILE M 202 -38.10 27.65 -12.64
C ILE M 202 -38.09 26.56 -11.58
N CYS M 203 -36.98 25.81 -11.50
CA CYS M 203 -36.82 24.85 -10.41
C CYS M 203 -36.01 25.51 -9.31
N ASN M 204 -36.45 25.31 -8.09
CA ASN M 204 -35.67 25.86 -6.99
C ASN M 204 -35.12 24.69 -6.21
N VAL M 205 -33.80 24.69 -6.15
CA VAL M 205 -33.02 23.61 -5.55
C VAL M 205 -32.37 24.13 -4.27
N ASN M 206 -32.44 23.33 -3.22
CA ASN M 206 -32.02 23.79 -1.90
C ASN M 206 -31.32 22.64 -1.19
N HIS M 207 -30.06 22.85 -0.84
CA HIS M 207 -29.22 21.84 -0.19
C HIS M 207 -28.67 22.45 1.09
N LYS M 208 -29.34 22.16 2.22
CA LYS M 208 -28.98 22.76 3.51
C LYS M 208 -27.54 22.53 3.91
N PRO M 209 -26.98 21.31 3.88
CA PRO M 209 -25.62 21.12 4.42
C PRO M 209 -24.60 22.07 3.84
N SER M 210 -24.81 22.56 2.61
CA SER M 210 -23.85 23.41 1.92
C SER M 210 -24.39 24.81 1.66
N ASN M 211 -25.42 25.23 2.39
CA ASN M 211 -26.07 26.53 2.20
C ASN M 211 -26.26 26.89 0.72
N THR M 212 -26.66 25.93 -0.13
CA THR M 212 -26.89 26.16 -1.55
C THR M 212 -28.38 26.30 -1.82
N LYS M 213 -28.78 27.45 -2.38
CA LYS M 213 -30.13 27.65 -2.87
C LYS M 213 -30.06 28.21 -4.29
N VAL M 214 -30.55 27.45 -5.26
CA VAL M 214 -30.37 27.76 -6.68
C VAL M 214 -31.75 27.85 -7.33
N ASP M 215 -31.95 28.91 -8.11
CA ASP M 215 -33.12 29.06 -8.96
C ASP M 215 -32.63 28.98 -10.40
N LYS M 216 -32.96 27.87 -11.07
CA LYS M 216 -32.56 27.63 -12.45
C LYS M 216 -33.79 27.75 -13.33
N ARG M 217 -33.78 28.67 -14.26
CA ARG M 217 -34.87 28.84 -15.18
C ARG M 217 -34.70 27.91 -16.36
N VAL M 218 -35.67 27.09 -16.63
CA VAL M 218 -35.61 26.06 -17.66
C VAL M 218 -36.38 26.51 -18.90
N GLY M 219 -35.67 26.79 -19.97
CA GLY M 219 -36.22 27.41 -21.16
C GLY M 219 -35.97 26.59 -22.41
N SER M 220 -36.81 26.80 -23.40
CA SER M 220 -36.74 26.13 -24.70
C SER M 220 -35.61 26.66 -25.58
N ASP N 1 -29.75 -15.87 15.36
CA ASP N 1 -29.63 -17.32 15.19
C ASP N 1 -30.95 -17.91 14.71
N ILE N 2 -32.06 -17.26 15.04
CA ILE N 2 -33.36 -17.59 14.45
C ILE N 2 -33.54 -16.71 13.22
N GLN N 3 -33.50 -17.34 12.05
CA GLN N 3 -33.58 -16.64 10.77
C GLN N 3 -35.03 -16.53 10.33
N MET N 4 -35.39 -15.37 9.79
CA MET N 4 -36.76 -15.08 9.39
C MET N 4 -36.79 -14.70 7.92
N THR N 5 -37.55 -15.46 7.11
CA THR N 5 -37.67 -15.20 5.68
C THR N 5 -39.12 -14.95 5.34
N GLN N 6 -39.40 -13.90 4.58
CA GLN N 6 -40.74 -13.63 4.09
C GLN N 6 -40.82 -13.97 2.61
N SER N 7 -42.06 -14.10 2.12
CA SER N 7 -42.31 -14.40 0.72
C SER N 7 -43.67 -13.88 0.31
N PRO N 8 -43.73 -13.11 -0.80
CA PRO N 8 -42.60 -12.69 -1.64
C PRO N 8 -41.96 -11.41 -1.11
N ASP N 9 -41.00 -10.86 -1.86
CA ASP N 9 -40.40 -9.57 -1.47
C ASP N 9 -41.31 -8.41 -1.81
N SER N 10 -41.99 -8.49 -2.95
CA SER N 10 -42.94 -7.46 -3.35
C SER N 10 -44.21 -8.14 -3.84
N LEU N 11 -45.33 -7.43 -3.70
CA LEU N 11 -46.62 -8.02 -4.01
C LEU N 11 -47.58 -6.92 -4.45
N ALA N 12 -48.35 -7.24 -5.48
CA ALA N 12 -49.34 -6.33 -6.05
C ALA N 12 -50.70 -7.00 -6.07
N VAL N 13 -51.72 -6.28 -5.56
CA VAL N 13 -53.05 -6.82 -5.34
C VAL N 13 -54.04 -5.68 -5.60
N SER N 14 -55.18 -6.01 -6.18
CA SER N 14 -56.13 -4.97 -6.56
C SER N 14 -56.83 -4.40 -5.33
N LEU N 15 -57.48 -3.25 -5.52
CA LEU N 15 -58.17 -2.57 -4.42
C LEU N 15 -59.41 -3.36 -3.98
N GLY N 16 -59.39 -3.95 -2.80
CA GLY N 16 -60.52 -4.70 -2.35
C GLY N 16 -60.29 -6.17 -2.37
N GLU N 17 -59.09 -6.58 -2.69
CA GLU N 17 -58.82 -7.99 -2.80
C GLU N 17 -57.82 -8.47 -1.79
N ARG N 18 -57.61 -9.78 -1.82
CA ARG N 18 -56.84 -10.48 -0.81
C ARG N 18 -55.35 -10.49 -1.01
N ALA N 19 -54.62 -10.15 0.04
CA ALA N 19 -53.17 -10.12 0.01
C ALA N 19 -52.62 -11.06 1.09
N THR N 20 -51.65 -11.88 0.70
CA THR N 20 -51.12 -12.91 1.58
C THR N 20 -49.61 -12.81 1.64
N ILE N 21 -49.07 -12.67 2.85
CA ILE N 21 -47.62 -12.59 3.08
C ILE N 21 -47.21 -13.76 3.95
N ASN N 22 -46.30 -14.58 3.46
CA ASN N 22 -45.74 -15.68 4.22
C ASN N 22 -44.50 -15.23 4.99
N CYS N 23 -44.20 -15.97 6.07
CA CYS N 23 -43.04 -15.70 6.90
C CYS N 23 -42.62 -17.03 7.52
N LYS N 24 -41.43 -17.51 7.17
CA LYS N 24 -40.98 -18.80 7.68
C LYS N 24 -39.87 -18.61 8.71
N SER N 25 -39.97 -19.33 9.83
CA SER N 25 -38.97 -19.36 10.89
C SER N 25 -38.09 -20.59 10.75
N SER N 26 -36.81 -20.45 11.14
CA SER N 26 -35.88 -21.55 11.01
C SER N 26 -35.88 -22.50 12.22
N GLU N 27 -36.67 -22.23 13.25
CA GLU N 27 -36.60 -22.98 14.50
C GLU N 27 -37.90 -23.56 15.02
N SER N 28 -38.89 -22.72 15.05
CA SER N 28 -40.24 -22.98 15.59
C SER N 28 -40.49 -22.07 16.78
N LEU N 29 -41.48 -21.17 16.62
CA LEU N 29 -41.80 -20.19 17.65
C LEU N 29 -42.84 -20.71 18.63
N LEU N 30 -43.17 -22.01 18.58
CA LEU N 30 -44.24 -22.61 19.34
C LEU N 30 -43.72 -23.22 20.65
N TYR N 31 -44.19 -22.71 21.78
CA TYR N 31 -43.82 -23.24 23.09
C TYR N 31 -44.82 -24.34 23.45
N ASP N 32 -44.33 -25.57 23.59
CA ASP N 32 -45.17 -26.77 23.49
C ASP N 32 -46.13 -26.97 24.67
N SER N 33 -45.89 -26.33 25.81
CA SER N 33 -46.84 -26.46 26.92
C SER N 33 -47.39 -25.11 27.37
N ASN N 34 -47.35 -24.10 26.49
CA ASN N 34 -48.11 -22.86 26.61
C ASN N 34 -48.95 -22.63 25.36
N ASN N 35 -48.58 -23.31 24.26
CA ASN N 35 -49.29 -23.26 22.99
C ASN N 35 -49.32 -21.87 22.41
N LYS N 36 -48.31 -21.08 22.68
CA LYS N 36 -48.20 -19.77 22.11
C LYS N 36 -47.15 -19.80 21.05
N ASN N 37 -47.32 -19.01 20.00
CA ASN N 37 -46.25 -18.82 19.03
C ASN N 37 -45.79 -17.37 19.12
N TYR N 38 -44.48 -17.26 19.30
CA TYR N 38 -43.88 -15.98 19.65
C TYR N 38 -43.50 -15.23 18.37
N LEU N 39 -44.54 -14.71 17.71
CA LEU N 39 -44.37 -14.06 16.43
C LEU N 39 -45.17 -12.77 16.39
N ALA N 40 -44.59 -11.75 15.77
CA ALA N 40 -45.24 -10.48 15.61
C ALA N 40 -45.20 -10.03 14.15
N TRP N 41 -46.09 -9.09 13.82
CA TRP N 41 -46.19 -8.50 12.50
C TRP N 41 -46.21 -6.98 12.63
N TYR N 42 -45.55 -6.31 11.69
CA TYR N 42 -45.43 -4.86 11.67
C TYR N 42 -45.86 -4.34 10.32
N GLN N 43 -46.36 -3.11 10.32
CA GLN N 43 -46.70 -2.37 9.11
C GLN N 43 -45.88 -1.10 9.08
N GLN N 44 -45.18 -0.85 7.97
CA GLN N 44 -44.32 0.32 7.84
C GLN N 44 -44.67 1.07 6.55
N LYS N 45 -45.43 2.14 6.70
CA LYS N 45 -45.75 2.99 5.56
C LYS N 45 -44.58 3.91 5.27
N PRO N 46 -44.45 4.38 4.02
CA PRO N 46 -43.20 5.03 3.61
C PRO N 46 -42.82 6.21 4.50
N GLY N 47 -41.54 6.29 4.84
CA GLY N 47 -40.97 7.41 5.57
C GLY N 47 -41.31 7.50 7.05
N GLN N 48 -41.73 6.41 7.66
CA GLN N 48 -42.14 6.41 9.06
C GLN N 48 -41.78 5.08 9.73
N PRO N 49 -41.72 5.09 11.06
CA PRO N 49 -41.30 3.87 11.77
C PRO N 49 -42.32 2.76 11.67
N PRO N 50 -41.89 1.50 11.83
CA PRO N 50 -42.83 0.39 11.90
C PRO N 50 -43.90 0.62 12.96
N LYS N 51 -45.08 0.02 12.72
CA LYS N 51 -46.20 0.04 13.67
C LYS N 51 -46.60 -1.39 13.95
N LEU N 52 -46.71 -1.73 15.24
CA LEU N 52 -47.08 -3.08 15.65
C LEU N 52 -48.50 -3.41 15.19
N LEU N 53 -48.64 -4.53 14.50
CA LEU N 53 -49.90 -4.95 13.88
C LEU N 53 -50.54 -6.13 14.58
N ILE N 54 -49.76 -7.18 14.85
CA ILE N 54 -50.26 -8.45 15.37
C ILE N 54 -49.18 -9.07 16.25
N TYR N 55 -49.58 -9.68 17.37
CA TYR N 55 -48.64 -10.40 18.20
C TYR N 55 -49.29 -11.70 18.64
N TRP N 56 -48.47 -12.56 19.25
CA TRP N 56 -48.88 -13.94 19.54
C TRP N 56 -49.42 -14.61 18.28
N ALA N 57 -48.87 -14.22 17.13
CA ALA N 57 -49.13 -14.77 15.80
C ALA N 57 -50.47 -14.22 15.32
N SER N 58 -51.52 -14.37 16.11
CA SER N 58 -52.86 -14.01 15.65
C SER N 58 -53.64 -12.97 16.44
N THR N 59 -53.12 -12.45 17.54
CA THR N 59 -53.80 -11.42 18.32
C THR N 59 -53.48 -10.05 17.76
N ARG N 60 -54.51 -9.28 17.42
CA ARG N 60 -54.31 -7.98 16.80
C ARG N 60 -54.19 -6.83 17.81
N GLU N 61 -53.13 -6.08 17.71
CA GLU N 61 -52.97 -4.93 18.55
C GLU N 61 -54.19 -4.04 18.53
N SER N 62 -54.32 -3.22 19.55
CA SER N 62 -55.43 -2.28 19.64
C SER N 62 -55.44 -1.36 18.42
N GLY N 63 -56.60 -1.25 17.77
CA GLY N 63 -56.78 -0.35 16.65
C GLY N 63 -56.63 -0.96 15.28
N VAL N 64 -56.29 -2.24 15.19
CA VAL N 64 -56.00 -2.90 13.93
C VAL N 64 -57.30 -3.51 13.40
N PRO N 65 -57.78 -3.10 12.23
CA PRO N 65 -59.10 -3.56 11.75
C PRO N 65 -59.14 -5.04 11.39
N ASP N 66 -60.38 -5.53 11.24
CA ASP N 66 -60.65 -6.96 11.04
C ASP N 66 -59.91 -7.53 9.84
N ARG N 67 -59.78 -6.74 8.76
CA ARG N 67 -59.25 -7.30 7.53
C ARG N 67 -57.82 -7.80 7.69
N PHE N 68 -57.09 -7.33 8.70
CA PHE N 68 -55.76 -7.85 9.00
C PHE N 68 -55.88 -9.10 9.87
N SER N 69 -55.21 -10.17 9.47
CA SER N 69 -55.31 -11.42 10.22
C SER N 69 -54.00 -12.20 10.13
N GLY N 70 -53.60 -12.77 11.26
CA GLY N 70 -52.39 -13.58 11.34
C GLY N 70 -52.72 -15.03 11.64
N SER N 71 -51.94 -15.94 11.08
CA SER N 71 -52.20 -17.36 11.20
C SER N 71 -50.89 -18.14 11.05
N GLY N 72 -50.96 -19.43 11.33
CA GLY N 72 -49.81 -20.31 11.20
C GLY N 72 -49.35 -20.83 12.55
N SER N 73 -48.29 -21.64 12.50
CA SER N 73 -47.79 -22.29 13.70
C SER N 73 -46.37 -22.78 13.49
N GLU N 74 -45.62 -22.84 14.59
CA GLU N 74 -44.24 -23.30 14.67
C GLU N 74 -43.53 -22.49 13.59
N THR N 75 -43.04 -23.16 12.55
CA THR N 75 -42.20 -22.53 11.53
C THR N 75 -42.84 -21.82 10.35
N ASP N 76 -44.17 -21.87 10.21
CA ASP N 76 -44.83 -21.33 9.01
C ASP N 76 -45.99 -20.44 9.40
N PHE N 77 -45.93 -19.18 8.98
CA PHE N 77 -46.89 -18.17 9.42
C PHE N 77 -47.34 -17.32 8.24
N THR N 78 -48.46 -16.63 8.44
CA THR N 78 -49.06 -15.85 7.36
C THR N 78 -49.73 -14.61 7.89
N LEU N 79 -49.51 -13.48 7.22
CA LEU N 79 -50.35 -12.31 7.37
C LEU N 79 -51.26 -12.18 6.16
N THR N 80 -52.54 -11.93 6.40
CA THR N 80 -53.56 -11.90 5.36
C THR N 80 -54.35 -10.59 5.47
N ILE N 81 -54.45 -9.84 4.37
CA ILE N 81 -55.37 -8.72 4.26
C ILE N 81 -56.48 -9.17 3.31
N SER N 82 -57.71 -9.23 3.81
CA SER N 82 -58.78 -9.85 3.03
C SER N 82 -59.40 -8.87 2.04
N SER N 83 -59.54 -7.60 2.43
CA SER N 83 -60.09 -6.56 1.56
C SER N 83 -59.09 -5.41 1.54
N LEU N 84 -58.24 -5.38 0.51
CA LEU N 84 -57.18 -4.38 0.46
C LEU N 84 -57.76 -2.98 0.24
N GLN N 85 -57.34 -2.04 1.09
CA GLN N 85 -57.66 -0.64 0.92
C GLN N 85 -56.37 0.15 0.66
N ALA N 86 -56.52 1.38 0.15
CA ALA N 86 -55.37 2.18 -0.27
C ALA N 86 -54.40 2.46 0.87
N GLU N 87 -54.91 2.58 2.09
CA GLU N 87 -54.10 2.85 3.27
C GLU N 87 -53.20 1.68 3.65
N ASP N 88 -53.47 0.49 3.12
CA ASP N 88 -52.68 -0.68 3.47
C ASP N 88 -51.40 -0.80 2.67
N VAL N 89 -51.15 0.09 1.71
CA VAL N 89 -49.90 0.08 0.96
C VAL N 89 -48.78 0.43 1.91
N ALA N 90 -47.87 -0.51 2.13
CA ALA N 90 -46.77 -0.35 3.06
C ALA N 90 -45.83 -1.54 2.90
N VAL N 91 -44.75 -1.53 3.67
CA VAL N 91 -43.89 -2.70 3.82
C VAL N 91 -44.31 -3.41 5.11
N TYR N 92 -44.36 -4.73 5.07
CA TYR N 92 -44.81 -5.53 6.20
C TYR N 92 -43.68 -6.44 6.66
N HIS N 93 -43.41 -6.43 7.97
CA HIS N 93 -42.32 -7.17 8.59
C HIS N 93 -42.86 -8.17 9.60
N CYS N 94 -42.23 -9.34 9.67
CA CYS N 94 -42.52 -10.32 10.71
C CYS N 94 -41.34 -10.36 11.67
N GLN N 95 -41.61 -10.66 12.95
CA GLN N 95 -40.54 -10.62 13.94
C GLN N 95 -40.73 -11.71 14.98
N GLN N 96 -39.75 -12.60 15.08
CA GLN N 96 -39.73 -13.58 16.16
C GLN N 96 -39.24 -12.93 17.45
N TYR N 97 -39.92 -13.29 18.56
CA TYR N 97 -39.48 -12.92 19.91
C TYR N 97 -39.50 -14.14 20.80
N PHE N 98 -39.19 -15.29 20.23
CA PHE N 98 -39.06 -16.49 21.04
C PHE N 98 -37.69 -16.53 21.73
N SER N 99 -36.63 -16.24 20.97
CA SER N 99 -35.25 -16.27 21.44
C SER N 99 -34.62 -14.90 21.25
N THR N 100 -33.53 -14.66 21.97
CA THR N 100 -32.73 -13.47 21.74
C THR N 100 -31.48 -13.93 21.00
N PRO N 101 -30.98 -13.11 20.05
CA PRO N 101 -31.45 -11.79 19.62
C PRO N 101 -32.78 -11.83 18.89
N TRP N 102 -33.58 -10.81 19.15
CA TRP N 102 -34.85 -10.66 18.46
C TRP N 102 -34.59 -10.28 17.01
N THR N 103 -35.08 -11.10 16.09
CA THR N 103 -34.79 -10.92 14.67
C THR N 103 -36.08 -10.70 13.89
N PHE N 104 -35.94 -9.93 12.82
CA PHE N 104 -37.01 -9.57 11.90
C PHE N 104 -36.82 -10.31 10.58
N GLY N 105 -37.85 -10.26 9.75
CA GLY N 105 -37.72 -10.67 8.37
C GLY N 105 -37.21 -9.54 7.50
N GLN N 106 -37.05 -9.84 6.21
CA GLN N 106 -36.52 -8.90 5.22
C GLN N 106 -37.49 -7.78 4.86
N GLY N 107 -38.76 -7.87 5.25
CA GLY N 107 -39.77 -6.92 4.78
C GLY N 107 -40.37 -7.35 3.45
N THR N 108 -41.66 -7.04 3.29
CA THR N 108 -42.41 -7.31 2.06
C THR N 108 -43.18 -6.05 1.65
N LYS N 109 -42.89 -5.52 0.46
CA LYS N 109 -43.57 -4.31 0.00
C LYS N 109 -44.92 -4.66 -0.64
N LEU N 110 -45.96 -3.91 -0.27
CA LEU N 110 -47.32 -4.16 -0.73
C LEU N 110 -47.81 -2.97 -1.56
N GLU N 111 -48.16 -3.24 -2.83
CA GLU N 111 -48.53 -2.18 -3.76
C GLU N 111 -49.83 -2.52 -4.50
N ILE N 112 -50.51 -1.45 -4.93
CA ILE N 112 -51.82 -1.56 -5.56
C ILE N 112 -51.67 -2.05 -7.00
N LYS N 113 -52.44 -3.08 -7.35
CA LYS N 113 -52.43 -3.59 -8.71
C LYS N 113 -53.49 -2.89 -9.55
N ARG N 114 -53.12 -2.52 -10.76
CA ARG N 114 -54.02 -1.79 -11.65
C ARG N 114 -53.78 -2.28 -13.08
N THR N 115 -54.52 -1.71 -14.02
CA THR N 115 -54.39 -2.14 -15.41
C THR N 115 -53.09 -1.62 -15.99
N VAL N 116 -52.53 -2.40 -16.91
CA VAL N 116 -51.25 -2.07 -17.52
C VAL N 116 -51.38 -0.78 -18.31
N ALA N 117 -50.35 0.07 -18.24
CA ALA N 117 -50.28 1.29 -19.03
C ALA N 117 -48.86 1.46 -19.52
N ALA N 118 -48.71 1.79 -20.78
CA ALA N 118 -47.37 1.96 -21.31
C ALA N 118 -46.84 3.36 -20.97
N PRO N 119 -45.52 3.51 -20.87
CA PRO N 119 -44.95 4.81 -20.54
C PRO N 119 -44.90 5.78 -21.71
N SER N 120 -45.12 7.06 -21.41
CA SER N 120 -44.68 8.14 -22.28
C SER N 120 -43.18 8.35 -22.10
N VAL N 121 -42.45 8.42 -23.21
CA VAL N 121 -41.00 8.46 -23.18
C VAL N 121 -40.53 9.82 -23.68
N PHE N 122 -39.63 10.45 -22.91
CA PHE N 122 -38.98 11.70 -23.29
C PHE N 122 -37.47 11.52 -23.18
N ILE N 123 -36.72 12.29 -23.96
CA ILE N 123 -35.27 12.26 -23.92
C ILE N 123 -34.75 13.68 -23.88
N PHE N 124 -33.75 13.91 -23.03
CA PHE N 124 -33.17 15.23 -22.83
C PHE N 124 -31.69 15.17 -23.15
N PRO N 125 -31.21 15.93 -24.15
CA PRO N 125 -29.78 16.04 -24.38
C PRO N 125 -29.11 16.82 -23.27
N PRO N 126 -27.79 16.66 -23.10
CA PRO N 126 -27.05 17.47 -22.10
C PRO N 126 -27.16 18.96 -22.40
N SER N 127 -27.24 19.75 -21.32
CA SER N 127 -27.20 21.20 -21.44
C SER N 127 -25.78 21.66 -21.76
N ASP N 128 -25.69 22.86 -22.33
CA ASP N 128 -24.32 23.26 -22.57
C ASP N 128 -23.68 23.87 -21.32
N GLU N 129 -24.46 24.20 -20.29
CA GLU N 129 -23.87 24.44 -18.98
C GLU N 129 -23.08 23.22 -18.50
N GLN N 130 -23.58 22.02 -18.78
CA GLN N 130 -22.93 20.86 -18.21
C GLN N 130 -21.71 20.44 -19.00
N LEU N 131 -21.72 20.66 -20.32
CA LEU N 131 -20.54 20.40 -21.13
C LEU N 131 -19.36 21.24 -20.65
N LYS N 132 -19.62 22.50 -20.29
CA LYS N 132 -18.61 23.34 -19.65
C LYS N 132 -17.88 22.61 -18.52
N SER N 133 -18.55 21.69 -17.83
CA SER N 133 -17.94 21.03 -16.67
C SER N 133 -17.10 19.81 -17.03
N GLY N 134 -17.10 19.39 -18.31
CA GLY N 134 -16.32 18.25 -18.73
C GLY N 134 -17.05 16.92 -18.69
N THR N 135 -18.37 16.94 -18.44
CA THR N 135 -19.16 15.73 -18.36
C THR N 135 -20.47 15.97 -19.09
N ALA N 136 -21.03 14.90 -19.67
CA ALA N 136 -22.31 14.95 -20.36
C ALA N 136 -23.27 13.92 -19.79
N SER N 137 -24.41 14.39 -19.27
CA SER N 137 -25.47 13.52 -18.79
C SER N 137 -26.66 13.57 -19.73
N VAL N 138 -27.03 12.43 -20.29
CA VAL N 138 -28.23 12.29 -21.10
C VAL N 138 -29.31 11.70 -20.21
N VAL N 139 -30.51 12.27 -20.25
CA VAL N 139 -31.60 11.85 -19.38
C VAL N 139 -32.77 11.39 -20.23
N CYS N 140 -33.24 10.17 -19.95
CA CYS N 140 -34.42 9.60 -20.60
C CYS N 140 -35.51 9.39 -19.55
N LEU N 141 -36.68 9.94 -19.82
CA LEU N 141 -37.79 9.91 -18.87
C LEU N 141 -38.89 8.95 -19.36
N LEU N 142 -39.27 8.00 -18.49
CA LEU N 142 -40.39 7.09 -18.68
C LEU N 142 -41.50 7.48 -17.71
N ASN N 143 -42.64 7.95 -18.22
CA ASN N 143 -43.62 8.62 -17.37
C ASN N 143 -44.93 7.83 -17.25
N ASN N 144 -45.39 7.64 -16.01
CA ASN N 144 -46.74 7.17 -15.68
C ASN N 144 -47.19 5.80 -16.19
N PHE N 145 -46.34 4.81 -15.97
CA PHE N 145 -46.62 3.46 -16.45
C PHE N 145 -46.87 2.44 -15.34
N TYR N 146 -47.43 1.30 -15.73
CA TYR N 146 -47.64 0.19 -14.80
C TYR N 146 -47.59 -1.13 -15.57
N PRO N 147 -46.92 -2.15 -15.02
CA PRO N 147 -46.24 -2.22 -13.73
C PRO N 147 -44.84 -1.62 -13.75
N ARG N 148 -44.06 -1.80 -12.68
CA ARG N 148 -42.80 -1.09 -12.50
C ARG N 148 -41.69 -1.61 -13.41
N GLU N 149 -41.77 -2.86 -13.78
CA GLU N 149 -40.77 -3.45 -14.62
C GLU N 149 -40.64 -2.80 -16.00
N ALA N 150 -39.45 -2.38 -16.33
CA ALA N 150 -39.24 -1.71 -17.60
C ALA N 150 -37.77 -1.88 -17.97
N LYS N 151 -37.48 -1.69 -19.26
CA LYS N 151 -36.11 -1.86 -19.73
C LYS N 151 -35.77 -0.64 -20.58
N VAL N 152 -34.62 -0.05 -20.30
CA VAL N 152 -34.14 1.11 -21.04
C VAL N 152 -32.78 0.74 -21.61
N GLN N 153 -32.68 0.71 -22.94
CA GLN N 153 -31.44 0.41 -23.64
C GLN N 153 -30.92 1.67 -24.32
N TRP N 154 -29.74 2.10 -23.91
CA TRP N 154 -29.08 3.25 -24.52
C TRP N 154 -28.33 2.81 -25.76
N LYS N 155 -28.37 3.67 -26.77
CA LYS N 155 -27.72 3.42 -28.05
C LYS N 155 -27.03 4.70 -28.49
N VAL N 156 -25.72 4.63 -28.68
CA VAL N 156 -24.93 5.75 -29.16
C VAL N 156 -24.39 5.34 -30.53
N ASP N 157 -24.93 5.99 -31.56
CA ASP N 157 -24.69 5.60 -32.96
C ASP N 157 -25.08 4.13 -33.19
N ASN N 158 -26.21 3.74 -32.60
CA ASN N 158 -26.77 2.39 -32.66
C ASN N 158 -25.89 1.33 -32.04
N ALA N 159 -24.96 1.73 -31.18
CA ALA N 159 -24.21 0.79 -30.37
C ALA N 159 -24.86 0.69 -29.00
N LEU N 160 -25.24 -0.51 -28.60
CA LEU N 160 -25.82 -0.70 -27.28
C LEU N 160 -24.79 -0.36 -26.21
N GLN N 161 -25.20 0.41 -25.21
CA GLN N 161 -24.35 0.81 -24.11
C GLN N 161 -24.52 -0.13 -22.93
N SER N 162 -23.49 -0.19 -22.10
CA SER N 162 -23.49 -1.10 -20.97
C SER N 162 -22.62 -0.53 -19.87
N GLY N 163 -23.19 -0.35 -18.69
CA GLY N 163 -22.44 -0.01 -17.51
C GLY N 163 -22.21 1.47 -17.28
N ASN N 164 -22.67 2.32 -18.20
CA ASN N 164 -22.49 3.76 -18.03
C ASN N 164 -23.81 4.48 -17.79
N SER N 165 -24.81 3.78 -17.25
CA SER N 165 -26.12 4.37 -16.99
C SER N 165 -26.62 3.96 -15.61
N GLN N 166 -27.47 4.80 -15.03
CA GLN N 166 -28.08 4.55 -13.74
C GLN N 166 -29.56 4.88 -13.79
N GLU N 167 -30.36 4.22 -12.94
CA GLU N 167 -31.80 4.39 -12.95
C GLU N 167 -32.34 4.73 -11.57
N SER N 168 -33.50 5.38 -11.57
CA SER N 168 -34.19 5.81 -10.35
C SER N 168 -35.69 5.73 -10.59
N VAL N 169 -36.40 5.01 -9.72
CA VAL N 169 -37.83 4.79 -9.86
C VAL N 169 -38.57 5.56 -8.78
N THR N 170 -39.66 6.22 -9.14
CA THR N 170 -40.51 6.82 -8.13
C THR N 170 -41.29 5.74 -7.40
N GLU N 171 -41.76 6.08 -6.20
CA GLU N 171 -42.73 5.20 -5.57
C GLU N 171 -44.03 5.26 -6.35
N GLN N 172 -44.89 4.28 -6.10
CA GLN N 172 -46.19 4.25 -6.76
C GLN N 172 -46.99 5.50 -6.42
N ASP N 173 -47.42 6.22 -7.46
CA ASP N 173 -48.18 7.44 -7.23
C ASP N 173 -49.50 7.12 -6.51
N SER N 174 -49.91 8.03 -5.64
CA SER N 174 -51.06 7.79 -4.79
C SER N 174 -52.40 8.11 -5.44
N LYS N 175 -52.40 8.81 -6.58
CA LYS N 175 -53.63 9.17 -7.25
C LYS N 175 -53.96 8.31 -8.45
N ASP N 176 -52.95 7.74 -9.14
CA ASP N 176 -53.20 6.92 -10.32
C ASP N 176 -52.37 5.65 -10.35
N SER N 177 -51.65 5.33 -9.28
CA SER N 177 -51.01 4.04 -9.04
C SER N 177 -49.95 3.68 -10.08
N THR N 178 -49.37 4.66 -10.75
CA THR N 178 -48.35 4.40 -11.74
C THR N 178 -46.95 4.67 -11.17
N TYR N 179 -45.96 4.32 -11.98
CA TYR N 179 -44.56 4.61 -11.72
C TYR N 179 -44.02 5.57 -12.78
N SER N 180 -42.91 6.23 -12.45
CA SER N 180 -42.13 7.00 -13.41
C SER N 180 -40.66 6.68 -13.18
N LEU N 181 -39.89 6.65 -14.26
CA LEU N 181 -38.51 6.23 -14.20
C LEU N 181 -37.64 7.20 -14.96
N SER N 182 -36.45 7.48 -14.42
CA SER N 182 -35.43 8.23 -15.14
C SER N 182 -34.22 7.35 -15.32
N SER N 183 -33.68 7.34 -16.53
CA SER N 183 -32.42 6.68 -16.84
C SER N 183 -31.45 7.76 -17.28
N THR N 184 -30.30 7.84 -16.62
CA THR N 184 -29.32 8.87 -16.91
C THR N 184 -28.07 8.18 -17.44
N LEU N 185 -27.64 8.59 -18.62
CA LEU N 185 -26.44 8.06 -19.26
C LEU N 185 -25.31 9.07 -19.11
N THR N 186 -24.19 8.65 -18.53
CA THR N 186 -23.09 9.57 -18.23
C THR N 186 -21.91 9.29 -19.15
N LEU N 187 -21.50 10.30 -19.89
CA LEU N 187 -20.35 10.24 -20.79
C LEU N 187 -19.43 11.41 -20.46
N SER N 188 -18.14 11.25 -20.76
CA SER N 188 -17.29 12.43 -20.69
C SER N 188 -17.61 13.36 -21.85
N LYS N 189 -17.19 14.62 -21.73
CA LYS N 189 -17.34 15.53 -22.86
C LYS N 189 -16.51 15.05 -24.05
N ALA N 190 -15.31 14.56 -23.77
CA ALA N 190 -14.41 14.09 -24.82
C ALA N 190 -14.96 12.88 -25.56
N ASP N 191 -16.10 12.38 -25.11
CA ASP N 191 -16.73 11.21 -25.73
C ASP N 191 -18.02 11.60 -26.43
N TYR N 192 -18.79 12.47 -25.79
CA TYR N 192 -20.06 12.92 -26.34
C TYR N 192 -19.89 13.59 -27.70
N GLU N 193 -18.71 14.16 -27.97
CA GLU N 193 -18.46 14.87 -29.23
C GLU N 193 -17.73 13.99 -30.24
N LYS N 194 -18.12 12.74 -30.34
CA LYS N 194 -17.78 11.91 -31.47
C LYS N 194 -18.99 11.31 -32.15
N HIS N 195 -20.10 11.20 -31.44
CA HIS N 195 -21.26 10.50 -31.93
C HIS N 195 -22.38 11.53 -32.07
N LYS N 196 -23.20 11.36 -33.11
CA LYS N 196 -24.26 12.33 -33.36
C LYS N 196 -25.62 11.88 -32.82
N VAL N 197 -25.91 10.58 -32.85
CA VAL N 197 -27.25 10.09 -32.53
C VAL N 197 -27.24 9.44 -31.17
N TYR N 198 -28.21 9.81 -30.32
CA TYR N 198 -28.35 9.27 -28.98
C TYR N 198 -29.78 8.80 -28.80
N ALA N 199 -29.94 7.61 -28.24
CA ALA N 199 -31.26 6.98 -28.21
C ALA N 199 -31.42 6.13 -26.97
N CYS N 200 -32.66 6.26 -26.28
CA CYS N 200 -33.04 5.29 -25.25
C CYS N 200 -34.26 4.54 -25.76
N GLU N 201 -34.07 3.15 -25.70
CA GLU N 201 -35.06 2.23 -26.22
C GLU N 201 -35.80 1.58 -25.06
N VAL N 202 -37.09 1.88 -24.97
CA VAL N 202 -37.92 1.44 -23.87
C VAL N 202 -38.68 0.19 -24.30
N THR N 203 -38.68 -0.82 -23.44
CA THR N 203 -39.54 -1.99 -23.61
C THR N 203 -40.31 -2.25 -22.31
N HIS N 204 -41.59 -2.57 -22.45
CA HIS N 204 -42.53 -2.64 -21.34
C HIS N 204 -43.65 -3.61 -21.71
N GLN N 205 -44.34 -4.12 -20.69
CA GLN N 205 -45.42 -5.08 -20.98
C GLN N 205 -46.53 -4.44 -21.79
N GLY N 206 -46.74 -3.14 -21.66
CA GLY N 206 -47.74 -2.41 -22.42
C GLY N 206 -47.34 -2.05 -23.83
N LEU N 207 -46.23 -2.59 -24.32
CA LEU N 207 -45.71 -2.28 -25.64
C LEU N 207 -45.40 -3.60 -26.33
N SER N 208 -45.96 -3.80 -27.51
CA SER N 208 -45.70 -5.02 -28.27
C SER N 208 -44.37 -4.96 -28.99
N SER N 209 -43.87 -3.76 -29.25
CA SER N 209 -42.57 -3.52 -29.84
C SER N 209 -41.94 -2.34 -29.11
N PRO N 210 -40.63 -2.20 -29.16
CA PRO N 210 -39.98 -1.13 -28.40
C PRO N 210 -40.33 0.25 -28.92
N VAL N 211 -40.28 1.23 -28.02
CA VAL N 211 -40.36 2.64 -28.40
C VAL N 211 -38.95 3.23 -28.31
N THR N 212 -38.60 4.05 -29.29
CA THR N 212 -37.30 4.67 -29.38
C THR N 212 -37.45 6.18 -29.42
N LYS N 213 -36.67 6.88 -28.60
CA LYS N 213 -36.56 8.33 -28.66
C LYS N 213 -35.10 8.69 -28.89
N SER N 214 -34.87 9.69 -29.75
CA SER N 214 -33.51 10.04 -30.15
C SER N 214 -33.39 11.53 -30.39
N PHE N 215 -32.14 11.98 -30.49
CA PHE N 215 -31.81 13.31 -30.94
C PHE N 215 -30.44 13.26 -31.59
N ASN N 216 -30.24 14.10 -32.61
CA ASN N 216 -28.94 14.24 -33.23
C ASN N 216 -28.17 15.36 -32.54
N ARG N 217 -26.93 15.09 -32.18
CA ARG N 217 -26.10 16.11 -31.54
C ARG N 217 -25.61 17.14 -32.56
N SER O 1 -37.40 -23.45 24.95
CA SER O 1 -38.00 -22.49 25.88
C SER O 1 -37.67 -21.05 25.50
N PRO O 2 -38.67 -20.18 25.53
CA PRO O 2 -38.48 -18.79 25.09
C PRO O 2 -37.49 -18.04 25.97
N SER O 3 -36.83 -17.04 25.40
CA SER O 3 -35.88 -16.22 26.13
C SER O 3 -36.53 -15.62 27.37
N ALA O 5 -37.69 -12.36 27.27
CA ALA O 5 -38.32 -11.13 26.77
C ALA O 5 -37.51 -9.86 26.94
N LYS O 6 -38.18 -8.78 27.31
CA LYS O 6 -37.52 -7.50 27.51
C LYS O 6 -38.42 -6.32 27.16
N SER O 7 -39.64 -6.34 27.67
CA SER O 7 -40.55 -5.23 27.45
C SER O 7 -40.72 -4.44 28.74
N ARG O 8 -41.56 -4.95 29.64
CA ARG O 8 -41.70 -4.38 30.97
C ARG O 8 -40.50 -4.76 31.83
N LEU O 9 -40.08 -3.81 32.66
CA LEU O 9 -39.05 -4.13 33.65
C LEU O 9 -39.64 -4.94 34.81
N GLN P 1 1.09 26.58 50.43
CA GLN P 1 2.32 25.83 50.27
C GLN P 1 2.91 25.93 48.84
N VAL P 2 4.16 25.49 48.68
CA VAL P 2 4.88 25.33 47.43
C VAL P 2 4.36 24.16 46.63
N GLN P 3 3.75 24.34 45.49
CA GLN P 3 3.19 23.25 44.79
C GLN P 3 3.08 23.47 43.31
N LEU P 4 3.10 22.38 42.57
CA LEU P 4 2.77 22.43 41.15
C LEU P 4 1.49 21.66 40.94
N VAL P 5 0.55 22.24 40.20
CA VAL P 5 -0.79 21.66 40.00
C VAL P 5 -1.05 21.52 38.51
N GLN P 6 -1.14 20.28 38.05
CA GLN P 6 -1.25 19.99 36.62
C GLN P 6 -2.70 19.78 36.19
N SER P 7 -2.90 19.79 34.88
CA SER P 7 -4.21 19.64 34.28
C SER P 7 -4.61 18.16 34.25
N GLY P 8 -5.89 17.92 33.91
CA GLY P 8 -6.46 16.59 34.01
C GLY P 8 -6.02 15.66 32.88
N ALA P 9 -6.55 14.44 32.94
CA ALA P 9 -6.14 13.36 32.05
C ALA P 9 -6.50 13.65 30.60
N GLU P 10 -5.76 13.02 29.70
CA GLU P 10 -5.83 13.25 28.27
C GLU P 10 -5.86 11.91 27.54
N VAL P 11 -6.81 11.76 26.62
CA VAL P 11 -6.89 10.59 25.75
C VAL P 11 -6.84 11.08 24.31
N LYS P 12 -6.00 10.45 23.52
CA LYS P 12 -5.79 10.79 22.12
C LYS P 12 -5.60 9.62 21.20
N LYS P 13 -5.80 9.90 19.92
CA LYS P 13 -5.57 8.93 18.86
C LYS P 13 -4.21 9.17 18.21
N PRO P 14 -3.58 8.13 17.65
CA PRO P 14 -2.23 8.32 17.12
C PRO P 14 -2.18 9.41 16.06
N GLY P 15 -1.05 10.12 16.03
CA GLY P 15 -0.88 11.26 15.15
C GLY P 15 -1.38 12.58 15.71
N ALA P 16 -2.16 12.56 16.79
CA ALA P 16 -2.70 13.78 17.37
C ALA P 16 -1.65 14.47 18.25
N SER P 17 -2.03 15.59 18.83
CA SER P 17 -1.17 16.31 19.75
C SER P 17 -1.83 16.43 21.11
N VAL P 18 -1.01 16.56 22.15
CA VAL P 18 -1.48 16.72 23.51
C VAL P 18 -0.79 17.92 24.14
N LYS P 19 -1.53 18.66 24.97
CA LYS P 19 -1.02 19.83 25.66
C LYS P 19 -1.35 19.72 27.14
N VAL P 20 -0.31 19.70 27.99
CA VAL P 20 -0.47 19.61 29.44
C VAL P 20 -0.07 20.94 30.05
N SER P 21 -0.80 21.38 31.07
CA SER P 21 -0.46 22.58 31.81
C SER P 21 0.03 22.25 33.21
N CYS P 22 0.74 23.22 33.78
CA CYS P 22 1.29 23.09 35.12
C CYS P 22 1.42 24.47 35.73
N THR P 23 0.77 24.66 36.86
CA THR P 23 0.72 25.99 37.48
C THR P 23 1.42 25.95 38.83
N ALA P 24 2.34 26.89 39.03
CA ALA P 24 3.21 26.89 40.21
C ALA P 24 2.60 27.69 41.35
N SER P 25 3.10 27.41 42.56
CA SER P 25 2.54 28.00 43.78
C SER P 25 3.63 28.06 44.85
N GLY P 26 3.44 28.99 45.79
CA GLY P 26 4.26 29.05 46.98
C GLY P 26 5.69 29.49 46.79
N TYR P 27 6.19 29.57 45.56
CA TYR P 27 7.55 30.04 45.32
C TYR P 27 7.57 30.94 44.10
N THR P 28 8.74 31.54 43.84
CA THR P 28 8.88 32.48 42.73
C THR P 28 9.04 31.69 41.43
N PHE P 29 8.00 31.72 40.60
CA PHE P 29 7.94 30.85 39.43
C PHE P 29 9.05 31.16 38.44
N THR P 30 9.40 32.45 38.28
CA THR P 30 10.45 32.89 37.37
C THR P 30 11.84 32.80 37.96
N GLY P 31 12.03 31.99 39.00
CA GLY P 31 13.33 31.88 39.63
C GLY P 31 14.06 30.58 39.35
N TYR P 32 13.33 29.54 38.95
CA TYR P 32 13.94 28.23 38.76
C TYR P 32 13.44 27.62 37.46
N TYR P 33 14.30 26.81 36.84
CA TYR P 33 13.92 26.06 35.65
C TYR P 33 12.71 25.17 35.92
N LEU P 34 11.88 25.02 34.89
CA LEU P 34 10.69 24.17 34.95
C LEU P 34 10.90 23.02 33.97
N HIS P 35 11.01 21.81 34.52
CA HIS P 35 11.26 20.60 33.73
C HIS P 35 9.97 19.80 33.51
N TRP P 36 10.05 18.89 32.54
CA TRP P 36 9.02 17.89 32.30
C TRP P 36 9.68 16.54 32.26
N VAL P 37 9.06 15.56 32.89
CA VAL P 37 9.52 14.17 32.93
C VAL P 37 8.30 13.29 32.81
N ARG P 38 8.43 12.14 32.15
CA ARG P 38 7.30 11.26 31.96
C ARG P 38 7.66 9.86 32.46
N GLN P 39 6.61 9.09 32.75
CA GLN P 39 6.76 7.74 33.29
C GLN P 39 5.82 6.82 32.52
N ALA P 40 6.39 5.99 31.67
CA ALA P 40 5.59 5.06 30.90
C ALA P 40 5.41 3.76 31.67
N PRO P 41 4.37 2.99 31.35
CA PRO P 41 4.18 1.69 32.01
C PRO P 41 5.40 0.79 31.80
N GLY P 42 5.99 0.35 32.93
CA GLY P 42 7.14 -0.53 32.90
C GLY P 42 8.35 0.01 32.14
N GLN P 43 8.72 1.26 32.35
CA GLN P 43 9.86 1.82 31.63
C GLN P 43 10.79 2.61 32.55
N GLY P 44 10.26 3.42 33.44
CA GLY P 44 11.16 4.22 34.25
C GLY P 44 11.29 5.64 33.74
N LEU P 45 11.52 6.56 34.68
CA LEU P 45 11.37 7.99 34.42
C LEU P 45 12.24 8.42 33.24
N GLU P 46 11.75 9.39 32.50
CA GLU P 46 12.42 9.92 31.34
C GLU P 46 12.28 11.43 31.24
N TRP P 47 13.40 12.11 31.12
CA TRP P 47 13.41 13.56 31.09
C TRP P 47 13.13 14.05 29.67
N MET P 48 12.23 15.03 29.55
CA MET P 48 11.79 15.54 28.27
C MET P 48 12.35 16.93 27.94
N GLY P 49 12.88 17.63 28.93
CA GLY P 49 13.42 18.95 28.73
C GLY P 49 12.95 19.93 29.78
N TRP P 50 13.43 21.16 29.66
CA TRP P 50 13.07 22.24 30.56
C TRP P 50 12.67 23.47 29.76
N VAL P 51 12.04 24.41 30.45
CA VAL P 51 11.70 25.72 29.90
C VAL P 51 12.19 26.78 30.89
N ASN P 52 12.75 27.87 30.36
CA ASN P 52 13.15 28.99 31.20
C ASN P 52 11.95 29.90 31.40
N PRO P 53 11.37 29.97 32.60
CA PRO P 53 10.17 30.80 32.79
C PRO P 53 10.43 32.28 32.67
N ARG P 54 11.67 32.68 32.76
CA ARG P 54 11.97 34.08 32.61
C ARG P 54 12.21 34.53 31.19
N SER P 55 13.14 33.91 30.51
CA SER P 55 13.52 34.36 29.17
C SER P 55 12.61 33.67 28.16
N GLY P 56 12.25 32.41 28.42
CA GLY P 56 11.52 31.60 27.47
C GLY P 56 12.36 30.61 26.69
N GLY P 57 13.67 30.55 26.93
CA GLY P 57 14.48 29.58 26.22
C GLY P 57 13.97 28.19 26.54
N THR P 58 14.32 27.22 25.73
CA THR P 58 14.00 25.84 26.03
C THR P 58 15.24 24.99 25.78
N SER P 59 15.20 23.75 26.26
CA SER P 59 16.16 22.76 25.80
C SER P 59 15.55 21.38 25.92
N TYR P 60 15.73 20.58 24.87
CA TYR P 60 15.16 19.26 24.81
C TYR P 60 16.26 18.26 24.47
N PRO P 61 16.22 17.07 25.04
CA PRO P 61 17.15 16.02 24.63
C PRO P 61 16.89 15.64 23.19
N PRO P 62 17.83 15.01 22.52
CA PRO P 62 17.60 14.67 21.14
C PRO P 62 16.41 13.79 20.88
N LYS P 63 16.00 12.98 21.83
CA LYS P 63 14.87 12.10 21.60
C LYS P 63 13.59 12.88 21.32
N PHE P 64 13.42 14.05 21.93
CA PHE P 64 12.19 14.80 21.83
C PHE P 64 12.34 16.10 21.03
N GLN P 65 13.53 16.39 20.52
CA GLN P 65 13.70 17.56 19.67
C GLN P 65 12.89 17.36 18.39
N GLY P 66 11.99 18.28 18.11
CA GLY P 66 11.15 18.22 16.93
C GLY P 66 9.73 17.75 17.20
N ARG P 67 9.48 17.19 18.39
CA ARG P 67 8.16 16.72 18.79
C ARG P 67 7.54 17.51 19.92
N VAL P 68 8.34 18.01 20.86
CA VAL P 68 7.84 18.65 22.08
C VAL P 68 8.08 20.15 22.01
N THR P 69 7.12 20.92 22.51
CA THR P 69 7.16 22.38 22.54
C THR P 69 6.80 22.82 23.94
N MET P 70 7.71 23.50 24.63
CA MET P 70 7.49 23.95 25.99
C MET P 70 7.32 25.45 26.02
N THR P 71 6.26 25.92 26.64
CA THR P 71 5.96 27.34 26.70
C THR P 71 5.52 27.70 28.11
N ARG P 72 5.59 28.99 28.42
CA ARG P 72 5.23 29.50 29.72
C ARG P 72 4.14 30.54 29.58
N ASP P 73 3.72 31.04 30.74
CA ASP P 73 2.76 32.14 30.79
C ASP P 73 2.83 32.71 32.22
N THR P 74 3.74 33.65 32.42
CA THR P 74 4.00 34.20 33.75
C THR P 74 2.81 34.98 34.30
N SER P 75 1.83 35.30 33.46
CA SER P 75 0.61 35.99 33.90
C SER P 75 -0.12 35.20 34.98
N ILE P 76 -0.12 33.87 34.86
CA ILE P 76 -0.83 32.92 35.71
C ILE P 76 0.13 31.91 36.32
N ASN P 77 1.45 32.12 36.25
CA ASN P 77 2.43 31.17 36.76
C ASN P 77 2.19 29.76 36.20
N THR P 78 2.03 29.67 34.89
CA THR P 78 1.64 28.41 34.26
C THR P 78 2.55 28.07 33.10
N ALA P 79 3.13 26.88 33.14
CA ALA P 79 3.92 26.34 32.04
C ALA P 79 3.08 25.34 31.24
N TYR P 80 3.53 25.06 30.02
CA TYR P 80 2.82 24.16 29.13
C TYR P 80 3.80 23.23 28.46
N MET P 81 3.41 21.98 28.31
CA MET P 81 4.13 21.00 27.53
C MET P 81 3.21 20.50 26.42
N ASP P 82 3.67 20.59 25.18
CA ASP P 82 2.88 20.19 24.01
C ASP P 82 3.69 19.18 23.22
N LEU P 83 3.06 18.04 22.90
CA LEU P 83 3.76 16.97 22.20
C LEU P 83 2.95 16.53 20.99
N THR P 84 3.61 16.35 19.85
CA THR P 84 2.98 16.02 18.58
C THR P 84 3.43 14.64 18.12
N TRP P 85 2.66 14.06 17.17
CA TRP P 85 2.92 12.74 16.58
C TRP P 85 2.93 11.64 17.63
N LEU P 86 1.80 11.52 18.33
CA LEU P 86 1.74 10.60 19.44
C LEU P 86 1.63 9.16 18.94
N THR P 87 2.21 8.26 19.72
CA THR P 87 2.26 6.84 19.46
C THR P 87 1.88 6.13 20.76
N SER P 88 1.67 4.81 20.70
CA SER P 88 1.54 4.03 21.93
C SER P 88 2.67 4.36 22.91
N ASP P 89 3.91 4.48 22.40
CA ASP P 89 5.04 4.71 23.29
C ASP P 89 4.94 6.00 24.07
N ASP P 90 4.03 6.90 23.73
CA ASP P 90 3.82 8.12 24.49
C ASP P 90 2.74 7.96 25.56
N THR P 91 2.20 6.76 25.75
CA THR P 91 1.30 6.49 26.87
C THR P 91 2.10 6.53 28.16
N ALA P 92 1.83 7.51 29.02
CA ALA P 92 2.65 7.73 30.21
C ALA P 92 1.92 8.69 31.14
N VAL P 93 2.45 8.80 32.36
CA VAL P 93 2.13 9.90 33.26
C VAL P 93 3.16 11.00 33.05
N TYR P 94 2.69 12.23 32.88
CA TYR P 94 3.55 13.37 32.56
C TYR P 94 3.66 14.26 33.78
N TYR P 95 4.89 14.48 34.25
CA TYR P 95 5.14 15.30 35.42
C TYR P 95 5.93 16.55 35.03
N CYS P 96 5.56 17.73 35.73
CA CYS P 96 6.44 18.88 35.75
C CYS P 96 7.17 18.90 37.09
N ALA P 97 8.45 19.32 36.96
CA ALA P 97 9.30 19.25 38.15
C ALA P 97 10.18 20.49 38.26
N VAL P 98 10.63 20.79 39.47
CA VAL P 98 11.48 21.94 39.74
C VAL P 98 12.58 21.51 40.71
N GLY P 99 13.81 21.95 40.44
CA GLY P 99 14.94 21.75 41.33
C GLY P 99 15.39 23.09 41.91
N ARG P 100 15.54 23.15 43.22
CA ARG P 100 15.97 24.34 43.89
C ARG P 100 17.31 24.18 44.59
N ILE P 101 17.93 23.04 44.44
CA ILE P 101 19.23 22.76 45.04
C ILE P 101 20.34 23.18 44.06
N PRO P 102 21.23 24.09 44.46
CA PRO P 102 22.37 24.51 43.59
C PRO P 102 23.23 23.27 43.22
N ASP P 103 23.74 23.28 41.99
CA ASP P 103 24.61 22.30 41.39
C ASP P 103 23.95 20.93 41.12
N VAL P 104 22.76 20.76 41.66
CA VAL P 104 22.05 19.47 41.68
C VAL P 104 20.81 19.60 40.80
N THR P 105 20.88 19.04 39.60
CA THR P 105 19.72 18.94 38.72
C THR P 105 18.91 17.70 39.12
N ALA P 106 18.32 17.80 40.29
CA ALA P 106 17.35 16.84 40.81
C ALA P 106 16.17 17.63 41.34
N PHE P 107 15.00 17.01 41.30
CA PHE P 107 13.74 17.74 41.47
C PHE P 107 13.16 17.43 42.84
N ASP P 108 12.90 18.48 43.60
CA ASP P 108 12.25 18.35 44.89
C ASP P 108 10.80 18.77 44.84
N ILE P 109 10.38 19.44 43.77
CA ILE P 109 8.99 19.80 43.56
C ILE P 109 8.48 19.06 42.32
N TRP P 110 7.34 18.40 42.46
CA TRP P 110 6.73 17.65 41.38
C TRP P 110 5.26 17.98 41.32
N GLY P 111 4.72 18.03 40.10
CA GLY P 111 3.29 18.07 39.94
C GLY P 111 2.65 16.73 40.23
N GLN P 112 1.33 16.75 40.45
CA GLN P 112 0.63 15.52 40.82
C GLN P 112 0.66 14.48 39.72
N GLY P 113 0.89 14.90 38.46
CA GLY P 113 0.99 14.00 37.34
C GLY P 113 -0.24 14.05 36.45
N THR P 114 -0.05 13.94 35.15
CA THR P 114 -1.15 13.93 34.19
C THR P 114 -1.02 12.67 33.36
N PRO P 115 -1.96 11.73 33.46
CA PRO P 115 -1.92 10.54 32.61
C PRO P 115 -2.41 10.85 31.20
N VAL P 116 -1.66 10.35 30.21
CA VAL P 116 -1.96 10.56 28.80
C VAL P 116 -2.01 9.20 28.12
N THR P 117 -3.15 8.86 27.52
CA THR P 117 -3.34 7.58 26.85
C THR P 117 -3.49 7.81 25.35
N VAL P 118 -2.61 7.20 24.56
CA VAL P 118 -2.67 7.29 23.12
C VAL P 118 -3.12 5.93 22.56
N SER P 119 -4.29 5.93 21.91
CA SER P 119 -4.82 4.69 21.33
C SER P 119 -5.77 4.99 20.19
N SER P 120 -5.78 4.07 19.21
CA SER P 120 -6.76 4.15 18.14
C SER P 120 -8.16 3.80 18.62
N ALA P 121 -8.31 3.23 19.81
CA ALA P 121 -9.61 2.85 20.32
C ALA P 121 -10.48 4.10 20.53
N SER P 122 -11.79 3.90 20.53
CA SER P 122 -12.72 4.99 20.75
C SER P 122 -13.50 4.76 22.04
N THR P 123 -14.00 5.87 22.59
CA THR P 123 -14.79 5.82 23.81
C THR P 123 -15.91 4.80 23.71
N LYS P 124 -15.98 3.94 24.72
CA LYS P 124 -16.99 2.89 24.78
C LYS P 124 -17.23 2.56 26.24
N GLY P 125 -18.50 2.50 26.63
CA GLY P 125 -18.87 2.11 27.96
C GLY P 125 -18.72 0.61 28.15
N PRO P 126 -18.58 0.17 29.40
CA PRO P 126 -18.37 -1.25 29.67
C PRO P 126 -19.67 -2.02 29.78
N SER P 127 -19.58 -3.33 29.52
CA SER P 127 -20.61 -4.27 29.92
C SER P 127 -20.29 -4.80 31.30
N VAL P 128 -21.31 -4.91 32.16
CA VAL P 128 -21.14 -5.38 33.54
C VAL P 128 -21.86 -6.72 33.68
N PHE P 129 -21.08 -7.78 33.84
CA PHE P 129 -21.62 -9.11 34.00
C PHE P 129 -21.41 -9.61 35.42
N PRO P 130 -22.37 -10.32 35.99
CA PRO P 130 -22.23 -10.80 37.36
C PRO P 130 -21.28 -12.00 37.44
N LEU P 131 -20.48 -12.03 38.50
CA LEU P 131 -19.74 -13.23 38.87
C LEU P 131 -20.52 -13.86 40.02
N ALA P 132 -21.56 -14.62 39.67
CA ALA P 132 -22.50 -15.09 40.68
C ALA P 132 -21.80 -16.04 41.64
N PRO P 133 -22.10 -15.93 42.93
CA PRO P 133 -21.55 -16.84 43.93
C PRO P 133 -21.88 -18.28 43.55
N SER P 134 -21.11 -18.84 42.63
CA SER P 134 -21.38 -20.17 42.08
C SER P 134 -21.12 -21.31 43.07
N SER P 135 -22.16 -21.72 43.79
CA SER P 135 -22.08 -22.90 44.64
C SER P 135 -22.75 -22.61 45.98
N LYS P 136 -23.13 -23.66 46.70
CA LYS P 136 -23.67 -23.52 48.05
C LYS P 136 -22.99 -24.35 49.13
N SER P 137 -22.20 -25.34 48.72
CA SER P 137 -21.51 -26.20 49.67
C SER P 137 -20.82 -25.39 50.77
N THR P 138 -19.54 -25.10 50.56
CA THR P 138 -18.77 -24.33 51.54
C THR P 138 -17.51 -23.74 50.93
N SER P 139 -17.64 -22.59 50.30
CA SER P 139 -16.49 -21.89 49.69
C SER P 139 -15.42 -21.53 50.73
N GLY P 140 -15.58 -22.02 51.96
CA GLY P 140 -14.66 -21.74 53.05
C GLY P 140 -15.44 -21.39 54.29
N GLY P 141 -16.77 -21.54 54.21
CA GLY P 141 -17.71 -20.87 55.07
C GLY P 141 -18.02 -19.46 54.63
N THR P 142 -17.14 -18.87 53.84
CA THR P 142 -17.34 -17.59 53.18
C THR P 142 -17.44 -17.83 51.68
N ALA P 143 -18.27 -17.03 51.02
CA ALA P 143 -18.45 -17.13 49.57
C ALA P 143 -17.85 -15.91 48.87
N ALA P 144 -17.36 -16.13 47.65
CA ALA P 144 -16.83 -15.07 46.81
C ALA P 144 -17.81 -14.78 45.67
N LEU P 145 -18.02 -13.49 45.39
CA LEU P 145 -18.82 -13.05 44.26
C LEU P 145 -18.20 -11.78 43.69
N GLY P 146 -18.68 -11.35 42.52
CA GLY P 146 -18.14 -10.14 41.95
C GLY P 146 -18.76 -9.76 40.61
N CYS P 147 -18.09 -8.86 39.92
CA CYS P 147 -18.57 -8.32 38.65
C CYS P 147 -17.46 -8.14 37.63
N LEU P 148 -17.70 -8.65 36.44
CA LEU P 148 -16.77 -8.56 35.31
C LEU P 148 -17.15 -7.33 34.51
N VAL P 149 -16.26 -6.35 34.49
CA VAL P 149 -16.46 -5.07 33.81
C VAL P 149 -15.61 -5.16 32.54
N LYS P 150 -16.25 -5.39 31.41
CA LYS P 150 -15.54 -5.82 30.20
C LYS P 150 -15.77 -4.82 29.07
N ASP P 151 -14.72 -4.61 28.27
CA ASP P 151 -14.79 -3.95 26.97
C ASP P 151 -15.16 -2.47 27.10
N TYR P 152 -14.29 -1.67 27.72
CA TYR P 152 -14.50 -0.24 27.86
C TYR P 152 -13.22 0.50 27.50
N PHE P 153 -13.37 1.80 27.25
CA PHE P 153 -12.26 2.67 26.91
C PHE P 153 -12.71 4.12 27.04
N PRO P 154 -11.89 4.95 27.70
CA PRO P 154 -10.60 4.59 28.25
C PRO P 154 -10.69 4.38 29.76
N GLU P 155 -9.55 4.27 30.44
CA GLU P 155 -9.49 4.30 31.90
C GLU P 155 -9.88 5.71 32.39
N PRO P 156 -10.40 5.83 33.62
CA PRO P 156 -10.65 4.76 34.59
C PRO P 156 -12.09 4.35 34.77
N VAL P 157 -12.27 3.24 35.49
CA VAL P 157 -13.57 2.74 35.92
C VAL P 157 -13.60 2.77 37.45
N THR P 158 -14.79 3.02 37.99
CA THR P 158 -14.93 2.97 39.43
C THR P 158 -16.04 2.00 39.81
N VAL P 159 -15.66 1.14 40.77
CA VAL P 159 -16.52 0.06 41.24
C VAL P 159 -16.59 0.11 42.76
N SER P 160 -17.82 0.20 43.27
CA SER P 160 -18.11 0.13 44.70
C SER P 160 -19.18 -0.93 44.90
N TRP P 161 -19.37 -1.34 46.15
CA TRP P 161 -20.36 -2.37 46.48
C TRP P 161 -21.38 -1.81 47.46
N ASN P 162 -22.65 -2.04 47.14
CA ASN P 162 -23.78 -1.52 47.89
C ASN P 162 -23.57 -0.03 48.20
N SER P 163 -23.38 0.73 47.14
CA SER P 163 -23.14 2.17 47.23
C SER P 163 -22.06 2.51 48.26
N GLY P 164 -21.06 1.64 48.41
CA GLY P 164 -19.97 1.91 49.34
C GLY P 164 -20.16 1.35 50.74
N ALA P 165 -21.33 0.78 51.05
CA ALA P 165 -21.53 0.16 52.34
C ALA P 165 -20.61 -1.04 52.53
N LEU P 166 -20.48 -1.87 51.50
CA LEU P 166 -19.63 -3.05 51.57
C LEU P 166 -18.23 -2.70 51.06
N THR P 167 -17.25 -2.59 51.97
CA THR P 167 -15.86 -2.35 51.60
C THR P 167 -14.88 -3.39 52.12
N SER P 168 -15.23 -4.18 53.13
CA SER P 168 -14.30 -5.20 53.59
C SER P 168 -14.38 -6.44 52.70
N GLY P 169 -13.20 -6.96 52.35
CA GLY P 169 -13.09 -8.10 51.47
C GLY P 169 -13.10 -7.78 49.99
N VAL P 170 -13.25 -6.51 49.61
CA VAL P 170 -13.31 -6.13 48.20
C VAL P 170 -11.91 -6.07 47.61
N HIS P 171 -11.71 -6.76 46.49
CA HIS P 171 -10.53 -6.62 45.64
C HIS P 171 -10.99 -6.22 44.25
N THR P 172 -10.66 -5.01 43.82
CA THR P 172 -10.89 -4.58 42.46
C THR P 172 -9.55 -4.66 41.72
N PHE P 173 -9.47 -5.53 40.73
CA PHE P 173 -8.19 -5.79 40.12
C PHE P 173 -7.83 -4.70 39.12
N PRO P 174 -6.54 -4.53 38.83
CA PRO P 174 -6.13 -3.56 37.80
C PRO P 174 -6.62 -3.97 36.42
N ALA P 175 -7.08 -2.97 35.66
CA ALA P 175 -7.53 -3.23 34.30
C ALA P 175 -6.40 -3.86 33.48
N VAL P 176 -6.78 -4.70 32.53
CA VAL P 176 -5.87 -5.34 31.61
C VAL P 176 -6.33 -5.01 30.19
N LEU P 177 -5.40 -4.60 29.35
CA LEU P 177 -5.74 -4.23 27.99
C LEU P 177 -5.93 -5.47 27.14
N GLN P 178 -7.10 -5.61 26.52
CA GLN P 178 -7.38 -6.76 25.66
C GLN P 178 -6.84 -6.51 24.25
N SER P 179 -6.86 -7.56 23.43
CA SER P 179 -6.37 -7.42 22.05
C SER P 179 -7.29 -6.55 21.20
N SER P 180 -8.49 -6.22 21.68
CA SER P 180 -9.40 -5.34 20.95
C SER P 180 -9.13 -3.87 21.21
N GLY P 181 -8.13 -3.55 22.05
CA GLY P 181 -7.95 -2.20 22.50
C GLY P 181 -8.88 -1.77 23.62
N LEU P 182 -9.75 -2.65 24.08
CA LEU P 182 -10.63 -2.32 25.18
C LEU P 182 -10.07 -2.85 26.50
N TYR P 183 -10.45 -2.21 27.59
CA TYR P 183 -10.04 -2.64 28.92
C TYR P 183 -11.07 -3.56 29.54
N SER P 184 -10.62 -4.35 30.51
CA SER P 184 -11.45 -5.31 31.20
C SER P 184 -10.89 -5.48 32.61
N LEU P 185 -11.77 -5.68 33.60
CA LEU P 185 -11.35 -5.94 34.97
C LEU P 185 -12.48 -6.58 35.76
N SER P 186 -12.11 -7.30 36.82
CA SER P 186 -13.08 -7.85 37.75
C SER P 186 -12.93 -7.20 39.12
N SER P 187 -14.06 -7.13 39.83
CA SER P 187 -14.07 -6.71 41.22
C SER P 187 -14.72 -7.84 42.01
N VAL P 188 -14.00 -8.36 42.99
CA VAL P 188 -14.49 -9.49 43.79
C VAL P 188 -14.61 -9.07 45.24
N VAL P 189 -15.48 -9.80 45.95
CA VAL P 189 -15.68 -9.60 47.38
C VAL P 189 -16.03 -10.96 47.98
N THR P 190 -15.54 -11.21 49.17
CA THR P 190 -15.89 -12.42 49.91
C THR P 190 -16.88 -12.04 50.99
N VAL P 191 -17.97 -12.80 51.09
CA VAL P 191 -19.06 -12.48 52.01
C VAL P 191 -19.47 -13.75 52.74
N PRO P 192 -20.23 -13.61 53.83
CA PRO P 192 -20.70 -14.81 54.54
C PRO P 192 -21.60 -15.66 53.66
N SER P 193 -21.21 -16.94 53.52
CA SER P 193 -21.99 -17.87 52.71
C SER P 193 -23.47 -17.87 53.10
N SER P 194 -23.76 -17.73 54.39
CA SER P 194 -25.15 -17.74 54.85
C SER P 194 -25.94 -16.52 54.36
N SER P 195 -25.25 -15.44 54.02
CA SER P 195 -25.92 -14.19 53.65
C SER P 195 -26.39 -14.17 52.20
N LEU P 196 -26.12 -15.21 51.43
CA LEU P 196 -26.48 -15.19 50.01
C LEU P 196 -27.99 -15.16 49.79
N GLY P 197 -28.79 -15.42 50.82
CA GLY P 197 -30.23 -15.39 50.67
C GLY P 197 -30.88 -14.17 51.30
N THR P 198 -30.21 -13.60 52.31
CA THR P 198 -30.67 -12.44 53.05
C THR P 198 -30.26 -11.14 52.36
N GLN P 199 -28.98 -11.05 52.03
CA GLN P 199 -28.37 -9.82 51.56
C GLN P 199 -28.39 -9.77 50.04
N THR P 200 -28.76 -8.60 49.50
CA THR P 200 -28.61 -8.32 48.08
C THR P 200 -27.31 -7.56 47.87
N TYR P 201 -26.44 -8.11 47.02
CA TYR P 201 -25.16 -7.52 46.69
C TYR P 201 -25.23 -6.85 45.32
N ILE P 202 -24.76 -5.62 45.25
CA ILE P 202 -24.86 -4.78 44.05
C ILE P 202 -23.53 -4.10 43.81
N CYS P 203 -22.91 -4.37 42.59
CA CYS P 203 -21.72 -3.60 42.22
C CYS P 203 -22.14 -2.38 41.43
N ASN P 204 -21.65 -1.17 41.87
CA ASN P 204 -21.96 0.10 41.23
C ASN P 204 -20.77 0.45 40.34
N VAL P 205 -20.98 0.38 39.04
CA VAL P 205 -19.93 0.65 38.07
C VAL P 205 -20.17 2.01 37.43
N ASN P 206 -19.14 2.85 37.46
CA ASN P 206 -19.20 4.18 36.87
C ASN P 206 -18.04 4.28 35.89
N HIS P 207 -18.35 4.70 34.66
CA HIS P 207 -17.36 5.01 33.63
C HIS P 207 -17.74 6.37 33.08
N LYS P 208 -17.13 7.43 33.62
CA LYS P 208 -17.52 8.78 33.25
C LYS P 208 -17.33 9.11 31.77
N PRO P 209 -16.21 8.75 31.10
CA PRO P 209 -16.06 9.15 29.70
C PRO P 209 -17.23 8.78 28.80
N SER P 210 -17.98 7.74 29.13
CA SER P 210 -19.16 7.37 28.33
C SER P 210 -20.47 7.63 29.05
N ASN P 211 -20.44 8.23 30.24
CA ASN P 211 -21.64 8.46 31.04
C ASN P 211 -22.39 7.16 31.33
N THR P 212 -21.64 6.12 31.66
CA THR P 212 -22.24 4.84 32.01
C THR P 212 -22.30 4.71 33.53
N LYS P 213 -23.52 4.53 34.05
CA LYS P 213 -23.79 4.29 35.47
C LYS P 213 -24.62 3.02 35.58
N VAL P 214 -24.04 1.95 36.13
CA VAL P 214 -24.71 0.64 36.14
C VAL P 214 -24.76 0.11 37.56
N ASP P 215 -25.92 -0.39 37.96
CA ASP P 215 -26.07 -1.17 39.19
C ASP P 215 -26.48 -2.59 38.79
N LYS P 216 -25.62 -3.55 39.12
CA LYS P 216 -26.06 -4.91 38.81
C LYS P 216 -26.16 -5.71 40.09
N ARG P 217 -27.35 -6.26 40.32
CA ARG P 217 -27.60 -7.23 41.38
C ARG P 217 -27.00 -8.59 41.00
N VAL P 218 -26.10 -9.07 41.85
CA VAL P 218 -25.38 -10.31 41.69
C VAL P 218 -26.10 -11.35 42.53
N GLY P 219 -26.99 -12.12 41.90
CA GLY P 219 -27.74 -13.16 42.56
C GLY P 219 -27.11 -14.54 42.38
N SER P 220 -27.50 -15.46 43.25
CA SER P 220 -26.98 -16.82 43.20
C SER P 220 -27.61 -17.64 42.07
N ASP Q 1 22.71 8.21 26.48
CA ASP Q 1 24.02 8.63 26.97
C ASP Q 1 24.38 7.90 28.25
N ILE Q 2 24.11 8.55 29.39
CA ILE Q 2 24.40 7.93 30.67
C ILE Q 2 23.29 6.94 31.01
N GLN Q 3 23.69 5.69 31.13
CA GLN Q 3 22.86 4.55 31.47
C GLN Q 3 22.75 4.36 32.97
N MET Q 4 21.59 4.04 33.54
CA MET Q 4 21.50 3.71 34.95
C MET Q 4 20.82 2.35 35.06
N THR Q 5 21.37 1.49 35.90
CA THR Q 5 20.81 0.17 36.10
C THR Q 5 20.72 -0.06 37.60
N GLN Q 6 19.55 -0.50 38.03
CA GLN Q 6 19.31 -0.80 39.43
C GLN Q 6 19.22 -2.30 39.63
N SER Q 7 19.36 -2.72 40.87
CA SER Q 7 19.24 -4.13 41.21
C SER Q 7 18.84 -4.28 42.66
N PRO Q 8 17.85 -5.16 42.91
CA PRO Q 8 17.09 -5.88 41.90
C PRO Q 8 16.00 -4.98 41.30
N ASP Q 9 15.11 -5.56 40.48
CA ASP Q 9 13.93 -4.84 40.00
C ASP Q 9 12.78 -4.86 41.01
N SER Q 10 12.70 -5.91 41.83
CA SER Q 10 11.79 -5.92 42.96
C SER Q 10 12.49 -6.59 44.13
N LEU Q 11 12.12 -6.18 45.34
CA LEU Q 11 12.82 -6.59 46.55
C LEU Q 11 11.80 -6.68 47.68
N ALA Q 12 11.93 -7.74 48.49
CA ALA Q 12 10.99 -8.00 49.59
C ALA Q 12 11.78 -8.14 50.88
N VAL Q 13 11.46 -7.31 51.87
CA VAL Q 13 12.22 -7.25 53.11
C VAL Q 13 11.25 -7.28 54.28
N SER Q 14 11.61 -8.02 55.33
CA SER Q 14 10.77 -8.12 56.51
C SER Q 14 10.74 -6.79 57.26
N LEU Q 15 9.66 -6.57 58.01
CA LEU Q 15 9.57 -5.35 58.80
C LEU Q 15 10.71 -5.31 59.82
N GLY Q 16 11.27 -4.12 60.03
CA GLY Q 16 12.39 -3.97 60.92
C GLY Q 16 13.70 -4.51 60.38
N GLU Q 17 13.68 -5.15 59.22
CA GLU Q 17 14.86 -5.73 58.61
C GLU Q 17 15.55 -4.66 57.75
N ARG Q 18 16.54 -5.09 56.96
CA ARG Q 18 17.40 -4.20 56.24
C ARG Q 18 17.19 -4.36 54.74
N ALA Q 19 17.09 -3.24 54.02
CA ALA Q 19 16.80 -3.26 52.60
C ALA Q 19 17.89 -2.51 51.84
N THR Q 20 18.35 -3.12 50.73
CA THR Q 20 19.46 -2.60 49.94
C THR Q 20 19.09 -2.57 48.46
N ILE Q 21 19.26 -1.40 47.84
CA ILE Q 21 18.99 -1.20 46.42
C ILE Q 21 20.26 -0.66 45.77
N ASN Q 22 20.78 -1.36 44.77
CA ASN Q 22 22.00 -0.95 44.10
C ASN Q 22 21.69 -0.17 42.83
N CYS Q 23 22.61 0.73 42.48
CA CYS Q 23 22.48 1.55 41.28
C CYS Q 23 23.84 1.72 40.62
N LYS Q 24 23.94 1.35 39.35
CA LYS Q 24 25.21 1.40 38.64
C LYS Q 24 25.17 2.44 37.55
N SER Q 25 26.21 3.25 37.48
CA SER Q 25 26.47 4.15 36.39
C SER Q 25 27.29 3.42 35.35
N SER Q 26 27.00 3.65 34.07
CA SER Q 26 27.80 3.06 33.03
C SER Q 26 29.12 3.79 32.82
N GLU Q 27 29.31 4.98 33.41
CA GLU Q 27 30.51 5.72 33.03
C GLU Q 27 31.30 6.27 34.22
N SER Q 28 30.62 6.74 35.28
CA SER Q 28 31.14 7.26 36.55
C SER Q 28 30.57 8.64 36.86
N LEU Q 29 30.06 8.82 38.08
CA LEU Q 29 29.44 10.07 38.51
C LEU Q 29 30.33 10.92 39.40
N LEU Q 30 31.54 10.48 39.71
CA LEU Q 30 32.43 11.21 40.61
C LEU Q 30 33.39 12.07 39.81
N TYR Q 31 33.34 13.38 40.03
CA TYR Q 31 34.36 14.25 39.47
C TYR Q 31 35.47 14.42 40.51
N ASP Q 32 36.64 13.87 40.20
CA ASP Q 32 37.78 13.94 41.13
C ASP Q 32 38.26 15.36 41.38
N SER Q 33 37.86 16.34 40.59
CA SER Q 33 38.21 17.73 40.86
C SER Q 33 37.39 18.34 42.00
N ASN Q 34 36.71 17.54 42.82
CA ASN Q 34 35.91 17.81 44.02
C ASN Q 34 35.07 16.57 44.29
N ASN Q 35 35.47 15.85 45.34
CA ASN Q 35 35.02 14.47 45.52
C ASN Q 35 33.50 14.56 45.76
N LYS Q 36 32.74 14.84 44.69
CA LYS Q 36 31.29 14.92 44.76
C LYS Q 36 30.84 13.91 43.71
N ASN Q 37 29.95 13.00 44.13
CA ASN Q 37 29.25 12.15 43.17
C ASN Q 37 27.87 12.74 42.91
N TYR Q 38 27.57 12.91 41.62
CA TYR Q 38 26.32 13.56 41.21
C TYR Q 38 25.24 12.50 40.96
N LEU Q 39 24.75 11.99 42.10
CA LEU Q 39 23.79 10.90 42.11
C LEU Q 39 22.68 11.24 43.09
N ALA Q 40 21.44 11.02 42.67
CA ALA Q 40 20.29 11.29 43.53
C ALA Q 40 19.41 10.05 43.62
N TRP Q 41 18.61 9.99 44.68
CA TRP Q 41 17.66 8.91 44.88
C TRP Q 41 16.26 9.49 45.10
N TYR Q 42 15.26 8.81 44.55
CA TYR Q 42 13.87 9.18 44.71
C TYR Q 42 13.07 8.02 45.27
N GLN Q 43 12.03 8.37 46.03
CA GLN Q 43 11.03 7.42 46.51
C GLN Q 43 9.69 7.75 45.87
N GLN Q 44 9.02 6.74 45.31
CA GLN Q 44 7.72 6.94 44.65
C GLN Q 44 6.68 5.99 45.23
N LYS Q 45 5.77 6.53 46.03
CA LYS Q 45 4.68 5.77 46.61
C LYS Q 45 3.54 5.65 45.61
N PRO Q 46 2.69 4.63 45.76
CA PRO Q 46 1.68 4.33 44.74
C PRO Q 46 0.79 5.52 44.41
N GLY Q 47 0.60 5.74 43.11
CA GLY Q 47 -0.22 6.86 42.65
C GLY Q 47 0.29 8.23 43.04
N GLN Q 48 1.59 8.37 43.31
CA GLN Q 48 2.17 9.66 43.68
C GLN Q 48 3.32 10.01 42.75
N PRO Q 49 3.71 11.28 42.71
CA PRO Q 49 4.96 11.65 42.04
C PRO Q 49 6.15 11.21 42.87
N PRO Q 50 7.33 11.10 42.25
CA PRO Q 50 8.54 10.75 43.01
C PRO Q 50 8.87 11.84 44.03
N LYS Q 51 9.57 11.42 45.10
CA LYS Q 51 9.97 12.31 46.19
C LYS Q 51 11.49 12.31 46.33
N LEU Q 52 12.09 13.50 46.32
CA LEU Q 52 13.54 13.61 46.45
C LEU Q 52 13.96 13.16 47.85
N LEU Q 53 14.80 12.13 47.88
CA LEU Q 53 15.21 11.50 49.12
C LEU Q 53 16.64 11.87 49.51
N ILE Q 54 17.56 11.72 48.58
CA ILE Q 54 18.98 11.91 48.83
C ILE Q 54 19.59 12.52 47.58
N TYR Q 55 20.51 13.46 47.76
CA TYR Q 55 21.34 13.95 46.65
C TYR Q 55 22.79 13.97 47.11
N TRP Q 56 23.68 14.30 46.16
CA TRP Q 56 25.12 14.18 46.37
C TRP Q 56 25.48 12.78 46.87
N ALA Q 57 24.70 11.78 46.46
CA ALA Q 57 24.94 10.36 46.71
C ALA Q 57 24.57 10.05 48.15
N SER Q 58 25.14 10.77 49.13
CA SER Q 58 24.94 10.48 50.54
C SER Q 58 24.20 11.49 51.41
N THR Q 59 23.94 12.70 50.90
CA THR Q 59 23.28 13.73 51.70
C THR Q 59 21.78 13.56 51.65
N ARG Q 60 21.14 13.53 52.81
CA ARG Q 60 19.69 13.35 52.88
C ARG Q 60 18.97 14.66 52.63
N GLU Q 61 17.81 14.56 52.05
CA GLU Q 61 17.00 15.71 51.84
C GLU Q 61 16.28 16.00 53.14
N SER Q 62 15.88 17.24 53.36
CA SER Q 62 15.16 17.61 54.54
C SER Q 62 14.00 16.68 54.72
N GLY Q 63 13.69 16.30 55.94
CA GLY Q 63 12.50 15.54 56.24
C GLY Q 63 12.66 14.04 56.13
N VAL Q 64 13.81 13.56 55.66
CA VAL Q 64 14.05 12.14 55.42
C VAL Q 64 14.58 11.50 56.70
N PRO Q 65 14.02 10.38 57.12
CA PRO Q 65 14.39 9.81 58.42
C PRO Q 65 15.77 9.14 58.42
N ASP Q 66 16.26 8.92 59.65
CA ASP Q 66 17.57 8.32 59.94
C ASP Q 66 17.85 7.08 59.10
N ARG Q 67 16.82 6.23 58.92
CA ARG Q 67 17.04 4.88 58.42
C ARG Q 67 17.40 4.87 56.94
N PHE Q 68 17.09 5.93 56.22
CA PHE Q 68 17.48 6.07 54.82
C PHE Q 68 18.90 6.62 54.73
N SER Q 69 19.77 5.90 54.04
CA SER Q 69 21.13 6.40 53.91
C SER Q 69 21.69 5.96 52.57
N GLY Q 70 22.50 6.84 52.01
CA GLY Q 70 23.11 6.61 50.70
C GLY Q 70 24.62 6.49 50.80
N SER Q 71 25.19 5.62 49.96
CA SER Q 71 26.60 5.32 49.97
C SER Q 71 27.03 4.89 48.57
N GLY Q 72 28.31 4.54 48.42
CA GLY Q 72 28.88 4.15 47.16
C GLY Q 72 29.69 5.28 46.52
N SER Q 73 30.30 4.96 45.38
CA SER Q 73 31.13 5.95 44.69
C SER Q 73 31.34 5.57 43.23
N GLU Q 74 31.61 6.59 42.42
CA GLU Q 74 31.97 6.47 41.00
C GLU Q 74 30.82 5.74 40.33
N THR Q 75 31.05 4.52 39.85
CA THR Q 75 30.02 3.75 39.17
C THR Q 75 29.09 2.85 39.98
N ASP Q 76 29.27 2.77 41.30
CA ASP Q 76 28.38 1.92 42.08
C ASP Q 76 27.92 2.67 43.33
N PHE Q 77 26.61 2.67 43.50
CA PHE Q 77 25.97 3.39 44.58
C PHE Q 77 24.92 2.51 45.23
N THR Q 78 24.53 2.88 46.44
CA THR Q 78 23.64 2.04 47.22
C THR Q 78 22.68 2.91 48.01
N LEU Q 79 21.41 2.51 48.02
CA LEU Q 79 20.44 3.04 48.96
C LEU Q 79 20.24 2.00 50.05
N THR Q 80 20.22 2.44 51.31
CA THR Q 80 20.19 1.59 52.49
C THR Q 80 19.01 2.02 53.35
N ILE Q 81 18.05 1.15 53.61
CA ILE Q 81 17.02 1.37 54.62
C ILE Q 81 17.26 0.35 55.73
N SER Q 82 17.58 0.83 56.93
CA SER Q 82 18.15 -0.05 57.94
C SER Q 82 17.07 -0.76 58.75
N SER Q 83 15.97 -0.09 59.08
CA SER Q 83 14.89 -0.72 59.83
C SER Q 83 13.58 -0.48 59.08
N LEU Q 84 13.22 -1.42 58.21
CA LEU Q 84 12.13 -1.20 57.27
C LEU Q 84 10.81 -1.02 58.02
N GLN Q 85 10.17 0.12 57.81
CA GLN Q 85 8.83 0.36 58.31
C GLN Q 85 7.82 0.16 57.18
N ALA Q 86 6.55 0.14 57.54
CA ALA Q 86 5.52 -0.12 56.54
C ALA Q 86 5.41 1.04 55.56
N GLU Q 87 5.62 2.26 56.06
CA GLU Q 87 5.53 3.46 55.23
C GLU Q 87 6.63 3.58 54.19
N ASP Q 88 7.61 2.67 54.22
CA ASP Q 88 8.72 2.72 53.27
C ASP Q 88 8.45 1.92 52.00
N VAL Q 89 7.38 1.14 51.98
CA VAL Q 89 6.99 0.41 50.78
C VAL Q 89 6.71 1.41 49.67
N ALA Q 90 7.46 1.29 48.56
CA ALA Q 90 7.39 2.21 47.43
C ALA Q 90 8.37 1.73 46.37
N VAL Q 91 8.42 2.45 45.24
CA VAL Q 91 9.41 2.25 44.20
C VAL Q 91 10.51 3.27 44.41
N TYR Q 92 11.76 2.86 44.25
CA TYR Q 92 12.92 3.73 44.46
C TYR Q 92 13.70 3.89 43.16
N HIS Q 93 14.02 5.13 42.82
CA HIS Q 93 14.72 5.44 41.57
C HIS Q 93 16.00 6.21 41.88
N CYS Q 94 17.07 5.85 41.18
CA CYS Q 94 18.29 6.65 41.22
C CYS Q 94 18.40 7.46 39.94
N GLN Q 95 19.08 8.60 40.04
CA GLN Q 95 19.19 9.49 38.90
C GLN Q 95 20.55 10.16 38.86
N GLN Q 96 21.22 10.00 37.74
CA GLN Q 96 22.44 10.68 37.35
C GLN Q 96 22.14 12.16 37.13
N TYR Q 97 23.00 13.08 37.60
CA TYR Q 97 22.92 14.50 37.19
C TYR Q 97 24.32 15.08 36.97
N PHE Q 98 25.23 14.20 36.54
CA PHE Q 98 26.55 14.56 36.05
C PHE Q 98 26.46 15.29 34.71
N SER Q 99 25.93 14.59 33.70
CA SER Q 99 25.84 15.03 32.31
C SER Q 99 24.39 15.15 31.89
N THR Q 100 24.17 15.93 30.83
CA THR Q 100 22.86 16.05 30.21
C THR Q 100 22.91 15.21 28.92
N PRO Q 101 21.79 14.55 28.55
CA PRO Q 101 20.47 14.56 29.21
C PRO Q 101 20.46 13.84 30.56
N TRP Q 102 19.64 14.35 31.47
CA TRP Q 102 19.49 13.75 32.79
C TRP Q 102 18.74 12.42 32.68
N THR Q 103 19.30 11.37 33.25
CA THR Q 103 18.78 10.01 33.08
C THR Q 103 18.51 9.36 34.43
N PHE Q 104 17.49 8.51 34.46
CA PHE Q 104 17.05 7.81 35.66
C PHE Q 104 17.34 6.32 35.53
N GLY Q 105 17.26 5.63 36.66
CA GLY Q 105 17.27 4.18 36.63
C GLY Q 105 15.89 3.63 36.33
N GLN Q 106 15.83 2.31 36.09
CA GLN Q 106 14.55 1.70 35.77
C GLN Q 106 13.63 1.54 36.98
N GLY Q 107 14.10 1.80 38.18
CA GLY Q 107 13.25 1.69 39.35
C GLY Q 107 13.37 0.35 40.02
N THR Q 108 13.18 0.36 41.34
CA THR Q 108 13.18 -0.86 42.14
C THR Q 108 11.99 -0.81 43.07
N LYS Q 109 11.18 -1.87 43.04
CA LYS Q 109 9.99 -1.94 43.86
C LYS Q 109 10.30 -2.64 45.19
N LEU Q 110 9.89 -2.02 46.30
CA LEU Q 110 10.17 -2.54 47.63
C LEU Q 110 8.88 -2.98 48.30
N GLU Q 111 8.81 -4.27 48.67
CA GLU Q 111 7.62 -4.82 49.32
C GLU Q 111 7.99 -5.50 50.64
N ILE Q 112 6.96 -5.73 51.44
CA ILE Q 112 7.13 -6.37 52.74
C ILE Q 112 7.16 -7.87 52.56
N LYS Q 113 8.17 -8.51 53.12
CA LYS Q 113 8.27 -9.96 53.14
C LYS Q 113 7.48 -10.50 54.31
N ARG Q 114 6.70 -11.54 54.06
CA ARG Q 114 5.93 -12.20 55.11
C ARG Q 114 6.11 -13.71 54.95
N THR Q 115 5.33 -14.47 55.71
CA THR Q 115 5.39 -15.91 55.64
C THR Q 115 4.57 -16.41 54.45
N VAL Q 116 4.99 -17.54 53.91
CA VAL Q 116 4.32 -18.12 52.76
C VAL Q 116 2.91 -18.54 53.15
N ALA Q 117 1.94 -18.17 52.30
CA ALA Q 117 0.54 -18.48 52.51
C ALA Q 117 -0.06 -18.95 51.20
N ALA Q 118 -0.77 -20.08 51.24
CA ALA Q 118 -1.39 -20.64 50.05
C ALA Q 118 -2.70 -19.92 49.73
N PRO Q 119 -3.04 -19.79 48.44
CA PRO Q 119 -4.25 -19.04 48.07
C PRO Q 119 -5.52 -19.86 48.20
N SER Q 120 -6.59 -19.19 48.60
CA SER Q 120 -7.94 -19.70 48.38
C SER Q 120 -8.27 -19.52 46.91
N VAL Q 121 -8.84 -20.54 46.29
CA VAL Q 121 -9.13 -20.53 44.86
C VAL Q 121 -10.63 -20.64 44.65
N PHE Q 122 -11.14 -19.80 43.74
CA PHE Q 122 -12.55 -19.80 43.38
C PHE Q 122 -12.66 -19.74 41.86
N ILE Q 123 -13.74 -20.29 41.32
CA ILE Q 123 -13.95 -20.28 39.88
C ILE Q 123 -15.37 -19.81 39.59
N PHE Q 124 -15.52 -19.06 38.50
CA PHE Q 124 -16.80 -18.46 38.13
C PHE Q 124 -17.12 -18.83 36.68
N PRO Q 125 -18.17 -19.60 36.44
CA PRO Q 125 -18.59 -19.84 35.07
C PRO Q 125 -19.09 -18.56 34.41
N PRO Q 126 -19.15 -18.52 33.07
CA PRO Q 126 -19.73 -17.35 32.40
C PRO Q 126 -21.19 -17.15 32.77
N SER Q 127 -21.57 -15.90 32.98
CA SER Q 127 -22.96 -15.58 33.22
C SER Q 127 -23.78 -15.82 31.96
N ASP Q 128 -25.08 -15.99 32.16
CA ASP Q 128 -25.97 -16.09 31.01
C ASP Q 128 -26.13 -14.76 30.30
N GLU Q 129 -25.98 -13.64 31.02
CA GLU Q 129 -25.99 -12.34 30.38
C GLU Q 129 -24.87 -12.22 29.34
N GLN Q 130 -23.68 -12.74 29.65
CA GLN Q 130 -22.56 -12.60 28.73
C GLN Q 130 -22.71 -13.53 27.54
N LEU Q 131 -23.24 -14.73 27.78
CA LEU Q 131 -23.44 -15.68 26.68
C LEU Q 131 -24.26 -15.07 25.56
N LYS Q 132 -25.34 -14.36 25.92
CA LYS Q 132 -26.14 -13.65 24.93
C LYS Q 132 -25.29 -12.76 24.02
N SER Q 133 -24.16 -12.25 24.53
CA SER Q 133 -23.34 -11.33 23.75
C SER Q 133 -22.41 -12.04 22.77
N GLY Q 134 -22.27 -13.36 22.86
CA GLY Q 134 -21.40 -14.11 21.98
C GLY Q 134 -20.02 -14.41 22.52
N THR Q 135 -19.78 -14.13 23.80
CA THR Q 135 -18.46 -14.38 24.40
C THR Q 135 -18.67 -15.07 25.74
N ALA Q 136 -17.68 -15.88 26.11
CA ALA Q 136 -17.66 -16.54 27.41
C ALA Q 136 -16.36 -16.24 28.12
N SER Q 137 -16.43 -15.57 29.28
CA SER Q 137 -15.28 -15.34 30.14
C SER Q 137 -15.40 -16.21 31.39
N VAL Q 138 -14.46 -17.10 31.61
CA VAL Q 138 -14.37 -17.89 32.83
C VAL Q 138 -13.30 -17.24 33.71
N VAL Q 139 -13.67 -16.91 34.95
CA VAL Q 139 -12.77 -16.22 35.86
C VAL Q 139 -12.32 -17.18 36.94
N CYS Q 140 -11.00 -17.26 37.10
CA CYS Q 140 -10.37 -18.00 38.19
C CYS Q 140 -9.76 -16.98 39.15
N LEU Q 141 -10.03 -17.16 40.43
CA LEU Q 141 -9.66 -16.17 41.44
C LEU Q 141 -8.76 -16.82 42.50
N LEU Q 142 -7.56 -16.25 42.70
CA LEU Q 142 -6.64 -16.66 43.74
C LEU Q 142 -6.59 -15.57 44.80
N ASN Q 143 -7.02 -15.90 46.01
CA ASN Q 143 -7.24 -14.90 47.06
C ASN Q 143 -6.21 -15.04 48.17
N ASN Q 144 -5.67 -13.90 48.63
CA ASN Q 144 -4.80 -13.79 49.80
C ASN Q 144 -3.57 -14.69 49.95
N PHE Q 145 -2.65 -14.68 49.00
CA PHE Q 145 -1.46 -15.53 49.07
C PHE Q 145 -0.15 -14.77 49.03
N TYR Q 146 0.91 -15.44 49.46
CA TYR Q 146 2.27 -14.89 49.44
C TYR Q 146 3.28 -16.01 49.24
N PRO Q 147 4.27 -15.82 48.36
CA PRO Q 147 4.59 -14.63 47.56
C PRO Q 147 3.80 -14.50 46.27
N ARG Q 148 4.07 -13.50 45.46
CA ARG Q 148 3.24 -13.18 44.31
C ARG Q 148 3.29 -14.23 43.26
N GLU Q 149 4.41 -14.87 43.15
CA GLU Q 149 4.57 -15.82 42.06
C GLU Q 149 3.60 -16.99 42.25
N ALA Q 150 2.76 -17.21 41.23
CA ALA Q 150 1.86 -18.34 41.14
C ALA Q 150 1.61 -18.57 39.66
N LYS Q 151 1.22 -19.80 39.31
CA LYS Q 151 0.95 -20.17 37.94
C LYS Q 151 -0.47 -20.71 37.85
N VAL Q 152 -1.26 -20.17 36.94
CA VAL Q 152 -2.64 -20.59 36.75
C VAL Q 152 -2.75 -21.18 35.34
N GLN Q 153 -3.11 -22.45 35.26
CA GLN Q 153 -3.30 -23.14 34.00
C GLN Q 153 -4.76 -23.53 33.84
N TRP Q 154 -5.31 -23.28 32.65
CA TRP Q 154 -6.69 -23.64 32.33
C TRP Q 154 -6.74 -24.96 31.57
N LYS Q 155 -7.71 -25.79 31.91
CA LYS Q 155 -7.91 -27.05 31.22
C LYS Q 155 -9.38 -27.21 30.88
N VAL Q 156 -9.69 -27.20 29.58
CA VAL Q 156 -11.03 -27.42 29.07
C VAL Q 156 -11.07 -28.86 28.56
N ASP Q 157 -11.83 -29.72 29.25
CA ASP Q 157 -11.88 -31.16 28.96
C ASP Q 157 -10.49 -31.78 28.96
N ASN Q 158 -9.69 -31.43 29.96
CA ASN Q 158 -8.30 -31.86 30.08
C ASN Q 158 -7.45 -31.46 28.86
N ALA Q 159 -7.83 -30.39 28.18
CA ALA Q 159 -6.98 -29.80 27.15
C ALA Q 159 -6.37 -28.54 27.75
N LEU Q 160 -5.04 -28.53 27.90
CA LEU Q 160 -4.37 -27.35 28.39
C LEU Q 160 -4.56 -26.21 27.40
N GLN Q 161 -4.96 -25.06 27.90
CA GLN Q 161 -5.18 -23.90 27.05
C GLN Q 161 -3.91 -23.07 26.97
N SER Q 162 -3.76 -22.34 25.86
CA SER Q 162 -2.61 -21.44 25.72
C SER Q 162 -2.97 -20.33 24.74
N GLY Q 163 -2.80 -19.08 25.17
CA GLY Q 163 -3.02 -17.93 24.33
C GLY Q 163 -4.38 -17.27 24.49
N ASN Q 164 -5.27 -17.84 25.33
CA ASN Q 164 -6.63 -17.33 25.46
C ASN Q 164 -7.00 -16.93 26.89
N SER Q 165 -6.01 -16.60 27.72
CA SER Q 165 -6.27 -16.17 29.08
C SER Q 165 -5.35 -15.00 29.45
N GLN Q 166 -5.82 -14.17 30.38
CA GLN Q 166 -5.09 -13.01 30.88
C GLN Q 166 -5.20 -12.97 32.39
N GLU Q 167 -4.19 -12.39 33.04
CA GLU Q 167 -4.12 -12.32 34.50
C GLU Q 167 -4.00 -10.89 34.99
N SER Q 168 -4.33 -10.71 36.26
CA SER Q 168 -4.25 -9.41 36.90
C SER Q 168 -4.01 -9.63 38.39
N VAL Q 169 -3.03 -8.91 38.95
CA VAL Q 169 -2.64 -9.06 40.34
C VAL Q 169 -2.88 -7.75 41.07
N THR Q 170 -3.42 -7.85 42.28
CA THR Q 170 -3.48 -6.70 43.17
C THR Q 170 -2.08 -6.32 43.66
N GLU Q 171 -1.98 -5.12 44.19
CA GLU Q 171 -0.78 -4.70 44.91
C GLU Q 171 -0.85 -5.19 46.35
N GLN Q 172 0.31 -5.32 46.98
CA GLN Q 172 0.38 -5.94 48.30
C GLN Q 172 -0.60 -5.29 49.25
N ASP Q 173 -1.43 -6.11 49.90
CA ASP Q 173 -2.46 -5.59 50.78
C ASP Q 173 -1.85 -4.97 52.03
N SER Q 174 -2.37 -3.80 52.41
CA SER Q 174 -1.73 -3.05 53.48
C SER Q 174 -1.97 -3.65 54.86
N LYS Q 175 -2.92 -4.58 54.99
CA LYS Q 175 -3.28 -5.10 56.30
C LYS Q 175 -2.74 -6.50 56.58
N ASP Q 176 -2.57 -7.35 55.56
CA ASP Q 176 -1.98 -8.67 55.76
C ASP Q 176 -0.88 -8.99 54.76
N SER Q 177 -0.44 -8.02 53.97
CA SER Q 177 0.71 -8.14 53.07
C SER Q 177 0.56 -9.25 52.04
N THR Q 178 -0.67 -9.65 51.70
CA THR Q 178 -0.87 -10.70 50.72
C THR Q 178 -1.21 -10.08 49.35
N TYR Q 179 -1.23 -10.94 48.33
CA TYR Q 179 -1.65 -10.59 46.98
C TYR Q 179 -2.94 -11.32 46.61
N SER Q 180 -3.63 -10.80 45.61
CA SER Q 180 -4.75 -11.52 45.01
C SER Q 180 -4.60 -11.47 43.49
N LEU Q 181 -5.09 -12.51 42.83
CA LEU Q 181 -4.89 -12.69 41.40
C LEU Q 181 -6.18 -13.18 40.77
N SER Q 182 -6.43 -12.72 39.54
CA SER Q 182 -7.57 -13.17 38.75
C SER Q 182 -7.05 -13.63 37.40
N SER Q 183 -7.50 -14.80 36.97
CA SER Q 183 -7.16 -15.33 35.66
C SER Q 183 -8.47 -15.46 34.89
N THR Q 184 -8.55 -14.79 33.75
CA THR Q 184 -9.76 -14.76 32.95
C THR Q 184 -9.48 -15.49 31.64
N LEU Q 185 -10.26 -16.53 31.39
CA LEU Q 185 -10.19 -17.30 30.14
C LEU Q 185 -11.33 -16.85 29.23
N THR Q 186 -11.00 -16.37 28.04
CA THR Q 186 -11.98 -15.78 27.13
C THR Q 186 -12.20 -16.72 25.96
N LEU Q 187 -13.45 -17.12 25.76
CA LEU Q 187 -13.79 -18.02 24.66
C LEU Q 187 -15.00 -17.46 23.94
N SER Q 188 -15.14 -17.86 22.68
CA SER Q 188 -16.41 -17.62 22.01
C SER Q 188 -17.47 -18.56 22.60
N LYS Q 189 -18.73 -18.16 22.44
CA LYS Q 189 -19.82 -19.03 22.88
C LYS Q 189 -19.79 -20.35 22.12
N ALA Q 190 -19.45 -20.30 20.84
CA ALA Q 190 -19.26 -21.46 20.02
C ALA Q 190 -18.01 -22.26 20.38
N ASP Q 191 -17.31 -21.91 21.46
CA ASP Q 191 -16.32 -22.78 22.04
C ASP Q 191 -16.71 -23.24 23.42
N TYR Q 192 -17.53 -22.45 24.13
CA TYR Q 192 -17.96 -22.82 25.46
C TYR Q 192 -19.01 -23.92 25.44
N GLU Q 193 -19.79 -24.00 24.35
CA GLU Q 193 -20.88 -24.98 24.24
C GLU Q 193 -20.45 -26.25 23.50
N LYS Q 194 -19.20 -26.65 23.67
CA LYS Q 194 -18.71 -27.89 23.11
C LYS Q 194 -18.06 -28.80 24.13
N HIS Q 195 -17.71 -28.29 25.30
CA HIS Q 195 -16.94 -29.03 26.27
C HIS Q 195 -17.71 -29.06 27.57
N LYS Q 196 -17.55 -30.18 28.29
CA LYS Q 196 -18.26 -30.36 29.55
C LYS Q 196 -17.55 -29.63 30.68
N VAL Q 197 -16.26 -29.89 30.88
CA VAL Q 197 -15.58 -29.57 32.13
C VAL Q 197 -14.60 -28.43 31.93
N TYR Q 198 -14.64 -27.46 32.85
CA TYR Q 198 -13.78 -26.30 32.82
C TYR Q 198 -13.04 -26.21 34.13
N ALA Q 199 -11.72 -26.08 34.08
CA ALA Q 199 -10.93 -26.12 35.30
C ALA Q 199 -9.73 -25.20 35.22
N CYS Q 200 -9.48 -24.44 36.35
CA CYS Q 200 -8.20 -23.78 36.52
C CYS Q 200 -7.40 -24.50 37.59
N GLU Q 201 -6.08 -24.67 37.32
CA GLU Q 201 -5.17 -25.40 38.18
C GLU Q 201 -4.08 -24.46 38.64
N VAL Q 202 -4.01 -24.24 39.95
CA VAL Q 202 -3.11 -23.28 40.57
C VAL Q 202 -1.87 -24.01 41.06
N THR Q 203 -0.69 -23.45 40.80
CA THR Q 203 0.54 -23.92 41.42
C THR Q 203 1.15 -22.76 42.20
N HIS Q 204 1.68 -23.08 43.37
CA HIS Q 204 2.22 -22.04 44.25
C HIS Q 204 3.18 -22.68 45.23
N GLN Q 205 4.02 -21.84 45.82
CA GLN Q 205 5.07 -22.33 46.70
C GLN Q 205 4.49 -22.90 47.99
N GLY Q 206 3.39 -22.34 48.46
CA GLY Q 206 2.73 -22.86 49.64
C GLY Q 206 1.85 -24.06 49.43
N LEU Q 207 1.91 -24.70 48.27
CA LEU Q 207 1.09 -25.87 47.97
C LEU Q 207 2.01 -27.02 47.60
N SER Q 208 1.86 -28.15 48.29
CA SER Q 208 2.66 -29.33 47.98
C SER Q 208 2.25 -29.95 46.65
N SER Q 209 0.99 -29.79 46.26
CA SER Q 209 0.49 -30.25 44.99
C SER Q 209 -0.53 -29.25 44.47
N PRO Q 210 -0.70 -29.14 43.15
CA PRO Q 210 -1.59 -28.10 42.60
C PRO Q 210 -3.03 -28.26 43.03
N VAL Q 211 -3.71 -27.13 43.20
CA VAL Q 211 -5.11 -27.11 43.56
C VAL Q 211 -5.93 -26.85 42.33
N THR Q 212 -7.02 -27.61 42.18
CA THR Q 212 -7.86 -27.59 40.99
C THR Q 212 -9.29 -27.23 41.37
N LYS Q 213 -9.90 -26.32 40.61
CA LYS Q 213 -11.31 -25.98 40.75
C LYS Q 213 -11.98 -26.13 39.39
N SER Q 214 -13.24 -26.56 39.39
CA SER Q 214 -13.89 -26.96 38.15
C SER Q 214 -15.40 -26.77 38.25
N PHE Q 215 -16.02 -26.69 37.08
CA PHE Q 215 -17.46 -26.87 36.97
C PHE Q 215 -17.73 -27.64 35.70
N ASN Q 216 -18.96 -28.11 35.58
CA ASN Q 216 -19.43 -28.77 34.38
C ASN Q 216 -20.30 -27.77 33.62
N ARG Q 217 -20.93 -28.22 32.54
CA ARG Q 217 -21.58 -27.29 31.59
C ARG Q 217 -20.46 -26.46 30.99
N SER R 1 33.99 16.46 32.91
CA SER R 1 33.44 17.66 33.55
C SER R 1 31.90 17.70 33.44
N PRO R 2 31.24 18.06 34.54
CA PRO R 2 29.77 18.03 34.60
C PRO R 2 29.07 19.16 33.84
N SER R 3 28.00 18.81 33.12
CA SER R 3 27.14 19.78 32.45
C SER R 3 26.57 20.77 33.48
N ALA R 5 24.26 22.96 35.78
CA ALA R 5 23.03 22.58 36.46
C ALA R 5 21.85 23.41 35.95
N LYS R 6 20.66 22.82 35.96
CA LYS R 6 19.47 23.53 35.56
C LYS R 6 18.54 23.38 36.73
N SER R 7 18.82 24.08 37.80
CA SER R 7 17.95 24.12 38.96
C SER R 7 17.62 25.60 39.16
N ARG R 8 18.56 26.35 39.77
CA ARG R 8 18.43 27.79 39.86
C ARG R 8 18.76 28.45 38.53
N LEU R 9 18.09 29.56 38.28
CA LEU R 9 18.34 30.38 37.10
C LEU R 9 19.55 31.30 37.28
#